data_1XDX
#
_entry.id   1XDX
#
_entity_poly.entity_id   1
_entity_poly.type   'polypeptide(L)'
_entity_poly.pdbx_seq_one_letter_code
;MEGVDPAVEEAAFVADDVSNIIKESIDAVLQNQQYSEAKVSQWTSSCLEHCIKRLTALNKPFKYVVTCIIMQKNGAGLHT
AASCWWDSTTDGSRTVRWENKSMYCICTVFGLAI
;
_entity_poly.pdbx_strand_id   A,B
#
# COMPACT_ATOMS: atom_id res chain seq x y z
N MET A 1 1.62 11.25 32.13
CA MET A 1 2.96 10.61 32.10
C MET A 1 3.38 10.27 30.68
N GLU A 2 2.91 11.07 29.73
CA GLU A 2 3.24 10.85 28.31
C GLU A 2 3.91 12.09 27.72
N GLY A 3 3.12 13.15 27.54
CA GLY A 3 3.65 14.37 26.98
C GLY A 3 3.84 14.29 25.47
N VAL A 4 4.71 13.38 25.05
CA VAL A 4 4.99 13.20 23.62
C VAL A 4 4.73 11.75 23.20
N ASP A 5 4.50 11.56 21.91
CA ASP A 5 4.23 10.24 21.36
C ASP A 5 5.19 9.99 20.18
N PRO A 6 6.46 9.64 20.49
CA PRO A 6 7.50 9.38 19.49
C PRO A 6 7.80 7.90 19.35
N ALA A 7 7.43 7.31 18.20
CA ALA A 7 7.66 5.86 17.99
C ALA A 7 7.20 5.07 19.21
N VAL A 8 6.16 5.59 19.84
CA VAL A 8 5.61 4.99 21.05
C VAL A 8 5.07 3.62 20.77
N GLU A 9 4.50 3.47 19.59
CA GLU A 9 3.87 2.22 19.22
C GLU A 9 4.36 1.74 17.86
N GLU A 10 5.56 1.18 17.85
CA GLU A 10 6.18 0.67 16.63
C GLU A 10 5.49 -0.61 16.15
N ALA A 11 5.59 -0.86 14.85
CA ALA A 11 4.97 -2.05 14.25
C ALA A 11 6.02 -3.04 13.76
N ALA A 12 5.59 -4.29 13.54
CA ALA A 12 6.47 -5.36 13.05
C ALA A 12 7.82 -5.38 13.77
N PHE A 13 8.75 -6.17 13.24
CA PHE A 13 10.09 -6.28 13.82
C PHE A 13 11.13 -6.42 12.72
N VAL A 14 11.28 -5.35 11.93
CA VAL A 14 12.23 -5.33 10.84
C VAL A 14 13.65 -5.61 11.32
N ALA A 15 14.49 -6.12 10.42
CA ALA A 15 15.88 -6.42 10.77
C ALA A 15 16.61 -5.16 11.23
N ASP A 16 17.69 -5.34 11.97
CA ASP A 16 18.46 -4.20 12.48
C ASP A 16 18.95 -3.30 11.34
N ASP A 17 19.52 -3.93 10.31
CA ASP A 17 20.05 -3.21 9.16
C ASP A 17 19.01 -2.29 8.50
N VAL A 18 17.87 -2.85 8.15
CA VAL A 18 16.82 -2.08 7.49
C VAL A 18 16.03 -1.23 8.48
N SER A 19 15.90 -1.70 9.71
CA SER A 19 15.17 -0.98 10.73
C SER A 19 15.81 0.37 11.03
N ASN A 20 17.14 0.39 11.10
CA ASN A 20 17.86 1.63 11.38
C ASN A 20 17.76 2.61 10.21
N ILE A 21 18.06 2.13 9.00
CA ILE A 21 18.01 2.98 7.81
C ILE A 21 16.65 3.63 7.65
N ILE A 22 15.60 2.83 7.65
CA ILE A 22 14.25 3.33 7.48
C ILE A 22 13.89 4.35 8.58
N LYS A 23 14.12 3.99 9.83
CA LYS A 23 13.81 4.88 10.95
C LYS A 23 14.67 6.13 10.93
N GLU A 24 15.98 5.95 10.80
CA GLU A 24 16.88 7.11 10.75
C GLU A 24 16.43 8.05 9.63
N SER A 25 15.93 7.47 8.56
CA SER A 25 15.43 8.24 7.43
C SER A 25 14.21 9.05 7.84
N ILE A 26 13.23 8.42 8.50
CA ILE A 26 12.02 9.13 8.94
C ILE A 26 12.43 10.26 9.87
N ASP A 27 13.33 9.96 10.78
CA ASP A 27 13.82 10.95 11.72
C ASP A 27 14.28 12.21 10.96
N ALA A 28 14.90 12.00 9.81
CA ALA A 28 15.39 13.10 8.99
C ALA A 28 14.36 13.59 7.98
N VAL A 29 13.66 12.66 7.35
CA VAL A 29 12.65 12.97 6.35
C VAL A 29 11.42 13.62 7.00
N LEU A 30 11.35 13.58 8.32
CA LEU A 30 10.23 14.19 9.04
C LEU A 30 10.69 15.32 9.96
N GLN A 31 11.91 15.21 10.51
CA GLN A 31 12.42 16.26 11.40
C GLN A 31 13.24 17.32 10.65
N ASN A 32 13.63 17.03 9.41
CA ASN A 32 14.43 17.97 8.61
C ASN A 32 13.83 19.37 8.62
N GLN A 33 12.51 19.45 8.44
CA GLN A 33 11.83 20.74 8.43
C GLN A 33 10.65 20.74 9.39
N GLN A 34 9.85 21.81 9.33
CA GLN A 34 8.68 21.94 10.19
C GLN A 34 7.51 21.13 9.64
N TYR A 35 6.49 20.94 10.46
CA TYR A 35 5.31 20.18 10.05
C TYR A 35 4.59 20.89 8.91
N SER A 36 4.64 20.31 7.71
CA SER A 36 3.96 20.91 6.56
C SER A 36 2.99 19.91 5.92
N GLU A 37 1.73 20.32 5.76
CA GLU A 37 0.74 19.43 5.16
C GLU A 37 1.15 19.04 3.74
N ALA A 38 1.68 20.00 3.01
CA ALA A 38 2.16 19.73 1.65
C ALA A 38 3.26 18.67 1.69
N LYS A 39 3.95 18.62 2.82
CA LYS A 39 5.04 17.67 3.03
C LYS A 39 4.55 16.43 3.78
N VAL A 40 3.37 16.50 4.39
CA VAL A 40 2.82 15.38 5.15
C VAL A 40 2.84 14.09 4.34
N SER A 41 2.80 14.21 3.01
CA SER A 41 2.82 13.05 2.13
C SER A 41 4.15 12.97 1.39
N GLN A 42 4.68 14.13 1.04
CA GLN A 42 5.97 14.21 0.35
C GLN A 42 7.06 13.72 1.28
N TRP A 43 6.87 13.96 2.58
CA TRP A 43 7.80 13.53 3.60
C TRP A 43 8.18 12.07 3.38
N THR A 44 7.19 11.21 3.55
CA THR A 44 7.38 9.78 3.40
C THR A 44 7.89 9.41 2.01
N SER A 45 7.66 10.29 1.03
CA SER A 45 8.14 10.04 -0.32
C SER A 45 9.63 10.23 -0.37
N SER A 46 10.09 11.25 0.37
CA SER A 46 11.51 11.54 0.45
C SER A 46 12.20 10.45 1.25
N CYS A 47 11.48 9.90 2.23
CA CYS A 47 12.02 8.82 3.03
C CYS A 47 12.23 7.61 2.17
N LEU A 48 11.30 7.38 1.27
CA LEU A 48 11.37 6.27 0.35
C LEU A 48 12.58 6.41 -0.54
N GLU A 49 12.89 7.63 -0.92
CA GLU A 49 14.06 7.87 -1.73
C GLU A 49 15.30 7.81 -0.83
N HIS A 50 15.15 8.25 0.40
CA HIS A 50 16.25 8.24 1.37
C HIS A 50 16.35 6.86 2.05
N CYS A 51 15.49 5.92 1.64
CA CYS A 51 15.51 4.56 2.17
C CYS A 51 16.12 3.67 1.11
N ILE A 52 15.65 3.89 -0.10
CA ILE A 52 16.11 3.17 -1.26
C ILE A 52 17.57 3.55 -1.57
N LYS A 53 17.88 4.85 -1.57
CA LYS A 53 19.24 5.31 -1.85
C LYS A 53 20.24 4.75 -0.85
N ARG A 54 19.80 4.57 0.39
CA ARG A 54 20.68 4.05 1.43
C ARG A 54 20.89 2.56 1.24
N LEU A 55 19.80 1.84 0.96
CA LEU A 55 19.87 0.41 0.76
C LEU A 55 20.80 0.06 -0.38
N THR A 56 20.90 0.96 -1.36
CA THR A 56 21.78 0.75 -2.50
C THR A 56 23.23 0.95 -2.07
N ALA A 57 23.44 1.88 -1.14
CA ALA A 57 24.77 2.17 -0.64
C ALA A 57 25.27 1.00 0.20
N LEU A 58 24.35 0.37 0.92
CA LEU A 58 24.67 -0.79 1.75
C LEU A 58 24.67 -2.08 0.93
N ASN A 59 23.91 -2.09 -0.17
CA ASN A 59 23.80 -3.25 -1.05
C ASN A 59 23.62 -4.55 -0.27
N LYS A 60 22.55 -4.62 0.51
CA LYS A 60 22.27 -5.81 1.31
C LYS A 60 20.96 -5.65 2.09
N PRO A 61 19.89 -6.39 1.73
CA PRO A 61 19.88 -7.37 0.63
C PRO A 61 20.06 -6.70 -0.73
N PHE A 62 19.66 -7.40 -1.79
CA PHE A 62 19.77 -6.87 -3.15
C PHE A 62 18.44 -6.28 -3.60
N LYS A 63 17.44 -7.14 -3.79
CA LYS A 63 16.12 -6.70 -4.23
C LYS A 63 15.26 -6.29 -3.03
N TYR A 64 14.92 -5.02 -2.97
CA TYR A 64 14.11 -4.52 -1.86
C TYR A 64 13.10 -3.46 -2.31
N VAL A 65 11.91 -3.50 -1.71
CA VAL A 65 10.88 -2.52 -2.03
C VAL A 65 10.68 -1.57 -0.86
N VAL A 66 10.26 -0.35 -1.14
CA VAL A 66 10.05 0.62 -0.08
C VAL A 66 8.71 1.34 -0.23
N THR A 67 7.72 0.95 0.57
CA THR A 67 6.41 1.61 0.51
C THR A 67 5.97 2.10 1.87
N CYS A 68 5.11 3.11 1.87
CA CYS A 68 4.61 3.69 3.11
C CYS A 68 3.22 4.29 2.91
N ILE A 69 2.48 4.38 4.00
CA ILE A 69 1.14 4.93 3.99
C ILE A 69 1.00 5.98 5.09
N ILE A 70 0.46 7.15 4.74
CA ILE A 70 0.30 8.22 5.70
C ILE A 70 -1.06 8.16 6.39
N MET A 71 -1.05 8.22 7.71
CA MET A 71 -2.28 8.18 8.50
C MET A 71 -2.62 9.57 9.04
N GLN A 72 -3.41 10.32 8.27
CA GLN A 72 -3.81 11.67 8.66
C GLN A 72 -4.69 11.64 9.90
N LYS A 73 -4.23 12.28 10.97
CA LYS A 73 -4.98 12.32 12.22
C LYS A 73 -5.24 10.92 12.76
N ASN A 74 -6.11 10.83 13.76
CA ASN A 74 -6.45 9.54 14.36
C ASN A 74 -7.86 9.12 13.99
N GLY A 75 -8.74 10.10 13.78
CA GLY A 75 -10.11 9.81 13.42
C GLY A 75 -10.27 9.35 11.99
N ALA A 76 -9.33 9.75 11.14
CA ALA A 76 -9.37 9.37 9.72
C ALA A 76 -9.22 7.86 9.56
N GLY A 77 -9.98 7.30 8.62
CA GLY A 77 -9.92 5.87 8.37
C GLY A 77 -8.96 5.52 7.24
N LEU A 78 -8.07 4.57 7.51
CA LEU A 78 -7.10 4.14 6.50
C LEU A 78 -6.93 2.63 6.52
N HIS A 79 -7.08 2.01 5.35
CA HIS A 79 -6.94 0.56 5.23
C HIS A 79 -6.42 0.16 3.86
N THR A 80 -5.33 -0.59 3.84
CA THR A 80 -4.72 -1.04 2.59
C THR A 80 -4.89 -2.55 2.44
N ALA A 81 -4.92 -3.03 1.20
CA ALA A 81 -5.06 -4.46 0.95
C ALA A 81 -4.15 -4.88 -0.19
N ALA A 82 -3.55 -6.06 -0.07
CA ALA A 82 -2.65 -6.53 -1.11
C ALA A 82 -2.44 -8.03 -1.09
N SER A 83 -2.81 -8.66 -2.20
CA SER A 83 -2.63 -10.08 -2.37
C SER A 83 -1.63 -10.30 -3.49
N CYS A 84 -0.50 -10.91 -3.16
CA CYS A 84 0.55 -11.15 -4.15
C CYS A 84 0.54 -12.58 -4.63
N TRP A 85 1.11 -12.80 -5.80
CA TRP A 85 1.17 -14.12 -6.39
C TRP A 85 2.24 -14.96 -5.69
N TRP A 86 2.70 -16.03 -6.33
CA TRP A 86 3.72 -16.89 -5.74
C TRP A 86 5.12 -16.38 -6.05
N ASP A 87 5.99 -16.39 -5.04
CA ASP A 87 7.37 -15.94 -5.19
C ASP A 87 8.10 -15.99 -3.85
N SER A 88 8.72 -17.13 -3.56
CA SER A 88 9.45 -17.31 -2.32
C SER A 88 10.69 -16.42 -2.26
N THR A 89 11.26 -16.14 -3.42
CA THR A 89 12.46 -15.30 -3.49
C THR A 89 12.15 -13.88 -3.04
N THR A 90 11.06 -13.33 -3.54
CA THR A 90 10.65 -11.97 -3.21
C THR A 90 9.69 -11.98 -2.02
N ASP A 91 10.22 -12.34 -0.84
CA ASP A 91 9.40 -12.40 0.36
C ASP A 91 10.10 -11.76 1.56
N GLY A 92 9.49 -10.71 2.10
CA GLY A 92 10.05 -10.03 3.25
C GLY A 92 8.97 -9.27 4.01
N SER A 93 8.49 -8.19 3.41
CA SER A 93 7.44 -7.37 4.00
C SER A 93 7.66 -7.07 5.49
N ARG A 94 8.24 -5.91 5.77
CA ARG A 94 8.48 -5.48 7.15
C ARG A 94 7.93 -4.06 7.33
N THR A 95 6.81 -3.93 8.04
CA THR A 95 6.19 -2.63 8.23
C THR A 95 6.51 -2.00 9.58
N VAL A 96 6.54 -0.68 9.59
CA VAL A 96 6.82 0.09 10.81
C VAL A 96 5.86 1.28 10.90
N ARG A 97 5.46 1.63 12.11
CA ARG A 97 4.54 2.73 12.32
C ARG A 97 5.17 3.83 13.18
N TRP A 98 5.35 5.00 12.59
CA TRP A 98 5.92 6.13 13.32
C TRP A 98 4.81 7.04 13.83
N GLU A 99 5.03 7.61 15.00
CA GLU A 99 4.06 8.52 15.59
C GLU A 99 4.77 9.64 16.34
N ASN A 100 4.17 10.82 16.36
CA ASN A 100 4.76 11.97 17.04
C ASN A 100 3.80 12.58 18.06
N LYS A 101 2.65 13.05 17.58
CA LYS A 101 1.66 13.67 18.46
C LYS A 101 0.25 13.17 18.14
N SER A 102 -0.07 13.11 16.86
CA SER A 102 -1.38 12.67 16.42
C SER A 102 -1.31 11.99 15.05
N MET A 103 -0.61 12.64 14.12
CA MET A 103 -0.45 12.12 12.78
C MET A 103 0.45 10.89 12.80
N TYR A 104 0.00 9.82 12.14
CA TYR A 104 0.78 8.58 12.09
C TYR A 104 1.33 8.35 10.69
N CYS A 105 2.50 7.73 10.62
CA CYS A 105 3.14 7.45 9.33
C CYS A 105 3.71 6.04 9.32
N ILE A 106 3.10 5.17 8.51
CA ILE A 106 3.56 3.79 8.41
C ILE A 106 4.43 3.59 7.17
N CYS A 107 5.53 2.86 7.35
CA CYS A 107 6.45 2.59 6.26
C CYS A 107 6.93 1.15 6.32
N THR A 108 6.73 0.42 5.23
CA THR A 108 7.14 -0.98 5.17
C THR A 108 8.23 -1.20 4.14
N VAL A 109 9.28 -1.89 4.56
CA VAL A 109 10.38 -2.22 3.66
C VAL A 109 10.26 -3.68 3.29
N PHE A 110 10.21 -3.95 1.99
CA PHE A 110 10.08 -5.31 1.51
C PHE A 110 11.46 -5.87 1.16
N GLY A 111 12.00 -6.69 2.04
CA GLY A 111 13.28 -7.30 1.82
C GLY A 111 13.16 -8.55 0.98
N LEU A 112 13.35 -8.41 -0.32
CA LEU A 112 13.22 -9.53 -1.24
C LEU A 112 14.59 -10.17 -1.51
N ALA A 113 14.66 -11.49 -1.34
CA ALA A 113 15.90 -12.22 -1.57
C ALA A 113 16.18 -12.40 -3.06
N ILE A 114 16.62 -11.32 -3.70
CA ILE A 114 16.92 -11.35 -5.13
C ILE A 114 15.68 -11.70 -5.94
N MET B 1 -28.42 14.95 -11.42
CA MET B 1 -28.20 14.07 -12.59
C MET B 1 -27.17 12.99 -12.29
N GLU B 2 -27.10 12.58 -11.03
CA GLU B 2 -26.16 11.55 -10.60
C GLU B 2 -26.88 10.38 -9.96
N GLY B 3 -27.42 10.61 -8.76
CA GLY B 3 -28.14 9.56 -8.05
C GLY B 3 -27.20 8.54 -7.43
N VAL B 4 -26.44 7.85 -8.27
CA VAL B 4 -25.49 6.85 -7.78
C VAL B 4 -24.07 7.15 -8.25
N ASP B 5 -23.09 6.62 -7.53
CA ASP B 5 -21.70 6.82 -7.86
C ASP B 5 -20.99 5.46 -7.96
N PRO B 6 -21.18 4.75 -9.11
CA PRO B 6 -20.61 3.43 -9.36
C PRO B 6 -19.46 3.48 -10.34
N ALA B 7 -18.22 3.24 -9.86
CA ALA B 7 -17.05 3.30 -10.74
C ALA B 7 -17.07 4.58 -11.58
N VAL B 8 -17.63 5.61 -10.99
CA VAL B 8 -17.79 6.90 -11.65
C VAL B 8 -16.45 7.50 -11.98
N GLU B 9 -15.49 7.28 -11.10
CA GLU B 9 -14.17 7.86 -11.25
C GLU B 9 -13.10 6.79 -11.11
N GLU B 10 -12.92 6.01 -12.17
CA GLU B 10 -11.92 4.94 -12.19
C GLU B 10 -10.50 5.51 -12.28
N ALA B 11 -9.54 4.73 -11.80
CA ALA B 11 -8.13 5.15 -11.80
C ALA B 11 -7.31 4.29 -12.76
N ALA B 12 -6.11 4.81 -13.13
CA ALA B 12 -5.20 4.12 -14.04
C ALA B 12 -5.91 3.51 -15.25
N PHE B 13 -5.18 2.69 -16.00
CA PHE B 13 -5.74 2.04 -17.18
C PHE B 13 -5.20 0.61 -17.30
N VAL B 14 -5.57 -0.24 -16.34
CA VAL B 14 -5.13 -1.62 -16.33
C VAL B 14 -5.51 -2.34 -17.61
N ALA B 15 -4.76 -3.40 -17.94
CA ALA B 15 -5.04 -4.18 -19.14
C ALA B 15 -6.44 -4.77 -19.08
N ASP B 16 -7.00 -5.12 -20.24
CA ASP B 16 -8.34 -5.70 -20.30
C ASP B 16 -8.44 -6.98 -19.46
N ASP B 17 -7.46 -7.86 -19.63
CA ASP B 17 -7.44 -9.14 -18.91
C ASP B 17 -7.51 -8.96 -17.40
N VAL B 18 -6.62 -8.15 -16.84
CA VAL B 18 -6.58 -7.92 -15.40
C VAL B 18 -7.66 -6.95 -14.94
N SER B 19 -8.01 -6.01 -15.80
CA SER B 19 -9.03 -5.02 -15.47
C SER B 19 -10.38 -5.67 -15.23
N ASN B 20 -10.72 -6.67 -16.05
CA ASN B 20 -12.01 -7.35 -15.90
C ASN B 20 -12.03 -8.22 -14.65
N ILE B 21 -10.99 -9.04 -14.47
CA ILE B 21 -10.90 -9.93 -13.30
C ILE B 21 -11.01 -9.14 -11.99
N ILE B 22 -10.18 -8.12 -11.85
CA ILE B 22 -10.17 -7.32 -10.63
C ILE B 22 -11.53 -6.65 -10.40
N LYS B 23 -12.07 -6.00 -11.42
CA LYS B 23 -13.35 -5.32 -11.30
C LYS B 23 -14.49 -6.30 -11.07
N GLU B 24 -14.57 -7.34 -11.90
CA GLU B 24 -15.60 -8.36 -11.73
C GLU B 24 -15.56 -8.91 -10.31
N SER B 25 -14.34 -9.01 -9.78
CA SER B 25 -14.16 -9.50 -8.43
C SER B 25 -14.75 -8.52 -7.41
N ILE B 26 -14.46 -7.22 -7.55
CA ILE B 26 -15.01 -6.21 -6.63
C ILE B 26 -16.53 -6.25 -6.70
N ASP B 27 -17.04 -6.33 -7.91
CA ASP B 27 -18.47 -6.40 -8.12
C ASP B 27 -19.08 -7.51 -7.26
N ALA B 28 -18.36 -8.62 -7.15
CA ALA B 28 -18.81 -9.77 -6.35
C ALA B 28 -18.35 -9.69 -4.89
N VAL B 29 -17.10 -9.29 -4.69
CA VAL B 29 -16.51 -9.19 -3.36
C VAL B 29 -17.14 -8.03 -2.57
N LEU B 30 -17.90 -7.18 -3.26
CA LEU B 30 -18.56 -6.06 -2.60
C LEU B 30 -20.09 -6.15 -2.70
N GLN B 31 -20.60 -6.73 -3.79
CA GLN B 31 -22.04 -6.85 -3.96
C GLN B 31 -22.58 -8.19 -3.44
N ASN B 32 -21.68 -9.16 -3.18
CA ASN B 32 -22.09 -10.47 -2.68
C ASN B 32 -23.05 -10.36 -1.50
N GLN B 33 -22.72 -9.48 -0.56
CA GLN B 33 -23.54 -9.29 0.63
C GLN B 33 -23.88 -7.81 0.83
N GLN B 34 -24.48 -7.51 1.98
CA GLN B 34 -24.85 -6.13 2.30
C GLN B 34 -23.64 -5.36 2.83
N TYR B 35 -23.78 -4.04 2.90
CA TYR B 35 -22.70 -3.19 3.38
C TYR B 35 -22.39 -3.49 4.85
N SER B 36 -21.22 -4.09 5.11
CA SER B 36 -20.84 -4.40 6.49
C SER B 36 -19.49 -3.79 6.82
N GLU B 37 -19.42 -3.03 7.91
CA GLU B 37 -18.17 -2.39 8.31
C GLU B 37 -17.10 -3.45 8.58
N ALA B 38 -17.50 -4.54 9.22
CA ALA B 38 -16.58 -5.63 9.50
C ALA B 38 -16.03 -6.19 8.19
N LYS B 39 -16.82 -6.04 7.13
CA LYS B 39 -16.46 -6.51 5.80
C LYS B 39 -15.86 -5.37 4.95
N VAL B 40 -16.03 -4.13 5.39
CA VAL B 40 -15.52 -2.97 4.66
C VAL B 40 -14.03 -3.15 4.32
N SER B 41 -13.31 -3.93 5.11
CA SER B 41 -11.89 -4.18 4.87
C SER B 41 -11.67 -5.62 4.42
N GLN B 42 -12.46 -6.52 4.97
CA GLN B 42 -12.38 -7.93 4.60
C GLN B 42 -12.81 -8.10 3.16
N TRP B 43 -13.74 -7.25 2.73
CA TRP B 43 -14.23 -7.24 1.37
C TRP B 43 -13.06 -7.30 0.40
N THR B 44 -12.30 -6.22 0.39
CA THR B 44 -11.14 -6.09 -0.49
C THR B 44 -10.13 -7.23 -0.28
N SER B 45 -10.15 -7.84 0.90
CA SER B 45 -9.26 -8.94 1.19
C SER B 45 -9.70 -10.17 0.43
N SER B 46 -11.02 -10.34 0.36
CA SER B 46 -11.61 -11.45 -0.37
C SER B 46 -11.40 -11.22 -1.86
N CYS B 47 -11.41 -9.97 -2.28
CA CYS B 47 -11.19 -9.64 -3.67
C CYS B 47 -9.78 -10.01 -4.07
N LEU B 48 -8.87 -9.76 -3.14
CA LEU B 48 -7.47 -10.08 -3.36
C LEU B 48 -7.30 -11.56 -3.54
N GLU B 49 -8.08 -12.33 -2.79
CA GLU B 49 -8.02 -13.77 -2.95
C GLU B 49 -8.79 -14.17 -4.19
N HIS B 50 -9.85 -13.43 -4.51
CA HIS B 50 -10.65 -13.70 -5.69
C HIS B 50 -10.04 -13.03 -6.93
N CYS B 51 -8.88 -12.37 -6.76
CA CYS B 51 -8.17 -11.73 -7.85
C CYS B 51 -6.98 -12.60 -8.18
N ILE B 52 -6.30 -13.02 -7.11
CA ILE B 52 -5.16 -13.88 -7.21
C ILE B 52 -5.57 -15.27 -7.70
N LYS B 53 -6.63 -15.84 -7.12
CA LYS B 53 -7.11 -17.16 -7.52
C LYS B 53 -7.51 -17.19 -8.98
N ARG B 54 -8.02 -16.08 -9.49
CA ARG B 54 -8.45 -16.01 -10.89
C ARG B 54 -7.24 -15.90 -11.80
N LEU B 55 -6.29 -15.06 -11.41
CA LEU B 55 -5.08 -14.86 -12.19
C LEU B 55 -4.32 -16.17 -12.36
N THR B 56 -4.44 -17.05 -11.37
CA THR B 56 -3.78 -18.35 -11.42
C THR B 56 -4.50 -19.26 -12.40
N ALA B 57 -5.83 -19.10 -12.47
CA ALA B 57 -6.64 -19.89 -13.38
C ALA B 57 -6.35 -19.49 -14.82
N LEU B 58 -6.10 -18.20 -15.02
CA LEU B 58 -5.80 -17.67 -16.34
C LEU B 58 -4.32 -17.82 -16.66
N ASN B 59 -3.48 -17.89 -15.62
CA ASN B 59 -2.03 -18.03 -15.77
C ASN B 59 -1.47 -17.11 -16.85
N LYS B 60 -1.64 -15.81 -16.67
CA LYS B 60 -1.16 -14.81 -17.62
C LYS B 60 -1.48 -13.40 -17.14
N PRO B 61 -0.46 -12.60 -16.74
CA PRO B 61 0.96 -13.01 -16.73
C PRO B 61 1.23 -14.11 -15.72
N PHE B 62 2.50 -14.26 -15.33
CA PHE B 62 2.89 -15.27 -14.35
C PHE B 62 3.00 -14.67 -12.96
N LYS B 63 3.99 -13.81 -12.77
CA LYS B 63 4.20 -13.17 -11.47
C LYS B 63 3.34 -11.91 -11.35
N TYR B 64 2.41 -11.91 -10.41
CA TYR B 64 1.54 -10.77 -10.23
C TYR B 64 1.22 -10.53 -8.75
N VAL B 65 1.13 -9.26 -8.37
CA VAL B 65 0.81 -8.89 -7.00
C VAL B 65 -0.59 -8.29 -6.94
N VAL B 66 -1.26 -8.44 -5.82
CA VAL B 66 -2.60 -7.90 -5.68
C VAL B 66 -2.76 -7.14 -4.36
N THR B 67 -2.75 -5.81 -4.41
CA THR B 67 -2.93 -5.02 -3.20
C THR B 67 -4.04 -4.00 -3.37
N CYS B 68 -4.62 -3.58 -2.26
CA CYS B 68 -5.70 -2.62 -2.26
C CYS B 68 -5.75 -1.83 -0.97
N ILE B 69 -6.31 -0.62 -1.05
CA ILE B 69 -6.43 0.25 0.11
C ILE B 69 -7.88 0.74 0.23
N ILE B 70 -8.44 0.65 1.43
CA ILE B 70 -9.81 1.08 1.66
C ILE B 70 -9.88 2.55 2.08
N MET B 71 -10.74 3.30 1.41
CA MET B 71 -10.92 4.72 1.71
C MET B 71 -12.24 4.94 2.44
N GLN B 72 -12.17 4.92 3.77
CA GLN B 72 -13.36 5.11 4.60
C GLN B 72 -13.89 6.53 4.46
N LYS B 73 -15.12 6.64 3.98
CA LYS B 73 -15.76 7.95 3.81
C LYS B 73 -14.96 8.82 2.84
N ASN B 74 -15.30 10.11 2.78
CA ASN B 74 -14.61 11.04 1.91
C ASN B 74 -13.75 12.01 2.71
N GLY B 75 -14.19 12.31 3.94
CA GLY B 75 -13.45 13.23 4.79
C GLY B 75 -12.19 12.61 5.38
N ALA B 76 -12.19 11.29 5.49
CA ALA B 76 -11.04 10.58 6.05
C ALA B 76 -9.81 10.74 5.15
N GLY B 77 -8.65 10.91 5.77
CA GLY B 77 -7.42 11.08 5.02
C GLY B 77 -6.67 9.77 4.83
N LEU B 78 -6.30 9.48 3.60
CA LEU B 78 -5.57 8.25 3.29
C LEU B 78 -4.46 8.51 2.28
N HIS B 79 -3.25 8.08 2.63
CA HIS B 79 -2.10 8.28 1.75
C HIS B 79 -1.07 7.17 1.94
N THR B 80 -0.72 6.51 0.83
CA THR B 80 0.24 5.41 0.86
C THR B 80 1.53 5.83 0.15
N ALA B 81 2.66 5.23 0.54
CA ALA B 81 3.94 5.56 -0.08
C ALA B 81 4.75 4.29 -0.27
N ALA B 82 5.45 4.20 -1.40
CA ALA B 82 6.25 3.01 -1.67
C ALA B 82 7.34 3.25 -2.69
N SER B 83 8.57 3.02 -2.24
CA SER B 83 9.73 3.15 -3.11
C SER B 83 10.37 1.78 -3.25
N CYS B 84 10.38 1.25 -4.46
CA CYS B 84 10.93 -0.07 -4.72
C CYS B 84 12.32 0.01 -5.31
N TRP B 85 13.08 -1.06 -5.15
CA TRP B 85 14.44 -1.13 -5.67
C TRP B 85 14.41 -1.33 -7.18
N TRP B 86 15.53 -1.78 -7.75
CA TRP B 86 15.61 -1.99 -9.20
C TRP B 86 15.10 -3.39 -9.58
N ASP B 87 14.31 -3.44 -10.64
CA ASP B 87 13.75 -4.70 -11.13
C ASP B 87 12.83 -4.46 -12.32
N SER B 88 13.39 -4.48 -13.52
CA SER B 88 12.62 -4.26 -14.74
C SER B 88 11.63 -5.40 -14.98
N THR B 89 11.99 -6.59 -14.56
CA THR B 89 11.13 -7.76 -14.74
C THR B 89 9.84 -7.62 -13.95
N THR B 90 9.96 -7.21 -12.69
CA THR B 90 8.81 -7.04 -11.83
C THR B 90 8.30 -5.61 -11.89
N ASP B 91 7.75 -5.22 -13.03
CA ASP B 91 7.24 -3.86 -13.21
C ASP B 91 5.88 -3.86 -13.91
N GLY B 92 4.88 -3.34 -13.20
CA GLY B 92 3.53 -3.25 -13.75
C GLY B 92 2.73 -2.17 -13.06
N SER B 93 2.37 -2.42 -11.80
CA SER B 93 1.61 -1.47 -11.00
C SER B 93 0.43 -0.83 -11.74
N ARG B 94 -0.75 -1.41 -11.55
CA ARG B 94 -1.97 -0.88 -12.18
C ARG B 94 -3.04 -0.71 -11.10
N THR B 95 -3.33 0.53 -10.73
CA THR B 95 -4.31 0.79 -9.68
C THR B 95 -5.68 1.18 -10.23
N VAL B 96 -6.71 0.84 -9.46
CA VAL B 96 -8.08 1.16 -9.82
C VAL B 96 -8.84 1.64 -8.59
N ARG B 97 -9.76 2.58 -8.78
CA ARG B 97 -10.53 3.13 -7.68
C ARG B 97 -12.02 2.88 -7.88
N TRP B 98 -12.62 2.09 -6.98
CA TRP B 98 -14.04 1.80 -7.04
C TRP B 98 -14.81 2.73 -6.10
N GLU B 99 -16.01 3.11 -6.51
CA GLU B 99 -16.84 3.99 -5.71
C GLU B 99 -18.31 3.60 -5.88
N ASN B 100 -19.09 3.78 -4.82
CA ASN B 100 -20.52 3.43 -4.87
C ASN B 100 -21.40 4.62 -4.47
N LYS B 101 -21.22 5.10 -3.24
CA LYS B 101 -22.00 6.22 -2.74
C LYS B 101 -21.12 7.24 -2.02
N SER B 102 -20.23 6.74 -1.18
CA SER B 102 -19.34 7.60 -0.41
C SER B 102 -18.02 6.90 -0.13
N MET B 103 -18.11 5.65 0.34
CA MET B 103 -16.92 4.86 0.64
C MET B 103 -16.19 4.49 -0.64
N TYR B 104 -14.88 4.72 -0.67
CA TYR B 104 -14.06 4.40 -1.83
C TYR B 104 -13.15 3.22 -1.56
N CYS B 105 -12.89 2.42 -2.59
CA CYS B 105 -12.03 1.25 -2.45
C CYS B 105 -11.07 1.15 -3.63
N ILE B 106 -9.78 1.36 -3.35
CA ILE B 106 -8.75 1.30 -4.39
C ILE B 106 -8.06 -0.05 -4.38
N CYS B 107 -7.84 -0.61 -5.56
CA CYS B 107 -7.17 -1.89 -5.70
C CYS B 107 -6.20 -1.85 -6.88
N THR B 108 -4.94 -2.17 -6.62
CA THR B 108 -3.92 -2.16 -7.65
C THR B 108 -3.36 -3.55 -7.90
N VAL B 109 -3.32 -3.93 -9.17
CA VAL B 109 -2.76 -5.22 -9.54
C VAL B 109 -1.39 -5.00 -10.14
N PHE B 110 -0.39 -5.65 -9.58
CA PHE B 110 0.96 -5.49 -10.06
C PHE B 110 1.32 -6.62 -11.02
N GLY B 111 1.28 -6.29 -12.31
CA GLY B 111 1.61 -7.27 -13.33
C GLY B 111 3.10 -7.35 -13.55
N LEU B 112 3.74 -8.30 -12.88
CA LEU B 112 5.18 -8.47 -12.99
C LEU B 112 5.55 -9.51 -14.04
N ALA B 113 6.44 -9.13 -14.96
CA ALA B 113 6.87 -10.02 -16.02
C ALA B 113 7.84 -11.09 -15.50
N ILE B 114 7.31 -12.07 -14.79
CA ILE B 114 8.13 -13.14 -14.24
C ILE B 114 9.17 -12.58 -13.26
N MET A 1 1.79 17.48 29.83
CA MET A 1 1.76 16.00 29.75
C MET A 1 1.77 15.52 28.31
N GLU A 2 0.67 15.74 27.60
CA GLU A 2 0.56 15.33 26.21
C GLU A 2 1.52 16.13 25.32
N GLY A 3 2.10 15.47 24.33
CA GLY A 3 3.02 16.14 23.44
C GLY A 3 3.60 15.20 22.39
N VAL A 4 4.91 15.01 22.43
CA VAL A 4 5.59 14.14 21.48
C VAL A 4 5.84 12.75 22.07
N ASP A 5 5.40 11.71 21.37
CA ASP A 5 5.58 10.34 21.83
C ASP A 5 6.28 9.51 20.76
N PRO A 6 7.63 9.57 20.70
CA PRO A 6 8.40 8.80 19.70
C PRO A 6 8.21 7.30 19.88
N ALA A 7 7.87 6.61 18.79
CA ALA A 7 7.65 5.17 18.84
C ALA A 7 6.50 4.85 19.78
N VAL A 8 5.29 4.82 19.24
CA VAL A 8 4.10 4.52 20.03
C VAL A 8 3.64 3.10 19.76
N GLU A 9 3.34 2.84 18.49
CA GLU A 9 2.85 1.55 18.06
C GLU A 9 3.86 0.87 17.15
N GLU A 10 4.98 0.44 17.73
CA GLU A 10 6.04 -0.23 16.98
C GLU A 10 5.50 -1.45 16.23
N ALA A 11 5.72 -1.48 14.92
CA ALA A 11 5.26 -2.58 14.08
C ALA A 11 6.43 -3.41 13.55
N ALA A 12 6.11 -4.62 13.11
CA ALA A 12 7.11 -5.54 12.57
C ALA A 12 8.22 -5.84 13.56
N PHE A 13 8.87 -6.98 13.39
CA PHE A 13 9.96 -7.39 14.26
C PHE A 13 11.07 -8.10 13.47
N VAL A 14 11.08 -7.92 12.15
CA VAL A 14 12.09 -8.55 11.30
C VAL A 14 12.83 -7.50 10.48
N ALA A 15 14.04 -7.85 10.04
CA ALA A 15 14.85 -6.94 9.24
C ALA A 15 15.09 -5.62 9.97
N ASP A 16 15.62 -5.71 11.18
CA ASP A 16 15.91 -4.53 12.00
C ASP A 16 16.82 -3.55 11.25
N ASP A 17 17.67 -4.10 10.39
CA ASP A 17 18.61 -3.28 9.62
C ASP A 17 17.88 -2.21 8.82
N VAL A 18 16.85 -2.62 8.09
CA VAL A 18 16.06 -1.70 7.27
C VAL A 18 15.03 -0.96 8.13
N SER A 19 14.55 -1.62 9.17
CA SER A 19 13.56 -1.04 10.07
C SER A 19 14.07 0.25 10.70
N ASN A 20 15.34 0.25 11.12
CA ASN A 20 15.92 1.42 11.76
C ASN A 20 16.15 2.55 10.75
N ILE A 21 16.67 2.19 9.58
CA ILE A 21 16.95 3.18 8.53
C ILE A 21 15.70 3.99 8.16
N ILE A 22 14.62 3.29 7.84
CA ILE A 22 13.39 3.95 7.45
C ILE A 22 12.83 4.83 8.56
N LYS A 23 12.76 4.30 9.77
CA LYS A 23 12.24 5.07 10.90
C LYS A 23 13.12 6.29 11.16
N GLU A 24 14.42 6.06 11.26
CA GLU A 24 15.37 7.17 11.47
C GLU A 24 15.22 8.19 10.35
N SER A 25 14.95 7.67 9.15
CA SER A 25 14.76 8.53 7.99
C SER A 25 13.48 9.32 8.16
N ILE A 26 12.41 8.67 8.62
CA ILE A 26 11.12 9.33 8.84
C ILE A 26 11.30 10.48 9.83
N ASP A 27 12.10 10.25 10.84
CA ASP A 27 12.37 11.25 11.85
C ASP A 27 12.98 12.49 11.20
N ALA A 28 13.82 12.27 10.20
CA ALA A 28 14.51 13.36 9.50
C ALA A 28 13.70 13.88 8.30
N VAL A 29 13.07 12.96 7.57
CA VAL A 29 12.29 13.30 6.40
C VAL A 29 11.02 14.08 6.78
N LEU A 30 10.73 14.17 8.09
CA LEU A 30 9.58 14.92 8.57
C LEU A 30 9.97 16.00 9.58
N GLN A 31 11.02 15.76 10.38
CA GLN A 31 11.46 16.75 11.37
C GLN A 31 12.49 17.72 10.80
N ASN A 32 13.06 17.42 9.62
CA ASN A 32 14.08 18.29 9.00
C ASN A 32 13.77 19.78 9.14
N GLN A 33 12.48 20.13 9.18
CA GLN A 33 12.09 21.53 9.32
C GLN A 33 10.85 21.70 10.20
N GLN A 34 9.66 21.70 9.61
CA GLN A 34 8.43 21.86 10.37
C GLN A 34 7.32 20.97 9.84
N TYR A 35 6.14 21.06 10.47
CA TYR A 35 4.99 20.27 10.07
C TYR A 35 4.18 20.98 8.99
N SER A 36 4.20 20.41 7.78
CA SER A 36 3.46 20.97 6.65
C SER A 36 2.68 19.87 5.93
N GLU A 37 1.38 20.06 5.77
CA GLU A 37 0.55 19.06 5.09
C GLU A 37 1.00 18.87 3.65
N ALA A 38 1.31 19.97 2.98
CA ALA A 38 1.76 19.91 1.58
C ALA A 38 2.98 19.02 1.44
N LYS A 39 3.76 18.94 2.52
CA LYS A 39 4.96 18.13 2.53
C LYS A 39 4.72 16.80 3.26
N VAL A 40 3.63 16.73 4.02
CA VAL A 40 3.28 15.51 4.76
C VAL A 40 3.34 14.27 3.84
N SER A 41 3.14 14.48 2.54
CA SER A 41 3.19 13.39 1.58
C SER A 41 4.51 13.42 0.82
N GLN A 42 4.92 14.61 0.40
CA GLN A 42 6.17 14.77 -0.33
C GLN A 42 7.35 14.32 0.50
N TRP A 43 7.24 14.52 1.82
CA TRP A 43 8.32 14.13 2.72
C TRP A 43 8.56 12.64 2.66
N THR A 44 7.50 11.85 2.88
CA THR A 44 7.62 10.40 2.87
C THR A 44 8.26 9.91 1.57
N SER A 45 8.12 10.71 0.51
CA SER A 45 8.72 10.37 -0.76
C SER A 45 10.23 10.57 -0.62
N SER A 46 10.58 11.65 0.08
CA SER A 46 11.99 11.95 0.36
C SER A 46 12.58 10.84 1.21
N CYS A 47 11.74 10.28 2.10
CA CYS A 47 12.17 9.18 2.94
C CYS A 47 12.48 8.00 2.05
N LEU A 48 11.63 7.81 1.05
CA LEU A 48 11.80 6.74 0.10
C LEU A 48 13.10 6.89 -0.65
N GLU A 49 13.45 8.14 -0.96
CA GLU A 49 14.72 8.38 -1.64
C GLU A 49 15.86 8.26 -0.64
N HIS A 50 15.59 8.66 0.60
CA HIS A 50 16.58 8.54 1.66
C HIS A 50 16.52 7.14 2.30
N CYS A 51 15.72 6.26 1.70
CA CYS A 51 15.56 4.89 2.15
C CYS A 51 16.16 4.02 1.07
N ILE A 52 15.67 4.22 -0.14
CA ILE A 52 16.16 3.50 -1.30
C ILE A 52 17.67 3.72 -1.48
N LYS A 53 18.13 4.93 -1.20
CA LYS A 53 19.55 5.24 -1.32
C LYS A 53 20.35 4.53 -0.25
N ARG A 54 19.74 4.36 0.93
CA ARG A 54 20.38 3.69 2.04
C ARG A 54 20.38 2.19 1.86
N LEU A 55 19.25 1.66 1.40
CA LEU A 55 19.09 0.23 1.16
C LEU A 55 20.19 -0.26 0.23
N THR A 56 20.41 0.53 -0.80
CA THR A 56 21.43 0.24 -1.79
C THR A 56 22.80 0.63 -1.26
N ALA A 57 22.83 1.61 -0.34
CA ALA A 57 24.07 2.04 0.27
C ALA A 57 24.69 0.89 1.05
N LEU A 58 23.83 0.07 1.64
CA LEU A 58 24.25 -1.10 2.40
C LEU A 58 24.23 -2.36 1.52
N ASN A 59 23.41 -2.32 0.47
CA ASN A 59 23.28 -3.44 -0.46
C ASN A 59 23.07 -4.76 0.26
N LYS A 60 21.80 -5.13 0.43
CA LYS A 60 21.44 -6.37 1.10
C LYS A 60 19.92 -6.57 1.10
N PRO A 61 19.36 -7.46 0.23
CA PRO A 61 20.12 -8.27 -0.72
C PRO A 61 20.41 -7.54 -2.03
N PHE A 62 19.40 -7.42 -2.90
CA PHE A 62 19.57 -6.75 -4.18
C PHE A 62 18.33 -5.93 -4.53
N LYS A 63 17.23 -6.61 -4.85
CA LYS A 63 15.99 -5.93 -5.20
C LYS A 63 15.20 -5.57 -3.95
N TYR A 64 15.10 -4.27 -3.65
CA TYR A 64 14.39 -3.82 -2.45
C TYR A 64 13.23 -2.91 -2.82
N VAL A 65 12.16 -2.99 -2.03
CA VAL A 65 10.98 -2.13 -2.23
C VAL A 65 10.92 -1.12 -1.11
N VAL A 66 10.56 0.12 -1.43
CA VAL A 66 10.45 1.16 -0.41
C VAL A 66 9.16 1.95 -0.54
N THR A 67 8.21 1.73 0.36
CA THR A 67 6.95 2.48 0.33
C THR A 67 6.54 2.91 1.74
N CYS A 68 6.11 4.17 1.85
CA CYS A 68 5.69 4.70 3.14
C CYS A 68 4.38 5.47 3.02
N ILE A 69 3.43 5.13 3.89
CA ILE A 69 2.13 5.78 3.92
C ILE A 69 2.03 6.68 5.14
N ILE A 70 1.40 7.85 4.97
CA ILE A 70 1.25 8.80 6.07
C ILE A 70 -0.17 8.80 6.62
N MET A 71 -0.28 8.64 7.94
CA MET A 71 -1.58 8.63 8.60
C MET A 71 -1.79 9.92 9.38
N GLN A 72 -2.67 10.77 8.88
CA GLN A 72 -2.96 12.05 9.53
C GLN A 72 -4.07 11.91 10.56
N LYS A 73 -3.93 12.63 11.67
CA LYS A 73 -4.92 12.59 12.73
C LYS A 73 -5.06 11.18 13.30
N ASN A 74 -5.97 11.02 14.26
CA ASN A 74 -6.20 9.73 14.88
C ASN A 74 -7.69 9.37 14.88
N GLY A 75 -8.37 9.73 13.79
CA GLY A 75 -9.79 9.44 13.69
C GLY A 75 -10.20 9.11 12.27
N ALA A 76 -9.34 8.39 11.55
CA ALA A 76 -9.62 8.00 10.17
C ALA A 76 -9.44 6.51 9.97
N GLY A 77 -10.37 5.89 9.25
CA GLY A 77 -10.30 4.46 9.01
C GLY A 77 -9.52 4.13 7.75
N LEU A 78 -8.50 3.29 7.89
CA LEU A 78 -7.68 2.90 6.75
C LEU A 78 -7.36 1.42 6.79
N HIS A 79 -8.16 0.62 6.07
CA HIS A 79 -7.97 -0.82 6.01
C HIS A 79 -7.40 -1.23 4.66
N THR A 80 -6.33 -2.02 4.68
CA THR A 80 -5.68 -2.48 3.46
C THR A 80 -5.56 -4.00 3.45
N ALA A 81 -5.52 -4.58 2.25
CA ALA A 81 -5.39 -6.02 2.09
C ALA A 81 -4.40 -6.33 0.99
N ALA A 82 -3.69 -7.45 1.11
CA ALA A 82 -2.72 -7.82 0.10
C ALA A 82 -2.39 -9.31 0.11
N SER A 83 -2.45 -9.90 -1.07
CA SER A 83 -2.14 -11.30 -1.24
C SER A 83 -1.12 -11.44 -2.36
N CYS A 84 0.07 -11.95 -2.02
CA CYS A 84 1.13 -12.11 -3.00
C CYS A 84 1.29 -13.57 -3.40
N TRP A 85 1.83 -13.80 -4.59
CA TRP A 85 2.02 -15.15 -5.08
C TRP A 85 3.22 -15.81 -4.38
N TRP A 86 3.68 -16.94 -4.92
CA TRP A 86 4.80 -17.66 -4.32
C TRP A 86 6.14 -17.13 -4.84
N ASP A 87 7.10 -16.99 -3.93
CA ASP A 87 8.43 -16.51 -4.28
C ASP A 87 9.30 -16.38 -3.03
N SER A 88 10.21 -17.33 -2.84
CA SER A 88 11.09 -17.32 -1.68
C SER A 88 12.28 -16.39 -1.89
N THR A 89 12.70 -16.25 -3.15
CA THR A 89 13.83 -15.38 -3.49
C THR A 89 13.51 -13.91 -3.22
N THR A 90 12.32 -13.49 -3.64
CA THR A 90 11.89 -12.12 -3.45
C THR A 90 10.85 -12.05 -2.33
N ASP A 91 11.28 -12.37 -1.12
CA ASP A 91 10.38 -12.35 0.03
C ASP A 91 11.01 -11.66 1.23
N GLY A 92 10.69 -10.38 1.40
CA GLY A 92 11.22 -9.62 2.52
C GLY A 92 10.36 -8.42 2.88
N SER A 93 9.08 -8.48 2.52
CA SER A 93 8.16 -7.39 2.80
C SER A 93 7.89 -7.21 4.30
N ARG A 94 8.33 -6.07 4.83
CA ARG A 94 8.13 -5.76 6.24
C ARG A 94 7.70 -4.30 6.41
N THR A 95 6.70 -4.05 7.26
CA THR A 95 6.22 -2.69 7.47
C THR A 95 6.62 -2.15 8.84
N VAL A 96 6.80 -0.84 8.92
CA VAL A 96 7.18 -0.18 10.17
C VAL A 96 6.29 1.04 10.41
N ARG A 97 5.47 0.98 11.43
CA ARG A 97 4.57 2.09 11.73
C ARG A 97 4.85 2.71 13.09
N TRP A 98 5.36 3.95 13.08
CA TRP A 98 5.65 4.64 14.33
C TRP A 98 5.40 6.14 14.19
N GLU A 99 5.09 6.79 15.31
CA GLU A 99 4.79 8.21 15.32
C GLU A 99 5.84 9.00 16.11
N ASN A 100 5.79 10.32 15.96
CA ASN A 100 6.72 11.21 16.65
C ASN A 100 5.97 12.20 17.54
N LYS A 101 5.39 13.22 16.91
CA LYS A 101 4.64 14.23 17.66
C LYS A 101 3.17 13.85 17.79
N SER A 102 2.53 13.60 16.66
CA SER A 102 1.13 13.23 16.64
C SER A 102 0.81 12.38 15.40
N MET A 103 1.27 12.86 14.25
CA MET A 103 1.06 12.15 12.99
C MET A 103 1.69 10.77 13.05
N TYR A 104 1.22 9.86 12.18
CA TYR A 104 1.75 8.51 12.13
C TYR A 104 2.50 8.28 10.82
N CYS A 105 3.63 7.60 10.90
CA CYS A 105 4.43 7.31 9.71
C CYS A 105 4.66 5.81 9.55
N ILE A 106 4.11 5.23 8.49
CA ILE A 106 4.26 3.81 8.23
C ILE A 106 5.09 3.55 6.98
N CYS A 107 6.27 2.95 7.15
CA CYS A 107 7.14 2.65 6.03
C CYS A 107 7.44 1.16 5.94
N THR A 108 7.08 0.56 4.82
CA THR A 108 7.32 -0.85 4.60
C THR A 108 8.38 -1.05 3.52
N VAL A 109 9.34 -1.92 3.82
CA VAL A 109 10.42 -2.21 2.88
C VAL A 109 10.45 -3.69 2.54
N PHE A 110 10.44 -4.03 1.25
CA PHE A 110 10.51 -5.43 0.86
C PHE A 110 11.91 -5.74 0.35
N GLY A 111 12.69 -6.38 1.20
CA GLY A 111 14.05 -6.75 0.83
C GLY A 111 14.04 -8.04 0.04
N LEU A 112 13.75 -7.93 -1.25
CA LEU A 112 13.67 -9.10 -2.12
C LEU A 112 15.05 -9.51 -2.63
N ALA A 113 15.40 -10.77 -2.38
CA ALA A 113 16.68 -11.30 -2.81
C ALA A 113 16.73 -11.51 -4.32
N ILE A 114 16.97 -10.42 -5.05
CA ILE A 114 17.03 -10.48 -6.50
C ILE A 114 15.70 -10.92 -7.10
N MET B 1 -31.84 11.88 -6.61
CA MET B 1 -30.65 12.24 -7.43
C MET B 1 -29.41 11.50 -6.96
N GLU B 2 -28.91 11.86 -5.78
CA GLU B 2 -27.73 11.23 -5.21
C GLU B 2 -28.02 9.77 -4.85
N GLY B 3 -27.03 8.91 -5.07
CA GLY B 3 -27.21 7.50 -4.75
C GLY B 3 -25.98 6.68 -5.10
N VAL B 4 -26.14 5.74 -6.03
CA VAL B 4 -25.04 4.88 -6.45
C VAL B 4 -24.40 5.39 -7.74
N ASP B 5 -23.08 5.57 -7.71
CA ASP B 5 -22.35 6.05 -8.87
C ASP B 5 -21.21 5.08 -9.22
N PRO B 6 -21.51 4.00 -9.97
CA PRO B 6 -20.49 3.02 -10.37
C PRO B 6 -19.41 3.65 -11.23
N ALA B 7 -18.15 3.44 -10.85
CA ALA B 7 -17.03 3.99 -11.60
C ALA B 7 -17.09 5.51 -11.60
N VAL B 8 -16.48 6.12 -10.59
CA VAL B 8 -16.48 7.57 -10.47
C VAL B 8 -15.12 8.13 -10.89
N GLU B 9 -14.11 7.67 -10.18
CA GLU B 9 -12.74 8.12 -10.42
C GLU B 9 -11.88 6.98 -10.96
N GLU B 10 -12.16 6.57 -12.20
CA GLU B 10 -11.41 5.49 -12.83
C GLU B 10 -9.91 5.75 -12.83
N ALA B 11 -9.14 4.82 -12.27
CA ALA B 11 -7.69 4.96 -12.21
C ALA B 11 -6.98 3.96 -13.11
N ALA B 12 -5.72 4.24 -13.42
CA ALA B 12 -4.90 3.38 -14.27
C ALA B 12 -5.52 3.20 -15.66
N PHE B 13 -4.68 2.88 -16.62
CA PHE B 13 -5.13 2.67 -17.99
C PHE B 13 -4.36 1.53 -18.66
N VAL B 14 -3.69 0.70 -17.86
CA VAL B 14 -2.91 -0.42 -18.39
C VAL B 14 -3.37 -1.74 -17.78
N ALA B 15 -3.11 -2.84 -18.49
CA ALA B 15 -3.50 -4.16 -18.00
C ALA B 15 -5.01 -4.24 -17.76
N ASP B 16 -5.78 -3.91 -18.79
CA ASP B 16 -7.24 -3.94 -18.70
C ASP B 16 -7.73 -5.33 -18.28
N ASP B 17 -6.98 -6.36 -18.65
CA ASP B 17 -7.34 -7.73 -18.33
C ASP B 17 -7.52 -7.91 -16.82
N VAL B 18 -6.53 -7.46 -16.06
CA VAL B 18 -6.57 -7.57 -14.61
C VAL B 18 -7.44 -6.46 -14.00
N SER B 19 -7.46 -5.31 -14.65
CA SER B 19 -8.24 -4.17 -14.18
C SER B 19 -9.72 -4.51 -14.07
N ASN B 20 -10.25 -5.22 -15.06
CA ASN B 20 -11.66 -5.60 -15.06
C ASN B 20 -11.96 -6.65 -14.00
N ILE B 21 -11.09 -7.65 -13.88
CA ILE B 21 -11.26 -8.73 -12.91
C ILE B 21 -11.40 -8.19 -11.49
N ILE B 22 -10.43 -7.39 -11.07
CA ILE B 22 -10.43 -6.83 -9.73
C ILE B 22 -11.66 -5.97 -9.47
N LYS B 23 -11.97 -5.06 -10.38
CA LYS B 23 -13.13 -4.19 -10.21
C LYS B 23 -14.41 -5.02 -10.16
N GLU B 24 -14.59 -5.91 -11.13
CA GLU B 24 -15.76 -6.77 -11.16
C GLU B 24 -15.83 -7.59 -9.88
N SER B 25 -14.66 -7.96 -9.39
CA SER B 25 -14.56 -8.72 -8.15
C SER B 25 -15.00 -7.83 -6.98
N ILE B 26 -14.54 -6.57 -6.98
CA ILE B 26 -14.90 -5.63 -5.92
C ILE B 26 -16.42 -5.47 -5.87
N ASP B 27 -17.03 -5.42 -7.03
CA ASP B 27 -18.47 -5.28 -7.13
C ASP B 27 -19.16 -6.46 -6.42
N ALA B 28 -18.56 -7.63 -6.54
CA ALA B 28 -19.12 -8.85 -5.93
C ALA B 28 -18.62 -9.07 -4.50
N VAL B 29 -17.35 -8.80 -4.27
CA VAL B 29 -16.72 -8.97 -2.97
C VAL B 29 -17.28 -7.96 -1.94
N LEU B 30 -18.08 -6.99 -2.42
CA LEU B 30 -18.69 -6.01 -1.54
C LEU B 30 -20.21 -6.00 -1.66
N GLN B 31 -20.74 -6.26 -2.86
CA GLN B 31 -22.19 -6.26 -3.08
C GLN B 31 -22.82 -7.63 -2.82
N ASN B 32 -22.00 -8.69 -2.72
CA ASN B 32 -22.50 -10.05 -2.49
C ASN B 32 -23.66 -10.11 -1.49
N GLN B 33 -23.68 -9.19 -0.53
CA GLN B 33 -24.75 -9.16 0.46
C GLN B 33 -25.15 -7.73 0.84
N GLN B 34 -24.52 -7.17 1.88
CA GLN B 34 -24.85 -5.81 2.32
C GLN B 34 -23.60 -5.04 2.75
N TYR B 35 -23.80 -3.81 3.18
CA TYR B 35 -22.70 -2.96 3.62
C TYR B 35 -22.41 -3.16 5.11
N SER B 36 -21.26 -3.74 5.40
CA SER B 36 -20.83 -3.98 6.78
C SER B 36 -19.39 -3.54 6.98
N GLU B 37 -19.15 -2.69 7.97
CA GLU B 37 -17.80 -2.20 8.23
C GLU B 37 -16.87 -3.35 8.62
N ALA B 38 -17.38 -4.26 9.44
CA ALA B 38 -16.60 -5.41 9.87
C ALA B 38 -16.09 -6.21 8.69
N LYS B 39 -16.85 -6.16 7.59
CA LYS B 39 -16.49 -6.86 6.38
C LYS B 39 -15.86 -5.91 5.35
N VAL B 40 -16.02 -4.60 5.56
CA VAL B 40 -15.46 -3.59 4.66
C VAL B 40 -13.98 -3.87 4.37
N SER B 41 -13.31 -4.54 5.31
CA SER B 41 -11.90 -4.88 5.15
C SER B 41 -11.76 -6.34 4.78
N GLN B 42 -12.50 -7.20 5.46
CA GLN B 42 -12.44 -8.64 5.19
C GLN B 42 -12.86 -8.93 3.76
N TRP B 43 -13.78 -8.12 3.24
CA TRP B 43 -14.26 -8.31 1.88
C TRP B 43 -13.13 -8.17 0.88
N THR B 44 -12.44 -7.02 0.94
CA THR B 44 -11.35 -6.76 0.01
C THR B 44 -10.32 -7.89 0.03
N SER B 45 -10.26 -8.60 1.15
CA SER B 45 -9.37 -9.74 1.27
C SER B 45 -9.93 -10.86 0.40
N SER B 46 -11.26 -10.99 0.44
CA SER B 46 -11.96 -11.97 -0.37
C SER B 46 -11.76 -11.64 -1.84
N CYS B 47 -11.68 -10.33 -2.14
CA CYS B 47 -11.44 -9.89 -3.49
C CYS B 47 -10.06 -10.36 -3.91
N LEU B 48 -9.13 -10.25 -2.98
CA LEU B 48 -7.77 -10.67 -3.20
C LEU B 48 -7.73 -12.15 -3.51
N GLU B 49 -8.57 -12.92 -2.82
CA GLU B 49 -8.61 -14.34 -3.08
C GLU B 49 -9.38 -14.61 -4.37
N HIS B 50 -10.37 -13.76 -4.63
CA HIS B 50 -11.14 -13.86 -5.87
C HIS B 50 -10.44 -13.09 -7.00
N CYS B 51 -9.23 -12.60 -6.72
CA CYS B 51 -8.41 -11.87 -7.66
C CYS B 51 -7.22 -12.75 -7.97
N ILE B 52 -6.53 -13.15 -6.92
CA ILE B 52 -5.39 -14.03 -7.01
C ILE B 52 -5.77 -15.34 -7.71
N LYS B 53 -6.97 -15.84 -7.42
CA LYS B 53 -7.45 -17.07 -8.03
C LYS B 53 -7.73 -16.87 -9.51
N ARG B 54 -8.17 -15.67 -9.86
CA ARG B 54 -8.47 -15.34 -11.25
C ARG B 54 -7.21 -15.07 -12.04
N LEU B 55 -6.28 -14.34 -11.42
CA LEU B 55 -5.01 -13.99 -12.05
C LEU B 55 -4.31 -15.26 -12.50
N THR B 56 -4.34 -16.24 -11.61
CA THR B 56 -3.74 -17.53 -11.87
C THR B 56 -4.66 -18.36 -12.76
N ALA B 57 -5.96 -18.09 -12.68
CA ALA B 57 -6.94 -18.79 -13.51
C ALA B 57 -6.66 -18.51 -14.98
N LEU B 58 -6.20 -17.29 -15.26
CA LEU B 58 -5.87 -16.88 -16.61
C LEU B 58 -4.37 -17.06 -16.87
N ASN B 59 -3.58 -17.07 -15.80
CA ASN B 59 -2.12 -17.24 -15.88
C ASN B 59 -1.50 -16.32 -16.92
N LYS B 60 -1.05 -15.15 -16.46
CA LYS B 60 -0.43 -14.17 -17.34
C LYS B 60 0.06 -12.95 -16.54
N PRO B 61 1.38 -12.82 -16.26
CA PRO B 61 2.42 -13.76 -16.70
C PRO B 61 2.59 -14.94 -15.74
N PHE B 62 3.24 -14.71 -14.60
CA PHE B 62 3.46 -15.76 -13.62
C PHE B 62 3.32 -15.24 -12.19
N LYS B 63 4.26 -14.40 -11.77
CA LYS B 63 4.23 -13.84 -10.42
C LYS B 63 3.36 -12.57 -10.40
N TYR B 64 2.21 -12.65 -9.73
CA TYR B 64 1.30 -11.52 -9.67
C TYR B 64 1.06 -11.07 -8.23
N VAL B 65 0.88 -9.77 -8.05
CA VAL B 65 0.61 -9.20 -6.73
C VAL B 65 -0.84 -8.73 -6.69
N VAL B 66 -1.51 -8.96 -5.56
CA VAL B 66 -2.91 -8.54 -5.42
C VAL B 66 -3.15 -7.83 -4.10
N THR B 67 -3.33 -6.51 -4.14
CA THR B 67 -3.61 -5.75 -2.92
C THR B 67 -4.70 -4.71 -3.15
N CYS B 68 -5.64 -4.63 -2.21
CA CYS B 68 -6.73 -3.68 -2.32
C CYS B 68 -6.98 -2.94 -1.02
N ILE B 69 -7.03 -1.61 -1.11
CA ILE B 69 -7.26 -0.76 0.04
C ILE B 69 -8.67 -0.19 -0.01
N ILE B 70 -9.32 -0.10 1.15
CA ILE B 70 -10.69 0.42 1.22
C ILE B 70 -10.71 1.84 1.78
N MET B 71 -11.36 2.75 1.06
CA MET B 71 -11.47 4.13 1.49
C MET B 71 -12.89 4.43 1.96
N GLN B 72 -13.05 4.59 3.27
CA GLN B 72 -14.35 4.87 3.86
C GLN B 72 -14.63 6.37 3.90
N LYS B 73 -15.88 6.74 3.64
CA LYS B 73 -16.29 8.14 3.65
C LYS B 73 -15.52 8.94 2.61
N ASN B 74 -15.78 10.24 2.56
CA ASN B 74 -15.11 11.12 1.60
C ASN B 74 -14.52 12.34 2.28
N GLY B 75 -13.98 12.13 3.48
CA GLY B 75 -13.40 13.22 4.23
C GLY B 75 -12.19 12.79 5.04
N ALA B 76 -11.40 11.88 4.48
CA ALA B 76 -10.21 11.37 5.15
C ALA B 76 -8.98 11.49 4.26
N GLY B 77 -7.87 11.95 4.84
CA GLY B 77 -6.64 12.10 4.08
C GLY B 77 -5.80 10.84 4.08
N LEU B 78 -5.46 10.36 2.90
CA LEU B 78 -4.65 9.14 2.77
C LEU B 78 -3.59 9.30 1.68
N HIS B 79 -2.39 9.67 2.09
CA HIS B 79 -1.29 9.87 1.15
C HIS B 79 -0.28 8.73 1.28
N THR B 80 0.08 8.13 0.14
CA THR B 80 1.04 7.02 0.13
C THR B 80 2.18 7.30 -0.84
N ALA B 81 3.34 6.71 -0.56
CA ALA B 81 4.51 6.88 -1.42
C ALA B 81 5.21 5.54 -1.61
N ALA B 82 5.83 5.37 -2.76
CA ALA B 82 6.52 4.11 -3.04
C ALA B 82 7.58 4.25 -4.12
N SER B 83 8.76 3.73 -3.81
CA SER B 83 9.88 3.74 -4.73
C SER B 83 10.43 2.33 -4.84
N CYS B 84 10.36 1.75 -6.04
CA CYS B 84 10.85 0.41 -6.26
C CYS B 84 12.17 0.41 -7.00
N TRP B 85 12.95 -0.66 -6.83
CA TRP B 85 14.24 -0.75 -7.50
C TRP B 85 14.06 -1.08 -8.97
N TRP B 86 15.15 -1.47 -9.63
CA TRP B 86 15.10 -1.80 -11.05
C TRP B 86 14.73 -3.25 -11.28
N ASP B 87 13.85 -3.48 -12.26
CA ASP B 87 13.40 -4.84 -12.60
C ASP B 87 12.36 -4.80 -13.72
N SER B 88 12.78 -5.15 -14.93
CA SER B 88 11.88 -5.14 -16.07
C SER B 88 11.04 -6.41 -16.12
N THR B 89 11.59 -7.51 -15.63
CA THR B 89 10.89 -8.79 -15.62
C THR B 89 9.67 -8.75 -14.70
N THR B 90 9.86 -8.20 -13.50
CA THR B 90 8.79 -8.10 -12.53
C THR B 90 8.30 -6.66 -12.46
N ASP B 91 7.71 -6.19 -13.55
CA ASP B 91 7.19 -4.82 -13.61
C ASP B 91 5.80 -4.77 -14.23
N GLY B 92 4.78 -4.74 -13.36
CA GLY B 92 3.41 -4.68 -13.83
C GLY B 92 2.46 -4.11 -12.79
N SER B 93 3.01 -3.33 -11.86
CA SER B 93 2.20 -2.73 -10.81
C SER B 93 1.21 -1.68 -11.33
N ARG B 94 -0.08 -1.99 -11.20
CA ARG B 94 -1.13 -1.08 -11.65
C ARG B 94 -2.26 -1.02 -10.62
N THR B 95 -2.74 0.18 -10.32
CA THR B 95 -3.81 0.34 -9.33
C THR B 95 -5.14 0.71 -9.98
N VAL B 96 -6.24 0.28 -9.35
CA VAL B 96 -7.57 0.57 -9.86
C VAL B 96 -8.45 1.08 -8.74
N ARG B 97 -8.86 2.34 -8.81
CA ARG B 97 -9.69 2.92 -7.77
C ARG B 97 -11.06 3.35 -8.30
N TRP B 98 -12.10 2.64 -7.87
CA TRP B 98 -13.45 2.98 -8.30
C TRP B 98 -14.46 2.73 -7.18
N GLU B 99 -15.58 3.45 -7.21
CA GLU B 99 -16.61 3.33 -6.20
C GLU B 99 -17.91 2.80 -6.78
N ASN B 100 -18.81 2.41 -5.89
CA ASN B 100 -20.12 1.88 -6.29
C ASN B 100 -21.24 2.74 -5.73
N LYS B 101 -21.53 2.57 -4.44
CA LYS B 101 -22.61 3.32 -3.78
C LYS B 101 -22.07 4.62 -3.19
N SER B 102 -21.06 4.50 -2.34
CA SER B 102 -20.45 5.67 -1.71
C SER B 102 -18.99 5.38 -1.36
N MET B 103 -18.75 4.23 -0.75
CA MET B 103 -17.40 3.83 -0.37
C MET B 103 -16.50 3.72 -1.59
N TYR B 104 -15.20 3.80 -1.38
CA TYR B 104 -14.24 3.70 -2.48
C TYR B 104 -13.44 2.41 -2.37
N CYS B 105 -13.20 1.76 -3.51
CA CYS B 105 -12.44 0.51 -3.52
C CYS B 105 -11.24 0.62 -4.48
N ILE B 106 -10.04 0.56 -3.91
CA ILE B 106 -8.83 0.65 -4.71
C ILE B 106 -8.05 -0.66 -4.70
N CYS B 107 -7.95 -1.30 -5.85
CA CYS B 107 -7.22 -2.56 -5.96
C CYS B 107 -6.10 -2.47 -6.98
N THR B 108 -4.88 -2.71 -6.52
CA THR B 108 -3.72 -2.68 -7.38
C THR B 108 -3.15 -4.08 -7.57
N VAL B 109 -2.86 -4.41 -8.82
CA VAL B 109 -2.31 -5.72 -9.15
C VAL B 109 -0.98 -5.57 -9.87
N PHE B 110 0.06 -6.24 -9.37
CA PHE B 110 1.36 -6.18 -10.03
C PHE B 110 1.61 -7.47 -10.80
N GLY B 111 1.41 -7.41 -12.10
CA GLY B 111 1.63 -8.57 -12.94
C GLY B 111 3.10 -8.71 -13.28
N LEU B 112 3.86 -9.27 -12.36
CA LEU B 112 5.29 -9.44 -12.53
C LEU B 112 5.61 -10.69 -13.34
N ALA B 113 6.36 -10.50 -14.43
CA ALA B 113 6.74 -11.60 -15.30
C ALA B 113 7.81 -12.48 -14.64
N ILE B 114 7.37 -13.36 -13.75
CA ILE B 114 8.28 -14.26 -13.06
C ILE B 114 9.26 -13.47 -12.19
N MET A 1 9.30 14.85 24.21
CA MET A 1 8.39 14.39 25.29
C MET A 1 7.23 15.36 25.47
N GLU A 2 6.40 15.11 26.48
CA GLU A 2 5.25 15.96 26.77
C GLU A 2 4.28 15.96 25.59
N GLY A 3 3.35 15.01 25.58
CA GLY A 3 2.37 14.92 24.51
C GLY A 3 2.90 14.17 23.31
N VAL A 4 4.03 14.61 22.77
CA VAL A 4 4.63 13.96 21.61
C VAL A 4 5.25 12.61 21.99
N ASP A 5 4.81 11.56 21.29
CA ASP A 5 5.33 10.21 21.56
C ASP A 5 5.98 9.64 20.30
N PRO A 6 7.33 9.68 20.20
CA PRO A 6 8.05 9.17 19.03
C PRO A 6 7.77 7.69 18.77
N ALA A 7 7.08 7.42 17.67
CA ALA A 7 6.73 6.04 17.26
C ALA A 7 5.70 5.42 18.18
N VAL A 8 6.02 5.30 19.47
CA VAL A 8 5.14 4.69 20.48
C VAL A 8 5.04 3.19 20.24
N GLU A 9 4.47 2.83 19.10
CA GLU A 9 4.27 1.44 18.75
C GLU A 9 4.87 1.12 17.39
N GLU A 10 6.12 0.67 17.39
CA GLU A 10 6.83 0.33 16.15
C GLU A 10 6.34 -1.00 15.61
N ALA A 11 6.37 -1.14 14.27
CA ALA A 11 5.94 -2.36 13.62
C ALA A 11 7.12 -3.09 12.99
N ALA A 12 6.92 -4.37 12.68
CA ALA A 12 7.96 -5.19 12.07
C ALA A 12 9.18 -5.32 12.97
N PHE A 13 9.79 -6.50 12.98
CA PHE A 13 10.96 -6.75 13.81
C PHE A 13 11.96 -7.65 13.08
N VAL A 14 11.97 -7.57 11.76
CA VAL A 14 12.90 -8.37 10.96
C VAL A 14 13.86 -7.47 10.18
N ALA A 15 15.08 -7.93 9.98
CA ALA A 15 16.09 -7.16 9.26
C ALA A 15 16.35 -5.83 9.95
N ASP A 16 17.11 -5.88 11.04
CA ASP A 16 17.42 -4.68 11.81
C ASP A 16 18.05 -3.60 10.93
N ASP A 17 19.02 -4.00 10.12
CA ASP A 17 19.72 -3.05 9.24
C ASP A 17 18.76 -2.29 8.35
N VAL A 18 17.73 -2.97 7.85
CA VAL A 18 16.74 -2.35 6.99
C VAL A 18 15.71 -1.57 7.81
N SER A 19 15.45 -2.06 9.02
CA SER A 19 14.49 -1.44 9.90
C SER A 19 14.94 -0.05 10.35
N ASN A 20 16.21 0.08 10.72
CA ASN A 20 16.73 1.36 11.17
C ASN A 20 16.85 2.37 10.02
N ILE A 21 17.18 1.89 8.83
CA ILE A 21 17.32 2.78 7.67
C ILE A 21 16.04 3.57 7.42
N ILE A 22 14.92 2.87 7.30
CA ILE A 22 13.65 3.53 7.05
C ILE A 22 13.30 4.50 8.17
N LYS A 23 13.34 4.04 9.41
CA LYS A 23 13.03 4.89 10.55
C LYS A 23 13.99 6.06 10.62
N GLU A 24 15.28 5.72 10.60
CA GLU A 24 16.34 6.73 10.66
C GLU A 24 16.09 7.80 9.59
N SER A 25 15.55 7.36 8.46
CA SER A 25 15.24 8.26 7.37
C SER A 25 14.08 9.18 7.73
N ILE A 26 13.00 8.61 8.29
CA ILE A 26 11.85 9.43 8.69
C ILE A 26 12.29 10.50 9.68
N ASP A 27 13.11 10.09 10.63
CA ASP A 27 13.63 10.99 11.63
C ASP A 27 14.24 12.23 10.96
N ALA A 28 14.91 12.01 9.85
CA ALA A 28 15.55 13.10 9.11
C ALA A 28 14.61 13.72 8.08
N VAL A 29 13.90 12.86 7.35
CA VAL A 29 12.97 13.26 6.32
C VAL A 29 11.74 13.95 6.91
N LEU A 30 11.62 13.99 8.26
CA LEU A 30 10.51 14.67 8.91
C LEU A 30 11.00 15.69 9.94
N GLN A 31 12.10 15.38 10.64
CA GLN A 31 12.64 16.32 11.64
C GLN A 31 13.51 17.38 10.99
N ASN A 32 13.90 17.20 9.72
CA ASN A 32 14.74 18.15 8.98
C ASN A 32 14.46 19.61 9.36
N GLN A 33 13.21 19.91 9.66
CA GLN A 33 12.83 21.27 10.04
C GLN A 33 11.63 21.28 11.00
N GLN A 34 10.40 21.25 10.47
CA GLN A 34 9.21 21.26 11.33
C GLN A 34 8.11 20.37 10.75
N TYR A 35 6.99 20.32 11.45
CA TYR A 35 5.84 19.51 11.02
C TYR A 35 4.92 20.29 10.10
N SER A 36 4.87 19.90 8.83
CA SER A 36 4.01 20.55 7.84
C SER A 36 3.22 19.50 7.06
N GLU A 37 1.89 19.60 7.10
CA GLU A 37 1.05 18.64 6.40
C GLU A 37 1.37 18.57 4.90
N ALA A 38 1.60 19.73 4.29
CA ALA A 38 1.91 19.78 2.86
C ALA A 38 3.14 18.92 2.55
N LYS A 39 4.04 18.83 3.51
CA LYS A 39 5.25 18.04 3.35
C LYS A 39 5.09 16.67 4.02
N VAL A 40 4.11 16.53 4.89
CA VAL A 40 3.85 15.27 5.59
C VAL A 40 3.80 14.10 4.59
N SER A 41 3.43 14.38 3.35
CA SER A 41 3.35 13.35 2.32
C SER A 41 4.60 13.40 1.44
N GLN A 42 5.03 14.61 1.11
CA GLN A 42 6.22 14.77 0.26
C GLN A 42 7.46 14.27 0.97
N TRP A 43 7.49 14.42 2.29
CA TRP A 43 8.63 13.98 3.06
C TRP A 43 8.80 12.48 2.98
N THR A 44 7.73 11.76 3.30
CA THR A 44 7.75 10.30 3.28
C THR A 44 8.26 9.78 1.93
N SER A 45 8.09 10.58 0.88
CA SER A 45 8.57 10.20 -0.43
C SER A 45 10.09 10.36 -0.42
N SER A 46 10.55 11.44 0.22
CA SER A 46 11.97 11.70 0.37
C SER A 46 12.57 10.59 1.22
N CYS A 47 11.78 10.10 2.18
CA CYS A 47 12.17 9.01 3.05
C CYS A 47 12.47 7.81 2.18
N LEU A 48 11.59 7.61 1.20
CA LEU A 48 11.71 6.50 0.29
C LEU A 48 12.97 6.61 -0.54
N GLU A 49 13.34 7.83 -0.90
CA GLU A 49 14.58 8.01 -1.62
C GLU A 49 15.75 7.91 -0.65
N HIS A 50 15.52 8.36 0.58
CA HIS A 50 16.53 8.30 1.62
C HIS A 50 16.56 6.91 2.29
N CYS A 51 15.70 6.00 1.81
CA CYS A 51 15.66 4.64 2.34
C CYS A 51 16.24 3.73 1.29
N ILE A 52 15.78 3.94 0.05
CA ILE A 52 16.24 3.21 -1.09
C ILE A 52 17.74 3.44 -1.29
N LYS A 53 18.16 4.71 -1.23
CA LYS A 53 19.57 5.07 -1.40
C LYS A 53 20.43 4.36 -0.36
N ARG A 54 19.88 4.20 0.84
CA ARG A 54 20.61 3.55 1.93
C ARG A 54 20.80 2.07 1.64
N LEU A 55 19.71 1.41 1.22
CA LEU A 55 19.76 0.00 0.91
C LEU A 55 20.76 -0.28 -0.22
N THR A 56 20.93 0.69 -1.11
CA THR A 56 21.86 0.55 -2.20
C THR A 56 23.29 0.69 -1.71
N ALA A 57 23.47 1.51 -0.67
CA ALA A 57 24.79 1.73 -0.08
C ALA A 57 25.25 0.48 0.66
N LEU A 58 24.34 -0.13 1.41
CA LEU A 58 24.64 -1.33 2.17
C LEU A 58 24.60 -2.57 1.28
N ASN A 59 23.79 -2.51 0.21
CA ASN A 59 23.64 -3.61 -0.74
C ASN A 59 23.50 -4.97 -0.03
N LYS A 60 22.30 -5.22 0.49
CA LYS A 60 22.03 -6.47 1.19
C LYS A 60 20.55 -6.56 1.61
N PRO A 61 19.77 -7.54 1.11
CA PRO A 61 20.25 -8.56 0.17
C PRO A 61 20.50 -8.01 -1.24
N PHE A 62 19.43 -7.86 -2.03
CA PHE A 62 19.56 -7.33 -3.39
C PHE A 62 18.38 -6.44 -3.74
N LYS A 63 17.23 -7.05 -3.99
CA LYS A 63 16.02 -6.31 -4.34
C LYS A 63 15.24 -5.92 -3.10
N TYR A 64 14.93 -4.64 -2.98
CA TYR A 64 14.18 -4.14 -1.82
C TYR A 64 13.07 -3.18 -2.25
N VAL A 65 11.97 -3.21 -1.51
CA VAL A 65 10.84 -2.32 -1.78
C VAL A 65 10.72 -1.29 -0.67
N VAL A 66 10.37 -0.07 -1.02
CA VAL A 66 10.22 0.99 -0.02
C VAL A 66 8.94 1.77 -0.23
N THR A 67 7.96 1.58 0.64
CA THR A 67 6.70 2.31 0.53
C THR A 67 6.24 2.80 1.88
N CYS A 68 5.41 3.83 1.87
CA CYS A 68 4.90 4.41 3.09
C CYS A 68 3.54 5.05 2.88
N ILE A 69 2.77 5.14 3.95
CA ILE A 69 1.45 5.71 3.90
C ILE A 69 1.27 6.71 5.05
N ILE A 70 0.68 7.86 4.76
CA ILE A 70 0.45 8.89 5.76
C ILE A 70 -1.01 8.94 6.18
N MET A 71 -1.26 8.71 7.47
CA MET A 71 -2.62 8.73 8.00
C MET A 71 -2.85 9.96 8.88
N GLN A 72 -3.80 10.79 8.48
CA GLN A 72 -4.14 12.00 9.22
C GLN A 72 -4.48 11.67 10.67
N LYS A 73 -4.26 12.63 11.57
CA LYS A 73 -4.54 12.43 13.00
C LYS A 73 -5.93 11.78 13.22
N ASN A 74 -5.93 10.46 13.37
CA ASN A 74 -7.15 9.67 13.55
C ASN A 74 -8.16 10.02 12.46
N GLY A 75 -9.06 10.98 12.74
CA GLY A 75 -10.06 11.46 11.78
C GLY A 75 -10.42 10.51 10.64
N ALA A 76 -9.51 10.41 9.67
CA ALA A 76 -9.72 9.55 8.51
C ALA A 76 -9.32 8.10 8.79
N GLY A 77 -10.12 7.17 8.27
CA GLY A 77 -9.83 5.77 8.45
C GLY A 77 -9.94 4.98 7.16
N LEU A 78 -8.80 4.55 6.62
CA LEU A 78 -8.77 3.80 5.37
C LEU A 78 -8.28 2.38 5.59
N HIS A 79 -8.89 1.43 4.89
CA HIS A 79 -8.51 0.02 4.99
C HIS A 79 -7.95 -0.49 3.67
N THR A 80 -6.99 -1.40 3.75
CA THR A 80 -6.38 -1.96 2.55
C THR A 80 -6.43 -3.49 2.58
N ALA A 81 -6.42 -4.10 1.40
CA ALA A 81 -6.46 -5.55 1.28
C ALA A 81 -5.47 -6.02 0.23
N ALA A 82 -4.95 -7.23 0.38
CA ALA A 82 -3.99 -7.74 -0.58
C ALA A 82 -3.88 -9.26 -0.57
N SER A 83 -3.57 -9.79 -1.74
CA SER A 83 -3.40 -11.22 -1.95
C SER A 83 -2.28 -11.45 -2.95
N CYS A 84 -1.21 -12.10 -2.51
CA CYS A 84 -0.07 -12.35 -3.39
C CYS A 84 0.04 -13.82 -3.77
N TRP A 85 0.60 -14.07 -4.96
CA TRP A 85 0.77 -15.43 -5.44
C TRP A 85 1.94 -16.10 -4.72
N TRP A 86 2.47 -17.18 -5.31
CA TRP A 86 3.59 -17.89 -4.70
C TRP A 86 4.93 -17.28 -5.13
N ASP A 87 5.84 -17.15 -4.17
CA ASP A 87 7.17 -16.58 -4.43
C ASP A 87 7.99 -16.50 -3.14
N SER A 88 8.93 -17.43 -2.98
CA SER A 88 9.77 -17.47 -1.79
C SER A 88 10.93 -16.48 -1.90
N THR A 89 11.39 -16.25 -3.12
CA THR A 89 12.51 -15.33 -3.36
C THR A 89 12.14 -13.90 -2.97
N THR A 90 10.98 -13.46 -3.41
CA THR A 90 10.50 -12.12 -3.12
C THR A 90 9.70 -12.11 -1.83
N ASP A 91 10.39 -12.35 -0.71
CA ASP A 91 9.72 -12.37 0.59
C ASP A 91 10.50 -11.61 1.65
N GLY A 92 9.85 -10.63 2.26
CA GLY A 92 10.45 -9.83 3.30
C GLY A 92 9.40 -9.10 4.11
N SER A 93 8.82 -8.06 3.50
CA SER A 93 7.76 -7.26 4.12
C SER A 93 8.03 -6.89 5.58
N ARG A 94 8.34 -5.62 5.80
CA ARG A 94 8.59 -5.11 7.16
C ARG A 94 8.06 -3.69 7.28
N THR A 95 6.88 -3.55 7.89
CA THR A 95 6.24 -2.25 8.06
C THR A 95 6.61 -1.59 9.38
N VAL A 96 6.62 -0.26 9.39
CA VAL A 96 6.95 0.50 10.59
C VAL A 96 5.89 1.56 10.86
N ARG A 97 5.62 1.84 12.13
CA ARG A 97 4.62 2.85 12.48
C ARG A 97 5.22 3.98 13.31
N TRP A 98 5.30 5.15 12.71
CA TRP A 98 5.83 6.34 13.39
C TRP A 98 4.68 7.20 13.91
N GLU A 99 4.94 7.89 15.01
CA GLU A 99 3.94 8.77 15.61
C GLU A 99 4.62 9.98 16.25
N ASN A 100 4.05 11.16 16.04
CA ASN A 100 4.61 12.39 16.59
C ASN A 100 3.73 12.95 17.70
N LYS A 101 2.65 13.64 17.32
CA LYS A 101 1.74 14.23 18.31
C LYS A 101 0.33 13.67 18.15
N SER A 102 -0.10 13.44 16.93
CA SER A 102 -1.44 12.92 16.66
C SER A 102 -1.49 12.11 15.38
N MET A 103 -0.88 12.63 14.33
CA MET A 103 -0.86 11.94 13.04
C MET A 103 0.01 10.69 13.10
N TYR A 104 -0.15 9.81 12.11
CA TYR A 104 0.62 8.58 12.06
C TYR A 104 1.30 8.40 10.70
N CYS A 105 2.56 8.01 10.72
CA CYS A 105 3.32 7.80 9.50
C CYS A 105 3.83 6.36 9.42
N ILE A 106 3.24 5.58 8.52
CA ILE A 106 3.63 4.18 8.36
C ILE A 106 4.54 4.01 7.14
N CYS A 107 5.62 3.26 7.32
CA CYS A 107 6.58 3.02 6.25
C CYS A 107 7.04 1.57 6.27
N THR A 108 6.84 0.87 5.15
CA THR A 108 7.23 -0.53 5.07
C THR A 108 8.34 -0.76 4.06
N VAL A 109 9.13 -1.80 4.32
CA VAL A 109 10.22 -2.17 3.42
C VAL A 109 10.12 -3.64 3.12
N PHE A 110 10.07 -4.00 1.84
CA PHE A 110 9.98 -5.39 1.45
C PHE A 110 11.31 -5.85 0.88
N GLY A 111 12.06 -6.57 1.70
CA GLY A 111 13.36 -7.08 1.29
C GLY A 111 13.21 -8.36 0.50
N LEU A 112 13.19 -8.23 -0.81
CA LEU A 112 13.03 -9.39 -1.69
C LEU A 112 14.38 -9.91 -2.16
N ALA A 113 14.64 -11.20 -1.90
CA ALA A 113 15.89 -11.83 -2.28
C ALA A 113 16.05 -11.86 -3.79
N ILE A 114 16.48 -10.74 -4.36
CA ILE A 114 16.69 -10.63 -5.80
C ILE A 114 15.38 -10.86 -6.56
N MET B 1 -28.04 3.47 -9.72
CA MET B 1 -28.15 4.93 -10.02
C MET B 1 -28.75 5.68 -8.83
N GLU B 2 -28.98 6.98 -9.03
CA GLU B 2 -29.55 7.82 -7.98
C GLU B 2 -28.65 7.86 -6.76
N GLY B 3 -27.71 8.80 -6.77
CA GLY B 3 -26.79 8.93 -5.65
C GLY B 3 -25.58 8.02 -5.78
N VAL B 4 -25.84 6.72 -5.91
CA VAL B 4 -24.78 5.74 -6.05
C VAL B 4 -24.11 5.82 -7.41
N ASP B 5 -22.79 6.01 -7.40
CA ASP B 5 -22.03 6.11 -8.65
C ASP B 5 -20.97 5.00 -8.72
N PRO B 6 -21.24 3.91 -9.45
CA PRO B 6 -20.29 2.79 -9.58
C PRO B 6 -18.93 3.22 -10.14
N ALA B 7 -17.91 3.17 -9.30
CA ALA B 7 -16.54 3.54 -9.68
C ALA B 7 -16.39 5.04 -9.92
N VAL B 8 -17.15 5.58 -10.87
CA VAL B 8 -17.11 7.00 -11.23
C VAL B 8 -15.80 7.31 -11.93
N GLU B 9 -14.71 7.17 -11.20
CA GLU B 9 -13.38 7.46 -11.71
C GLU B 9 -12.45 6.27 -11.53
N GLU B 10 -12.37 5.43 -12.57
CA GLU B 10 -11.52 4.25 -12.53
C GLU B 10 -10.05 4.63 -12.74
N ALA B 11 -9.15 3.86 -12.13
CA ALA B 11 -7.72 4.11 -12.24
C ALA B 11 -7.03 3.01 -13.05
N ALA B 12 -5.83 3.30 -13.53
CA ALA B 12 -5.06 2.34 -14.31
C ALA B 12 -5.77 1.98 -15.62
N PHE B 13 -5.00 1.82 -16.68
CA PHE B 13 -5.56 1.47 -17.98
C PHE B 13 -4.66 0.50 -18.73
N VAL B 14 -3.92 -0.31 -17.98
CA VAL B 14 -3.02 -1.30 -18.59
C VAL B 14 -3.44 -2.71 -18.22
N ALA B 15 -3.24 -3.65 -19.14
CA ALA B 15 -3.60 -5.04 -18.91
C ALA B 15 -5.10 -5.17 -18.64
N ASP B 16 -5.89 -5.09 -19.71
CA ASP B 16 -7.34 -5.18 -19.60
C ASP B 16 -7.78 -6.45 -18.88
N ASP B 17 -7.18 -7.59 -19.27
CA ASP B 17 -7.52 -8.87 -18.66
C ASP B 17 -7.36 -8.85 -17.15
N VAL B 18 -6.32 -8.18 -16.67
CA VAL B 18 -6.06 -8.09 -15.24
C VAL B 18 -6.92 -7.01 -14.61
N SER B 19 -7.23 -5.97 -15.38
CA SER B 19 -8.04 -4.87 -14.89
C SER B 19 -9.46 -5.31 -14.58
N ASN B 20 -10.06 -6.08 -15.47
CA ASN B 20 -11.43 -6.54 -15.27
C ASN B 20 -11.53 -7.56 -14.13
N ILE B 21 -10.51 -8.41 -13.98
CA ILE B 21 -10.52 -9.42 -12.92
C ILE B 21 -10.69 -8.79 -11.54
N ILE B 22 -9.84 -7.82 -11.22
CA ILE B 22 -9.92 -7.17 -9.92
C ILE B 22 -11.27 -6.49 -9.73
N LYS B 23 -11.69 -5.66 -10.69
CA LYS B 23 -12.96 -4.97 -10.60
C LYS B 23 -14.09 -5.96 -10.54
N GLU B 24 -14.12 -6.86 -11.50
CA GLU B 24 -15.14 -7.90 -11.58
C GLU B 24 -15.26 -8.61 -10.23
N SER B 25 -14.13 -8.76 -9.56
CA SER B 25 -14.09 -9.39 -8.26
C SER B 25 -14.76 -8.51 -7.21
N ILE B 26 -14.43 -7.21 -7.18
CA ILE B 26 -15.05 -6.30 -6.21
C ILE B 26 -16.57 -6.32 -6.38
N ASP B 27 -16.99 -6.29 -7.62
CA ASP B 27 -18.41 -6.31 -7.93
C ASP B 27 -19.09 -7.49 -7.23
N ALA B 28 -18.39 -8.61 -7.16
CA ALA B 28 -18.91 -9.81 -6.51
C ALA B 28 -18.57 -9.86 -5.02
N VAL B 29 -17.31 -9.53 -4.72
CA VAL B 29 -16.79 -9.53 -3.37
C VAL B 29 -17.41 -8.41 -2.52
N LEU B 30 -18.22 -7.53 -3.15
CA LEU B 30 -18.91 -6.46 -2.42
C LEU B 30 -20.42 -6.48 -2.67
N GLN B 31 -20.85 -6.85 -3.88
CA GLN B 31 -22.28 -6.89 -4.18
C GLN B 31 -22.90 -8.22 -3.74
N ASN B 32 -22.06 -9.22 -3.41
CA ASN B 32 -22.52 -10.54 -2.97
C ASN B 32 -23.82 -10.47 -2.14
N GLN B 33 -23.96 -9.41 -1.35
CA GLN B 33 -25.14 -9.23 -0.51
C GLN B 33 -25.47 -7.74 -0.30
N GLN B 34 -24.87 -7.11 0.71
CA GLN B 34 -25.13 -5.70 0.97
C GLN B 34 -23.86 -4.97 1.43
N TYR B 35 -23.99 -3.67 1.71
CA TYR B 35 -22.88 -2.86 2.14
C TYR B 35 -22.72 -2.89 3.66
N SER B 36 -21.64 -3.50 4.13
CA SER B 36 -21.36 -3.60 5.56
C SER B 36 -19.91 -3.19 5.84
N GLU B 37 -19.72 -2.19 6.68
CA GLU B 37 -18.37 -1.71 6.99
C GLU B 37 -17.49 -2.81 7.56
N ALA B 38 -18.05 -3.64 8.43
CA ALA B 38 -17.29 -4.74 9.02
C ALA B 38 -16.71 -5.65 7.95
N LYS B 39 -17.43 -5.75 6.84
CA LYS B 39 -16.99 -6.56 5.71
C LYS B 39 -16.30 -5.72 4.64
N VAL B 40 -16.51 -4.39 4.69
CA VAL B 40 -15.91 -3.47 3.73
C VAL B 40 -14.41 -3.73 3.59
N SER B 41 -13.79 -4.25 4.65
CA SER B 41 -12.36 -4.55 4.63
C SER B 41 -12.13 -6.03 4.38
N GLN B 42 -12.95 -6.87 5.01
CA GLN B 42 -12.82 -8.31 4.85
C GLN B 42 -13.13 -8.73 3.42
N TRP B 43 -14.05 -8.01 2.78
CA TRP B 43 -14.43 -8.31 1.41
C TRP B 43 -13.27 -8.11 0.47
N THR B 44 -12.67 -6.92 0.53
CA THR B 44 -11.56 -6.58 -0.34
C THR B 44 -10.45 -7.64 -0.25
N SER B 45 -10.39 -8.33 0.89
CA SER B 45 -9.41 -9.39 1.08
C SER B 45 -9.86 -10.58 0.25
N SER B 46 -11.18 -10.83 0.27
CA SER B 46 -11.78 -11.89 -0.52
C SER B 46 -11.57 -11.57 -2.00
N CYS B 47 -11.61 -10.27 -2.31
CA CYS B 47 -11.38 -9.78 -3.66
C CYS B 47 -9.99 -10.22 -4.08
N LEU B 48 -9.06 -10.08 -3.16
CA LEU B 48 -7.69 -10.43 -3.39
C LEU B 48 -7.55 -11.91 -3.65
N GLU B 49 -8.34 -12.71 -2.97
CA GLU B 49 -8.32 -14.14 -3.22
C GLU B 49 -9.08 -14.44 -4.50
N HIS B 50 -10.11 -13.64 -4.76
CA HIS B 50 -10.92 -13.78 -5.96
C HIS B 50 -10.27 -13.06 -7.15
N CYS B 51 -9.09 -12.46 -6.93
CA CYS B 51 -8.36 -11.77 -7.98
C CYS B 51 -7.15 -12.61 -8.31
N ILE B 52 -6.48 -13.04 -7.26
CA ILE B 52 -5.31 -13.89 -7.36
C ILE B 52 -5.70 -15.21 -8.01
N LYS B 53 -6.79 -15.82 -7.55
CA LYS B 53 -7.27 -17.08 -8.10
C LYS B 53 -7.55 -16.95 -9.60
N ARG B 54 -8.03 -15.79 -10.01
CA ARG B 54 -8.35 -15.54 -11.40
C ARG B 54 -7.07 -15.47 -12.23
N LEU B 55 -6.09 -14.74 -11.74
CA LEU B 55 -4.83 -14.59 -12.44
C LEU B 55 -4.15 -15.95 -12.62
N THR B 56 -4.40 -16.86 -11.68
CA THR B 56 -3.82 -18.19 -11.73
C THR B 56 -4.54 -19.02 -12.79
N ALA B 57 -5.83 -18.75 -12.96
CA ALA B 57 -6.64 -19.46 -13.94
C ALA B 57 -6.23 -19.06 -15.36
N LEU B 58 -6.03 -17.76 -15.56
CA LEU B 58 -5.63 -17.25 -16.86
C LEU B 58 -4.13 -17.43 -17.09
N ASN B 59 -3.36 -17.46 -16.00
CA ASN B 59 -1.91 -17.64 -16.06
C ASN B 59 -1.27 -16.77 -17.15
N LYS B 60 -1.12 -15.47 -16.85
CA LYS B 60 -0.53 -14.53 -17.80
C LYS B 60 -0.41 -13.14 -17.18
N PRO B 61 0.83 -12.59 -17.01
CA PRO B 61 2.07 -13.25 -17.41
C PRO B 61 2.45 -14.42 -16.49
N PHE B 62 3.04 -14.11 -15.33
CA PHE B 62 3.44 -15.14 -14.38
C PHE B 62 3.21 -14.67 -12.95
N LYS B 63 4.09 -13.79 -12.48
CA LYS B 63 3.99 -13.26 -11.12
C LYS B 63 3.11 -12.01 -11.08
N TYR B 64 2.12 -12.03 -10.19
CA TYR B 64 1.20 -10.90 -10.07
C TYR B 64 0.96 -10.55 -8.61
N VAL B 65 0.78 -9.26 -8.34
CA VAL B 65 0.52 -8.77 -6.99
C VAL B 65 -0.92 -8.29 -6.90
N VAL B 66 -1.57 -8.54 -5.78
CA VAL B 66 -2.95 -8.09 -5.59
C VAL B 66 -3.14 -7.42 -4.24
N THR B 67 -3.32 -6.12 -4.23
CA THR B 67 -3.54 -5.39 -2.98
C THR B 67 -4.64 -4.37 -3.12
N CYS B 68 -5.24 -4.00 -2.01
CA CYS B 68 -6.32 -3.04 -2.01
C CYS B 68 -6.38 -2.29 -0.68
N ILE B 69 -6.92 -1.08 -0.74
CA ILE B 69 -7.05 -0.24 0.44
C ILE B 69 -8.48 0.34 0.51
N ILE B 70 -9.04 0.32 1.71
CA ILE B 70 -10.39 0.83 1.92
C ILE B 70 -10.37 2.19 2.61
N MET B 71 -10.92 3.19 1.95
CA MET B 71 -10.96 4.55 2.50
C MET B 71 -12.39 4.93 2.89
N GLN B 72 -12.57 5.22 4.18
CA GLN B 72 -13.88 5.61 4.70
C GLN B 72 -14.43 6.81 3.94
N LYS B 73 -15.76 6.94 3.91
CA LYS B 73 -16.40 8.04 3.19
C LYS B 73 -15.75 9.39 3.53
N ASN B 74 -14.82 9.82 2.66
CA ASN B 74 -14.06 11.07 2.84
C ASN B 74 -13.45 11.10 4.24
N GLY B 75 -14.15 11.72 5.20
CA GLY B 75 -13.73 11.79 6.61
C GLY B 75 -12.24 11.63 6.87
N ALA B 76 -11.77 10.39 6.77
CA ALA B 76 -10.35 10.08 7.01
C ALA B 76 -9.50 10.30 5.76
N GLY B 77 -8.31 10.84 5.97
CA GLY B 77 -7.40 11.09 4.86
C GLY B 77 -5.99 10.60 5.16
N LEU B 78 -5.59 9.52 4.50
CA LEU B 78 -4.27 8.94 4.70
C LEU B 78 -3.42 9.05 3.44
N HIS B 79 -2.13 9.34 3.62
CA HIS B 79 -1.20 9.47 2.51
C HIS B 79 -0.12 8.39 2.58
N THR B 80 0.32 7.92 1.41
CA THR B 80 1.34 6.89 1.34
C THR B 80 2.50 7.33 0.46
N ALA B 81 3.68 6.77 0.72
CA ALA B 81 4.87 7.10 -0.06
C ALA B 81 5.65 5.84 -0.37
N ALA B 82 6.38 5.83 -1.49
CA ALA B 82 7.14 4.66 -1.86
C ALA B 82 8.28 4.97 -2.83
N SER B 83 9.33 4.16 -2.71
CA SER B 83 10.51 4.28 -3.54
C SER B 83 11.05 2.88 -3.83
N CYS B 84 11.05 2.48 -5.09
CA CYS B 84 11.53 1.15 -5.46
C CYS B 84 12.86 1.21 -6.19
N TRP B 85 13.64 0.15 -6.06
CA TRP B 85 14.94 0.07 -6.70
C TRP B 85 14.76 -0.24 -8.19
N TRP B 86 15.82 -0.72 -8.84
CA TRP B 86 15.76 -1.04 -10.26
C TRP B 86 15.27 -2.46 -10.48
N ASP B 87 14.38 -2.63 -11.47
CA ASP B 87 13.83 -3.94 -11.79
C ASP B 87 12.81 -3.82 -12.93
N SER B 88 13.22 -4.22 -14.13
CA SER B 88 12.34 -4.16 -15.30
C SER B 88 11.40 -5.36 -15.36
N THR B 89 11.87 -6.49 -14.85
CA THR B 89 11.07 -7.72 -14.86
C THR B 89 9.81 -7.56 -14.01
N THR B 90 10.00 -7.05 -12.79
CA THR B 90 8.90 -6.85 -11.86
C THR B 90 8.28 -5.47 -12.06
N ASP B 91 7.63 -5.27 -13.22
CA ASP B 91 7.01 -3.99 -13.52
C ASP B 91 5.61 -4.15 -14.11
N GLY B 92 4.65 -3.53 -13.45
CA GLY B 92 3.27 -3.58 -13.90
C GLY B 92 2.45 -2.48 -13.26
N SER B 93 2.14 -2.66 -11.97
CA SER B 93 1.39 -1.68 -11.18
C SER B 93 0.16 -1.12 -11.91
N ARG B 94 -1.02 -1.54 -11.46
CA ARG B 94 -2.28 -1.06 -12.04
C ARG B 94 -3.33 -0.94 -10.93
N THR B 95 -3.55 0.29 -10.46
CA THR B 95 -4.51 0.55 -9.39
C THR B 95 -5.89 0.90 -9.94
N VAL B 96 -6.92 0.56 -9.17
CA VAL B 96 -8.30 0.83 -9.55
C VAL B 96 -9.04 1.52 -8.42
N ARG B 97 -9.97 2.41 -8.76
CA ARG B 97 -10.73 3.14 -7.76
C ARG B 97 -12.23 2.88 -7.89
N TRP B 98 -12.79 2.17 -6.92
CA TRP B 98 -14.22 1.86 -6.91
C TRP B 98 -14.95 2.84 -5.99
N GLU B 99 -16.20 3.12 -6.30
CA GLU B 99 -17.02 4.02 -5.51
C GLU B 99 -18.49 3.57 -5.54
N ASN B 100 -19.13 3.59 -4.38
CA ASN B 100 -20.53 3.17 -4.29
C ASN B 100 -21.44 4.37 -4.02
N LYS B 101 -21.51 4.79 -2.76
CA LYS B 101 -22.36 5.92 -2.38
C LYS B 101 -21.54 7.06 -1.77
N SER B 102 -20.52 6.71 -0.98
CA SER B 102 -19.68 7.72 -0.35
C SER B 102 -18.27 7.20 -0.12
N MET B 103 -18.16 5.98 0.39
CA MET B 103 -16.84 5.38 0.65
C MET B 103 -16.13 5.06 -0.65
N TYR B 104 -14.82 4.82 -0.55
CA TYR B 104 -14.02 4.50 -1.72
C TYR B 104 -13.20 3.23 -1.50
N CYS B 105 -13.19 2.37 -2.52
CA CYS B 105 -12.43 1.12 -2.45
C CYS B 105 -11.40 1.04 -3.56
N ILE B 106 -10.13 1.15 -3.19
CA ILE B 106 -9.05 1.11 -4.16
C ILE B 106 -8.38 -0.27 -4.18
N CYS B 107 -8.15 -0.79 -5.37
CA CYS B 107 -7.52 -2.10 -5.52
C CYS B 107 -6.52 -2.07 -6.67
N THR B 108 -5.26 -2.40 -6.38
CA THR B 108 -4.22 -2.40 -7.40
C THR B 108 -3.68 -3.80 -7.67
N VAL B 109 -3.21 -4.00 -8.88
CA VAL B 109 -2.62 -5.26 -9.29
C VAL B 109 -1.28 -4.99 -9.95
N PHE B 110 -0.23 -5.62 -9.44
CA PHE B 110 1.09 -5.43 -10.00
C PHE B 110 1.50 -6.67 -10.77
N GLY B 111 1.39 -6.58 -12.10
CA GLY B 111 1.75 -7.68 -12.96
C GLY B 111 3.24 -7.72 -13.21
N LEU B 112 3.95 -8.52 -12.42
CA LEU B 112 5.39 -8.62 -12.55
C LEU B 112 5.79 -9.80 -13.43
N ALA B 113 6.56 -9.51 -14.47
CA ALA B 113 7.00 -10.55 -15.40
C ALA B 113 7.90 -11.56 -14.72
N ILE B 114 7.28 -12.51 -14.01
CA ILE B 114 8.03 -13.53 -13.31
C ILE B 114 8.95 -12.93 -12.25
N MET A 1 7.14 20.26 25.63
CA MET A 1 7.28 19.01 24.84
C MET A 1 6.70 17.81 25.58
N GLU A 2 5.61 18.03 26.29
CA GLU A 2 4.95 16.97 27.04
C GLU A 2 3.70 16.47 26.31
N GLY A 3 3.73 15.22 25.87
CA GLY A 3 2.60 14.65 25.17
C GLY A 3 3.00 13.98 23.87
N VAL A 4 4.08 14.46 23.27
CA VAL A 4 4.57 13.89 22.01
C VAL A 4 5.18 12.52 22.23
N ASP A 5 4.60 11.50 21.60
CA ASP A 5 5.09 10.14 21.74
C ASP A 5 5.72 9.66 20.42
N PRO A 6 7.07 9.67 20.32
CA PRO A 6 7.77 9.23 19.11
C PRO A 6 7.59 7.74 18.82
N ALA A 7 7.05 7.44 17.65
CA ALA A 7 6.81 6.05 17.24
C ALA A 7 5.71 5.41 18.06
N VAL A 8 5.97 5.24 19.35
CA VAL A 8 5.00 4.63 20.27
C VAL A 8 4.85 3.16 19.98
N GLU A 9 4.28 2.87 18.81
CA GLU A 9 4.03 1.52 18.38
C GLU A 9 4.90 1.15 17.18
N GLU A 10 6.06 0.58 17.45
CA GLU A 10 6.98 0.19 16.38
C GLU A 10 6.50 -1.08 15.70
N ALA A 11 6.29 -1.00 14.39
CA ALA A 11 5.84 -2.14 13.61
C ALA A 11 7.00 -2.90 13.00
N ALA A 12 6.75 -4.13 12.58
CA ALA A 12 7.78 -4.98 11.99
C ALA A 12 8.90 -5.27 12.98
N PHE A 13 9.18 -6.56 13.18
CA PHE A 13 10.22 -6.97 14.11
C PHE A 13 11.42 -7.57 13.36
N VAL A 14 11.16 -8.14 12.19
CA VAL A 14 12.21 -8.74 11.39
C VAL A 14 12.90 -7.72 10.51
N ALA A 15 14.11 -8.03 10.07
CA ALA A 15 14.88 -7.13 9.21
C ALA A 15 15.18 -5.81 9.94
N ASP A 16 15.76 -5.92 11.13
CA ASP A 16 16.10 -4.74 11.92
C ASP A 16 17.07 -3.83 11.16
N ASP A 17 17.92 -4.46 10.34
CA ASP A 17 18.90 -3.72 9.55
C ASP A 17 18.20 -2.68 8.67
N VAL A 18 17.09 -3.07 8.05
CA VAL A 18 16.33 -2.19 7.20
C VAL A 18 15.41 -1.29 8.03
N SER A 19 14.94 -1.82 9.15
CA SER A 19 14.05 -1.08 10.04
C SER A 19 14.69 0.22 10.51
N ASN A 20 15.96 0.16 10.90
CA ASN A 20 16.66 1.37 11.37
C ASN A 20 16.85 2.37 10.24
N ILE A 21 17.09 1.88 9.03
CA ILE A 21 17.29 2.74 7.87
C ILE A 21 16.10 3.66 7.65
N ILE A 22 14.90 3.09 7.61
CA ILE A 22 13.70 3.89 7.38
C ILE A 22 13.46 4.89 8.50
N LYS A 23 13.53 4.45 9.75
CA LYS A 23 13.31 5.34 10.89
C LYS A 23 14.29 6.48 10.87
N GLU A 24 15.57 6.13 10.81
CA GLU A 24 16.64 7.12 10.75
C GLU A 24 16.36 8.13 9.64
N SER A 25 15.75 7.64 8.56
CA SER A 25 15.40 8.49 7.42
C SER A 25 14.23 9.40 7.75
N ILE A 26 13.16 8.86 8.37
CA ILE A 26 12.00 9.69 8.72
C ILE A 26 12.46 10.82 9.64
N ASP A 27 13.35 10.47 10.57
CA ASP A 27 13.88 11.44 11.49
C ASP A 27 14.41 12.66 10.74
N ALA A 28 15.02 12.41 9.60
CA ALA A 28 15.55 13.46 8.75
C ALA A 28 14.53 13.96 7.73
N VAL A 29 13.84 13.02 7.11
CA VAL A 29 12.84 13.29 6.10
C VAL A 29 11.62 14.02 6.71
N LEU A 30 11.55 14.09 8.05
CA LEU A 30 10.45 14.78 8.71
C LEU A 30 10.95 15.89 9.65
N GLN A 31 12.12 15.72 10.27
CA GLN A 31 12.63 16.75 11.19
C GLN A 31 13.41 17.84 10.47
N ASN A 32 13.89 17.57 9.26
CA ASN A 32 14.66 18.58 8.51
C ASN A 32 13.89 19.90 8.39
N GLN A 33 12.56 19.84 8.51
CA GLN A 33 11.73 21.04 8.40
C GLN A 33 10.55 20.96 9.39
N GLN A 34 9.65 21.94 9.32
CA GLN A 34 8.50 21.98 10.20
C GLN A 34 7.40 21.04 9.71
N TYR A 35 6.28 21.02 10.44
CA TYR A 35 5.16 20.17 10.09
C TYR A 35 4.21 20.86 9.09
N SER A 36 4.19 20.34 7.87
CA SER A 36 3.33 20.88 6.82
C SER A 36 2.59 19.75 6.12
N GLU A 37 1.28 19.88 5.99
CA GLU A 37 0.48 18.84 5.33
C GLU A 37 0.97 18.57 3.91
N ALA A 38 1.32 19.63 3.20
CA ALA A 38 1.83 19.50 1.83
C ALA A 38 3.05 18.60 1.81
N LYS A 39 3.79 18.61 2.92
CA LYS A 39 5.00 17.82 3.07
C LYS A 39 4.70 16.49 3.78
N VAL A 40 3.57 16.43 4.49
CA VAL A 40 3.17 15.23 5.22
C VAL A 40 3.20 13.97 4.31
N SER A 41 3.05 14.18 3.01
CA SER A 41 3.06 13.06 2.06
C SER A 41 4.31 13.10 1.18
N GLN A 42 4.83 14.29 0.95
CA GLN A 42 6.02 14.45 0.12
C GLN A 42 7.27 14.02 0.89
N TRP A 43 7.27 14.23 2.20
CA TRP A 43 8.41 13.85 3.02
C TRP A 43 8.66 12.36 2.90
N THR A 44 7.65 11.57 3.21
CA THR A 44 7.76 10.11 3.14
C THR A 44 8.23 9.68 1.74
N SER A 45 8.00 10.54 0.75
CA SER A 45 8.44 10.27 -0.61
C SER A 45 9.96 10.42 -0.64
N SER A 46 10.45 11.43 0.08
CA SER A 46 11.88 11.67 0.21
C SER A 46 12.48 10.58 1.06
N CYS A 47 11.72 10.10 2.03
CA CYS A 47 12.18 9.03 2.89
C CYS A 47 12.35 7.77 2.06
N LEU A 48 11.43 7.58 1.12
CA LEU A 48 11.48 6.45 0.23
C LEU A 48 12.74 6.53 -0.62
N GLU A 49 13.11 7.73 -1.02
CA GLU A 49 14.34 7.89 -1.78
C GLU A 49 15.53 7.81 -0.84
N HIS A 50 15.34 8.28 0.38
CA HIS A 50 16.39 8.23 1.39
C HIS A 50 16.41 6.85 2.09
N CYS A 51 15.54 5.94 1.64
CA CYS A 51 15.47 4.60 2.18
C CYS A 51 16.04 3.66 1.14
N ILE A 52 15.56 3.87 -0.09
CA ILE A 52 16.01 3.10 -1.22
C ILE A 52 17.50 3.32 -1.47
N LYS A 53 17.92 4.59 -1.46
CA LYS A 53 19.33 4.95 -1.68
C LYS A 53 20.23 4.27 -0.67
N ARG A 54 19.73 4.09 0.54
CA ARG A 54 20.51 3.46 1.60
C ARG A 54 20.59 1.95 1.37
N LEU A 55 19.46 1.37 1.01
CA LEU A 55 19.38 -0.06 0.74
C LEU A 55 20.33 -0.45 -0.39
N THR A 56 20.57 0.48 -1.30
CA THR A 56 21.46 0.23 -2.42
C THR A 56 22.90 0.19 -1.92
N ALA A 57 23.17 1.03 -0.91
CA ALA A 57 24.50 1.08 -0.31
C ALA A 57 24.80 -0.23 0.40
N LEU A 58 23.79 -0.76 1.10
CA LEU A 58 23.94 -2.02 1.81
C LEU A 58 23.92 -3.19 0.83
N ASN A 59 23.04 -3.10 -0.16
CA ASN A 59 22.88 -4.13 -1.19
C ASN A 59 22.89 -5.54 -0.61
N LYS A 60 21.88 -5.87 0.17
CA LYS A 60 21.78 -7.19 0.79
C LYS A 60 20.46 -7.35 1.56
N PRO A 61 19.41 -7.91 0.93
CA PRO A 61 19.43 -8.37 -0.47
C PRO A 61 19.39 -7.22 -1.47
N PHE A 62 19.16 -7.53 -2.74
CA PHE A 62 19.10 -6.53 -3.79
C PHE A 62 17.67 -6.04 -4.00
N LYS A 63 16.79 -6.95 -4.39
CA LYS A 63 15.38 -6.61 -4.64
C LYS A 63 14.75 -5.97 -3.39
N TYR A 64 14.76 -4.65 -3.35
CA TYR A 64 14.20 -3.92 -2.20
C TYR A 64 13.10 -2.95 -2.65
N VAL A 65 11.92 -3.09 -2.04
CA VAL A 65 10.81 -2.18 -2.34
C VAL A 65 10.60 -1.27 -1.15
N VAL A 66 10.21 -0.03 -1.40
CA VAL A 66 9.98 0.91 -0.32
C VAL A 66 8.66 1.64 -0.48
N THR A 67 7.67 1.26 0.32
CA THR A 67 6.37 1.94 0.26
C THR A 67 5.95 2.43 1.63
N CYS A 68 5.14 3.47 1.63
CA CYS A 68 4.66 4.07 2.87
C CYS A 68 3.30 4.73 2.68
N ILE A 69 2.56 4.84 3.76
CA ILE A 69 1.25 5.45 3.74
C ILE A 69 1.13 6.47 4.87
N ILE A 70 0.48 7.60 4.59
CA ILE A 70 0.31 8.65 5.59
C ILE A 70 -1.10 8.68 6.16
N MET A 71 -1.20 8.79 7.47
CA MET A 71 -2.50 8.83 8.15
C MET A 71 -2.68 10.16 8.88
N GLN A 72 -3.53 11.02 8.34
CA GLN A 72 -3.78 12.33 8.93
C GLN A 72 -4.87 12.25 10.00
N LYS A 73 -4.81 13.15 10.97
CA LYS A 73 -5.77 13.19 12.06
C LYS A 73 -5.73 11.92 12.89
N ASN A 74 -5.86 12.07 14.21
CA ASN A 74 -5.84 10.93 15.12
C ASN A 74 -7.24 10.38 15.35
N GLY A 75 -7.56 9.29 14.67
CA GLY A 75 -8.87 8.68 14.81
C GLY A 75 -9.32 7.94 13.57
N ALA A 76 -8.83 8.39 12.41
CA ALA A 76 -9.18 7.77 11.15
C ALA A 76 -8.57 6.38 11.02
N GLY A 77 -9.42 5.38 10.84
CA GLY A 77 -8.94 4.02 10.71
C GLY A 77 -8.19 3.78 9.41
N LEU A 78 -7.18 2.92 9.46
CA LEU A 78 -6.38 2.63 8.27
C LEU A 78 -6.07 1.13 8.19
N HIS A 79 -6.22 0.58 6.99
CA HIS A 79 -5.95 -0.84 6.77
C HIS A 79 -5.49 -1.08 5.34
N THR A 80 -4.50 -1.98 5.19
CA THR A 80 -3.96 -2.30 3.87
C THR A 80 -4.01 -3.79 3.60
N ALA A 81 -4.07 -4.16 2.33
CA ALA A 81 -4.11 -5.57 1.93
C ALA A 81 -3.25 -5.77 0.70
N ALA A 82 -2.56 -6.90 0.62
CA ALA A 82 -1.71 -7.15 -0.53
C ALA A 82 -1.40 -8.62 -0.73
N SER A 83 -1.64 -9.08 -1.95
CA SER A 83 -1.37 -10.45 -2.32
C SER A 83 -0.23 -10.46 -3.33
N CYS A 84 0.88 -11.08 -2.96
CA CYS A 84 2.04 -11.13 -3.83
C CYS A 84 2.11 -12.46 -4.58
N TRP A 85 2.53 -12.40 -5.84
CA TRP A 85 2.63 -13.62 -6.65
C TRP A 85 3.85 -14.46 -6.28
N TRP A 86 4.68 -13.97 -5.35
CA TRP A 86 5.87 -14.69 -4.93
C TRP A 86 5.92 -14.81 -3.40
N ASP A 87 6.89 -15.55 -2.90
CA ASP A 87 7.05 -15.73 -1.46
C ASP A 87 8.38 -16.38 -1.11
N SER A 88 8.75 -17.40 -1.88
CA SER A 88 9.99 -18.13 -1.64
C SER A 88 11.19 -17.20 -1.77
N THR A 89 11.07 -16.18 -2.63
CA THR A 89 12.15 -15.23 -2.84
C THR A 89 11.79 -13.88 -2.21
N THR A 90 10.56 -13.44 -2.44
CA THR A 90 10.08 -12.17 -1.92
C THR A 90 9.72 -12.29 -0.44
N ASP A 91 10.74 -12.25 0.41
CA ASP A 91 10.53 -12.36 1.85
C ASP A 91 11.25 -11.25 2.62
N GLY A 92 10.63 -10.08 2.68
CA GLY A 92 11.23 -8.96 3.39
C GLY A 92 10.22 -7.96 3.94
N SER A 93 9.06 -7.83 3.29
CA SER A 93 8.00 -6.89 3.70
C SER A 93 7.90 -6.70 5.21
N ARG A 94 8.23 -5.49 5.65
CA ARG A 94 8.16 -5.13 7.07
C ARG A 94 7.71 -3.68 7.21
N THR A 95 6.54 -3.47 7.82
CA THR A 95 5.99 -2.12 7.99
C THR A 95 6.40 -1.49 9.31
N VAL A 96 6.51 -0.16 9.29
CA VAL A 96 6.88 0.61 10.47
C VAL A 96 5.84 1.70 10.73
N ARG A 97 5.59 2.00 11.99
CA ARG A 97 4.60 3.02 12.34
C ARG A 97 5.21 4.14 13.19
N TRP A 98 5.33 5.33 12.58
CA TRP A 98 5.87 6.49 13.27
C TRP A 98 4.70 7.35 13.77
N GLU A 99 4.83 7.87 14.99
CA GLU A 99 3.79 8.71 15.58
C GLU A 99 4.41 9.80 16.44
N ASN A 100 3.75 10.96 16.47
CA ASN A 100 4.24 12.10 17.25
C ASN A 100 3.16 12.61 18.19
N LYS A 101 1.99 12.90 17.64
CA LYS A 101 0.88 13.42 18.43
C LYS A 101 -0.46 13.12 17.78
N SER A 102 -0.55 13.35 16.48
CA SER A 102 -1.78 13.09 15.74
C SER A 102 -1.49 12.54 14.35
N MET A 103 -0.54 13.17 13.65
CA MET A 103 -0.17 12.75 12.31
C MET A 103 0.69 11.48 12.35
N TYR A 104 0.14 10.38 11.85
CA TYR A 104 0.87 9.12 11.83
C TYR A 104 1.41 8.83 10.44
N CYS A 105 2.59 8.22 10.39
CA CYS A 105 3.23 7.88 9.11
C CYS A 105 3.74 6.45 9.12
N ILE A 106 3.16 5.62 8.26
CA ILE A 106 3.55 4.21 8.16
C ILE A 106 4.44 3.99 6.93
N CYS A 107 5.53 3.25 7.13
CA CYS A 107 6.46 2.95 6.04
C CYS A 107 6.92 1.51 6.10
N THR A 108 6.69 0.77 5.02
CA THR A 108 7.09 -0.63 4.94
C THR A 108 8.22 -0.83 3.94
N VAL A 109 9.18 -1.66 4.32
CA VAL A 109 10.31 -1.98 3.46
C VAL A 109 10.21 -3.44 3.04
N PHE A 110 10.22 -3.65 1.74
CA PHE A 110 10.12 -5.00 1.21
C PHE A 110 11.51 -5.51 0.79
N GLY A 111 12.10 -6.30 1.67
CA GLY A 111 13.42 -6.86 1.40
C GLY A 111 13.32 -8.20 0.71
N LEU A 112 13.08 -8.16 -0.60
CA LEU A 112 12.92 -9.36 -1.39
C LEU A 112 14.26 -9.98 -1.74
N ALA A 113 14.39 -11.28 -1.49
CA ALA A 113 15.62 -12.01 -1.78
C ALA A 113 15.88 -12.11 -3.27
N ILE A 114 16.36 -11.02 -3.87
CA ILE A 114 16.65 -11.00 -5.30
C ILE A 114 15.42 -11.36 -6.13
N MET B 1 -32.57 4.62 -5.97
CA MET B 1 -31.17 4.34 -6.38
C MET B 1 -30.58 5.52 -7.13
N GLU B 2 -30.94 6.74 -6.71
CA GLU B 2 -30.44 7.95 -7.34
C GLU B 2 -29.35 8.60 -6.49
N GLY B 3 -28.13 8.62 -7.01
CA GLY B 3 -27.03 9.22 -6.29
C GLY B 3 -25.81 8.32 -6.24
N VAL B 4 -26.04 7.01 -6.30
CA VAL B 4 -24.95 6.04 -6.26
C VAL B 4 -24.17 6.04 -7.57
N ASP B 5 -22.88 6.37 -7.48
CA ASP B 5 -22.03 6.42 -8.65
C ASP B 5 -21.00 5.27 -8.62
N PRO B 6 -21.24 4.19 -9.38
CA PRO B 6 -20.32 3.03 -9.41
C PRO B 6 -18.97 3.38 -10.03
N ALA B 7 -17.91 3.18 -9.26
CA ALA B 7 -16.54 3.47 -9.72
C ALA B 7 -16.31 4.96 -9.86
N VAL B 8 -17.02 5.56 -10.80
CA VAL B 8 -16.91 7.00 -11.08
C VAL B 8 -15.57 7.33 -11.71
N GLU B 9 -14.52 7.14 -10.91
CA GLU B 9 -13.16 7.41 -11.33
C GLU B 9 -12.35 6.12 -11.42
N GLU B 10 -12.33 5.53 -12.61
CA GLU B 10 -11.58 4.30 -12.84
C GLU B 10 -10.08 4.58 -12.93
N ALA B 11 -9.31 3.94 -12.05
CA ALA B 11 -7.86 4.12 -12.03
C ALA B 11 -7.17 3.06 -12.88
N ALA B 12 -5.92 3.32 -13.23
CA ALA B 12 -5.13 2.39 -14.03
C ALA B 12 -5.75 2.20 -15.42
N PHE B 13 -4.95 2.42 -16.45
CA PHE B 13 -5.42 2.27 -17.83
C PHE B 13 -4.76 1.07 -18.50
N VAL B 14 -3.57 0.71 -18.06
CA VAL B 14 -2.84 -0.42 -18.63
C VAL B 14 -3.25 -1.73 -17.97
N ALA B 15 -3.00 -2.84 -18.65
CA ALA B 15 -3.34 -4.15 -18.13
C ALA B 15 -4.86 -4.28 -17.92
N ASP B 16 -5.62 -4.00 -18.96
CA ASP B 16 -7.08 -4.08 -18.90
C ASP B 16 -7.51 -5.50 -18.54
N ASP B 17 -6.73 -6.49 -18.99
CA ASP B 17 -7.03 -7.89 -18.72
C ASP B 17 -7.14 -8.13 -17.22
N VAL B 18 -6.22 -7.55 -16.46
CA VAL B 18 -6.22 -7.70 -15.00
C VAL B 18 -7.21 -6.73 -14.37
N SER B 19 -7.39 -5.57 -15.00
CA SER B 19 -8.29 -4.55 -14.50
C SER B 19 -9.71 -5.09 -14.36
N ASN B 20 -10.18 -5.81 -15.36
CA ASN B 20 -11.54 -6.37 -15.33
C ASN B 20 -11.67 -7.44 -14.24
N ILE B 21 -10.61 -8.23 -14.04
CA ILE B 21 -10.61 -9.28 -13.04
C ILE B 21 -10.92 -8.72 -11.65
N ILE B 22 -10.20 -7.69 -11.25
CA ILE B 22 -10.41 -7.10 -9.92
C ILE B 22 -11.81 -6.50 -9.78
N LYS B 23 -12.25 -5.71 -10.75
CA LYS B 23 -13.56 -5.09 -10.69
C LYS B 23 -14.64 -6.15 -10.60
N GLU B 24 -14.60 -7.07 -11.55
CA GLU B 24 -15.57 -8.17 -11.57
C GLU B 24 -15.60 -8.86 -10.21
N SER B 25 -14.45 -8.91 -9.56
CA SER B 25 -14.32 -9.53 -8.26
C SER B 25 -14.98 -8.67 -7.17
N ILE B 26 -14.70 -7.35 -7.17
CA ILE B 26 -15.31 -6.47 -6.16
C ILE B 26 -16.82 -6.55 -6.27
N ASP B 27 -17.30 -6.60 -7.50
CA ASP B 27 -18.73 -6.71 -7.76
C ASP B 27 -19.32 -7.86 -6.94
N ALA B 28 -18.56 -8.95 -6.86
CA ALA B 28 -18.98 -10.12 -6.11
C ALA B 28 -18.52 -10.07 -4.65
N VAL B 29 -17.28 -9.67 -4.46
CA VAL B 29 -16.66 -9.56 -3.15
C VAL B 29 -17.31 -8.45 -2.31
N LEU B 30 -18.17 -7.63 -2.94
CA LEU B 30 -18.86 -6.57 -2.22
C LEU B 30 -20.39 -6.66 -2.36
N GLN B 31 -20.88 -7.15 -3.50
CA GLN B 31 -22.33 -7.26 -3.69
C GLN B 31 -22.90 -8.55 -3.13
N ASN B 32 -22.07 -9.58 -2.94
CA ASN B 32 -22.55 -10.85 -2.40
C ASN B 32 -23.33 -10.67 -1.09
N GLN B 33 -23.07 -9.57 -0.38
CA GLN B 33 -23.74 -9.30 0.88
C GLN B 33 -24.03 -7.81 1.02
N GLN B 34 -24.54 -7.40 2.18
CA GLN B 34 -24.85 -5.99 2.44
C GLN B 34 -23.60 -5.20 2.81
N TYR B 35 -23.78 -3.91 3.08
CA TYR B 35 -22.67 -3.05 3.45
C TYR B 35 -22.40 -3.09 4.95
N SER B 36 -21.25 -3.66 5.31
CA SER B 36 -20.84 -3.76 6.71
C SER B 36 -19.39 -3.32 6.87
N GLU B 37 -19.13 -2.43 7.81
CA GLU B 37 -17.76 -1.94 8.02
C GLU B 37 -16.80 -3.09 8.33
N ALA B 38 -17.26 -4.05 9.12
CA ALA B 38 -16.44 -5.21 9.45
C ALA B 38 -16.00 -5.94 8.19
N LYS B 39 -16.85 -5.85 7.17
CA LYS B 39 -16.59 -6.49 5.89
C LYS B 39 -15.92 -5.51 4.90
N VAL B 40 -16.08 -4.21 5.17
CA VAL B 40 -15.50 -3.17 4.31
C VAL B 40 -14.01 -3.40 4.04
N SER B 41 -13.34 -4.12 4.94
CA SER B 41 -11.92 -4.41 4.77
C SER B 41 -11.69 -5.89 4.51
N GLN B 42 -12.56 -6.73 5.03
CA GLN B 42 -12.44 -8.17 4.84
C GLN B 42 -12.85 -8.57 3.43
N TRP B 43 -13.80 -7.83 2.86
CA TRP B 43 -14.25 -8.14 1.51
C TRP B 43 -13.09 -8.02 0.53
N THR B 44 -12.46 -6.86 0.51
CA THR B 44 -11.33 -6.63 -0.38
C THR B 44 -10.25 -7.71 -0.18
N SER B 45 -10.26 -8.33 1.00
CA SER B 45 -9.33 -9.41 1.29
C SER B 45 -9.74 -10.63 0.48
N SER B 46 -11.06 -10.83 0.39
CA SER B 46 -11.63 -11.90 -0.39
C SER B 46 -11.45 -11.60 -1.86
N CYS B 47 -11.50 -10.31 -2.20
CA CYS B 47 -11.29 -9.88 -3.57
C CYS B 47 -9.87 -10.20 -3.97
N LEU B 48 -8.96 -10.00 -3.03
CA LEU B 48 -7.57 -10.28 -3.26
C LEU B 48 -7.38 -11.76 -3.52
N GLU B 49 -8.14 -12.59 -2.82
CA GLU B 49 -8.07 -14.01 -3.06
C GLU B 49 -8.83 -14.36 -4.34
N HIS B 50 -9.90 -13.60 -4.59
CA HIS B 50 -10.70 -13.80 -5.80
C HIS B 50 -10.07 -13.06 -6.99
N CYS B 51 -8.91 -12.42 -6.76
CA CYS B 51 -8.19 -11.71 -7.80
C CYS B 51 -6.97 -12.54 -8.15
N ILE B 52 -6.28 -12.94 -7.09
CA ILE B 52 -5.10 -13.76 -7.20
C ILE B 52 -5.45 -15.11 -7.85
N LYS B 53 -6.51 -15.74 -7.36
CA LYS B 53 -6.95 -17.05 -7.88
C LYS B 53 -7.25 -16.97 -9.37
N ARG B 54 -7.74 -15.82 -9.81
CA ARG B 54 -8.06 -15.62 -11.23
C ARG B 54 -6.78 -15.46 -12.04
N LEU B 55 -5.87 -14.65 -11.51
CA LEU B 55 -4.60 -14.40 -12.16
C LEU B 55 -3.82 -15.68 -12.37
N THR B 56 -4.03 -16.64 -11.47
CA THR B 56 -3.36 -17.93 -11.57
C THR B 56 -3.95 -18.71 -12.73
N ALA B 57 -5.25 -18.55 -12.94
CA ALA B 57 -5.94 -19.22 -14.03
C ALA B 57 -5.43 -18.70 -15.37
N LEU B 58 -5.24 -17.38 -15.44
CA LEU B 58 -4.74 -16.76 -16.65
C LEU B 58 -3.24 -17.03 -16.81
N ASN B 59 -2.51 -16.96 -15.70
CA ASN B 59 -1.07 -17.19 -15.66
C ASN B 59 -0.34 -16.50 -16.82
N LYS B 60 -0.34 -15.17 -16.81
CA LYS B 60 0.32 -14.40 -17.86
C LYS B 60 0.25 -12.90 -17.57
N PRO B 61 1.29 -12.32 -16.93
CA PRO B 61 2.49 -13.05 -16.46
C PRO B 61 2.22 -13.91 -15.23
N PHE B 62 3.28 -14.40 -14.61
CA PHE B 62 3.15 -15.23 -13.41
C PHE B 62 3.22 -14.38 -12.14
N LYS B 63 4.35 -13.70 -11.94
CA LYS B 63 4.54 -12.87 -10.76
C LYS B 63 3.43 -11.80 -10.66
N TYR B 64 2.39 -12.11 -9.91
CA TYR B 64 1.27 -11.19 -9.74
C TYR B 64 1.03 -10.86 -8.27
N VAL B 65 1.01 -9.56 -7.96
CA VAL B 65 0.74 -9.12 -6.59
C VAL B 65 -0.62 -8.48 -6.55
N VAL B 66 -1.33 -8.64 -5.46
CA VAL B 66 -2.66 -8.06 -5.34
C VAL B 66 -2.84 -7.32 -4.02
N THR B 67 -2.82 -6.00 -4.07
CA THR B 67 -3.02 -5.22 -2.85
C THR B 67 -4.13 -4.20 -3.03
N CYS B 68 -4.77 -3.84 -1.92
CA CYS B 68 -5.86 -2.89 -1.95
C CYS B 68 -5.96 -2.13 -0.63
N ILE B 69 -6.54 -0.94 -0.68
CA ILE B 69 -6.71 -0.11 0.48
C ILE B 69 -8.15 0.39 0.56
N ILE B 70 -8.70 0.44 1.77
CA ILE B 70 -10.08 0.89 1.95
C ILE B 70 -10.14 2.30 2.53
N MET B 71 -11.00 3.14 1.96
CA MET B 71 -11.16 4.51 2.40
C MET B 71 -12.58 4.76 2.90
N GLN B 72 -12.73 4.86 4.22
CA GLN B 72 -14.03 5.09 4.83
C GLN B 72 -14.38 6.57 4.88
N LYS B 73 -15.68 6.87 4.85
CA LYS B 73 -16.15 8.24 4.89
C LYS B 73 -15.70 9.02 3.66
N ASN B 74 -16.58 9.87 3.13
CA ASN B 74 -16.26 10.67 1.96
C ASN B 74 -15.68 12.02 2.37
N GLY B 75 -14.36 12.14 2.27
CA GLY B 75 -13.70 13.38 2.62
C GLY B 75 -12.28 13.17 3.12
N ALA B 76 -12.03 12.00 3.70
CA ALA B 76 -10.71 11.67 4.22
C ALA B 76 -9.71 11.48 3.10
N GLY B 77 -8.65 12.28 3.12
CA GLY B 77 -7.62 12.18 2.09
C GLY B 77 -6.82 10.89 2.19
N LEU B 78 -6.42 10.36 1.04
CA LEU B 78 -5.64 9.13 1.01
C LEU B 78 -4.51 9.20 -0.01
N HIS B 79 -3.33 8.75 0.39
CA HIS B 79 -2.17 8.77 -0.50
C HIS B 79 -1.22 7.63 -0.16
N THR B 80 -0.65 7.01 -1.20
CA THR B 80 0.27 5.90 -1.02
C THR B 80 1.59 6.16 -1.74
N ALA B 81 2.66 5.55 -1.24
CA ALA B 81 3.98 5.69 -1.83
C ALA B 81 4.70 4.36 -1.82
N ALA B 82 5.47 4.07 -2.86
CA ALA B 82 6.16 2.80 -2.92
C ALA B 82 7.35 2.81 -3.87
N SER B 83 8.49 2.39 -3.35
CA SER B 83 9.71 2.31 -4.12
C SER B 83 10.08 0.84 -4.28
N CYS B 84 10.09 0.36 -5.51
CA CYS B 84 10.41 -1.03 -5.78
C CYS B 84 11.85 -1.19 -6.22
N TRP B 85 12.48 -2.27 -5.77
CA TRP B 85 13.88 -2.53 -6.11
C TRP B 85 14.04 -3.03 -7.55
N TRP B 86 12.92 -3.23 -8.25
CA TRP B 86 12.97 -3.72 -9.62
C TRP B 86 12.12 -2.83 -10.53
N ASP B 87 12.16 -3.09 -11.83
CA ASP B 87 11.39 -2.30 -12.79
C ASP B 87 11.41 -2.95 -14.18
N SER B 88 12.58 -3.44 -14.60
CA SER B 88 12.71 -4.07 -15.90
C SER B 88 11.82 -5.30 -16.01
N THR B 89 11.59 -5.97 -14.88
CA THR B 89 10.75 -7.15 -14.86
C THR B 89 9.41 -6.86 -14.17
N THR B 90 9.49 -6.16 -13.04
CA THR B 90 8.30 -5.80 -12.28
C THR B 90 7.57 -4.62 -12.92
N ASP B 91 6.80 -4.90 -13.97
CA ASP B 91 6.07 -3.86 -14.67
C ASP B 91 4.59 -4.24 -14.86
N GLY B 92 3.80 -4.02 -13.82
CA GLY B 92 2.38 -4.35 -13.91
C GLY B 92 1.49 -3.50 -13.00
N SER B 93 2.04 -3.02 -11.87
CA SER B 93 1.31 -2.21 -10.89
C SER B 93 0.26 -1.28 -11.51
N ARG B 94 -1.00 -1.58 -11.23
CA ARG B 94 -2.12 -0.77 -11.73
C ARG B 94 -3.23 -0.71 -10.68
N THR B 95 -3.49 0.49 -10.18
CA THR B 95 -4.50 0.67 -9.14
C THR B 95 -5.89 0.98 -9.71
N VAL B 96 -6.91 0.55 -8.99
CA VAL B 96 -8.30 0.78 -9.38
C VAL B 96 -9.06 1.46 -8.24
N ARG B 97 -10.01 2.31 -8.59
CA ARG B 97 -10.78 3.01 -7.57
C ARG B 97 -12.28 2.77 -7.71
N TRP B 98 -12.84 2.03 -6.78
CA TRP B 98 -14.27 1.73 -6.77
C TRP B 98 -14.99 2.71 -5.83
N GLU B 99 -16.15 3.19 -6.24
CA GLU B 99 -16.91 4.13 -5.43
C GLU B 99 -18.41 3.90 -5.61
N ASN B 100 -19.18 4.12 -4.54
CA ASN B 100 -20.62 3.93 -4.59
C ASN B 100 -21.36 5.17 -4.13
N LYS B 101 -21.00 5.67 -2.95
CA LYS B 101 -21.63 6.86 -2.40
C LYS B 101 -20.71 7.58 -1.42
N SER B 102 -20.08 6.82 -0.54
CA SER B 102 -19.17 7.39 0.45
C SER B 102 -17.97 6.48 0.70
N MET B 103 -18.23 5.19 0.85
CA MET B 103 -17.18 4.22 1.10
C MET B 103 -16.43 3.89 -0.19
N TYR B 104 -15.16 4.29 -0.25
CA TYR B 104 -14.34 4.04 -1.43
C TYR B 104 -13.39 2.88 -1.18
N CYS B 105 -13.14 2.09 -2.23
CA CYS B 105 -12.25 0.95 -2.14
C CYS B 105 -11.26 0.91 -3.30
N ILE B 106 -9.98 1.06 -2.98
CA ILE B 106 -8.94 1.05 -4.00
C ILE B 106 -8.22 -0.30 -4.02
N CYS B 107 -8.00 -0.83 -5.22
CA CYS B 107 -7.32 -2.11 -5.38
C CYS B 107 -6.35 -2.06 -6.55
N THR B 108 -5.07 -2.35 -6.26
CA THR B 108 -4.05 -2.35 -7.29
C THR B 108 -3.53 -3.76 -7.57
N VAL B 109 -3.33 -4.05 -8.84
CA VAL B 109 -2.82 -5.34 -9.26
C VAL B 109 -1.43 -5.16 -9.83
N PHE B 110 -0.47 -5.87 -9.28
CA PHE B 110 0.90 -5.78 -9.73
C PHE B 110 1.24 -6.95 -10.65
N GLY B 111 1.19 -6.70 -11.95
CA GLY B 111 1.50 -7.72 -12.93
C GLY B 111 2.97 -7.72 -13.29
N LEU B 112 3.77 -8.31 -12.43
CA LEU B 112 5.21 -8.36 -12.62
C LEU B 112 5.61 -9.45 -13.62
N ALA B 113 6.42 -9.07 -14.59
CA ALA B 113 6.88 -10.00 -15.62
C ALA B 113 7.82 -11.05 -15.04
N ILE B 114 7.24 -12.05 -14.37
CA ILE B 114 8.02 -13.12 -13.77
C ILE B 114 9.06 -12.58 -12.80
N MET A 1 9.01 18.52 26.63
CA MET A 1 8.23 18.46 25.38
C MET A 1 6.73 18.44 25.65
N GLU A 2 5.93 18.63 24.60
CA GLU A 2 4.48 18.64 24.73
C GLU A 2 3.94 17.21 24.76
N GLY A 3 2.62 17.07 24.63
CA GLY A 3 2.01 15.76 24.64
C GLY A 3 2.37 14.95 23.41
N VAL A 4 3.60 14.43 23.39
CA VAL A 4 4.07 13.62 22.27
C VAL A 4 4.62 12.29 22.75
N ASP A 5 4.07 11.20 22.22
CA ASP A 5 4.50 9.87 22.60
C ASP A 5 5.42 9.27 21.54
N PRO A 6 6.73 9.60 21.58
CA PRO A 6 7.70 9.08 20.60
C PRO A 6 7.77 7.55 20.64
N ALA A 7 7.41 6.92 19.52
CA ALA A 7 7.43 5.46 19.42
C ALA A 7 6.36 4.85 20.33
N VAL A 8 5.19 4.59 19.75
CA VAL A 8 4.09 4.01 20.50
C VAL A 8 3.76 2.63 19.95
N GLU A 9 3.35 2.63 18.69
CA GLU A 9 2.95 1.42 17.99
C GLU A 9 4.07 0.95 17.06
N GLU A 10 5.26 0.77 17.62
CA GLU A 10 6.43 0.33 16.86
C GLU A 10 6.16 -0.99 16.15
N ALA A 11 6.26 -0.98 14.82
CA ALA A 11 6.04 -2.18 14.02
C ALA A 11 7.35 -2.66 13.40
N ALA A 12 7.54 -3.99 13.39
CA ALA A 12 8.74 -4.62 12.82
C ALA A 12 8.84 -6.07 13.28
N PHE A 13 9.69 -6.85 12.60
CA PHE A 13 9.86 -8.25 12.95
C PHE A 13 11.32 -8.68 12.77
N VAL A 14 11.77 -8.74 11.52
CA VAL A 14 13.14 -9.16 11.22
C VAL A 14 13.86 -8.10 10.40
N ALA A 15 15.19 -8.18 10.36
CA ALA A 15 16.02 -7.23 9.61
C ALA A 15 16.04 -5.86 10.27
N ASP A 16 16.64 -5.78 11.46
CA ASP A 16 16.74 -4.52 12.18
C ASP A 16 17.52 -3.50 11.36
N ASP A 17 18.40 -3.99 10.48
CA ASP A 17 19.19 -3.11 9.63
C ASP A 17 18.30 -2.23 8.76
N VAL A 18 17.32 -2.85 8.11
CA VAL A 18 16.39 -2.12 7.26
C VAL A 18 15.35 -1.39 8.09
N SER A 19 14.99 -1.96 9.23
CA SER A 19 14.01 -1.35 10.11
C SER A 19 14.46 0.01 10.62
N ASN A 20 15.73 0.12 10.99
CA ASN A 20 16.25 1.38 11.51
C ASN A 20 16.38 2.44 10.42
N ILE A 21 16.75 2.02 9.21
CA ILE A 21 16.92 2.94 8.09
C ILE A 21 15.65 3.75 7.85
N ILE A 22 14.52 3.05 7.69
CA ILE A 22 13.25 3.71 7.45
C ILE A 22 12.92 4.70 8.58
N LYS A 23 12.96 4.22 9.82
CA LYS A 23 12.65 5.07 10.95
C LYS A 23 13.66 6.20 11.09
N GLU A 24 14.93 5.88 10.94
CA GLU A 24 15.98 6.89 11.01
C GLU A 24 15.78 7.93 9.91
N SER A 25 15.31 7.46 8.77
CA SER A 25 15.05 8.32 7.63
C SER A 25 13.89 9.27 7.93
N ILE A 26 12.83 8.76 8.55
CA ILE A 26 11.68 9.60 8.89
C ILE A 26 12.13 10.75 9.78
N ASP A 27 13.00 10.45 10.71
CA ASP A 27 13.52 11.46 11.62
C ASP A 27 14.15 12.61 10.83
N ALA A 28 14.81 12.26 9.73
CA ALA A 28 15.48 13.25 8.89
C ALA A 28 14.57 13.80 7.79
N VAL A 29 13.85 12.91 7.14
CA VAL A 29 12.95 13.25 6.05
C VAL A 29 11.73 14.05 6.56
N LEU A 30 11.60 14.20 7.90
CA LEU A 30 10.51 14.98 8.47
C LEU A 30 11.03 16.08 9.40
N GLN A 31 12.14 15.83 10.12
CA GLN A 31 12.69 16.84 11.03
C GLN A 31 13.61 17.81 10.30
N ASN A 32 14.02 17.48 9.06
CA ASN A 32 14.91 18.34 8.26
C ASN A 32 14.64 19.83 8.47
N GLN A 33 13.39 20.19 8.69
CA GLN A 33 13.02 21.59 8.90
C GLN A 33 11.79 21.73 9.81
N GLN A 34 10.59 21.68 9.23
CA GLN A 34 9.37 21.84 10.02
C GLN A 34 8.26 20.90 9.54
N TYR A 35 7.15 20.89 10.27
CA TYR A 35 6.01 20.04 9.94
C TYR A 35 5.05 20.75 8.97
N SER A 36 4.97 20.24 7.76
CA SER A 36 4.09 20.80 6.74
C SER A 36 3.28 19.69 6.08
N GLU A 37 1.95 19.85 6.02
CA GLU A 37 1.08 18.86 5.43
C GLU A 37 1.40 18.63 3.95
N ALA A 38 1.68 19.71 3.23
CA ALA A 38 2.01 19.59 1.81
C ALA A 38 3.23 18.70 1.60
N LYS A 39 4.08 18.63 2.61
CA LYS A 39 5.27 17.80 2.55
C LYS A 39 5.07 16.50 3.35
N VAL A 40 4.04 16.46 4.20
CA VAL A 40 3.75 15.28 5.00
C VAL A 40 3.73 14.01 4.14
N SER A 41 3.42 14.17 2.85
CA SER A 41 3.37 13.05 1.93
C SER A 41 4.62 13.02 1.05
N GLN A 42 5.08 14.21 0.65
CA GLN A 42 6.27 14.31 -0.19
C GLN A 42 7.51 13.91 0.58
N TRP A 43 7.53 14.17 1.88
CA TRP A 43 8.67 13.82 2.70
C TRP A 43 8.91 12.33 2.66
N THR A 44 7.88 11.55 3.00
CA THR A 44 7.99 10.10 2.99
C THR A 44 8.48 9.61 1.63
N SER A 45 8.24 10.42 0.60
CA SER A 45 8.70 10.10 -0.74
C SER A 45 10.21 10.20 -0.74
N SER A 46 10.72 11.21 -0.04
CA SER A 46 12.15 11.42 0.11
C SER A 46 12.73 10.29 0.94
N CYS A 47 11.97 9.86 1.95
CA CYS A 47 12.38 8.75 2.81
C CYS A 47 12.52 7.51 1.95
N LEU A 48 11.59 7.35 1.03
CA LEU A 48 11.59 6.23 0.13
C LEU A 48 12.78 6.28 -0.77
N GLU A 49 13.19 7.48 -1.16
CA GLU A 49 14.37 7.60 -1.99
C GLU A 49 15.60 7.43 -1.12
N HIS A 50 15.52 7.89 0.10
CA HIS A 50 16.63 7.74 1.03
C HIS A 50 16.60 6.36 1.69
N CYS A 51 15.59 5.55 1.35
CA CYS A 51 15.48 4.19 1.86
C CYS A 51 16.12 3.27 0.84
N ILE A 52 15.66 3.43 -0.39
CA ILE A 52 16.17 2.67 -1.52
C ILE A 52 17.67 2.91 -1.69
N LYS A 53 18.06 4.18 -1.53
CA LYS A 53 19.46 4.56 -1.66
C LYS A 53 20.28 4.17 -0.44
N ARG A 54 19.64 4.13 0.71
CA ARG A 54 20.33 3.76 1.95
C ARG A 54 20.76 2.31 1.91
N LEU A 55 19.83 1.43 1.57
CA LEU A 55 20.11 0.00 1.48
C LEU A 55 21.19 -0.27 0.44
N THR A 56 21.05 0.34 -0.72
CA THR A 56 22.02 0.18 -1.79
C THR A 56 23.35 0.79 -1.37
N ALA A 57 23.27 1.88 -0.62
CA ALA A 57 24.46 2.54 -0.13
C ALA A 57 25.21 1.62 0.82
N LEU A 58 24.46 0.81 1.56
CA LEU A 58 25.04 -0.13 2.48
C LEU A 58 25.75 -1.25 1.71
N ASN A 59 24.97 -2.07 1.01
CA ASN A 59 25.49 -3.19 0.20
C ASN A 59 24.41 -4.21 -0.09
N LYS A 60 23.75 -4.70 0.96
CA LYS A 60 22.71 -5.70 0.83
C LYS A 60 21.45 -5.28 1.59
N PRO A 61 20.26 -5.72 1.14
CA PRO A 61 20.11 -6.60 -0.03
C PRO A 61 20.24 -5.85 -1.36
N PHE A 62 19.69 -6.44 -2.43
CA PHE A 62 19.77 -5.83 -3.75
C PHE A 62 18.44 -5.19 -4.14
N LYS A 63 17.42 -6.01 -4.40
CA LYS A 63 16.11 -5.51 -4.78
C LYS A 63 15.22 -5.30 -3.55
N TYR A 64 14.85 -4.05 -3.30
CA TYR A 64 14.00 -3.73 -2.16
C TYR A 64 12.83 -2.84 -2.56
N VAL A 65 11.73 -3.00 -1.85
CA VAL A 65 10.54 -2.22 -2.09
C VAL A 65 10.32 -1.27 -0.91
N VAL A 66 9.97 -0.03 -1.18
CA VAL A 66 9.74 0.93 -0.10
C VAL A 66 8.45 1.72 -0.30
N THR A 67 7.50 1.51 0.59
CA THR A 67 6.23 2.21 0.52
C THR A 67 5.80 2.71 1.89
N CYS A 68 5.17 3.87 1.93
CA CYS A 68 4.74 4.45 3.20
C CYS A 68 3.37 5.13 3.09
N ILE A 69 2.51 4.81 4.04
CA ILE A 69 1.16 5.38 4.09
C ILE A 69 1.07 6.30 5.31
N ILE A 70 0.73 7.57 5.06
CA ILE A 70 0.61 8.55 6.13
C ILE A 70 -0.83 8.69 6.61
N MET A 71 -0.99 8.87 7.91
CA MET A 71 -2.31 9.03 8.51
C MET A 71 -2.39 10.34 9.29
N GLN A 72 -2.94 11.37 8.65
CA GLN A 72 -3.06 12.67 9.27
C GLN A 72 -4.18 12.69 10.31
N LYS A 73 -3.97 13.44 11.38
CA LYS A 73 -4.96 13.54 12.45
C LYS A 73 -5.24 12.18 13.06
N ASN A 74 -6.30 12.09 13.86
CA ASN A 74 -6.68 10.84 14.51
C ASN A 74 -8.16 10.56 14.32
N GLY A 75 -8.68 10.90 13.14
CA GLY A 75 -10.09 10.67 12.86
C GLY A 75 -10.32 10.17 11.45
N ALA A 76 -9.42 9.32 10.97
CA ALA A 76 -9.53 8.75 9.63
C ALA A 76 -9.53 7.22 9.68
N GLY A 77 -10.36 6.61 8.85
CA GLY A 77 -10.44 5.16 8.80
C GLY A 77 -10.16 4.61 7.42
N LEU A 78 -9.01 3.96 7.26
CA LEU A 78 -8.62 3.38 5.99
C LEU A 78 -7.98 2.01 6.18
N HIS A 79 -8.65 0.98 5.68
CA HIS A 79 -8.15 -0.39 5.79
C HIS A 79 -7.50 -0.84 4.49
N THR A 80 -6.24 -1.25 4.59
CA THR A 80 -5.49 -1.70 3.41
C THR A 80 -5.48 -3.23 3.33
N ALA A 81 -5.39 -3.75 2.11
CA ALA A 81 -5.35 -5.19 1.90
C ALA A 81 -4.24 -5.57 0.93
N ALA A 82 -3.66 -6.75 1.11
CA ALA A 82 -2.60 -7.21 0.23
C ALA A 82 -2.43 -8.72 0.26
N SER A 83 -2.28 -9.29 -0.93
CA SER A 83 -2.10 -10.73 -1.10
C SER A 83 -1.12 -10.98 -2.24
N CYS A 84 0.00 -11.62 -1.93
CA CYS A 84 1.02 -11.90 -2.93
C CYS A 84 1.25 -13.39 -3.11
N TRP A 85 1.83 -13.76 -4.24
CA TRP A 85 2.11 -15.16 -4.54
C TRP A 85 3.29 -15.65 -3.72
N TRP A 86 3.70 -16.90 -3.92
CA TRP A 86 4.81 -17.49 -3.19
C TRP A 86 6.14 -17.20 -3.88
N ASP A 87 7.16 -16.94 -3.08
CA ASP A 87 8.50 -16.65 -3.60
C ASP A 87 9.49 -16.43 -2.47
N SER A 88 10.36 -17.41 -2.25
CA SER A 88 11.35 -17.34 -1.19
C SER A 88 12.44 -16.31 -1.53
N THR A 89 12.70 -16.14 -2.81
CA THR A 89 13.71 -15.19 -3.26
C THR A 89 13.25 -13.76 -3.01
N THR A 90 12.01 -13.47 -3.38
CA THR A 90 11.44 -12.15 -3.21
C THR A 90 10.56 -12.12 -1.96
N ASP A 91 11.18 -12.29 -0.79
CA ASP A 91 10.44 -12.30 0.47
C ASP A 91 11.13 -11.47 1.55
N GLY A 92 10.69 -10.23 1.69
CA GLY A 92 11.26 -9.35 2.70
C GLY A 92 10.30 -8.26 3.16
N SER A 93 9.00 -8.47 2.93
CA SER A 93 7.99 -7.48 3.31
C SER A 93 7.90 -7.28 4.82
N ARG A 94 8.16 -6.05 5.27
CA ARG A 94 8.09 -5.68 6.68
C ARG A 94 7.59 -4.25 6.82
N THR A 95 6.62 -4.02 7.70
CA THR A 95 6.07 -2.67 7.89
C THR A 95 6.49 -2.03 9.20
N VAL A 96 6.58 -0.70 9.20
CA VAL A 96 6.98 0.05 10.38
C VAL A 96 6.04 1.23 10.63
N ARG A 97 5.33 1.19 11.77
CA ARG A 97 4.40 2.25 12.11
C ARG A 97 5.05 3.27 13.05
N TRP A 98 5.22 4.50 12.56
CA TRP A 98 5.83 5.55 13.36
C TRP A 98 4.74 6.42 13.99
N GLU A 99 4.97 6.86 15.23
CA GLU A 99 4.01 7.71 15.94
C GLU A 99 4.74 8.69 16.85
N ASN A 100 4.35 9.96 16.78
CA ASN A 100 4.99 10.99 17.60
C ASN A 100 3.96 11.78 18.42
N LYS A 101 3.40 12.85 17.84
CA LYS A 101 2.43 13.68 18.54
C LYS A 101 1.02 13.12 18.37
N SER A 102 0.61 12.96 17.12
CA SER A 102 -0.72 12.44 16.82
C SER A 102 -0.72 11.75 15.46
N MET A 103 -0.13 12.41 14.47
CA MET A 103 -0.06 11.85 13.12
C MET A 103 0.70 10.54 13.12
N TYR A 104 0.33 9.64 12.23
CA TYR A 104 0.98 8.34 12.13
C TYR A 104 1.67 8.19 10.77
N CYS A 105 2.74 7.42 10.72
CA CYS A 105 3.47 7.20 9.49
C CYS A 105 3.92 5.76 9.36
N ILE A 106 3.19 4.98 8.56
CA ILE A 106 3.52 3.58 8.36
C ILE A 106 4.35 3.39 7.09
N CYS A 107 5.54 2.83 7.25
CA CYS A 107 6.42 2.60 6.11
C CYS A 107 6.89 1.15 6.09
N THR A 108 6.61 0.46 4.99
CA THR A 108 7.00 -0.93 4.85
C THR A 108 8.08 -1.13 3.80
N VAL A 109 9.06 -1.96 4.13
CA VAL A 109 10.16 -2.26 3.22
C VAL A 109 10.11 -3.73 2.83
N PHE A 110 10.06 -4.01 1.53
CA PHE A 110 10.05 -5.39 1.07
C PHE A 110 11.43 -5.72 0.49
N GLY A 111 12.23 -6.41 1.29
CA GLY A 111 13.57 -6.78 0.83
C GLY A 111 13.51 -8.04 -0.01
N LEU A 112 13.36 -7.85 -1.32
CA LEU A 112 13.25 -8.99 -2.22
C LEU A 112 14.59 -9.34 -2.85
N ALA A 113 15.09 -10.53 -2.53
CA ALA A 113 16.36 -11.00 -3.06
C ALA A 113 16.31 -11.16 -4.58
N ILE A 114 16.48 -10.05 -5.29
CA ILE A 114 16.44 -10.07 -6.74
C ILE A 114 15.09 -10.55 -7.25
N MET B 1 -32.26 4.21 -8.67
CA MET B 1 -31.28 4.07 -7.55
C MET B 1 -31.11 5.39 -6.81
N GLU B 2 -30.45 5.33 -5.66
CA GLU B 2 -30.22 6.52 -4.85
C GLU B 2 -29.02 7.31 -5.38
N GLY B 3 -28.56 8.27 -4.59
CA GLY B 3 -27.42 9.08 -4.99
C GLY B 3 -26.14 8.29 -5.05
N VAL B 4 -26.00 7.46 -6.08
CA VAL B 4 -24.81 6.64 -6.25
C VAL B 4 -24.19 6.84 -7.63
N ASP B 5 -22.91 7.22 -7.66
CA ASP B 5 -22.22 7.45 -8.91
C ASP B 5 -21.31 6.27 -9.25
N PRO B 6 -21.88 5.21 -9.88
CA PRO B 6 -21.09 4.02 -10.26
C PRO B 6 -19.96 4.36 -11.22
N ALA B 7 -18.72 4.14 -10.78
CA ALA B 7 -17.56 4.44 -11.60
C ALA B 7 -17.39 5.94 -11.80
N VAL B 8 -16.60 6.55 -10.94
CA VAL B 8 -16.36 7.99 -11.02
C VAL B 8 -14.90 8.27 -11.34
N GLU B 9 -14.06 7.83 -10.42
CA GLU B 9 -12.62 8.03 -10.53
C GLU B 9 -11.94 6.74 -10.98
N GLU B 10 -12.40 6.21 -12.11
CA GLU B 10 -11.85 4.97 -12.66
C GLU B 10 -10.35 5.09 -12.91
N ALA B 11 -9.58 4.22 -12.26
CA ALA B 11 -8.12 4.22 -12.42
C ALA B 11 -7.66 2.97 -13.16
N ALA B 12 -6.68 3.15 -14.05
CA ALA B 12 -6.12 2.05 -14.85
C ALA B 12 -5.30 2.60 -16.01
N PHE B 13 -4.48 1.76 -16.62
CA PHE B 13 -3.66 2.18 -17.74
C PHE B 13 -3.53 1.08 -18.79
N VAL B 14 -2.83 0.01 -18.43
CA VAL B 14 -2.62 -1.11 -19.34
C VAL B 14 -3.09 -2.43 -18.71
N ALA B 15 -3.31 -3.44 -19.55
CA ALA B 15 -3.75 -4.76 -19.09
C ALA B 15 -5.21 -4.73 -18.63
N ASP B 16 -6.10 -4.50 -19.59
CA ASP B 16 -7.54 -4.48 -19.29
C ASP B 16 -7.99 -5.82 -18.72
N ASP B 17 -7.27 -6.89 -19.08
CA ASP B 17 -7.60 -8.22 -18.60
C ASP B 17 -7.56 -8.27 -17.07
N VAL B 18 -6.48 -7.74 -16.50
CA VAL B 18 -6.31 -7.73 -15.04
C VAL B 18 -7.16 -6.62 -14.42
N SER B 19 -7.33 -5.53 -15.15
CA SER B 19 -8.12 -4.40 -14.66
C SER B 19 -9.57 -4.79 -14.39
N ASN B 20 -10.15 -5.56 -15.29
CA ASN B 20 -11.55 -5.99 -15.15
C ASN B 20 -11.73 -7.00 -14.01
N ILE B 21 -10.75 -7.89 -13.84
CA ILE B 21 -10.82 -8.92 -12.81
C ILE B 21 -11.01 -8.29 -11.43
N ILE B 22 -10.14 -7.33 -11.09
CA ILE B 22 -10.22 -6.67 -9.79
C ILE B 22 -11.59 -5.99 -9.61
N LYS B 23 -11.98 -5.18 -10.58
CA LYS B 23 -13.25 -4.48 -10.49
C LYS B 23 -14.42 -5.46 -10.50
N GLU B 24 -14.36 -6.44 -11.38
CA GLU B 24 -15.41 -7.45 -11.45
C GLU B 24 -15.49 -8.21 -10.14
N SER B 25 -14.33 -8.42 -9.52
CA SER B 25 -14.25 -9.10 -8.25
C SER B 25 -14.91 -8.28 -7.15
N ILE B 26 -14.66 -6.98 -7.14
CA ILE B 26 -15.26 -6.10 -6.13
C ILE B 26 -16.78 -6.21 -6.18
N ASP B 27 -17.30 -6.25 -7.39
CA ASP B 27 -18.74 -6.36 -7.58
C ASP B 27 -19.28 -7.60 -6.87
N ALA B 28 -18.50 -8.67 -6.89
CA ALA B 28 -18.88 -9.93 -6.25
C ALA B 28 -18.45 -10.02 -4.80
N VAL B 29 -17.21 -9.63 -4.54
CA VAL B 29 -16.63 -9.67 -3.21
C VAL B 29 -17.27 -8.64 -2.27
N LEU B 30 -18.16 -7.79 -2.82
CA LEU B 30 -18.88 -6.80 -2.01
C LEU B 30 -20.40 -6.93 -2.17
N GLN B 31 -20.88 -7.29 -3.36
CA GLN B 31 -22.31 -7.42 -3.59
C GLN B 31 -22.82 -8.80 -3.18
N ASN B 32 -21.91 -9.77 -2.96
CA ASN B 32 -22.27 -11.15 -2.58
C ASN B 32 -23.49 -11.19 -1.64
N GLN B 33 -23.62 -10.18 -0.78
CA GLN B 33 -24.74 -10.13 0.16
C GLN B 33 -25.14 -8.69 0.51
N GLN B 34 -24.49 -8.10 1.51
CA GLN B 34 -24.83 -6.74 1.92
C GLN B 34 -23.57 -5.94 2.29
N TYR B 35 -23.76 -4.65 2.57
CA TYR B 35 -22.67 -3.76 2.93
C TYR B 35 -22.42 -3.77 4.44
N SER B 36 -21.27 -4.30 4.84
CA SER B 36 -20.89 -4.37 6.25
C SER B 36 -19.47 -3.86 6.43
N GLU B 37 -19.28 -2.93 7.37
CA GLU B 37 -17.96 -2.36 7.62
C GLU B 37 -16.96 -3.42 8.07
N ALA B 38 -17.40 -4.33 8.93
CA ALA B 38 -16.55 -5.40 9.42
C ALA B 38 -15.99 -6.22 8.26
N LYS B 39 -16.74 -6.26 7.16
CA LYS B 39 -16.32 -7.00 5.99
C LYS B 39 -15.76 -6.05 4.92
N VAL B 40 -16.03 -4.75 5.07
CA VAL B 40 -15.55 -3.74 4.11
C VAL B 40 -14.03 -3.92 3.83
N SER B 41 -13.32 -4.48 4.79
CA SER B 41 -11.89 -4.71 4.65
C SER B 41 -11.62 -6.19 4.35
N GLN B 42 -12.37 -7.07 4.98
CA GLN B 42 -12.20 -8.50 4.78
C GLN B 42 -12.63 -8.91 3.37
N TRP B 43 -13.62 -8.21 2.83
CA TRP B 43 -14.10 -8.51 1.49
C TRP B 43 -12.98 -8.34 0.49
N THR B 44 -12.38 -7.16 0.47
CA THR B 44 -11.27 -6.89 -0.45
C THR B 44 -10.19 -7.95 -0.31
N SER B 45 -10.13 -8.57 0.86
CA SER B 45 -9.17 -9.64 1.11
C SER B 45 -9.58 -10.83 0.25
N SER B 46 -10.89 -11.05 0.17
CA SER B 46 -11.45 -12.11 -0.65
C SER B 46 -11.21 -11.77 -2.12
N CYS B 47 -11.32 -10.49 -2.45
CA CYS B 47 -11.08 -10.02 -3.81
C CYS B 47 -9.63 -10.32 -4.18
N LEU B 48 -8.76 -10.12 -3.20
CA LEU B 48 -7.36 -10.36 -3.39
C LEU B 48 -7.10 -11.83 -3.60
N GLU B 49 -7.88 -12.67 -2.94
CA GLU B 49 -7.73 -14.10 -3.14
C GLU B 49 -8.38 -14.47 -4.46
N HIS B 50 -9.47 -13.81 -4.78
CA HIS B 50 -10.16 -14.07 -6.03
C HIS B 50 -9.48 -13.32 -7.19
N CYS B 51 -8.44 -12.54 -6.87
CA CYS B 51 -7.69 -11.81 -7.88
C CYS B 51 -6.50 -12.67 -8.27
N ILE B 52 -5.78 -13.09 -7.25
CA ILE B 52 -4.63 -13.96 -7.41
C ILE B 52 -5.04 -15.27 -8.07
N LYS B 53 -6.19 -15.78 -7.65
CA LYS B 53 -6.70 -17.04 -8.19
C LYS B 53 -7.31 -16.84 -9.57
N ARG B 54 -7.86 -15.66 -9.82
CA ARG B 54 -8.46 -15.36 -11.12
C ARG B 54 -7.42 -15.36 -12.23
N LEU B 55 -6.34 -14.62 -11.99
CA LEU B 55 -5.25 -14.53 -12.95
C LEU B 55 -4.65 -15.90 -13.22
N THR B 56 -4.38 -16.63 -12.15
CA THR B 56 -3.81 -17.97 -12.27
C THR B 56 -4.83 -18.89 -12.94
N ALA B 57 -6.11 -18.66 -12.64
CA ALA B 57 -7.17 -19.45 -13.24
C ALA B 57 -7.19 -19.23 -14.74
N LEU B 58 -6.86 -18.01 -15.16
CA LEU B 58 -6.83 -17.68 -16.56
C LEU B 58 -5.66 -18.39 -17.24
N ASN B 59 -4.43 -18.00 -16.87
CA ASN B 59 -3.20 -18.60 -17.42
C ASN B 59 -2.00 -17.69 -17.22
N LYS B 60 -2.12 -16.45 -17.67
CA LYS B 60 -1.05 -15.46 -17.55
C LYS B 60 -1.56 -14.16 -16.95
N PRO B 61 -0.69 -13.41 -16.26
CA PRO B 61 0.72 -13.75 -16.06
C PRO B 61 0.92 -14.84 -14.99
N PHE B 62 2.13 -14.91 -14.44
CA PHE B 62 2.46 -15.90 -13.42
C PHE B 62 2.49 -15.27 -12.03
N LYS B 63 3.49 -14.43 -11.77
CA LYS B 63 3.62 -13.78 -10.47
C LYS B 63 2.91 -12.43 -10.46
N TYR B 64 1.89 -12.31 -9.62
CA TYR B 64 1.13 -11.06 -9.53
C TYR B 64 0.94 -10.63 -8.09
N VAL B 65 0.88 -9.32 -7.89
CA VAL B 65 0.68 -8.75 -6.58
C VAL B 65 -0.71 -8.12 -6.52
N VAL B 66 -1.42 -8.33 -5.43
CA VAL B 66 -2.76 -7.76 -5.29
C VAL B 66 -2.97 -7.08 -3.94
N THR B 67 -3.14 -5.77 -3.97
CA THR B 67 -3.36 -5.02 -2.73
C THR B 67 -4.47 -4.00 -2.91
N CYS B 68 -5.26 -3.78 -1.86
CA CYS B 68 -6.36 -2.85 -1.93
C CYS B 68 -6.52 -2.04 -0.65
N ILE B 69 -6.67 -0.73 -0.82
CA ILE B 69 -6.85 0.18 0.29
C ILE B 69 -8.27 0.75 0.26
N ILE B 70 -9.01 0.54 1.34
CA ILE B 70 -10.38 1.01 1.43
C ILE B 70 -10.48 2.36 2.13
N MET B 71 -11.37 3.21 1.63
CA MET B 71 -11.57 4.54 2.21
C MET B 71 -13.03 4.72 2.62
N GLN B 72 -13.30 4.51 3.90
CA GLN B 72 -14.66 4.64 4.43
C GLN B 72 -15.06 6.11 4.55
N LYS B 73 -16.32 6.40 4.31
CA LYS B 73 -16.83 7.76 4.40
C LYS B 73 -16.10 8.69 3.43
N ASN B 74 -16.29 9.99 3.60
CA ASN B 74 -15.64 10.97 2.74
C ASN B 74 -14.98 12.08 3.57
N GLY B 75 -14.43 11.70 4.72
CA GLY B 75 -13.78 12.66 5.58
C GLY B 75 -12.48 12.14 6.17
N ALA B 76 -11.73 11.37 5.38
CA ALA B 76 -10.47 10.81 5.82
C ALA B 76 -9.33 11.21 4.90
N GLY B 77 -8.17 11.52 5.48
CA GLY B 77 -7.02 11.91 4.68
C GLY B 77 -5.82 11.01 4.92
N LEU B 78 -5.49 10.20 3.92
CA LEU B 78 -4.35 9.29 4.04
C LEU B 78 -3.55 9.27 2.73
N HIS B 79 -2.31 9.74 2.79
CA HIS B 79 -1.44 9.77 1.62
C HIS B 79 -0.46 8.61 1.65
N THR B 80 -0.47 7.80 0.60
CA THR B 80 0.43 6.66 0.50
C THR B 80 1.64 6.99 -0.36
N ALA B 81 2.75 6.31 -0.08
CA ALA B 81 3.99 6.53 -0.84
C ALA B 81 4.63 5.20 -1.22
N ALA B 82 5.29 5.16 -2.36
CA ALA B 82 5.94 3.94 -2.81
C ALA B 82 7.05 4.21 -3.83
N SER B 83 8.17 3.53 -3.63
CA SER B 83 9.33 3.65 -4.49
C SER B 83 10.00 2.29 -4.62
N CYS B 84 10.07 1.77 -5.84
CA CYS B 84 10.67 0.47 -6.10
C CYS B 84 11.87 0.57 -7.03
N TRP B 85 12.72 -0.45 -7.00
CA TRP B 85 13.90 -0.50 -7.84
C TRP B 85 13.52 -0.79 -9.29
N TRP B 86 14.53 -0.90 -10.15
CA TRP B 86 14.28 -1.17 -11.57
C TRP B 86 14.20 -2.67 -11.83
N ASP B 87 13.29 -3.04 -12.73
CA ASP B 87 13.09 -4.45 -13.08
C ASP B 87 12.02 -4.60 -14.16
N SER B 88 12.46 -4.88 -15.39
CA SER B 88 11.55 -5.04 -16.50
C SER B 88 10.72 -6.32 -16.37
N THR B 89 11.32 -7.33 -15.75
CA THR B 89 10.64 -8.62 -15.55
C THR B 89 9.49 -8.47 -14.56
N THR B 90 9.76 -7.81 -13.44
CA THR B 90 8.76 -7.60 -12.41
C THR B 90 8.18 -6.20 -12.52
N ASP B 91 7.48 -5.94 -13.63
CA ASP B 91 6.88 -4.63 -13.85
C ASP B 91 5.44 -4.74 -14.35
N GLY B 92 4.50 -4.61 -13.42
CA GLY B 92 3.09 -4.68 -13.79
C GLY B 92 2.19 -3.95 -12.81
N SER B 93 2.76 -3.04 -12.02
CA SER B 93 1.99 -2.28 -11.03
C SER B 93 0.94 -1.37 -11.66
N ARG B 94 -0.32 -1.61 -11.32
CA ARG B 94 -1.44 -0.82 -11.82
C ARG B 94 -2.52 -0.72 -10.74
N THR B 95 -3.03 0.50 -10.48
CA THR B 95 -4.04 0.70 -9.45
C THR B 95 -5.43 0.98 -10.03
N VAL B 96 -6.46 0.58 -9.30
CA VAL B 96 -7.84 0.79 -9.72
C VAL B 96 -8.68 1.36 -8.59
N ARG B 97 -9.19 2.58 -8.78
CA ARG B 97 -10.01 3.23 -7.78
C ARG B 97 -11.50 3.03 -8.07
N TRP B 98 -12.19 2.30 -7.18
CA TRP B 98 -13.61 2.05 -7.35
C TRP B 98 -14.42 3.05 -6.51
N GLU B 99 -15.55 3.48 -7.05
CA GLU B 99 -16.42 4.43 -6.35
C GLU B 99 -17.89 4.15 -6.70
N ASN B 100 -18.73 4.10 -5.67
CA ASN B 100 -20.15 3.84 -5.88
C ASN B 100 -21.04 4.91 -5.22
N LYS B 101 -21.39 4.72 -3.96
CA LYS B 101 -22.23 5.68 -3.24
C LYS B 101 -21.39 6.79 -2.63
N SER B 102 -20.42 6.40 -1.81
CA SER B 102 -19.55 7.38 -1.15
C SER B 102 -18.20 6.75 -0.84
N MET B 103 -18.23 5.54 -0.27
CA MET B 103 -17.01 4.83 0.07
C MET B 103 -16.18 4.58 -1.18
N TYR B 104 -14.85 4.56 -0.99
CA TYR B 104 -13.95 4.33 -2.10
C TYR B 104 -13.16 3.04 -1.89
N CYS B 105 -12.77 2.38 -2.97
CA CYS B 105 -12.01 1.14 -2.88
C CYS B 105 -10.92 1.10 -3.95
N ILE B 106 -9.69 1.37 -3.54
CA ILE B 106 -8.56 1.36 -4.47
C ILE B 106 -7.84 0.02 -4.40
N CYS B 107 -7.75 -0.67 -5.54
CA CYS B 107 -7.07 -1.96 -5.60
C CYS B 107 -6.06 -1.96 -6.74
N THR B 108 -4.81 -2.23 -6.39
CA THR B 108 -3.74 -2.25 -7.38
C THR B 108 -3.18 -3.66 -7.58
N VAL B 109 -2.96 -4.00 -8.85
CA VAL B 109 -2.42 -5.30 -9.20
C VAL B 109 -1.04 -5.13 -9.83
N PHE B 110 -0.04 -5.79 -9.28
CA PHE B 110 1.31 -5.71 -9.84
C PHE B 110 1.62 -7.02 -10.57
N GLY B 111 1.48 -7.00 -11.89
CA GLY B 111 1.75 -8.19 -12.67
C GLY B 111 3.23 -8.34 -12.94
N LEU B 112 3.92 -9.04 -12.04
CA LEU B 112 5.36 -9.20 -12.17
C LEU B 112 5.72 -10.52 -12.84
N ALA B 113 6.32 -10.40 -14.02
CA ALA B 113 6.73 -11.57 -14.79
C ALA B 113 7.79 -12.39 -14.04
N ILE B 114 7.33 -13.21 -13.11
CA ILE B 114 8.23 -14.04 -12.32
C ILE B 114 9.21 -13.20 -11.52
N MET A 1 7.34 19.38 29.17
CA MET A 1 7.46 19.18 27.71
C MET A 1 7.41 17.69 27.35
N GLU A 2 6.21 17.14 27.29
CA GLU A 2 6.03 15.74 26.97
C GLU A 2 4.69 15.50 26.27
N GLY A 3 4.76 15.01 25.02
CA GLY A 3 3.55 14.76 24.26
C GLY A 3 3.84 14.20 22.89
N VAL A 4 4.90 14.70 22.25
CA VAL A 4 5.29 14.25 20.93
C VAL A 4 6.02 12.91 20.99
N ASP A 5 5.70 12.02 20.06
CA ASP A 5 6.33 10.70 20.02
C ASP A 5 6.63 10.30 18.57
N PRO A 6 7.88 10.55 18.09
CA PRO A 6 8.28 10.21 16.72
C PRO A 6 8.46 8.70 16.53
N ALA A 7 7.36 7.95 16.72
CA ALA A 7 7.35 6.49 16.58
C ALA A 7 6.12 5.90 17.27
N VAL A 8 6.14 5.96 18.60
CA VAL A 8 5.04 5.47 19.44
C VAL A 8 4.84 3.97 19.29
N GLU A 9 4.31 3.58 18.14
CA GLU A 9 4.02 2.19 17.85
C GLU A 9 4.99 1.62 16.82
N GLU A 10 6.12 1.10 17.30
CA GLU A 10 7.12 0.52 16.42
C GLU A 10 6.69 -0.85 15.92
N ALA A 11 6.57 -0.97 14.61
CA ALA A 11 6.16 -2.23 13.98
C ALA A 11 7.32 -2.87 13.24
N ALA A 12 7.17 -4.17 12.92
CA ALA A 12 8.21 -4.92 12.21
C ALA A 12 9.33 -5.33 13.16
N PHE A 13 9.57 -6.64 13.25
CA PHE A 13 10.62 -7.17 14.12
C PHE A 13 11.76 -7.78 13.32
N VAL A 14 11.46 -8.23 12.09
CA VAL A 14 12.48 -8.84 11.25
C VAL A 14 13.13 -7.80 10.34
N ALA A 15 14.33 -8.10 9.86
CA ALA A 15 15.05 -7.19 8.99
C ALA A 15 15.32 -5.87 9.69
N ASP A 16 15.85 -5.95 10.91
CA ASP A 16 16.16 -4.76 11.70
C ASP A 16 17.10 -3.82 10.93
N ASP A 17 17.94 -4.40 10.08
CA ASP A 17 18.88 -3.63 9.29
C ASP A 17 18.15 -2.59 8.45
N VAL A 18 17.07 -3.01 7.79
CA VAL A 18 16.28 -2.12 6.96
C VAL A 18 15.31 -1.30 7.80
N SER A 19 14.86 -1.89 8.91
CA SER A 19 13.91 -1.23 9.80
C SER A 19 14.49 0.08 10.33
N ASN A 20 15.76 0.05 10.73
CA ASN A 20 16.41 1.25 11.26
C ASN A 20 16.58 2.32 10.19
N ILE A 21 16.92 1.89 8.97
CA ILE A 21 17.12 2.81 7.85
C ILE A 21 15.87 3.66 7.61
N ILE A 22 14.73 3.01 7.45
CA ILE A 22 13.48 3.74 7.22
C ILE A 22 13.17 4.68 8.38
N LYS A 23 13.15 4.15 9.61
CA LYS A 23 12.88 4.98 10.79
C LYS A 23 13.89 6.11 10.88
N GLU A 24 15.16 5.74 10.86
CA GLU A 24 16.25 6.71 10.91
C GLU A 24 16.04 7.80 9.87
N SER A 25 15.48 7.39 8.73
CA SER A 25 15.21 8.32 7.64
C SER A 25 14.09 9.28 8.01
N ILE A 26 12.99 8.77 8.59
CA ILE A 26 11.88 9.65 8.98
C ILE A 26 12.38 10.71 9.94
N ASP A 27 13.19 10.30 10.90
CA ASP A 27 13.74 11.23 11.88
C ASP A 27 14.38 12.44 11.18
N ALA A 28 15.01 12.17 10.05
CA ALA A 28 15.66 13.21 9.27
C ALA A 28 14.73 13.83 8.23
N VAL A 29 14.00 12.97 7.53
CA VAL A 29 13.07 13.36 6.49
C VAL A 29 11.85 14.07 7.08
N LEU A 30 11.72 14.11 8.41
CA LEU A 30 10.62 14.81 9.06
C LEU A 30 11.13 15.88 10.03
N GLN A 31 12.23 15.59 10.75
CA GLN A 31 12.78 16.57 11.68
C GLN A 31 13.63 17.62 10.96
N ASN A 32 13.99 17.35 9.70
CA ASN A 32 14.82 18.28 8.91
C ASN A 32 14.41 19.75 9.10
N GLN A 33 13.13 19.98 9.37
CA GLN A 33 12.66 21.34 9.58
C GLN A 33 11.49 21.39 10.59
N GLN A 34 10.25 21.38 10.12
CA GLN A 34 9.09 21.42 11.01
C GLN A 34 7.95 20.54 10.49
N TYR A 35 6.84 20.51 11.23
CA TYR A 35 5.69 19.70 10.84
C TYR A 35 4.76 20.49 9.92
N SER A 36 4.71 20.09 8.66
CA SER A 36 3.85 20.73 7.67
C SER A 36 3.08 19.69 6.88
N GLU A 37 1.77 19.86 6.74
CA GLU A 37 0.96 18.91 6.01
C GLU A 37 1.41 18.81 4.55
N ALA A 38 1.76 19.95 3.96
CA ALA A 38 2.23 19.98 2.58
C ALA A 38 3.45 19.10 2.42
N LYS A 39 4.23 19.00 3.49
CA LYS A 39 5.44 18.19 3.50
C LYS A 39 5.15 16.79 4.05
N VAL A 40 4.06 16.64 4.81
CA VAL A 40 3.67 15.37 5.39
C VAL A 40 3.66 14.24 4.34
N SER A 41 3.47 14.61 3.08
CA SER A 41 3.44 13.62 2.00
C SER A 41 4.72 13.67 1.18
N GLN A 42 5.31 14.86 1.09
CA GLN A 42 6.54 15.04 0.33
C GLN A 42 7.74 14.49 1.09
N TRP A 43 7.73 14.64 2.40
CA TRP A 43 8.82 14.14 3.22
C TRP A 43 8.95 12.64 3.10
N THR A 44 7.86 11.93 3.35
CA THR A 44 7.88 10.48 3.28
C THR A 44 8.41 9.99 1.92
N SER A 45 8.28 10.84 0.91
CA SER A 45 8.79 10.51 -0.41
C SER A 45 10.31 10.62 -0.36
N SER A 46 10.78 11.65 0.36
CA SER A 46 12.20 11.84 0.56
C SER A 46 12.74 10.69 1.41
N CYS A 47 11.92 10.23 2.34
CA CYS A 47 12.26 9.11 3.20
C CYS A 47 12.50 7.90 2.30
N LEU A 48 11.65 7.78 1.29
CA LEU A 48 11.74 6.69 0.35
C LEU A 48 13.02 6.78 -0.44
N GLU A 49 13.44 7.99 -0.77
CA GLU A 49 14.68 8.14 -1.49
C GLU A 49 15.84 7.97 -0.52
N HIS A 50 15.65 8.44 0.70
CA HIS A 50 16.69 8.32 1.71
C HIS A 50 16.63 6.93 2.37
N CYS A 51 15.69 6.08 1.93
CA CYS A 51 15.57 4.74 2.43
C CYS A 51 16.31 3.84 1.46
N ILE A 52 15.93 3.99 0.19
CA ILE A 52 16.54 3.26 -0.90
C ILE A 52 18.05 3.51 -0.95
N LYS A 53 18.44 4.79 -0.87
CA LYS A 53 19.84 5.16 -0.94
C LYS A 53 20.63 4.50 0.18
N ARG A 54 19.99 4.30 1.31
CA ARG A 54 20.64 3.64 2.44
C ARG A 54 20.73 2.14 2.15
N LEU A 55 19.70 1.62 1.48
CA LEU A 55 19.65 0.21 1.14
C LEU A 55 20.71 -0.12 0.09
N THR A 56 21.02 0.86 -0.75
CA THR A 56 22.04 0.69 -1.78
C THR A 56 23.41 0.73 -1.15
N ALA A 57 23.57 1.57 -0.13
CA ALA A 57 24.82 1.69 0.59
C ALA A 57 25.12 0.39 1.31
N LEU A 58 24.08 -0.20 1.90
CA LEU A 58 24.22 -1.46 2.61
C LEU A 58 24.33 -2.62 1.64
N ASN A 59 23.66 -2.49 0.48
CA ASN A 59 23.67 -3.51 -0.56
C ASN A 59 23.49 -4.93 0.01
N LYS A 60 22.26 -5.23 0.43
CA LYS A 60 21.95 -6.55 0.99
C LYS A 60 20.48 -6.65 1.37
N PRO A 61 19.65 -7.45 0.65
CA PRO A 61 20.09 -8.25 -0.50
C PRO A 61 20.33 -7.39 -1.76
N PHE A 62 19.30 -7.21 -2.61
CA PHE A 62 19.44 -6.42 -3.82
C PHE A 62 18.17 -5.63 -4.11
N LYS A 63 17.07 -6.35 -4.34
CA LYS A 63 15.78 -5.71 -4.64
C LYS A 63 15.10 -5.23 -3.36
N TYR A 64 15.07 -3.91 -3.17
CA TYR A 64 14.44 -3.32 -2.00
C TYR A 64 13.26 -2.43 -2.38
N VAL A 65 12.13 -2.64 -1.71
CA VAL A 65 10.94 -1.84 -1.97
C VAL A 65 10.67 -0.92 -0.77
N VAL A 66 10.36 0.34 -1.06
CA VAL A 66 10.07 1.28 0.01
C VAL A 66 8.80 2.09 -0.28
N THR A 67 7.78 1.88 0.53
CA THR A 67 6.53 2.64 0.35
C THR A 67 6.00 3.13 1.68
N CYS A 68 5.41 4.33 1.65
CA CYS A 68 4.87 4.95 2.84
C CYS A 68 3.43 5.40 2.62
N ILE A 69 2.68 5.48 3.71
CA ILE A 69 1.30 5.92 3.67
C ILE A 69 1.01 6.83 4.86
N ILE A 70 0.59 8.06 4.57
CA ILE A 70 0.30 9.03 5.63
C ILE A 70 -1.19 9.12 5.93
N MET A 71 -1.52 9.24 7.22
CA MET A 71 -2.90 9.34 7.65
C MET A 71 -3.10 10.61 8.48
N GLN A 72 -3.95 11.51 7.97
CA GLN A 72 -4.23 12.77 8.65
C GLN A 72 -4.76 12.53 10.06
N LYS A 73 -4.53 13.49 10.95
CA LYS A 73 -4.98 13.38 12.33
C LYS A 73 -6.49 13.17 12.40
N ASN A 74 -6.91 11.92 12.38
CA ASN A 74 -8.33 11.59 12.44
C ASN A 74 -8.52 10.07 12.57
N GLY A 75 -9.04 9.65 13.71
CA GLY A 75 -9.26 8.23 13.95
C GLY A 75 -10.29 7.65 13.01
N ALA A 76 -9.86 7.24 11.83
CA ALA A 76 -10.75 6.66 10.84
C ALA A 76 -10.41 5.19 10.58
N GLY A 77 -11.43 4.36 10.43
CA GLY A 77 -11.22 2.95 10.18
C GLY A 77 -10.55 2.69 8.84
N LEU A 78 -9.29 2.29 8.88
CA LEU A 78 -8.53 2.01 7.67
C LEU A 78 -8.00 0.58 7.68
N HIS A 79 -8.51 -0.25 6.77
CA HIS A 79 -8.08 -1.64 6.68
C HIS A 79 -7.40 -1.91 5.34
N THR A 80 -6.42 -2.81 5.37
CA THR A 80 -5.68 -3.16 4.16
C THR A 80 -5.71 -4.66 3.91
N ALA A 81 -5.59 -5.06 2.65
CA ALA A 81 -5.60 -6.47 2.27
C ALA A 81 -4.54 -6.74 1.22
N ALA A 82 -3.96 -7.93 1.25
CA ALA A 82 -2.92 -8.27 0.30
C ALA A 82 -2.74 -9.78 0.13
N SER A 83 -2.51 -10.18 -1.11
CA SER A 83 -2.31 -11.57 -1.45
C SER A 83 -1.27 -11.68 -2.56
N CYS A 84 -0.15 -12.33 -2.27
CA CYS A 84 0.92 -12.48 -3.25
C CYS A 84 1.07 -13.93 -3.66
N TRP A 85 1.69 -14.14 -4.81
CA TRP A 85 1.91 -15.49 -5.33
C TRP A 85 3.06 -16.14 -4.58
N TRP A 86 3.72 -17.13 -5.18
CA TRP A 86 4.82 -17.82 -4.53
C TRP A 86 6.14 -17.09 -4.78
N ASP A 87 6.94 -16.95 -3.73
CA ASP A 87 8.23 -16.28 -3.81
C ASP A 87 8.90 -16.23 -2.43
N SER A 88 9.59 -17.30 -2.07
CA SER A 88 10.27 -17.38 -0.78
C SER A 88 11.62 -16.67 -0.79
N THR A 89 11.96 -16.03 -1.91
CA THR A 89 13.24 -15.32 -2.01
C THR A 89 13.05 -13.81 -1.96
N THR A 90 12.16 -13.29 -2.78
CA THR A 90 11.90 -11.87 -2.83
C THR A 90 10.88 -11.49 -1.77
N ASP A 91 9.86 -12.30 -1.60
CA ASP A 91 8.81 -11.98 -0.64
C ASP A 91 9.32 -11.93 0.80
N GLY A 92 9.08 -10.78 1.43
CA GLY A 92 9.45 -10.56 2.80
C GLY A 92 8.51 -9.54 3.43
N SER A 93 8.63 -8.30 2.97
CA SER A 93 7.76 -7.21 3.43
C SER A 93 7.76 -7.00 4.94
N ARG A 94 8.03 -5.76 5.35
CA ARG A 94 8.02 -5.40 6.77
C ARG A 94 7.59 -3.94 6.93
N THR A 95 6.38 -3.74 7.45
CA THR A 95 5.83 -2.39 7.64
C THR A 95 6.17 -1.83 9.03
N VAL A 96 6.27 -0.51 9.11
CA VAL A 96 6.59 0.16 10.37
C VAL A 96 5.70 1.38 10.58
N ARG A 97 4.85 1.34 11.60
CA ARG A 97 3.96 2.46 11.89
C ARG A 97 4.72 3.54 12.67
N TRP A 98 5.00 4.65 12.00
CA TRP A 98 5.72 5.77 12.59
C TRP A 98 4.79 6.99 12.73
N GLU A 99 4.68 7.53 13.93
CA GLU A 99 3.84 8.69 14.17
C GLU A 99 4.62 9.79 14.87
N ASN A 100 4.07 11.00 14.85
CA ASN A 100 4.73 12.15 15.48
C ASN A 100 3.87 12.73 16.60
N LYS A 101 2.63 13.08 16.27
CA LYS A 101 1.71 13.65 17.25
C LYS A 101 0.34 13.94 16.62
N SER A 102 0.34 14.67 15.51
CA SER A 102 -0.89 15.01 14.82
C SER A 102 -0.95 14.38 13.43
N MET A 103 -0.41 13.17 13.30
CA MET A 103 -0.40 12.47 12.03
C MET A 103 0.26 11.11 12.16
N TYR A 104 -0.32 10.11 11.50
CA TYR A 104 0.22 8.75 11.53
C TYR A 104 0.84 8.41 10.18
N CYS A 105 2.12 8.07 10.18
CA CYS A 105 2.81 7.75 8.94
C CYS A 105 3.38 6.33 8.98
N ILE A 106 2.79 5.44 8.20
CA ILE A 106 3.26 4.07 8.12
C ILE A 106 4.29 3.94 6.98
N CYS A 107 5.40 3.29 7.29
CA CYS A 107 6.46 3.11 6.31
C CYS A 107 6.87 1.65 6.22
N THR A 108 6.65 1.04 5.05
CA THR A 108 6.99 -0.36 4.87
C THR A 108 8.15 -0.54 3.90
N VAL A 109 8.91 -1.60 4.14
CA VAL A 109 10.04 -1.93 3.29
C VAL A 109 9.98 -3.40 2.92
N PHE A 110 10.01 -3.69 1.62
CA PHE A 110 10.00 -5.07 1.16
C PHE A 110 11.40 -5.46 0.73
N GLY A 111 12.07 -6.17 1.61
CA GLY A 111 13.43 -6.61 1.36
C GLY A 111 13.46 -7.86 0.52
N LEU A 112 13.38 -7.68 -0.78
CA LEU A 112 13.37 -8.80 -1.69
C LEU A 112 14.78 -9.27 -1.99
N ALA A 113 15.02 -10.56 -1.74
CA ALA A 113 16.36 -11.14 -1.97
C ALA A 113 16.87 -10.85 -3.38
N ILE A 114 16.39 -11.60 -4.35
CA ILE A 114 16.80 -11.43 -5.73
C ILE A 114 15.64 -10.94 -6.59
N MET B 1 -34.10 6.77 -8.49
CA MET B 1 -33.07 5.86 -7.90
C MET B 1 -31.72 6.07 -8.57
N GLU B 2 -31.00 7.10 -8.13
CA GLU B 2 -29.68 7.39 -8.69
C GLU B 2 -28.79 8.05 -7.64
N GLY B 3 -27.68 7.39 -7.31
CA GLY B 3 -26.76 7.93 -6.32
C GLY B 3 -25.56 7.03 -6.10
N VAL B 4 -25.80 5.72 -6.11
CA VAL B 4 -24.72 4.75 -5.91
C VAL B 4 -23.90 4.58 -7.18
N ASP B 5 -22.58 4.48 -7.01
CA ASP B 5 -21.69 4.31 -8.14
C ASP B 5 -20.57 3.32 -7.80
N PRO B 6 -20.74 2.03 -8.15
CA PRO B 6 -19.73 0.98 -7.87
C PRO B 6 -18.50 1.11 -8.77
N ALA B 7 -17.81 2.26 -8.65
CA ALA B 7 -16.60 2.55 -9.44
C ALA B 7 -16.30 4.05 -9.40
N VAL B 8 -17.15 4.80 -10.09
CA VAL B 8 -17.05 6.27 -10.15
C VAL B 8 -15.76 6.72 -10.84
N GLU B 9 -14.66 6.53 -10.15
CA GLU B 9 -13.36 6.94 -10.64
C GLU B 9 -12.50 5.73 -11.01
N GLU B 10 -12.65 5.28 -12.26
CA GLU B 10 -11.89 4.13 -12.75
C GLU B 10 -10.43 4.52 -13.02
N ALA B 11 -9.52 3.86 -12.32
CA ALA B 11 -8.09 4.12 -12.49
C ALA B 11 -7.40 2.95 -13.18
N ALA B 12 -6.19 3.21 -13.68
CA ALA B 12 -5.40 2.18 -14.38
C ALA B 12 -5.90 1.98 -15.81
N PHE B 13 -5.01 2.18 -16.77
CA PHE B 13 -5.36 2.03 -18.18
C PHE B 13 -4.65 0.83 -18.81
N VAL B 14 -3.50 0.46 -18.25
CA VAL B 14 -2.74 -0.68 -18.77
C VAL B 14 -3.14 -1.97 -18.07
N ALA B 15 -2.87 -3.10 -18.71
CA ALA B 15 -3.20 -4.40 -18.15
C ALA B 15 -4.70 -4.53 -17.91
N ASP B 16 -5.49 -4.19 -18.92
CA ASP B 16 -6.94 -4.25 -18.83
C ASP B 16 -7.39 -5.66 -18.43
N ASP B 17 -6.61 -6.66 -18.83
CA ASP B 17 -6.93 -8.05 -18.52
C ASP B 17 -7.06 -8.25 -17.01
N VAL B 18 -6.11 -7.71 -16.27
CA VAL B 18 -6.11 -7.81 -14.81
C VAL B 18 -7.04 -6.78 -14.19
N SER B 19 -7.16 -5.63 -14.85
CA SER B 19 -8.01 -4.55 -14.36
C SER B 19 -9.46 -5.01 -14.22
N ASN B 20 -9.94 -5.73 -15.21
CA ASN B 20 -11.33 -6.22 -15.19
C ASN B 20 -11.53 -7.25 -14.09
N ILE B 21 -10.54 -8.12 -13.90
CA ILE B 21 -10.61 -9.17 -12.88
C ILE B 21 -10.86 -8.57 -11.50
N ILE B 22 -10.02 -7.62 -11.10
CA ILE B 22 -10.15 -7.00 -9.80
C ILE B 22 -11.51 -6.30 -9.66
N LYS B 23 -11.85 -5.44 -10.62
CA LYS B 23 -13.13 -4.73 -10.60
C LYS B 23 -14.27 -5.74 -10.58
N GLU B 24 -14.25 -6.63 -11.56
CA GLU B 24 -15.26 -7.68 -11.68
C GLU B 24 -15.42 -8.41 -10.35
N SER B 25 -14.30 -8.55 -9.64
CA SER B 25 -14.30 -9.21 -8.35
C SER B 25 -15.01 -8.38 -7.30
N ILE B 26 -14.74 -7.07 -7.25
CA ILE B 26 -15.40 -6.21 -6.26
C ILE B 26 -16.91 -6.29 -6.44
N ASP B 27 -17.35 -6.24 -7.69
CA ASP B 27 -18.77 -6.32 -7.99
C ASP B 27 -19.40 -7.52 -7.29
N ALA B 28 -18.65 -8.61 -7.24
CA ALA B 28 -19.12 -9.83 -6.59
C ALA B 28 -18.76 -9.89 -5.11
N VAL B 29 -17.52 -9.53 -4.81
CA VAL B 29 -16.99 -9.52 -3.46
C VAL B 29 -17.62 -8.42 -2.61
N LEU B 30 -18.44 -7.55 -3.23
CA LEU B 30 -19.12 -6.49 -2.49
C LEU B 30 -20.64 -6.58 -2.69
N GLN B 31 -21.09 -6.92 -3.90
CA GLN B 31 -22.53 -7.04 -4.15
C GLN B 31 -23.09 -8.38 -3.66
N ASN B 32 -22.19 -9.34 -3.37
CA ASN B 32 -22.60 -10.68 -2.89
C ASN B 32 -23.75 -10.62 -1.88
N GLN B 33 -23.83 -9.53 -1.12
CA GLN B 33 -24.89 -9.38 -0.13
C GLN B 33 -25.28 -7.90 0.06
N GLN B 34 -24.71 -7.23 1.07
CA GLN B 34 -25.04 -5.82 1.32
C GLN B 34 -23.80 -5.05 1.75
N TYR B 35 -23.99 -3.76 2.02
CA TYR B 35 -22.88 -2.90 2.45
C TYR B 35 -22.74 -2.92 3.96
N SER B 36 -21.65 -3.53 4.43
CA SER B 36 -21.36 -3.62 5.86
C SER B 36 -19.91 -3.24 6.13
N GLU B 37 -19.68 -2.35 7.10
CA GLU B 37 -18.32 -1.93 7.42
C GLU B 37 -17.47 -3.11 7.86
N ALA B 38 -18.06 -4.01 8.64
CA ALA B 38 -17.35 -5.20 9.10
C ALA B 38 -16.83 -6.01 7.93
N LYS B 39 -17.58 -5.95 6.82
CA LYS B 39 -17.23 -6.67 5.61
C LYS B 39 -16.42 -5.77 4.66
N VAL B 40 -16.53 -4.45 4.84
CA VAL B 40 -15.83 -3.49 4.00
C VAL B 40 -14.33 -3.81 3.90
N SER B 41 -13.80 -4.50 4.91
CA SER B 41 -12.39 -4.87 4.92
C SER B 41 -12.21 -6.35 4.60
N GLN B 42 -13.19 -7.15 5.00
CA GLN B 42 -13.13 -8.60 4.76
C GLN B 42 -13.43 -8.92 3.32
N TRP B 43 -14.34 -8.17 2.71
CA TRP B 43 -14.69 -8.41 1.32
C TRP B 43 -13.50 -8.21 0.41
N THR B 44 -12.86 -7.05 0.52
CA THR B 44 -11.72 -6.73 -0.31
C THR B 44 -10.64 -7.82 -0.20
N SER B 45 -10.64 -8.52 0.93
CA SER B 45 -9.70 -9.62 1.12
C SER B 45 -10.15 -10.77 0.23
N SER B 46 -11.47 -10.97 0.18
CA SER B 46 -12.05 -11.99 -0.68
C SER B 46 -11.80 -11.62 -2.13
N CYS B 47 -11.84 -10.31 -2.40
CA CYS B 47 -11.55 -9.79 -3.74
C CYS B 47 -10.15 -10.20 -4.12
N LEU B 48 -9.27 -10.11 -3.14
CA LEU B 48 -7.88 -10.47 -3.33
C LEU B 48 -7.75 -11.92 -3.64
N GLU B 49 -8.56 -12.76 -2.99
CA GLU B 49 -8.51 -14.17 -3.28
C GLU B 49 -9.22 -14.45 -4.59
N HIS B 50 -10.28 -13.70 -4.85
CA HIS B 50 -11.02 -13.85 -6.10
C HIS B 50 -10.34 -13.07 -7.23
N CYS B 51 -9.22 -12.41 -6.93
CA CYS B 51 -8.47 -11.67 -7.93
C CYS B 51 -7.35 -12.59 -8.37
N ILE B 52 -6.63 -13.08 -7.38
CA ILE B 52 -5.54 -14.02 -7.61
C ILE B 52 -6.03 -15.27 -8.34
N LYS B 53 -7.12 -15.84 -7.87
CA LYS B 53 -7.68 -17.05 -8.46
C LYS B 53 -8.03 -16.83 -9.92
N ARG B 54 -8.42 -15.61 -10.26
CA ARG B 54 -8.72 -15.28 -11.64
C ARG B 54 -7.43 -15.13 -12.43
N LEU B 55 -6.40 -14.61 -11.76
CA LEU B 55 -5.10 -14.43 -12.38
C LEU B 55 -4.45 -15.77 -12.66
N THR B 56 -4.76 -16.76 -11.83
CA THR B 56 -4.21 -18.09 -11.98
C THR B 56 -4.93 -18.80 -13.13
N ALA B 57 -6.22 -18.51 -13.27
CA ALA B 57 -7.02 -19.09 -14.34
C ALA B 57 -6.53 -18.56 -15.68
N LEU B 58 -6.21 -17.27 -15.71
CA LEU B 58 -5.71 -16.64 -16.91
C LEU B 58 -4.24 -17.00 -17.15
N ASN B 59 -3.50 -17.21 -16.06
CA ASN B 59 -2.09 -17.58 -16.11
C ASN B 59 -1.32 -16.74 -17.14
N LYS B 60 -1.07 -15.48 -16.81
CA LYS B 60 -0.33 -14.58 -17.69
C LYS B 60 -0.18 -13.19 -17.05
N PRO B 61 1.06 -12.80 -16.65
CA PRO B 61 2.28 -13.61 -16.78
C PRO B 61 2.33 -14.75 -15.75
N PHE B 62 2.92 -14.50 -14.57
CA PHE B 62 3.02 -15.53 -13.54
C PHE B 62 2.86 -14.92 -12.15
N LYS B 63 3.79 -14.04 -11.78
CA LYS B 63 3.76 -13.40 -10.47
C LYS B 63 2.77 -12.24 -10.44
N TYR B 64 1.65 -12.43 -9.75
CA TYR B 64 0.63 -11.41 -9.65
C TYR B 64 0.43 -10.96 -8.20
N VAL B 65 0.42 -9.63 -7.99
CA VAL B 65 0.23 -9.07 -6.67
C VAL B 65 -1.14 -8.40 -6.59
N VAL B 66 -1.86 -8.64 -5.51
CA VAL B 66 -3.17 -8.03 -5.34
C VAL B 66 -3.33 -7.44 -3.95
N THR B 67 -3.45 -6.11 -3.87
CA THR B 67 -3.64 -5.45 -2.58
C THR B 67 -4.72 -4.38 -2.67
N CYS B 68 -5.48 -4.26 -1.59
CA CYS B 68 -6.57 -3.30 -1.53
C CYS B 68 -6.47 -2.43 -0.28
N ILE B 69 -7.04 -1.23 -0.36
CA ILE B 69 -7.03 -0.31 0.77
C ILE B 69 -8.39 0.39 0.85
N ILE B 70 -9.07 0.23 1.98
CA ILE B 70 -10.39 0.84 2.16
C ILE B 70 -10.32 2.13 2.96
N MET B 71 -11.12 3.11 2.54
CA MET B 71 -11.16 4.41 3.21
C MET B 71 -12.59 4.72 3.65
N GLN B 72 -12.78 4.85 4.96
CA GLN B 72 -14.10 5.14 5.51
C GLN B 72 -14.66 6.45 4.94
N LYS B 73 -15.98 6.56 4.91
CA LYS B 73 -16.64 7.75 4.38
C LYS B 73 -16.20 8.99 5.13
N ASN B 74 -15.13 9.62 4.65
CA ASN B 74 -14.60 10.83 5.28
C ASN B 74 -13.48 11.44 4.43
N GLY B 75 -13.74 12.61 3.88
CA GLY B 75 -12.75 13.28 3.06
C GLY B 75 -11.51 13.66 3.84
N ALA B 76 -10.57 12.73 3.96
CA ALA B 76 -9.33 12.98 4.68
C ALA B 76 -8.13 12.93 3.74
N GLY B 77 -7.18 13.83 3.96
CA GLY B 77 -5.99 13.87 3.13
C GLY B 77 -5.13 12.64 3.28
N LEU B 78 -5.12 11.80 2.26
CA LEU B 78 -4.33 10.57 2.28
C LEU B 78 -3.36 10.52 1.10
N HIS B 79 -2.07 10.58 1.40
CA HIS B 79 -1.03 10.55 0.37
C HIS B 79 -0.17 9.31 0.50
N THR B 80 0.29 8.79 -0.63
CA THR B 80 1.13 7.60 -0.65
C THR B 80 2.44 7.86 -1.38
N ALA B 81 3.47 7.11 -1.02
CA ALA B 81 4.78 7.26 -1.65
C ALA B 81 5.40 5.89 -1.89
N ALA B 82 6.18 5.77 -2.97
CA ALA B 82 6.79 4.49 -3.28
C ALA B 82 8.00 4.63 -4.19
N SER B 83 9.01 3.83 -3.91
CA SER B 83 10.25 3.82 -4.68
C SER B 83 10.76 2.40 -4.78
N CYS B 84 10.84 1.88 -5.99
CA CYS B 84 11.32 0.52 -6.22
C CYS B 84 12.65 0.51 -6.95
N TRP B 85 13.37 -0.59 -6.83
CA TRP B 85 14.66 -0.72 -7.48
C TRP B 85 14.48 -1.00 -8.97
N TRP B 86 15.45 -1.61 -9.63
CA TRP B 86 15.34 -1.89 -11.05
C TRP B 86 14.64 -3.23 -11.29
N ASP B 87 13.74 -3.25 -12.25
CA ASP B 87 12.98 -4.46 -12.59
C ASP B 87 11.97 -4.17 -13.70
N SER B 88 12.43 -4.22 -14.94
CA SER B 88 11.56 -3.96 -16.09
C SER B 88 10.73 -5.18 -16.48
N THR B 89 10.83 -6.27 -15.72
CA THR B 89 10.09 -7.48 -16.02
C THR B 89 8.93 -7.69 -15.03
N THR B 90 9.22 -7.62 -13.75
CA THR B 90 8.22 -7.80 -12.73
C THR B 90 7.52 -6.48 -12.44
N ASP B 91 8.26 -5.41 -12.40
CA ASP B 91 7.66 -4.12 -12.08
C ASP B 91 6.64 -3.66 -13.13
N GLY B 92 5.43 -3.40 -12.64
CA GLY B 92 4.34 -2.93 -13.47
C GLY B 92 3.38 -2.09 -12.63
N SER B 93 2.69 -2.76 -11.71
CA SER B 93 1.76 -2.10 -10.79
C SER B 93 0.69 -1.26 -11.47
N ARG B 94 -0.57 -1.54 -11.11
CA ARG B 94 -1.70 -0.79 -11.65
C ARG B 94 -2.82 -0.72 -10.62
N THR B 95 -3.04 0.47 -10.04
CA THR B 95 -4.06 0.65 -9.01
C THR B 95 -5.39 1.08 -9.62
N VAL B 96 -6.49 0.71 -8.94
CA VAL B 96 -7.84 1.05 -9.41
C VAL B 96 -8.70 1.55 -8.27
N ARG B 97 -9.11 2.81 -8.32
CA ARG B 97 -9.95 3.38 -7.26
C ARG B 97 -11.41 2.99 -7.50
N TRP B 98 -11.91 2.11 -6.66
CA TRP B 98 -13.29 1.62 -6.75
C TRP B 98 -14.09 2.10 -5.54
N GLU B 99 -15.21 2.77 -5.79
CA GLU B 99 -16.06 3.26 -4.71
C GLU B 99 -17.50 2.81 -4.92
N ASN B 100 -18.30 2.91 -3.86
CA ASN B 100 -19.70 2.50 -3.91
C ASN B 100 -20.63 3.67 -3.64
N LYS B 101 -20.44 4.33 -2.50
CA LYS B 101 -21.28 5.47 -2.13
C LYS B 101 -20.82 6.08 -0.80
N SER B 102 -20.69 5.23 0.21
CA SER B 102 -20.28 5.68 1.54
C SER B 102 -18.95 5.06 1.94
N MET B 103 -18.06 4.88 0.96
CA MET B 103 -16.75 4.29 1.23
C MET B 103 -15.93 4.21 -0.06
N TYR B 104 -14.63 4.51 0.06
CA TYR B 104 -13.74 4.46 -1.09
C TYR B 104 -12.79 3.27 -0.94
N CYS B 105 -12.80 2.38 -1.91
CA CYS B 105 -11.95 1.20 -1.87
C CYS B 105 -11.02 1.12 -3.08
N ILE B 106 -9.73 1.34 -2.84
CA ILE B 106 -8.73 1.28 -3.89
C ILE B 106 -8.18 -0.14 -3.98
N CYS B 107 -8.10 -0.65 -5.20
CA CYS B 107 -7.61 -2.00 -5.43
C CYS B 107 -6.51 -1.99 -6.49
N THR B 108 -5.30 -2.37 -6.10
CA THR B 108 -4.18 -2.38 -7.03
C THR B 108 -3.71 -3.79 -7.33
N VAL B 109 -3.21 -3.97 -8.55
CA VAL B 109 -2.68 -5.25 -8.98
C VAL B 109 -1.32 -5.07 -9.61
N PHE B 110 -0.32 -5.78 -9.11
CA PHE B 110 1.01 -5.69 -9.66
C PHE B 110 1.27 -6.92 -10.52
N GLY B 111 1.14 -6.74 -11.82
CA GLY B 111 1.33 -7.82 -12.76
C GLY B 111 2.78 -8.03 -13.08
N LEU B 112 3.46 -8.78 -12.23
CA LEU B 112 4.87 -9.03 -12.40
C LEU B 112 5.11 -10.17 -13.37
N ALA B 113 5.89 -9.89 -14.42
CA ALA B 113 6.18 -10.89 -15.44
C ALA B 113 6.69 -12.19 -14.82
N ILE B 114 7.97 -12.20 -14.48
CA ILE B 114 8.59 -13.40 -13.89
C ILE B 114 8.99 -13.13 -12.43
N MET A 1 1.35 15.96 28.35
CA MET A 1 2.04 16.44 27.12
C MET A 1 1.17 16.23 25.89
N GLU A 2 -0.15 16.28 26.08
CA GLU A 2 -1.10 16.10 24.98
C GLU A 2 -1.06 14.66 24.46
N GLY A 3 0.03 14.32 23.78
CA GLY A 3 0.17 12.98 23.25
C GLY A 3 1.34 12.84 22.30
N VAL A 4 2.45 13.49 22.62
CA VAL A 4 3.65 13.44 21.79
C VAL A 4 4.51 12.24 22.16
N ASP A 5 4.56 11.25 21.29
CA ASP A 5 5.35 10.04 21.54
C ASP A 5 6.06 9.57 20.26
N PRO A 6 7.37 9.85 20.12
CA PRO A 6 8.14 9.42 18.94
C PRO A 6 8.25 7.90 18.86
N ALA A 7 7.67 7.33 17.81
CA ALA A 7 7.70 5.88 17.63
C ALA A 7 7.01 5.18 18.80
N VAL A 8 5.71 4.98 18.67
CA VAL A 8 4.94 4.33 19.73
C VAL A 8 4.57 2.92 19.33
N GLU A 9 3.76 2.84 18.29
CA GLU A 9 3.27 1.58 17.79
C GLU A 9 4.20 0.99 16.75
N GLU A 10 5.42 0.66 17.17
CA GLU A 10 6.41 0.09 16.27
C GLU A 10 5.91 -1.22 15.68
N ALA A 11 5.82 -1.26 14.35
CA ALA A 11 5.34 -2.45 13.66
C ALA A 11 6.48 -3.19 12.95
N ALA A 12 6.38 -4.52 12.93
CA ALA A 12 7.39 -5.35 12.29
C ALA A 12 8.77 -5.15 12.91
N PHE A 13 9.28 -6.19 13.57
CA PHE A 13 10.59 -6.13 14.20
C PHE A 13 11.55 -7.12 13.54
N VAL A 14 11.36 -7.31 12.25
CA VAL A 14 12.20 -8.23 11.49
C VAL A 14 13.22 -7.47 10.64
N ALA A 15 14.43 -8.00 10.54
CA ALA A 15 15.49 -7.37 9.76
C ALA A 15 15.87 -6.01 10.34
N ASP A 16 16.61 -6.03 11.43
CA ASP A 16 17.04 -4.79 12.09
C ASP A 16 17.86 -3.93 11.15
N ASP A 17 18.56 -4.57 10.22
CA ASP A 17 19.40 -3.86 9.26
C ASP A 17 18.59 -2.83 8.48
N VAL A 18 17.45 -3.26 7.94
CA VAL A 18 16.58 -2.38 7.18
C VAL A 18 15.70 -1.53 8.10
N SER A 19 15.36 -2.10 9.26
CA SER A 19 14.52 -1.41 10.23
C SER A 19 15.15 -0.10 10.69
N ASN A 20 16.46 -0.11 10.90
CA ASN A 20 17.17 1.08 11.36
C ASN A 20 17.24 2.13 10.24
N ILE A 21 17.52 1.70 9.02
CA ILE A 21 17.64 2.60 7.88
C ILE A 21 16.37 3.44 7.70
N ILE A 22 15.23 2.77 7.62
CA ILE A 22 13.96 3.46 7.43
C ILE A 22 13.68 4.44 8.56
N LYS A 23 13.82 3.99 9.81
CA LYS A 23 13.56 4.86 10.96
C LYS A 23 14.53 6.03 10.99
N GLU A 24 15.83 5.73 10.93
CA GLU A 24 16.85 6.77 10.94
C GLU A 24 16.55 7.80 9.86
N SER A 25 15.99 7.32 8.75
CA SER A 25 15.63 8.20 7.65
C SER A 25 14.43 9.05 8.02
N ILE A 26 13.38 8.43 8.58
CA ILE A 26 12.19 9.19 9.00
C ILE A 26 12.58 10.23 10.01
N ASP A 27 13.39 9.82 10.97
CA ASP A 27 13.86 10.73 12.01
C ASP A 27 14.42 12.01 11.38
N ALA A 28 15.10 11.84 10.25
CA ALA A 28 15.68 12.97 9.53
C ALA A 28 14.71 13.57 8.51
N VAL A 29 14.02 12.71 7.79
CA VAL A 29 13.06 13.12 6.77
C VAL A 29 11.80 13.72 7.39
N LEU A 30 11.67 13.64 8.71
CA LEU A 30 10.54 14.22 9.40
C LEU A 30 10.97 15.28 10.41
N GLN A 31 12.17 15.13 11.00
CA GLN A 31 12.64 16.11 11.97
C GLN A 31 13.40 17.28 11.29
N ASN A 32 13.84 17.07 10.04
CA ASN A 32 14.59 18.12 9.33
C ASN A 32 13.85 19.45 9.34
N GLN A 33 12.55 19.41 9.01
CA GLN A 33 11.74 20.62 8.98
C GLN A 33 10.56 20.52 9.93
N GLN A 34 9.67 21.51 9.86
CA GLN A 34 8.49 21.54 10.72
C GLN A 34 7.31 20.85 10.05
N TYR A 35 6.23 20.68 10.80
CA TYR A 35 5.03 20.03 10.29
C TYR A 35 4.45 20.82 9.12
N SER A 36 4.54 20.28 7.90
CA SER A 36 4.00 20.97 6.73
C SER A 36 3.08 20.07 5.91
N GLU A 37 1.83 20.48 5.73
CA GLU A 37 0.86 19.71 4.95
C GLU A 37 1.38 19.46 3.53
N ALA A 38 2.17 20.39 3.03
CA ALA A 38 2.78 20.23 1.71
C ALA A 38 3.96 19.25 1.77
N LYS A 39 4.31 18.83 2.98
CA LYS A 39 5.40 17.91 3.21
C LYS A 39 4.91 16.62 3.86
N VAL A 40 3.69 16.61 4.37
CA VAL A 40 3.13 15.43 5.03
C VAL A 40 3.28 14.18 4.17
N SER A 41 3.24 14.36 2.85
CA SER A 41 3.39 13.23 1.92
C SER A 41 4.75 13.27 1.25
N GLN A 42 5.27 14.47 1.06
CA GLN A 42 6.58 14.62 0.45
C GLN A 42 7.65 14.13 1.41
N TRP A 43 7.37 14.28 2.70
CA TRP A 43 8.26 13.81 3.76
C TRP A 43 8.68 12.37 3.46
N THR A 44 7.69 11.49 3.51
CA THR A 44 7.90 10.07 3.28
C THR A 44 8.53 9.80 1.92
N SER A 45 8.37 10.72 0.99
CA SER A 45 8.93 10.56 -0.35
C SER A 45 10.43 10.71 -0.27
N SER A 46 10.86 11.69 0.50
CA SER A 46 12.27 11.91 0.72
C SER A 46 12.83 10.74 1.51
N CYS A 47 12.00 10.20 2.41
CA CYS A 47 12.36 9.04 3.21
C CYS A 47 12.65 7.88 2.29
N LEU A 48 11.76 7.69 1.34
CA LEU A 48 11.89 6.62 0.38
C LEU A 48 13.17 6.77 -0.41
N GLU A 49 13.55 8.00 -0.70
CA GLU A 49 14.80 8.22 -1.41
C GLU A 49 15.96 8.07 -0.43
N HIS A 50 15.72 8.45 0.83
CA HIS A 50 16.73 8.32 1.87
C HIS A 50 16.71 6.90 2.47
N CYS A 51 15.84 6.03 1.95
CA CYS A 51 15.74 4.65 2.40
C CYS A 51 16.34 3.77 1.32
N ILE A 52 15.97 4.10 0.09
CA ILE A 52 16.44 3.40 -1.08
C ILE A 52 17.94 3.65 -1.25
N LYS A 53 18.36 4.92 -1.14
CA LYS A 53 19.77 5.28 -1.28
C LYS A 53 20.62 4.56 -0.25
N ARG A 54 20.06 4.38 0.94
CA ARG A 54 20.76 3.70 2.01
C ARG A 54 20.93 2.22 1.69
N LEU A 55 19.84 1.62 1.25
CA LEU A 55 19.85 0.21 0.89
C LEU A 55 20.86 -0.08 -0.22
N THR A 56 21.09 0.93 -1.06
CA THR A 56 22.04 0.80 -2.15
C THR A 56 23.46 0.91 -1.62
N ALA A 57 23.62 1.75 -0.59
CA ALA A 57 24.93 1.93 0.04
C ALA A 57 25.34 0.66 0.76
N LEU A 58 24.34 -0.03 1.32
CA LEU A 58 24.57 -1.27 2.04
C LEU A 58 24.60 -2.46 1.09
N ASN A 59 23.88 -2.33 -0.04
CA ASN A 59 23.80 -3.38 -1.06
C ASN A 59 23.55 -4.76 -0.44
N LYS A 60 22.46 -4.87 0.32
CA LYS A 60 22.10 -6.14 0.97
C LYS A 60 20.80 -5.99 1.77
N PRO A 61 19.69 -6.63 1.33
CA PRO A 61 19.64 -7.45 0.12
C PRO A 61 19.86 -6.64 -1.16
N PHE A 62 19.44 -7.20 -2.29
CA PHE A 62 19.61 -6.52 -3.57
C PHE A 62 18.30 -5.87 -4.00
N LYS A 63 17.28 -6.68 -4.24
CA LYS A 63 15.97 -6.18 -4.66
C LYS A 63 15.13 -5.78 -3.44
N TYR A 64 15.00 -4.48 -3.21
CA TYR A 64 14.23 -4.00 -2.08
C TYR A 64 13.25 -2.91 -2.50
N VAL A 65 12.06 -2.94 -1.90
CA VAL A 65 11.03 -1.95 -2.19
C VAL A 65 10.84 -1.05 -0.99
N VAL A 66 10.48 0.21 -1.23
CA VAL A 66 10.27 1.15 -0.15
C VAL A 66 8.97 1.92 -0.31
N THR A 67 7.95 1.56 0.48
CA THR A 67 6.67 2.27 0.40
C THR A 67 6.19 2.72 1.78
N CYS A 68 5.31 3.72 1.78
CA CYS A 68 4.76 4.26 3.01
C CYS A 68 3.37 4.83 2.77
N ILE A 69 2.58 4.89 3.83
CA ILE A 69 1.23 5.41 3.78
C ILE A 69 1.02 6.42 4.91
N ILE A 70 0.69 7.65 4.55
CA ILE A 70 0.49 8.71 5.54
C ILE A 70 -0.88 8.63 6.20
N MET A 71 -0.92 8.99 7.48
CA MET A 71 -2.16 8.97 8.25
C MET A 71 -2.43 10.35 8.83
N GLN A 72 -3.19 11.17 8.09
CA GLN A 72 -3.52 12.51 8.52
C GLN A 72 -4.18 12.52 9.90
N LYS A 73 -4.02 13.62 10.62
CA LYS A 73 -4.60 13.76 11.96
C LYS A 73 -6.11 13.63 11.91
N ASN A 74 -6.59 12.39 11.99
CA ASN A 74 -8.02 12.12 11.96
C ASN A 74 -8.31 10.65 12.29
N GLY A 75 -8.96 10.43 13.43
CA GLY A 75 -9.27 9.08 13.85
C GLY A 75 -10.23 8.38 12.91
N ALA A 76 -9.69 7.63 11.95
CA ALA A 76 -10.49 6.91 10.99
C ALA A 76 -9.95 5.50 10.77
N GLY A 77 -10.86 4.54 10.64
CA GLY A 77 -10.44 3.16 10.43
C GLY A 77 -9.74 2.96 9.11
N LEU A 78 -8.43 2.74 9.18
CA LEU A 78 -7.62 2.54 7.98
C LEU A 78 -7.08 1.11 7.93
N HIS A 79 -7.68 0.28 7.07
CA HIS A 79 -7.25 -1.10 6.93
C HIS A 79 -6.82 -1.40 5.50
N THR A 80 -5.74 -2.16 5.37
CA THR A 80 -5.21 -2.52 4.06
C THR A 80 -5.40 -4.01 3.79
N ALA A 81 -5.48 -4.38 2.52
CA ALA A 81 -5.67 -5.77 2.14
C ALA A 81 -4.65 -6.16 1.08
N ALA A 82 -4.10 -7.37 1.19
CA ALA A 82 -3.11 -7.81 0.23
C ALA A 82 -2.95 -9.32 0.17
N SER A 83 -3.23 -9.86 -1.01
CA SER A 83 -3.09 -11.28 -1.26
C SER A 83 -2.10 -11.46 -2.41
N CYS A 84 -0.98 -12.11 -2.13
CA CYS A 84 0.04 -12.30 -3.14
C CYS A 84 0.11 -13.74 -3.62
N TRP A 85 0.62 -13.91 -4.84
CA TRP A 85 0.75 -15.23 -5.43
C TRP A 85 1.94 -15.96 -4.81
N TRP A 86 2.51 -16.95 -5.51
CA TRP A 86 3.65 -17.68 -4.98
C TRP A 86 4.95 -16.96 -5.33
N ASP A 87 5.85 -16.88 -4.34
CA ASP A 87 7.14 -16.23 -4.53
C ASP A 87 7.95 -16.25 -3.23
N SER A 88 8.90 -17.16 -3.14
CA SER A 88 9.75 -17.27 -1.95
C SER A 88 10.88 -16.25 -1.96
N THR A 89 11.28 -15.82 -3.17
CA THR A 89 12.36 -14.85 -3.31
C THR A 89 11.96 -13.48 -2.77
N THR A 90 10.76 -13.03 -3.13
CA THR A 90 10.28 -11.73 -2.68
C THR A 90 9.79 -11.80 -1.23
N ASP A 91 10.70 -12.08 -0.32
CA ASP A 91 10.37 -12.18 1.10
C ASP A 91 11.06 -11.08 1.90
N GLY A 92 10.32 -10.03 2.23
CA GLY A 92 10.88 -8.93 2.99
C GLY A 92 9.83 -8.02 3.64
N SER A 93 8.65 -7.91 3.01
CA SER A 93 7.55 -7.06 3.48
C SER A 93 7.53 -6.84 5.00
N ARG A 94 8.13 -5.73 5.43
CA ARG A 94 8.17 -5.39 6.85
C ARG A 94 7.71 -3.94 7.05
N THR A 95 6.52 -3.76 7.61
CA THR A 95 5.97 -2.43 7.82
C THR A 95 6.30 -1.87 9.21
N VAL A 96 6.42 -0.55 9.28
CA VAL A 96 6.72 0.14 10.53
C VAL A 96 5.83 1.38 10.64
N ARG A 97 5.19 1.55 11.79
CA ARG A 97 4.31 2.69 12.02
C ARG A 97 5.01 3.76 12.85
N TRP A 98 5.18 4.94 12.27
CA TRP A 98 5.82 6.05 12.97
C TRP A 98 4.76 6.97 13.56
N GLU A 99 5.07 7.58 14.70
CA GLU A 99 4.14 8.48 15.37
C GLU A 99 4.89 9.60 16.08
N ASN A 100 4.35 10.81 15.97
CA ASN A 100 4.96 11.98 16.60
C ASN A 100 4.09 12.50 17.74
N LYS A 101 2.85 12.88 17.42
CA LYS A 101 1.93 13.39 18.43
C LYS A 101 0.47 13.25 17.98
N SER A 102 0.20 13.56 16.71
CA SER A 102 -1.15 13.46 16.19
C SER A 102 -1.18 12.70 14.86
N MET A 103 -0.29 13.08 13.95
CA MET A 103 -0.20 12.44 12.64
C MET A 103 0.62 11.16 12.71
N TYR A 104 0.24 10.19 11.88
CA TYR A 104 0.95 8.91 11.84
C TYR A 104 1.46 8.63 10.43
N CYS A 105 2.52 7.83 10.34
CA CYS A 105 3.10 7.49 9.04
C CYS A 105 3.63 6.06 9.04
N ILE A 106 2.99 5.20 8.27
CA ILE A 106 3.41 3.80 8.18
C ILE A 106 4.31 3.58 6.97
N CYS A 107 5.57 3.27 7.25
CA CYS A 107 6.54 3.02 6.19
C CYS A 107 6.98 1.57 6.20
N THR A 108 6.76 0.87 5.09
CA THR A 108 7.13 -0.53 4.98
C THR A 108 8.27 -0.74 4.00
N VAL A 109 9.27 -1.51 4.42
CA VAL A 109 10.40 -1.83 3.58
C VAL A 109 10.28 -3.28 3.13
N PHE A 110 10.30 -3.48 1.82
CA PHE A 110 10.19 -4.82 1.27
C PHE A 110 11.55 -5.34 0.85
N GLY A 111 12.15 -6.17 1.71
CA GLY A 111 13.45 -6.74 1.42
C GLY A 111 13.32 -8.03 0.63
N LEU A 112 13.29 -7.92 -0.69
CA LEU A 112 13.13 -9.08 -1.55
C LEU A 112 14.49 -9.67 -1.95
N ALA A 113 14.62 -10.98 -1.83
CA ALA A 113 15.86 -11.66 -2.17
C ALA A 113 16.17 -11.54 -3.66
N ILE A 114 16.71 -10.39 -4.05
CA ILE A 114 17.04 -10.15 -5.46
C ILE A 114 15.81 -10.26 -6.34
N MET B 1 -29.69 11.74 -6.46
CA MET B 1 -29.45 10.36 -5.94
C MET B 1 -28.36 10.35 -4.88
N GLU B 2 -28.22 11.45 -4.16
CA GLU B 2 -27.22 11.58 -3.10
C GLU B 2 -25.82 11.60 -3.70
N GLY B 3 -25.37 10.46 -4.20
CA GLY B 3 -24.05 10.37 -4.80
C GLY B 3 -23.62 8.94 -5.08
N VAL B 4 -24.56 8.12 -5.54
CA VAL B 4 -24.27 6.72 -5.85
C VAL B 4 -23.78 6.58 -7.29
N ASP B 5 -22.49 6.28 -7.43
CA ASP B 5 -21.89 6.12 -8.75
C ASP B 5 -20.91 4.94 -8.79
N PRO B 6 -21.32 3.79 -9.34
CA PRO B 6 -20.45 2.61 -9.43
C PRO B 6 -19.26 2.86 -10.35
N ALA B 7 -18.06 2.83 -9.78
CA ALA B 7 -16.84 3.07 -10.56
C ALA B 7 -16.87 4.46 -11.18
N VAL B 8 -16.36 5.43 -10.44
CA VAL B 8 -16.33 6.81 -10.93
C VAL B 8 -14.93 7.21 -11.33
N GLU B 9 -14.06 7.23 -10.33
CA GLU B 9 -12.69 7.64 -10.50
C GLU B 9 -11.80 6.44 -10.87
N GLU B 10 -12.08 5.84 -12.02
CA GLU B 10 -11.31 4.70 -12.49
C GLU B 10 -9.84 5.06 -12.64
N ALA B 11 -8.98 4.36 -11.90
CA ALA B 11 -7.54 4.62 -11.95
C ALA B 11 -6.81 3.51 -12.70
N ALA B 12 -5.75 3.90 -13.42
CA ALA B 12 -4.95 2.96 -14.19
C ALA B 12 -5.78 2.22 -15.23
N PHE B 13 -5.48 2.48 -16.50
CA PHE B 13 -6.20 1.84 -17.60
C PHE B 13 -5.25 0.96 -18.41
N VAL B 14 -4.26 0.38 -17.73
CA VAL B 14 -3.29 -0.48 -18.37
C VAL B 14 -3.58 -1.95 -18.08
N ALA B 15 -3.38 -2.80 -19.08
CA ALA B 15 -3.61 -4.24 -18.93
C ALA B 15 -5.09 -4.51 -18.66
N ASP B 16 -5.90 -4.44 -19.71
CA ASP B 16 -7.34 -4.69 -19.59
C ASP B 16 -7.61 -6.09 -19.08
N ASP B 17 -6.70 -7.02 -19.38
CA ASP B 17 -6.85 -8.41 -18.95
C ASP B 17 -7.00 -8.51 -17.43
N VAL B 18 -6.09 -7.84 -16.72
CA VAL B 18 -6.12 -7.85 -15.26
C VAL B 18 -7.14 -6.84 -14.73
N SER B 19 -7.32 -5.76 -15.47
CA SER B 19 -8.26 -4.71 -15.06
C SER B 19 -9.67 -5.26 -14.92
N ASN B 20 -10.08 -6.13 -15.84
CA ASN B 20 -11.42 -6.70 -15.79
C ASN B 20 -11.57 -7.68 -14.62
N ILE B 21 -10.55 -8.50 -14.41
CA ILE B 21 -10.58 -9.50 -13.33
C ILE B 21 -10.83 -8.84 -11.97
N ILE B 22 -10.03 -7.84 -11.64
CA ILE B 22 -10.17 -7.16 -10.36
C ILE B 22 -11.56 -6.52 -10.22
N LYS B 23 -11.99 -5.78 -11.22
CA LYS B 23 -13.30 -5.13 -11.16
C LYS B 23 -14.43 -6.15 -11.08
N GLU B 24 -14.43 -7.09 -12.02
CA GLU B 24 -15.46 -8.14 -12.02
C GLU B 24 -15.53 -8.80 -10.65
N SER B 25 -14.37 -8.92 -10.01
CA SER B 25 -14.30 -9.51 -8.68
C SER B 25 -14.91 -8.58 -7.65
N ILE B 26 -14.55 -7.29 -7.68
CA ILE B 26 -15.12 -6.32 -6.72
C ILE B 26 -16.63 -6.28 -6.89
N ASP B 27 -17.07 -6.24 -8.13
CA ASP B 27 -18.49 -6.21 -8.44
C ASP B 27 -19.21 -7.32 -7.68
N ALA B 28 -18.56 -8.47 -7.59
CA ALA B 28 -19.11 -9.63 -6.89
C ALA B 28 -18.74 -9.64 -5.40
N VAL B 29 -17.49 -9.32 -5.10
CA VAL B 29 -16.97 -9.30 -3.75
C VAL B 29 -17.54 -8.12 -2.96
N LEU B 30 -18.25 -7.21 -3.63
CA LEU B 30 -18.86 -6.07 -2.96
C LEU B 30 -20.38 -6.07 -3.14
N GLN B 31 -20.89 -6.61 -4.25
CA GLN B 31 -22.33 -6.65 -4.49
C GLN B 31 -22.97 -7.92 -3.90
N ASN B 32 -22.16 -8.94 -3.63
CA ASN B 32 -22.68 -10.21 -3.07
C ASN B 32 -23.55 -9.97 -1.84
N GLN B 33 -23.04 -9.16 -0.91
CA GLN B 33 -23.77 -8.87 0.32
C GLN B 33 -24.02 -7.37 0.47
N GLN B 34 -24.54 -6.97 1.63
CA GLN B 34 -24.83 -5.58 1.90
C GLN B 34 -23.63 -4.90 2.56
N TYR B 35 -23.72 -3.58 2.73
CA TYR B 35 -22.66 -2.80 3.34
C TYR B 35 -22.43 -3.25 4.78
N SER B 36 -21.30 -3.90 5.05
CA SER B 36 -21.01 -4.36 6.41
C SER B 36 -19.61 -3.91 6.86
N GLU B 37 -19.55 -3.17 7.97
CA GLU B 37 -18.28 -2.69 8.50
C GLU B 37 -17.34 -3.86 8.79
N ALA B 38 -17.92 -5.00 9.15
CA ALA B 38 -17.13 -6.20 9.38
C ALA B 38 -16.67 -6.83 8.06
N LYS B 39 -17.16 -6.27 6.95
CA LYS B 39 -16.83 -6.75 5.63
C LYS B 39 -16.13 -5.65 4.81
N VAL B 40 -16.17 -4.41 5.28
CA VAL B 40 -15.54 -3.30 4.56
C VAL B 40 -14.09 -3.61 4.18
N SER B 41 -13.42 -4.40 5.02
CA SER B 41 -12.03 -4.78 4.76
C SER B 41 -11.95 -6.23 4.31
N GLN B 42 -12.86 -7.04 4.81
CA GLN B 42 -12.90 -8.45 4.43
C GLN B 42 -13.33 -8.57 2.98
N TRP B 43 -14.18 -7.63 2.55
CA TRP B 43 -14.64 -7.57 1.17
C TRP B 43 -13.46 -7.70 0.23
N THR B 44 -12.59 -6.70 0.27
CA THR B 44 -11.42 -6.65 -0.56
C THR B 44 -10.50 -7.86 -0.38
N SER B 45 -10.62 -8.52 0.75
CA SER B 45 -9.80 -9.71 1.03
C SER B 45 -10.29 -10.84 0.17
N SER B 46 -11.61 -10.96 0.07
CA SER B 46 -12.22 -11.97 -0.77
C SER B 46 -11.91 -11.63 -2.22
N CYS B 47 -11.86 -10.33 -2.51
CA CYS B 47 -11.55 -9.83 -3.84
C CYS B 47 -10.17 -10.32 -4.21
N LEU B 48 -9.25 -10.15 -3.28
CA LEU B 48 -7.88 -10.55 -3.47
C LEU B 48 -7.79 -12.03 -3.75
N GLU B 49 -8.64 -12.81 -3.10
CA GLU B 49 -8.66 -14.23 -3.35
C GLU B 49 -9.37 -14.50 -4.66
N HIS B 50 -10.37 -13.68 -4.96
CA HIS B 50 -11.13 -13.79 -6.20
C HIS B 50 -10.41 -13.07 -7.35
N CYS B 51 -9.23 -12.50 -7.05
CA CYS B 51 -8.43 -11.80 -8.04
C CYS B 51 -7.23 -12.67 -8.36
N ILE B 52 -6.65 -13.20 -7.28
CA ILE B 52 -5.52 -14.08 -7.37
C ILE B 52 -5.93 -15.40 -8.03
N LYS B 53 -7.05 -15.97 -7.60
CA LYS B 53 -7.55 -17.23 -8.15
C LYS B 53 -7.81 -17.08 -9.65
N ARG B 54 -8.27 -15.91 -10.06
CA ARG B 54 -8.55 -15.64 -11.45
C ARG B 54 -7.26 -15.59 -12.26
N LEU B 55 -6.29 -14.86 -11.72
CA LEU B 55 -4.99 -14.72 -12.37
C LEU B 55 -4.32 -16.08 -12.55
N THR B 56 -4.64 -17.01 -11.65
CA THR B 56 -4.08 -18.36 -11.72
C THR B 56 -4.80 -19.15 -12.81
N ALA B 57 -6.09 -18.88 -12.96
CA ALA B 57 -6.90 -19.55 -13.96
C ALA B 57 -6.45 -19.12 -15.35
N LEU B 58 -6.04 -17.85 -15.46
CA LEU B 58 -5.58 -17.29 -16.71
C LEU B 58 -4.10 -17.58 -16.92
N ASN B 59 -3.36 -17.72 -15.82
CA ASN B 59 -1.92 -18.00 -15.85
C ASN B 59 -1.19 -17.10 -16.84
N LYS B 60 -1.33 -15.78 -16.65
CA LYS B 60 -0.67 -14.81 -17.53
C LYS B 60 -0.99 -13.38 -17.08
N PRO B 61 0.00 -12.63 -16.55
CA PRO B 61 1.38 -13.10 -16.36
C PRO B 61 1.49 -14.22 -15.34
N PHE B 62 2.69 -14.44 -14.81
CA PHE B 62 2.92 -15.49 -13.82
C PHE B 62 2.95 -14.91 -12.41
N LYS B 63 3.95 -14.06 -12.15
CA LYS B 63 4.09 -13.44 -10.84
C LYS B 63 3.24 -12.17 -10.75
N TYR B 64 2.12 -12.27 -10.03
CA TYR B 64 1.23 -11.12 -9.87
C TYR B 64 0.87 -10.89 -8.41
N VAL B 65 0.79 -9.62 -8.03
CA VAL B 65 0.43 -9.25 -6.66
C VAL B 65 -0.95 -8.63 -6.65
N VAL B 66 -1.68 -8.80 -5.57
CA VAL B 66 -3.02 -8.23 -5.46
C VAL B 66 -3.23 -7.53 -4.13
N THR B 67 -3.21 -6.20 -4.15
CA THR B 67 -3.42 -5.43 -2.91
C THR B 67 -4.50 -4.38 -3.08
N CYS B 68 -5.08 -3.95 -1.97
CA CYS B 68 -6.13 -2.94 -1.96
C CYS B 68 -6.11 -2.15 -0.66
N ILE B 69 -6.63 -0.93 -0.71
CA ILE B 69 -6.70 -0.06 0.45
C ILE B 69 -8.11 0.51 0.57
N ILE B 70 -8.77 0.24 1.70
CA ILE B 70 -10.13 0.71 1.91
C ILE B 70 -10.17 2.17 2.33
N MET B 71 -11.21 2.87 1.90
CA MET B 71 -11.40 4.28 2.23
C MET B 71 -12.75 4.49 2.90
N GLN B 72 -12.76 4.42 4.23
CA GLN B 72 -13.99 4.59 5.00
C GLN B 72 -14.68 5.92 4.68
N LYS B 73 -16.00 5.94 4.84
CA LYS B 73 -16.79 7.14 4.56
C LYS B 73 -16.33 8.31 5.42
N ASN B 74 -15.32 9.03 4.94
CA ASN B 74 -14.79 10.17 5.67
C ASN B 74 -13.81 10.96 4.79
N GLY B 75 -14.18 12.18 4.45
CA GLY B 75 -13.33 13.02 3.62
C GLY B 75 -12.02 13.37 4.29
N ALA B 76 -10.99 12.57 4.02
CA ALA B 76 -9.67 12.80 4.60
C ALA B 76 -8.58 12.61 3.55
N GLY B 77 -7.56 13.48 3.60
CA GLY B 77 -6.47 13.38 2.65
C GLY B 77 -5.68 12.10 2.80
N LEU B 78 -5.83 11.19 1.84
CA LEU B 78 -5.12 9.92 1.86
C LEU B 78 -4.12 9.83 0.72
N HIS B 79 -2.84 9.99 1.05
CA HIS B 79 -1.79 9.94 0.05
C HIS B 79 -0.78 8.83 0.37
N THR B 80 -0.36 8.11 -0.66
CA THR B 80 0.60 7.02 -0.50
C THR B 80 1.94 7.39 -1.12
N ALA B 81 3.01 6.79 -0.60
CA ALA B 81 4.36 7.06 -1.12
C ALA B 81 5.07 5.75 -1.41
N ALA B 82 5.81 5.70 -2.51
CA ALA B 82 6.51 4.47 -2.86
C ALA B 82 7.67 4.71 -3.81
N SER B 83 8.85 4.35 -3.34
CA SER B 83 10.07 4.45 -4.13
C SER B 83 10.69 3.06 -4.22
N CYS B 84 10.77 2.53 -5.44
CA CYS B 84 11.31 1.19 -5.64
C CYS B 84 12.69 1.22 -6.27
N TRP B 85 13.45 0.17 -6.03
CA TRP B 85 14.79 0.04 -6.58
C TRP B 85 14.71 -0.32 -8.06
N TRP B 86 15.77 -0.92 -8.61
CA TRP B 86 15.76 -1.30 -10.02
C TRP B 86 15.14 -2.67 -10.20
N ASP B 87 14.30 -2.80 -11.23
CA ASP B 87 13.63 -4.07 -11.53
C ASP B 87 12.68 -3.91 -12.71
N SER B 88 13.11 -4.37 -13.88
CA SER B 88 12.29 -4.28 -15.08
C SER B 88 11.28 -5.41 -15.16
N THR B 89 11.59 -6.53 -14.51
CA THR B 89 10.70 -7.68 -14.51
C THR B 89 9.41 -7.40 -13.75
N THR B 90 9.53 -6.82 -12.56
CA THR B 90 8.38 -6.51 -11.73
C THR B 90 7.67 -5.26 -12.25
N ASP B 91 7.12 -5.35 -13.46
CA ASP B 91 6.41 -4.23 -14.07
C ASP B 91 4.94 -4.57 -14.27
N GLY B 92 4.10 -4.06 -13.37
CA GLY B 92 2.67 -4.32 -13.46
C GLY B 92 1.81 -3.36 -12.64
N SER B 93 2.36 -2.86 -11.52
CA SER B 93 1.66 -1.94 -10.60
C SER B 93 0.58 -1.09 -11.26
N ARG B 94 -0.66 -1.57 -11.21
CA ARG B 94 -1.79 -0.85 -11.78
C ARG B 94 -2.91 -0.75 -10.75
N THR B 95 -3.14 0.46 -10.23
CA THR B 95 -4.17 0.66 -9.21
C THR B 95 -5.51 1.09 -9.82
N VAL B 96 -6.59 0.70 -9.15
CA VAL B 96 -7.94 1.05 -9.58
C VAL B 96 -8.77 1.48 -8.37
N ARG B 97 -9.45 2.61 -8.51
CA ARG B 97 -10.27 3.13 -7.42
C ARG B 97 -11.74 2.83 -7.65
N TRP B 98 -12.34 2.06 -6.75
CA TRP B 98 -13.75 1.70 -6.84
C TRP B 98 -14.58 2.63 -5.97
N GLU B 99 -15.80 2.91 -6.41
CA GLU B 99 -16.69 3.79 -5.67
C GLU B 99 -18.15 3.36 -5.83
N ASN B 100 -18.89 3.40 -4.74
CA ASN B 100 -20.31 3.02 -4.75
C ASN B 100 -21.21 4.23 -4.52
N LYS B 101 -21.03 4.88 -3.37
CA LYS B 101 -21.83 6.06 -3.05
C LYS B 101 -21.14 6.94 -2.01
N SER B 102 -20.54 6.33 -1.00
CA SER B 102 -19.86 7.08 0.05
C SER B 102 -18.47 6.50 0.32
N MET B 103 -18.41 5.19 0.49
CA MET B 103 -17.15 4.51 0.76
C MET B 103 -16.37 4.25 -0.54
N TYR B 104 -15.05 4.28 -0.44
CA TYR B 104 -14.19 4.04 -1.59
C TYR B 104 -13.24 2.88 -1.33
N CYS B 105 -12.80 2.22 -2.39
CA CYS B 105 -11.88 1.09 -2.26
C CYS B 105 -10.90 1.04 -3.42
N ILE B 106 -9.63 1.30 -3.13
CA ILE B 106 -8.59 1.28 -4.16
C ILE B 106 -7.90 -0.08 -4.20
N CYS B 107 -8.10 -0.81 -5.29
CA CYS B 107 -7.47 -2.11 -5.47
C CYS B 107 -6.46 -2.07 -6.60
N THR B 108 -5.21 -2.39 -6.28
CA THR B 108 -4.14 -2.38 -7.28
C THR B 108 -3.64 -3.79 -7.58
N VAL B 109 -3.52 -4.09 -8.86
CA VAL B 109 -3.02 -5.39 -9.29
C VAL B 109 -1.61 -5.20 -9.83
N PHE B 110 -0.67 -5.94 -9.27
CA PHE B 110 0.71 -5.84 -9.70
C PHE B 110 1.07 -7.00 -10.61
N GLY B 111 1.06 -6.74 -11.92
CA GLY B 111 1.40 -7.77 -12.89
C GLY B 111 2.89 -7.81 -13.16
N LEU B 112 3.60 -8.60 -12.36
CA LEU B 112 5.06 -8.69 -12.50
C LEU B 112 5.44 -9.82 -13.45
N ALA B 113 6.35 -9.52 -14.38
CA ALA B 113 6.81 -10.50 -15.35
C ALA B 113 7.55 -11.64 -14.67
N ILE B 114 6.80 -12.58 -14.10
CA ILE B 114 7.38 -13.73 -13.42
C ILE B 114 8.28 -13.29 -12.27
N MET A 1 9.98 16.26 26.63
CA MET A 1 8.94 16.73 25.66
C MET A 1 7.55 16.65 26.27
N GLU A 2 7.24 15.51 26.87
CA GLU A 2 5.93 15.29 27.50
C GLU A 2 4.82 15.39 26.46
N GLY A 3 4.11 14.29 26.27
CA GLY A 3 3.01 14.27 25.31
C GLY A 3 3.37 13.49 24.05
N VAL A 4 4.30 14.04 23.26
CA VAL A 4 4.72 13.40 22.03
C VAL A 4 5.30 12.01 22.29
N ASP A 5 4.80 11.01 21.58
CA ASP A 5 5.27 9.64 21.73
C ASP A 5 5.92 9.14 20.45
N PRO A 6 7.27 9.07 20.41
CA PRO A 6 7.99 8.61 19.21
C PRO A 6 7.72 7.14 18.89
N ALA A 7 7.13 6.90 17.71
CA ALA A 7 6.81 5.54 17.25
C ALA A 7 5.73 4.90 18.11
N VAL A 8 6.05 4.65 19.37
CA VAL A 8 5.12 4.02 20.32
C VAL A 8 4.84 2.57 19.94
N GLU A 9 4.20 2.42 18.79
CA GLU A 9 3.82 1.11 18.29
C GLU A 9 4.79 0.62 17.21
N GLU A 10 5.96 0.16 17.62
CA GLU A 10 6.96 -0.33 16.68
C GLU A 10 6.42 -1.54 15.92
N ALA A 11 6.35 -1.41 14.59
CA ALA A 11 5.86 -2.49 13.75
C ALA A 11 7.00 -3.32 13.20
N ALA A 12 6.76 -4.63 13.03
CA ALA A 12 7.76 -5.53 12.51
C ALA A 12 8.98 -5.60 13.44
N PHE A 13 9.63 -6.76 13.47
CA PHE A 13 10.79 -6.95 14.31
C PHE A 13 11.85 -7.81 13.61
N VAL A 14 11.85 -7.78 12.27
CA VAL A 14 12.80 -8.55 11.49
C VAL A 14 13.58 -7.65 10.54
N ALA A 15 14.80 -8.06 10.20
CA ALA A 15 15.64 -7.29 9.30
C ALA A 15 15.93 -5.90 9.87
N ASP A 16 16.57 -5.87 11.04
CA ASP A 16 16.91 -4.61 11.71
C ASP A 16 17.74 -3.72 10.80
N ASP A 17 18.52 -4.34 9.90
CA ASP A 17 19.37 -3.60 8.98
C ASP A 17 18.56 -2.58 8.18
N VAL A 18 17.47 -3.04 7.58
CA VAL A 18 16.60 -2.17 6.79
C VAL A 18 15.66 -1.38 7.69
N SER A 19 15.29 -2.00 8.82
CA SER A 19 14.38 -1.37 9.77
C SER A 19 14.91 -0.03 10.25
N ASN A 20 16.21 0.04 10.51
CA ASN A 20 16.83 1.27 10.98
C ASN A 20 16.88 2.32 9.88
N ILE A 21 17.19 1.89 8.65
CA ILE A 21 17.28 2.80 7.51
C ILE A 21 15.99 3.58 7.31
N ILE A 22 14.86 2.87 7.22
CA ILE A 22 13.58 3.51 7.01
C ILE A 22 13.24 4.48 8.14
N LYS A 23 13.36 4.01 9.39
CA LYS A 23 13.05 4.86 10.53
C LYS A 23 14.00 6.04 10.58
N GLU A 24 15.30 5.75 10.44
CA GLU A 24 16.32 6.79 10.45
C GLU A 24 16.01 7.84 9.40
N SER A 25 15.47 7.37 8.28
CA SER A 25 15.11 8.25 7.17
C SER A 25 13.97 9.18 7.58
N ILE A 26 12.91 8.63 8.20
CA ILE A 26 11.79 9.46 8.63
C ILE A 26 12.28 10.54 9.58
N ASP A 27 13.14 10.16 10.50
CA ASP A 27 13.69 11.10 11.47
C ASP A 27 14.27 12.32 10.74
N ALA A 28 14.89 12.07 9.60
CA ALA A 28 15.50 13.13 8.80
C ALA A 28 14.51 13.74 7.80
N VAL A 29 13.78 12.87 7.12
CA VAL A 29 12.81 13.26 6.12
C VAL A 29 11.60 13.97 6.75
N LEU A 30 11.53 13.99 8.09
CA LEU A 30 10.45 14.70 8.78
C LEU A 30 10.99 15.75 9.75
N GLN A 31 12.10 15.47 10.43
CA GLN A 31 12.67 16.44 11.37
C GLN A 31 13.49 17.50 10.64
N ASN A 32 13.83 17.25 9.37
CA ASN A 32 14.61 18.20 8.56
C ASN A 32 14.20 19.66 8.79
N GLN A 33 12.93 19.89 9.09
CA GLN A 33 12.45 21.24 9.34
C GLN A 33 11.31 21.25 10.38
N GLN A 34 10.05 21.22 9.93
CA GLN A 34 8.93 21.25 10.86
C GLN A 34 7.79 20.35 10.37
N TYR A 35 6.70 20.31 11.15
CA TYR A 35 5.54 19.49 10.80
C TYR A 35 4.57 20.27 9.91
N SER A 36 4.48 19.87 8.65
CA SER A 36 3.59 20.52 7.69
C SER A 36 2.80 19.48 6.91
N GLU A 37 1.49 19.63 6.85
CA GLU A 37 0.64 18.68 6.14
C GLU A 37 1.01 18.61 4.65
N ALA A 38 1.32 19.76 4.06
CA ALA A 38 1.69 19.80 2.65
C ALA A 38 2.89 18.92 2.38
N LYS A 39 3.73 18.74 3.39
CA LYS A 39 4.93 17.92 3.26
C LYS A 39 4.72 16.55 3.93
N VAL A 40 3.67 16.43 4.75
CA VAL A 40 3.35 15.19 5.45
C VAL A 40 3.37 14.00 4.48
N SER A 41 3.01 14.25 3.22
CA SER A 41 2.99 13.19 2.21
C SER A 41 4.21 13.28 1.31
N GLN A 42 4.68 14.48 1.05
CA GLN A 42 5.85 14.68 0.20
C GLN A 42 7.11 14.21 0.91
N TRP A 43 7.16 14.35 2.23
CA TRP A 43 8.32 13.93 2.98
C TRP A 43 8.55 12.44 2.86
N THR A 44 7.52 11.65 3.16
CA THR A 44 7.63 10.20 3.10
C THR A 44 8.13 9.75 1.73
N SER A 45 7.88 10.57 0.71
CA SER A 45 8.35 10.27 -0.62
C SER A 45 9.85 10.49 -0.63
N SER A 46 10.28 11.55 0.05
CA SER A 46 11.69 11.86 0.20
C SER A 46 12.33 10.75 1.03
N CYS A 47 11.57 10.23 1.99
CA CYS A 47 12.03 9.13 2.83
C CYS A 47 12.33 7.95 1.93
N LEU A 48 11.40 7.71 1.01
CA LEU A 48 11.53 6.62 0.07
C LEU A 48 12.80 6.76 -0.74
N GLU A 49 13.14 7.99 -1.09
CA GLU A 49 14.36 8.22 -1.83
C GLU A 49 15.54 8.15 -0.86
N HIS A 50 15.31 8.58 0.38
CA HIS A 50 16.35 8.52 1.40
C HIS A 50 16.40 7.14 2.07
N CYS A 51 15.56 6.22 1.59
CA CYS A 51 15.52 4.87 2.11
C CYS A 51 16.10 3.95 1.05
N ILE A 52 15.73 4.23 -0.19
CA ILE A 52 16.21 3.49 -1.33
C ILE A 52 17.69 3.79 -1.55
N LYS A 53 18.06 5.08 -1.50
CA LYS A 53 19.45 5.49 -1.69
C LYS A 53 20.36 4.83 -0.64
N ARG A 54 19.82 4.62 0.55
CA ARG A 54 20.59 4.00 1.63
C ARG A 54 20.71 2.51 1.38
N LEU A 55 19.61 1.89 0.97
CA LEU A 55 19.59 0.46 0.68
C LEU A 55 20.61 0.12 -0.40
N THR A 56 20.83 1.07 -1.31
CA THR A 56 21.80 0.89 -2.37
C THR A 56 23.21 0.98 -1.79
N ALA A 57 23.36 1.83 -0.79
CA ALA A 57 24.65 1.98 -0.12
C ALA A 57 25.04 0.68 0.54
N LEU A 58 24.06 0.03 1.16
CA LEU A 58 24.29 -1.25 1.83
C LEU A 58 24.37 -2.39 0.81
N ASN A 59 23.69 -2.21 -0.33
CA ASN A 59 23.66 -3.21 -1.40
C ASN A 59 23.45 -4.63 -0.87
N LYS A 60 22.23 -4.93 -0.44
CA LYS A 60 21.91 -6.25 0.09
C LYS A 60 20.41 -6.32 0.44
N PRO A 61 19.66 -7.29 -0.13
CA PRO A 61 20.17 -8.28 -1.09
C PRO A 61 20.32 -7.71 -2.50
N PHE A 62 19.19 -7.51 -3.17
CA PHE A 62 19.20 -6.97 -4.53
C PHE A 62 18.01 -6.04 -4.75
N LYS A 63 16.81 -6.61 -4.71
CA LYS A 63 15.59 -5.83 -4.92
C LYS A 63 14.97 -5.46 -3.57
N TYR A 64 14.88 -4.16 -3.32
CA TYR A 64 14.31 -3.66 -2.08
C TYR A 64 13.07 -2.82 -2.36
N VAL A 65 12.03 -2.97 -1.54
CA VAL A 65 10.80 -2.22 -1.71
C VAL A 65 10.66 -1.20 -0.58
N VAL A 66 10.25 0.01 -0.92
CA VAL A 66 10.09 1.05 0.09
C VAL A 66 8.76 1.79 -0.08
N THR A 67 7.83 1.54 0.83
CA THR A 67 6.53 2.21 0.77
C THR A 67 6.11 2.70 2.15
N CYS A 68 5.29 3.74 2.17
CA CYS A 68 4.82 4.32 3.42
C CYS A 68 3.39 4.82 3.29
N ILE A 69 2.69 4.87 4.41
CA ILE A 69 1.32 5.34 4.47
C ILE A 69 1.13 6.22 5.70
N ILE A 70 0.66 7.44 5.51
CA ILE A 70 0.46 8.36 6.62
C ILE A 70 -1.02 8.48 7.01
N MET A 71 -1.27 8.59 8.30
CA MET A 71 -2.63 8.72 8.82
C MET A 71 -2.85 10.13 9.34
N GLN A 72 -3.44 10.98 8.51
CA GLN A 72 -3.72 12.37 8.86
C GLN A 72 -4.51 12.49 10.16
N LYS A 73 -4.32 13.61 10.85
CA LYS A 73 -5.02 13.87 12.10
C LYS A 73 -6.41 14.44 11.84
N ASN A 74 -7.34 13.59 11.42
CA ASN A 74 -8.71 14.01 11.14
C ASN A 74 -9.65 12.82 11.06
N GLY A 75 -9.34 11.77 11.81
CA GLY A 75 -10.18 10.59 11.81
C GLY A 75 -10.34 9.98 10.42
N ALA A 76 -9.33 10.18 9.58
CA ALA A 76 -9.37 9.64 8.23
C ALA A 76 -9.36 8.11 8.24
N GLY A 77 -10.15 7.51 7.35
CA GLY A 77 -10.22 6.07 7.29
C GLY A 77 -9.96 5.53 5.89
N LEU A 78 -8.81 4.92 5.70
CA LEU A 78 -8.44 4.35 4.41
C LEU A 78 -7.77 2.98 4.59
N HIS A 79 -8.56 1.93 4.49
CA HIS A 79 -8.05 0.57 4.65
C HIS A 79 -7.45 0.05 3.34
N THR A 80 -6.18 -0.30 3.39
CA THR A 80 -5.49 -0.82 2.21
C THR A 80 -5.48 -2.34 2.22
N ALA A 81 -5.40 -2.95 1.05
CA ALA A 81 -5.38 -4.41 0.93
C ALA A 81 -4.25 -4.86 0.04
N ALA A 82 -3.65 -6.01 0.36
CA ALA A 82 -2.55 -6.52 -0.44
C ALA A 82 -2.34 -8.01 -0.25
N SER A 83 -2.11 -8.69 -1.36
CA SER A 83 -1.85 -10.12 -1.38
C SER A 83 -0.81 -10.42 -2.45
N CYS A 84 0.33 -10.94 -2.04
CA CYS A 84 1.40 -11.26 -2.97
C CYS A 84 1.50 -12.75 -3.21
N TRP A 85 2.13 -13.13 -4.32
CA TRP A 85 2.28 -14.53 -4.67
C TRP A 85 3.39 -15.17 -3.83
N TRP A 86 3.66 -16.44 -4.08
CA TRP A 86 4.69 -17.16 -3.34
C TRP A 86 6.06 -16.99 -4.00
N ASP A 87 7.08 -16.78 -3.18
CA ASP A 87 8.44 -16.60 -3.67
C ASP A 87 9.40 -16.37 -2.51
N SER A 88 10.09 -17.43 -2.09
CA SER A 88 11.04 -17.34 -0.99
C SER A 88 12.15 -16.34 -1.30
N THR A 89 12.47 -16.20 -2.58
CA THR A 89 13.52 -15.27 -3.00
C THR A 89 13.08 -13.82 -2.78
N THR A 90 11.88 -13.49 -3.23
CA THR A 90 11.36 -12.14 -3.07
C THR A 90 10.41 -12.08 -1.88
N ASP A 91 10.93 -12.43 -0.70
CA ASP A 91 10.14 -12.43 0.51
C ASP A 91 10.89 -11.78 1.68
N GLY A 92 10.24 -10.78 2.28
CA GLY A 92 10.82 -10.07 3.41
C GLY A 92 9.75 -9.33 4.19
N SER A 93 9.26 -8.24 3.60
CA SER A 93 8.20 -7.45 4.20
C SER A 93 8.48 -7.08 5.66
N ARG A 94 8.80 -5.80 5.89
CA ARG A 94 9.05 -5.31 7.24
C ARG A 94 8.44 -3.92 7.40
N THR A 95 7.27 -3.86 8.04
CA THR A 95 6.58 -2.60 8.23
C THR A 95 6.95 -1.94 9.57
N VAL A 96 6.89 -0.61 9.59
CA VAL A 96 7.21 0.17 10.78
C VAL A 96 6.15 1.22 11.02
N ARG A 97 5.84 1.51 12.27
CA ARG A 97 4.83 2.51 12.61
C ARG A 97 5.41 3.68 13.38
N TRP A 98 5.47 4.84 12.72
CA TRP A 98 5.99 6.05 13.36
C TRP A 98 4.83 6.91 13.85
N GLU A 99 5.01 7.50 15.02
CA GLU A 99 3.99 8.36 15.61
C GLU A 99 4.63 9.48 16.42
N ASN A 100 3.99 10.65 16.43
CA ASN A 100 4.51 11.79 17.17
C ASN A 100 3.46 12.35 18.13
N LYS A 101 2.32 12.76 17.58
CA LYS A 101 1.24 13.33 18.40
C LYS A 101 0.00 13.62 17.55
N SER A 102 0.21 14.29 16.41
CA SER A 102 -0.90 14.66 15.54
C SER A 102 -1.34 13.49 14.66
N MET A 103 -0.47 13.07 13.76
CA MET A 103 -0.78 11.98 12.84
C MET A 103 0.18 10.81 12.97
N TYR A 104 -0.03 9.79 12.15
CA TYR A 104 0.82 8.61 12.18
C TYR A 104 1.51 8.41 10.84
N CYS A 105 2.57 7.62 10.83
CA CYS A 105 3.32 7.36 9.60
C CYS A 105 3.87 5.93 9.57
N ILE A 106 3.22 5.06 8.81
CA ILE A 106 3.65 3.67 8.70
C ILE A 106 4.53 3.48 7.46
N CYS A 107 5.79 3.09 7.67
CA CYS A 107 6.71 2.87 6.56
C CYS A 107 7.18 1.43 6.54
N THR A 108 6.94 0.75 5.42
CA THR A 108 7.34 -0.65 5.30
C THR A 108 8.43 -0.83 4.24
N VAL A 109 9.31 -1.79 4.48
CA VAL A 109 10.37 -2.11 3.55
C VAL A 109 10.37 -3.59 3.27
N PHE A 110 10.28 -3.95 2.00
CA PHE A 110 10.30 -5.35 1.62
C PHE A 110 11.65 -5.69 1.00
N GLY A 111 12.48 -6.32 1.80
CA GLY A 111 13.80 -6.71 1.36
C GLY A 111 13.80 -8.05 0.66
N LEU A 112 13.71 -8.01 -0.66
CA LEU A 112 13.66 -9.23 -1.45
C LEU A 112 15.05 -9.75 -1.77
N ALA A 113 15.30 -11.01 -1.44
CA ALA A 113 16.59 -11.64 -1.67
C ALA A 113 16.96 -11.66 -3.15
N ILE A 114 16.03 -12.10 -3.98
CA ILE A 114 16.24 -12.19 -5.41
C ILE A 114 17.30 -13.23 -5.75
N MET B 1 -30.74 4.03 -10.59
CA MET B 1 -30.28 4.14 -9.17
C MET B 1 -30.29 5.58 -8.70
N GLU B 2 -29.71 6.47 -9.50
CA GLU B 2 -29.65 7.89 -9.18
C GLU B 2 -28.85 8.11 -7.89
N GLY B 3 -27.73 8.81 -8.01
CA GLY B 3 -26.90 9.08 -6.85
C GLY B 3 -25.62 8.26 -6.85
N VAL B 4 -25.77 6.95 -6.68
CA VAL B 4 -24.61 6.06 -6.65
C VAL B 4 -23.85 6.12 -7.96
N ASP B 5 -22.54 6.33 -7.87
CA ASP B 5 -21.68 6.41 -9.05
C ASP B 5 -20.66 5.27 -9.06
N PRO B 6 -20.87 4.23 -9.89
CA PRO B 6 -19.95 3.08 -9.96
C PRO B 6 -18.57 3.47 -10.50
N ALA B 7 -17.55 3.29 -9.66
CA ALA B 7 -16.17 3.59 -10.03
C ALA B 7 -15.96 5.10 -10.20
N VAL B 8 -16.60 5.67 -11.22
CA VAL B 8 -16.49 7.10 -11.54
C VAL B 8 -15.09 7.45 -12.02
N GLU B 9 -14.14 7.28 -11.11
CA GLU B 9 -12.75 7.62 -11.39
C GLU B 9 -11.93 6.36 -11.68
N GLU B 10 -12.09 5.83 -12.88
CA GLU B 10 -11.35 4.63 -13.29
C GLU B 10 -9.85 4.89 -13.26
N ALA B 11 -9.13 4.13 -12.45
CA ALA B 11 -7.69 4.28 -12.33
C ALA B 11 -6.96 3.28 -13.23
N ALA B 12 -5.81 3.71 -13.76
CA ALA B 12 -5.01 2.85 -14.63
C ALA B 12 -5.78 2.49 -15.90
N PHE B 13 -5.06 2.30 -17.00
CA PHE B 13 -5.68 1.94 -18.27
C PHE B 13 -4.83 0.94 -19.04
N VAL B 14 -4.05 0.15 -18.30
CA VAL B 14 -3.18 -0.86 -18.93
C VAL B 14 -3.47 -2.25 -18.36
N ALA B 15 -3.21 -3.27 -19.16
CA ALA B 15 -3.44 -4.64 -18.74
C ALA B 15 -4.91 -4.87 -18.39
N ASP B 16 -5.78 -4.68 -19.39
CA ASP B 16 -7.22 -4.85 -19.19
C ASP B 16 -7.54 -6.26 -18.70
N ASP B 17 -6.69 -7.23 -19.04
CA ASP B 17 -6.88 -8.61 -18.63
C ASP B 17 -7.00 -8.73 -17.12
N VAL B 18 -6.04 -8.14 -16.41
CA VAL B 18 -6.04 -8.16 -14.96
C VAL B 18 -6.98 -7.09 -14.40
N SER B 19 -7.12 -6.00 -15.13
CA SER B 19 -7.98 -4.89 -14.72
C SER B 19 -9.41 -5.36 -14.51
N ASN B 20 -9.90 -6.21 -15.39
CA ASN B 20 -11.27 -6.72 -15.29
C ASN B 20 -11.41 -7.67 -14.10
N ILE B 21 -10.41 -8.51 -13.90
CA ILE B 21 -10.43 -9.49 -12.80
C ILE B 21 -10.63 -8.82 -11.45
N ILE B 22 -9.78 -7.84 -11.15
CA ILE B 22 -9.87 -7.13 -9.87
C ILE B 22 -11.22 -6.44 -9.70
N LYS B 23 -11.65 -5.68 -10.71
CA LYS B 23 -12.92 -4.98 -10.63
C LYS B 23 -14.06 -5.98 -10.54
N GLU B 24 -14.04 -6.97 -11.41
CA GLU B 24 -15.06 -8.02 -11.43
C GLU B 24 -15.15 -8.68 -10.05
N SER B 25 -14.00 -8.80 -9.40
CA SER B 25 -13.94 -9.40 -8.09
C SER B 25 -14.64 -8.52 -7.06
N ILE B 26 -14.37 -7.21 -7.08
CA ILE B 26 -15.02 -6.30 -6.13
C ILE B 26 -16.53 -6.38 -6.29
N ASP B 27 -16.98 -6.39 -7.53
CA ASP B 27 -18.40 -6.49 -7.82
C ASP B 27 -19.03 -7.67 -7.07
N ALA B 28 -18.28 -8.75 -6.98
CA ALA B 28 -18.74 -9.96 -6.29
C ALA B 28 -18.38 -9.96 -4.80
N VAL B 29 -17.15 -9.57 -4.51
CA VAL B 29 -16.63 -9.53 -3.16
C VAL B 29 -17.30 -8.40 -2.34
N LEU B 30 -18.12 -7.57 -3.00
CA LEU B 30 -18.84 -6.50 -2.30
C LEU B 30 -20.35 -6.60 -2.51
N GLN B 31 -20.78 -6.97 -3.73
CA GLN B 31 -22.21 -7.11 -4.00
C GLN B 31 -22.77 -8.43 -3.47
N ASN B 32 -21.88 -9.39 -3.14
CA ASN B 32 -22.28 -10.71 -2.63
C ASN B 32 -23.46 -10.62 -1.64
N GLN B 33 -23.53 -9.52 -0.90
CA GLN B 33 -24.61 -9.34 0.06
C GLN B 33 -25.01 -7.86 0.21
N GLN B 34 -24.44 -7.15 1.19
CA GLN B 34 -24.78 -5.74 1.39
C GLN B 34 -23.55 -4.94 1.81
N TYR B 35 -23.75 -3.64 2.04
CA TYR B 35 -22.66 -2.76 2.43
C TYR B 35 -22.52 -2.73 3.96
N SER B 36 -21.43 -3.31 4.44
CA SER B 36 -21.15 -3.36 5.88
C SER B 36 -19.70 -2.95 6.16
N GLU B 37 -19.50 -2.02 7.07
CA GLU B 37 -18.15 -1.55 7.41
C GLU B 37 -17.29 -2.69 7.92
N ALA B 38 -17.87 -3.56 8.73
CA ALA B 38 -17.14 -4.71 9.28
C ALA B 38 -16.55 -5.57 8.18
N LYS B 39 -17.21 -5.57 7.03
CA LYS B 39 -16.76 -6.34 5.89
C LYS B 39 -16.08 -5.45 4.85
N VAL B 40 -16.25 -4.13 4.98
CA VAL B 40 -15.65 -3.16 4.06
C VAL B 40 -14.16 -3.45 3.86
N SER B 41 -13.51 -3.98 4.90
CA SER B 41 -12.09 -4.29 4.83
C SER B 41 -11.88 -5.79 4.60
N GLN B 42 -12.75 -6.61 5.18
CA GLN B 42 -12.63 -8.05 5.04
C GLN B 42 -12.97 -8.48 3.62
N TRP B 43 -13.89 -7.77 2.97
CA TRP B 43 -14.28 -8.10 1.62
C TRP B 43 -13.10 -7.98 0.66
N THR B 44 -12.47 -6.82 0.66
CA THR B 44 -11.34 -6.58 -0.23
C THR B 44 -10.28 -7.66 -0.07
N SER B 45 -10.23 -8.26 1.11
CA SER B 45 -9.30 -9.35 1.36
C SER B 45 -9.78 -10.56 0.58
N SER B 46 -11.11 -10.75 0.59
CA SER B 46 -11.73 -11.82 -0.17
C SER B 46 -11.53 -11.54 -1.65
N CYS B 47 -11.55 -10.25 -2.01
CA CYS B 47 -11.31 -9.84 -3.39
C CYS B 47 -9.93 -10.30 -3.78
N LEU B 48 -8.99 -10.07 -2.88
CA LEU B 48 -7.60 -10.45 -3.11
C LEU B 48 -7.49 -11.94 -3.35
N GLU B 49 -8.31 -12.71 -2.64
CA GLU B 49 -8.31 -14.15 -2.86
C GLU B 49 -9.09 -14.46 -4.13
N HIS B 50 -10.12 -13.66 -4.40
CA HIS B 50 -10.92 -13.83 -5.60
C HIS B 50 -10.27 -13.12 -6.80
N CYS B 51 -9.09 -12.53 -6.59
CA CYS B 51 -8.36 -11.86 -7.64
C CYS B 51 -7.15 -12.70 -7.98
N ILE B 52 -6.53 -13.21 -6.92
CA ILE B 52 -5.37 -14.07 -7.04
C ILE B 52 -5.79 -15.42 -7.65
N LYS B 53 -6.89 -15.99 -7.14
CA LYS B 53 -7.40 -17.27 -7.63
C LYS B 53 -7.72 -17.19 -9.12
N ARG B 54 -8.17 -16.01 -9.56
CA ARG B 54 -8.51 -15.81 -10.97
C ARG B 54 -7.23 -15.68 -11.79
N LEU B 55 -6.28 -14.91 -11.27
CA LEU B 55 -5.01 -14.71 -11.95
C LEU B 55 -4.32 -16.05 -12.19
N THR B 56 -4.54 -16.99 -11.28
CA THR B 56 -3.97 -18.32 -11.40
C THR B 56 -4.69 -19.08 -12.51
N ALA B 57 -5.98 -18.82 -12.64
CA ALA B 57 -6.79 -19.44 -13.69
C ALA B 57 -6.27 -19.03 -15.06
N LEU B 58 -5.94 -17.74 -15.17
CA LEU B 58 -5.41 -17.20 -16.41
C LEU B 58 -3.94 -17.58 -16.59
N ASN B 59 -3.24 -17.78 -15.46
CA ASN B 59 -1.82 -18.14 -15.47
C ASN B 59 -1.01 -17.32 -16.47
N LYS B 60 -0.77 -16.05 -16.14
CA LYS B 60 -0.01 -15.16 -17.00
C LYS B 60 0.15 -13.78 -16.34
N PRO B 61 1.40 -13.30 -16.14
CA PRO B 61 2.64 -14.01 -16.53
C PRO B 61 3.02 -15.10 -15.53
N PHE B 62 3.52 -14.69 -14.37
CA PHE B 62 3.92 -15.63 -13.34
C PHE B 62 3.60 -15.09 -11.95
N LYS B 63 4.28 -14.00 -11.57
CA LYS B 63 4.06 -13.39 -10.27
C LYS B 63 3.10 -12.20 -10.38
N TYR B 64 1.97 -12.31 -9.71
CA TYR B 64 0.96 -11.26 -9.72
C TYR B 64 0.76 -10.70 -8.32
N VAL B 65 0.61 -9.39 -8.23
CA VAL B 65 0.39 -8.73 -6.94
C VAL B 65 -1.04 -8.21 -6.86
N VAL B 66 -1.68 -8.40 -5.71
CA VAL B 66 -3.04 -7.94 -5.52
C VAL B 66 -3.22 -7.21 -4.21
N THR B 67 -3.37 -5.89 -4.26
CA THR B 67 -3.57 -5.10 -3.06
C THR B 67 -4.69 -4.09 -3.25
N CYS B 68 -5.31 -3.70 -2.14
CA CYS B 68 -6.42 -2.75 -2.18
C CYS B 68 -6.42 -1.86 -0.95
N ILE B 69 -6.99 -0.67 -1.10
CA ILE B 69 -7.08 0.29 -0.01
C ILE B 69 -8.46 0.95 -0.04
N ILE B 70 -9.18 0.89 1.08
CA ILE B 70 -10.51 1.47 1.15
C ILE B 70 -10.51 2.79 1.91
N MET B 71 -11.34 3.73 1.43
CA MET B 71 -11.46 5.04 2.06
C MET B 71 -12.81 5.17 2.75
N GLN B 72 -12.81 4.92 4.06
CA GLN B 72 -14.03 4.98 4.86
C GLN B 72 -14.74 6.32 4.71
N LYS B 73 -16.06 6.31 4.91
CA LYS B 73 -16.86 7.53 4.81
C LYS B 73 -16.84 8.29 6.13
N ASN B 74 -15.73 8.97 6.40
CA ASN B 74 -15.60 9.74 7.64
C ASN B 74 -14.43 10.71 7.55
N GLY B 75 -14.14 11.19 6.34
CA GLY B 75 -13.05 12.13 6.15
C GLY B 75 -11.72 11.58 6.62
N ALA B 76 -11.57 10.26 6.57
CA ALA B 76 -10.33 9.62 7.00
C ALA B 76 -9.18 10.00 6.09
N GLY B 77 -8.01 10.23 6.68
CA GLY B 77 -6.84 10.61 5.90
C GLY B 77 -5.64 9.73 6.17
N LEU B 78 -5.31 8.88 5.20
CA LEU B 78 -4.17 7.98 5.34
C LEU B 78 -3.39 7.91 4.03
N HIS B 79 -2.35 8.73 3.93
CA HIS B 79 -1.51 8.78 2.73
C HIS B 79 -0.46 7.68 2.76
N THR B 80 -0.48 6.81 1.76
CA THR B 80 0.48 5.71 1.66
C THR B 80 1.64 6.11 0.75
N ALA B 81 2.79 5.50 0.97
CA ALA B 81 3.98 5.79 0.15
C ALA B 81 4.62 4.50 -0.33
N ALA B 82 5.17 4.52 -1.54
CA ALA B 82 5.81 3.34 -2.08
C ALA B 82 6.79 3.66 -3.20
N SER B 83 7.94 2.98 -3.14
CA SER B 83 8.98 3.15 -4.13
C SER B 83 9.65 1.79 -4.37
N CYS B 84 9.54 1.29 -5.60
CA CYS B 84 10.12 0.00 -5.93
C CYS B 84 11.38 0.16 -6.75
N TRP B 85 12.21 -0.89 -6.75
CA TRP B 85 13.46 -0.86 -7.50
C TRP B 85 13.20 -1.06 -9.00
N TRP B 86 14.27 -1.08 -9.78
CA TRP B 86 14.15 -1.25 -11.22
C TRP B 86 14.13 -2.73 -11.60
N ASP B 87 13.24 -3.08 -12.52
CA ASP B 87 13.11 -4.46 -12.98
C ASP B 87 12.01 -4.56 -14.04
N SER B 88 12.43 -4.59 -15.31
CA SER B 88 11.49 -4.68 -16.42
C SER B 88 10.66 -5.96 -16.33
N THR B 89 11.27 -7.01 -15.77
CA THR B 89 10.59 -8.30 -15.62
C THR B 89 9.44 -8.20 -14.62
N THR B 90 9.71 -7.62 -13.46
CA THR B 90 8.70 -7.46 -12.43
C THR B 90 8.13 -6.05 -12.46
N ASP B 91 7.58 -5.67 -13.61
CA ASP B 91 7.01 -4.33 -13.77
C ASP B 91 5.64 -4.38 -14.45
N GLY B 92 4.66 -3.79 -13.79
CA GLY B 92 3.31 -3.74 -14.32
C GLY B 92 2.50 -2.65 -13.66
N SER B 93 2.13 -2.89 -12.40
CA SER B 93 1.38 -1.91 -11.60
C SER B 93 0.16 -1.36 -12.33
N ARG B 94 -1.03 -1.80 -11.90
CA ARG B 94 -2.28 -1.32 -12.48
C ARG B 94 -3.31 -1.09 -11.37
N THR B 95 -3.48 0.16 -10.96
CA THR B 95 -4.42 0.49 -9.90
C THR B 95 -5.82 0.83 -10.44
N VAL B 96 -6.83 0.54 -9.63
CA VAL B 96 -8.21 0.83 -10.00
C VAL B 96 -8.93 1.50 -8.85
N ARG B 97 -9.85 2.41 -9.17
CA ARG B 97 -10.60 3.13 -8.14
C ARG B 97 -12.10 2.85 -8.22
N TRP B 98 -12.60 2.13 -7.23
CA TRP B 98 -14.02 1.80 -7.15
C TRP B 98 -14.73 2.76 -6.21
N GLU B 99 -15.93 3.17 -6.59
CA GLU B 99 -16.71 4.08 -5.77
C GLU B 99 -18.20 3.79 -5.93
N ASN B 100 -18.97 3.99 -4.86
CA ASN B 100 -20.40 3.75 -4.89
C ASN B 100 -21.18 4.98 -4.43
N LYS B 101 -20.92 5.42 -3.20
CA LYS B 101 -21.61 6.59 -2.65
C LYS B 101 -21.06 6.96 -1.27
N SER B 102 -20.92 5.97 -0.40
CA SER B 102 -20.44 6.19 0.95
C SER B 102 -18.92 6.31 1.01
N MET B 103 -18.24 5.22 0.69
CA MET B 103 -16.78 5.19 0.74
C MET B 103 -16.18 4.83 -0.62
N TYR B 104 -14.85 4.77 -0.66
CA TYR B 104 -14.14 4.42 -1.89
C TYR B 104 -13.33 3.14 -1.70
N CYS B 105 -12.94 2.52 -2.81
CA CYS B 105 -12.17 1.28 -2.76
C CYS B 105 -11.18 1.21 -3.93
N ILE B 106 -9.91 1.48 -3.65
CA ILE B 106 -8.87 1.42 -4.67
C ILE B 106 -8.16 0.07 -4.65
N CYS B 107 -8.27 -0.67 -5.76
CA CYS B 107 -7.63 -1.97 -5.85
C CYS B 107 -6.60 -1.99 -6.99
N THR B 108 -5.35 -2.30 -6.65
CA THR B 108 -4.30 -2.34 -7.65
C THR B 108 -3.75 -3.74 -7.84
N VAL B 109 -3.36 -4.03 -9.07
CA VAL B 109 -2.79 -5.31 -9.41
C VAL B 109 -1.48 -5.11 -10.14
N PHE B 110 -0.41 -5.71 -9.63
CA PHE B 110 0.89 -5.58 -10.27
C PHE B 110 1.23 -6.90 -10.95
N GLY B 111 1.05 -6.91 -12.26
CA GLY B 111 1.33 -8.09 -13.05
C GLY B 111 2.77 -8.15 -13.46
N LEU B 112 3.56 -8.88 -12.69
CA LEU B 112 4.98 -8.99 -12.97
C LEU B 112 5.28 -10.13 -13.93
N ALA B 113 6.00 -9.80 -15.01
CA ALA B 113 6.34 -10.77 -16.05
C ALA B 113 7.16 -11.92 -15.49
N ILE B 114 8.21 -11.58 -14.75
CA ILE B 114 9.10 -12.58 -14.17
C ILE B 114 9.87 -13.32 -15.24
N MET A 1 2.37 20.80 25.56
CA MET A 1 3.01 20.11 24.41
C MET A 1 3.44 18.69 24.80
N GLU A 2 2.69 18.08 25.71
CA GLU A 2 3.01 16.73 26.17
C GLU A 2 2.31 15.68 25.29
N GLY A 3 2.99 14.56 25.08
CA GLY A 3 2.43 13.50 24.26
C GLY A 3 3.13 13.36 22.93
N VAL A 4 4.43 13.65 22.92
CA VAL A 4 5.22 13.56 21.70
C VAL A 4 6.03 12.28 21.67
N ASP A 5 5.71 11.39 20.73
CA ASP A 5 6.41 10.12 20.60
C ASP A 5 6.65 9.78 19.12
N PRO A 6 7.84 10.10 18.57
CA PRO A 6 8.17 9.81 17.17
C PRO A 6 8.36 8.32 16.90
N ALA A 7 7.28 7.55 17.12
CA ALA A 7 7.29 6.09 16.91
C ALA A 7 6.09 5.46 17.61
N VAL A 8 6.18 5.38 18.93
CA VAL A 8 5.11 4.82 19.77
C VAL A 8 4.85 3.35 19.47
N GLU A 9 4.24 3.10 18.33
CA GLU A 9 3.89 1.76 17.91
C GLU A 9 4.81 1.27 16.78
N GLU A 10 5.96 0.73 17.17
CA GLU A 10 6.94 0.23 16.21
C GLU A 10 6.50 -1.11 15.63
N ALA A 11 6.41 -1.18 14.31
CA ALA A 11 6.00 -2.40 13.62
C ALA A 11 7.17 -3.00 12.84
N ALA A 12 7.32 -4.32 12.91
CA ALA A 12 8.39 -5.03 12.20
C ALA A 12 8.43 -6.50 12.61
N PHE A 13 9.38 -7.23 12.05
CA PHE A 13 9.53 -8.65 12.36
C PHE A 13 11.01 -9.04 12.44
N VAL A 14 11.61 -9.43 11.32
CA VAL A 14 13.02 -9.81 11.30
C VAL A 14 13.80 -8.99 10.28
N ALA A 15 14.26 -7.81 10.67
CA ALA A 15 15.03 -6.95 9.78
C ALA A 15 15.48 -5.68 10.49
N ASP A 16 16.46 -5.82 11.37
CA ASP A 16 16.98 -4.68 12.12
C ASP A 16 17.74 -3.74 11.18
N ASP A 17 18.48 -4.33 10.24
CA ASP A 17 19.25 -3.56 9.27
C ASP A 17 18.37 -2.58 8.50
N VAL A 18 17.28 -3.08 7.95
CA VAL A 18 16.34 -2.26 7.18
C VAL A 18 15.42 -1.46 8.10
N SER A 19 15.11 -2.04 9.25
CA SER A 19 14.24 -1.39 10.23
C SER A 19 14.81 -0.05 10.68
N ASN A 20 16.11 0.00 10.92
CA ASN A 20 16.75 1.22 11.37
C ASN A 20 16.82 2.27 10.25
N ILE A 21 17.12 1.84 9.04
CA ILE A 21 17.23 2.73 7.90
C ILE A 21 15.95 3.57 7.70
N ILE A 22 14.81 2.90 7.58
CA ILE A 22 13.54 3.60 7.39
C ILE A 22 13.27 4.58 8.53
N LYS A 23 13.31 4.08 9.75
CA LYS A 23 13.07 4.90 10.94
C LYS A 23 14.04 6.07 10.99
N GLU A 24 15.33 5.75 10.90
CA GLU A 24 16.38 6.77 10.90
C GLU A 24 16.10 7.82 9.82
N SER A 25 15.55 7.34 8.71
CA SER A 25 15.22 8.21 7.59
C SER A 25 14.11 9.18 7.95
N ILE A 26 13.03 8.70 8.59
CA ILE A 26 11.93 9.60 8.97
C ILE A 26 12.46 10.70 9.87
N ASP A 27 13.32 10.33 10.80
CA ASP A 27 13.90 11.29 11.72
C ASP A 27 14.50 12.46 10.93
N ALA A 28 15.11 12.14 9.81
CA ALA A 28 15.73 13.14 8.95
C ALA A 28 14.77 13.71 7.92
N VAL A 29 13.98 12.83 7.30
CA VAL A 29 13.03 13.19 6.28
C VAL A 29 11.83 13.96 6.87
N LEU A 30 11.76 14.06 8.22
CA LEU A 30 10.70 14.80 8.87
C LEU A 30 11.27 15.91 9.75
N GLN A 31 12.39 15.65 10.44
CA GLN A 31 13.00 16.66 11.30
C GLN A 31 13.86 17.64 10.48
N ASN A 32 14.19 17.27 9.24
CA ASN A 32 15.02 18.11 8.36
C ASN A 32 14.61 19.59 8.42
N GLN A 33 13.33 19.85 8.69
CA GLN A 33 12.85 21.22 8.77
C GLN A 33 11.76 21.37 9.85
N GLN A 34 10.48 21.33 9.47
CA GLN A 34 9.39 21.46 10.43
C GLN A 34 8.22 20.55 10.06
N TYR A 35 7.18 20.57 10.88
CA TYR A 35 6.00 19.74 10.63
C TYR A 35 5.00 20.48 9.75
N SER A 36 4.85 20.01 8.52
CA SER A 36 3.91 20.60 7.56
C SER A 36 3.09 19.51 6.89
N GLU A 37 1.77 19.71 6.82
CA GLU A 37 0.90 18.72 6.20
C GLU A 37 1.23 18.57 4.71
N ALA A 38 1.54 19.68 4.06
CA ALA A 38 1.88 19.64 2.64
C ALA A 38 3.10 18.75 2.40
N LYS A 39 3.97 18.68 3.40
CA LYS A 39 5.16 17.86 3.33
C LYS A 39 4.95 16.50 4.00
N VAL A 40 3.90 16.41 4.83
CA VAL A 40 3.60 15.15 5.54
C VAL A 40 3.59 13.96 4.57
N SER A 41 3.30 14.23 3.31
CA SER A 41 3.27 13.18 2.29
C SER A 41 4.54 13.23 1.44
N GLN A 42 4.99 14.44 1.13
CA GLN A 42 6.18 14.61 0.31
C GLN A 42 7.43 14.14 1.05
N TRP A 43 7.47 14.36 2.36
CA TRP A 43 8.61 13.93 3.15
C TRP A 43 8.81 12.44 3.06
N THR A 44 7.76 11.67 3.35
CA THR A 44 7.85 10.22 3.30
C THR A 44 8.36 9.76 1.94
N SER A 45 8.13 10.57 0.92
CA SER A 45 8.63 10.27 -0.41
C SER A 45 10.14 10.41 -0.38
N SER A 46 10.61 11.44 0.32
CA SER A 46 12.03 11.68 0.49
C SER A 46 12.62 10.54 1.30
N CYS A 47 11.83 10.04 2.26
CA CYS A 47 12.25 8.91 3.09
C CYS A 47 12.48 7.71 2.18
N LEU A 48 11.60 7.58 1.20
CA LEU A 48 11.68 6.50 0.24
C LEU A 48 12.93 6.63 -0.58
N GLU A 49 13.31 7.86 -0.91
CA GLU A 49 14.54 8.07 -1.66
C GLU A 49 15.72 7.91 -0.72
N HIS A 50 15.52 8.30 0.54
CA HIS A 50 16.55 8.16 1.55
C HIS A 50 16.54 6.74 2.15
N CYS A 51 15.65 5.89 1.63
CA CYS A 51 15.55 4.51 2.07
C CYS A 51 16.11 3.64 0.96
N ILE A 52 15.71 3.97 -0.26
CA ILE A 52 16.15 3.28 -1.44
C ILE A 52 17.65 3.52 -1.68
N LYS A 53 18.10 4.76 -1.43
CA LYS A 53 19.50 5.10 -1.62
C LYS A 53 20.39 4.44 -0.57
N ARG A 54 19.83 4.21 0.62
CA ARG A 54 20.58 3.59 1.70
C ARG A 54 20.69 2.09 1.50
N LEU A 55 19.58 1.47 1.14
CA LEU A 55 19.54 0.03 0.92
C LEU A 55 20.49 -0.38 -0.20
N THR A 56 20.62 0.49 -1.18
CA THR A 56 21.52 0.23 -2.30
C THR A 56 22.95 0.52 -1.88
N ALA A 57 23.12 1.49 -1.00
CA ALA A 57 24.45 1.84 -0.50
C ALA A 57 25.03 0.63 0.21
N LEU A 58 24.17 -0.10 0.92
CA LEU A 58 24.56 -1.30 1.62
C LEU A 58 24.59 -2.49 0.65
N ASN A 59 23.70 -2.45 -0.35
CA ASN A 59 23.60 -3.49 -1.37
C ASN A 59 23.66 -4.90 -0.78
N LYS A 60 22.55 -5.33 -0.17
CA LYS A 60 22.47 -6.67 0.42
C LYS A 60 21.15 -6.84 1.19
N PRO A 61 20.07 -7.28 0.52
CA PRO A 61 20.05 -7.61 -0.91
C PRO A 61 19.94 -6.35 -1.80
N PHE A 62 19.66 -6.57 -3.08
CA PHE A 62 19.53 -5.46 -4.02
C PHE A 62 18.06 -5.04 -4.19
N LYS A 63 17.25 -5.94 -4.73
CA LYS A 63 15.82 -5.66 -4.95
C LYS A 63 15.14 -5.25 -3.65
N TYR A 64 14.93 -3.94 -3.48
CA TYR A 64 14.29 -3.43 -2.27
C TYR A 64 13.03 -2.63 -2.58
N VAL A 65 11.99 -2.87 -1.79
CA VAL A 65 10.73 -2.17 -1.95
C VAL A 65 10.52 -1.22 -0.76
N VAL A 66 10.22 0.04 -1.03
CA VAL A 66 9.98 0.99 0.04
C VAL A 66 8.74 1.82 -0.20
N THR A 67 7.72 1.62 0.64
CA THR A 67 6.48 2.38 0.51
C THR A 67 5.97 2.81 1.88
N CYS A 68 5.31 3.96 1.91
CA CYS A 68 4.78 4.48 3.16
C CYS A 68 3.39 5.08 2.96
N ILE A 69 2.61 5.09 4.03
CA ILE A 69 1.25 5.62 3.99
C ILE A 69 1.00 6.52 5.21
N ILE A 70 0.66 7.78 4.96
CA ILE A 70 0.40 8.72 6.03
C ILE A 70 -1.08 8.75 6.42
N MET A 71 -1.34 9.01 7.70
CA MET A 71 -2.71 9.07 8.20
C MET A 71 -3.00 10.45 8.79
N GLN A 72 -3.90 11.19 8.14
CA GLN A 72 -4.27 12.52 8.58
C GLN A 72 -5.11 12.47 9.85
N LYS A 73 -4.50 12.84 10.97
CA LYS A 73 -5.19 12.84 12.25
C LYS A 73 -5.74 11.46 12.59
N ASN A 74 -6.61 11.40 13.60
CA ASN A 74 -7.21 10.14 14.02
C ASN A 74 -8.74 10.23 13.96
N GLY A 75 -9.29 9.99 12.78
CA GLY A 75 -10.73 10.05 12.62
C GLY A 75 -11.18 9.63 11.23
N ALA A 76 -10.41 10.02 10.22
CA ALA A 76 -10.73 9.69 8.84
C ALA A 76 -10.65 8.19 8.61
N GLY A 77 -11.63 7.65 7.88
CA GLY A 77 -11.65 6.23 7.61
C GLY A 77 -10.68 5.84 6.49
N LEU A 78 -9.66 5.08 6.84
CA LEU A 78 -8.66 4.64 5.86
C LEU A 78 -8.28 3.18 6.10
N HIS A 79 -8.23 2.40 5.02
CA HIS A 79 -7.87 1.00 5.11
C HIS A 79 -7.17 0.52 3.84
N THR A 80 -6.01 -0.09 4.00
CA THR A 80 -5.24 -0.60 2.88
C THR A 80 -5.37 -2.11 2.78
N ALA A 81 -5.21 -2.65 1.57
CA ALA A 81 -5.30 -4.09 1.36
C ALA A 81 -4.15 -4.56 0.50
N ALA A 82 -3.63 -5.75 0.79
CA ALA A 82 -2.52 -6.28 0.02
C ALA A 82 -2.40 -7.79 0.12
N SER A 83 -1.96 -8.39 -0.98
CA SER A 83 -1.76 -9.82 -1.08
C SER A 83 -0.53 -10.10 -1.94
N CYS A 84 0.49 -10.71 -1.34
CA CYS A 84 1.72 -11.00 -2.06
C CYS A 84 1.96 -12.50 -2.15
N TRP A 85 2.57 -12.92 -3.25
CA TRP A 85 2.87 -14.33 -3.46
C TRP A 85 4.07 -14.75 -2.64
N TRP A 86 4.15 -16.03 -2.31
CA TRP A 86 5.26 -16.55 -1.51
C TRP A 86 6.44 -16.94 -2.39
N ASP A 87 7.64 -16.60 -1.93
CA ASP A 87 8.86 -16.92 -2.68
C ASP A 87 10.10 -16.68 -1.81
N SER A 88 11.13 -17.48 -2.03
CA SER A 88 12.37 -17.34 -1.28
C SER A 88 13.26 -16.23 -1.84
N THR A 89 13.13 -15.99 -3.14
CA THR A 89 13.93 -14.95 -3.79
C THR A 89 13.40 -13.56 -3.45
N THR A 90 12.11 -13.46 -3.20
CA THR A 90 11.49 -12.19 -2.86
C THR A 90 10.92 -12.24 -1.45
N ASP A 91 11.81 -12.26 -0.45
CA ASP A 91 11.39 -12.32 0.94
C ASP A 91 11.96 -11.16 1.75
N GLY A 92 11.06 -10.35 2.32
CA GLY A 92 11.49 -9.22 3.12
C GLY A 92 10.37 -8.28 3.58
N SER A 93 9.14 -8.48 3.10
CA SER A 93 8.01 -7.64 3.46
C SER A 93 7.90 -7.39 4.97
N ARG A 94 8.12 -6.14 5.37
CA ARG A 94 8.03 -5.75 6.78
C ARG A 94 7.56 -4.30 6.89
N THR A 95 6.43 -4.08 7.57
CA THR A 95 5.87 -2.74 7.74
C THR A 95 6.26 -2.13 9.09
N VAL A 96 6.34 -0.80 9.12
CA VAL A 96 6.69 -0.09 10.34
C VAL A 96 5.76 1.10 10.57
N ARG A 97 5.16 1.15 11.76
CA ARG A 97 4.25 2.24 12.09
C ARG A 97 4.97 3.33 12.89
N TRP A 98 5.19 4.47 12.24
CA TRP A 98 5.86 5.60 12.86
C TRP A 98 4.84 6.73 13.06
N GLU A 99 4.72 7.20 14.29
CA GLU A 99 3.78 8.27 14.61
C GLU A 99 4.46 9.38 15.40
N ASN A 100 3.86 10.57 15.40
CA ASN A 100 4.41 11.71 16.11
C ASN A 100 3.55 12.07 17.31
N LYS A 101 2.25 12.28 17.08
CA LYS A 101 1.32 12.64 18.14
C LYS A 101 -0.11 12.65 17.62
N SER A 102 -0.32 13.29 16.48
CA SER A 102 -1.64 13.40 15.88
C SER A 102 -1.72 12.61 14.58
N MET A 103 -0.77 12.85 13.68
CA MET A 103 -0.74 12.17 12.40
C MET A 103 0.06 10.87 12.50
N TYR A 104 -0.21 9.93 11.59
CA TYR A 104 0.49 8.64 11.58
C TYR A 104 1.27 8.47 10.29
N CYS A 105 2.28 7.60 10.33
CA CYS A 105 3.11 7.33 9.17
C CYS A 105 3.60 5.89 9.16
N ILE A 106 2.96 5.06 8.34
CA ILE A 106 3.34 3.65 8.24
C ILE A 106 4.24 3.44 7.02
N CYS A 107 5.48 3.04 7.26
CA CYS A 107 6.43 2.80 6.18
C CYS A 107 6.87 1.35 6.18
N THR A 108 6.65 0.67 5.06
CA THR A 108 7.00 -0.73 4.93
C THR A 108 8.15 -0.92 3.95
N VAL A 109 8.99 -1.91 4.24
CA VAL A 109 10.13 -2.21 3.38
C VAL A 109 10.13 -3.69 3.04
N PHE A 110 10.24 -4.00 1.75
CA PHE A 110 10.30 -5.38 1.30
C PHE A 110 11.67 -5.65 0.71
N GLY A 111 12.53 -6.27 1.51
CA GLY A 111 13.87 -6.58 1.08
C GLY A 111 13.92 -7.87 0.29
N LEU A 112 13.72 -7.78 -1.01
CA LEU A 112 13.71 -8.96 -1.86
C LEU A 112 15.09 -9.25 -2.42
N ALA A 113 15.46 -10.54 -2.42
CA ALA A 113 16.76 -10.95 -2.92
C ALA A 113 16.73 -11.19 -4.42
N ILE A 114 16.76 -10.10 -5.18
CA ILE A 114 16.73 -10.17 -6.64
C ILE A 114 15.44 -10.82 -7.13
N MET B 1 -31.92 8.09 -2.73
CA MET B 1 -30.83 7.09 -2.92
C MET B 1 -30.08 7.34 -4.23
N GLU B 2 -30.00 8.61 -4.62
CA GLU B 2 -29.30 8.98 -5.85
C GLU B 2 -27.82 9.25 -5.58
N GLY B 3 -26.98 8.90 -6.54
CA GLY B 3 -25.55 9.11 -6.39
C GLY B 3 -24.79 7.82 -6.19
N VAL B 4 -25.29 6.73 -6.79
CA VAL B 4 -24.64 5.43 -6.68
C VAL B 4 -23.83 5.11 -7.92
N ASP B 5 -22.51 5.03 -7.75
CA ASP B 5 -21.62 4.73 -8.85
C ASP B 5 -20.51 3.77 -8.41
N PRO B 6 -20.67 2.45 -8.65
CA PRO B 6 -19.68 1.44 -8.27
C PRO B 6 -18.41 1.51 -9.12
N ALA B 7 -17.72 2.66 -9.05
CA ALA B 7 -16.48 2.90 -9.81
C ALA B 7 -16.16 4.38 -9.83
N VAL B 8 -16.92 5.12 -10.63
CA VAL B 8 -16.76 6.58 -10.76
C VAL B 8 -15.41 6.97 -11.31
N GLU B 9 -14.39 6.81 -10.49
CA GLU B 9 -13.03 7.17 -10.85
C GLU B 9 -12.18 5.93 -11.09
N GLU B 10 -12.25 5.42 -12.32
CA GLU B 10 -11.49 4.22 -12.70
C GLU B 10 -10.02 4.56 -12.91
N ALA B 11 -9.15 3.85 -12.19
CA ALA B 11 -7.71 4.06 -12.30
C ALA B 11 -7.03 2.86 -12.94
N ALA B 12 -6.09 3.12 -13.85
CA ALA B 12 -5.36 2.06 -14.55
C ALA B 12 -4.48 2.64 -15.66
N PHE B 13 -3.78 1.76 -16.38
CA PHE B 13 -2.92 2.19 -17.47
C PHE B 13 -2.99 1.21 -18.63
N VAL B 14 -2.15 0.18 -18.63
CA VAL B 14 -2.15 -0.82 -19.70
C VAL B 14 -2.32 -2.23 -19.15
N ALA B 15 -3.57 -2.64 -18.94
CA ALA B 15 -3.85 -3.97 -18.41
C ALA B 15 -5.36 -4.22 -18.31
N ASP B 16 -5.99 -4.41 -19.47
CA ASP B 16 -7.43 -4.66 -19.50
C ASP B 16 -7.74 -6.03 -18.91
N ASP B 17 -6.88 -7.01 -19.19
CA ASP B 17 -7.06 -8.37 -18.69
C ASP B 17 -7.14 -8.39 -17.16
N VAL B 18 -6.19 -7.75 -16.51
CA VAL B 18 -6.16 -7.70 -15.06
C VAL B 18 -7.12 -6.65 -14.51
N SER B 19 -7.31 -5.59 -15.29
CA SER B 19 -8.21 -4.50 -14.89
C SER B 19 -9.63 -5.01 -14.67
N ASN B 20 -10.10 -5.87 -15.57
CA ASN B 20 -11.45 -6.41 -15.47
C ASN B 20 -11.60 -7.38 -14.29
N ILE B 21 -10.58 -8.22 -14.08
CA ILE B 21 -10.61 -9.21 -13.01
C ILE B 21 -10.85 -8.56 -11.64
N ILE B 22 -10.02 -7.58 -11.29
CA ILE B 22 -10.17 -6.91 -10.00
C ILE B 22 -11.54 -6.26 -9.86
N LYS B 23 -11.91 -5.45 -10.84
CA LYS B 23 -13.21 -4.77 -10.83
C LYS B 23 -14.34 -5.78 -10.75
N GLU B 24 -14.32 -6.74 -11.67
CA GLU B 24 -15.33 -7.80 -11.71
C GLU B 24 -15.42 -8.48 -10.35
N SER B 25 -14.27 -8.59 -9.70
CA SER B 25 -14.18 -9.22 -8.39
C SER B 25 -14.90 -8.41 -7.34
N ILE B 26 -14.68 -7.08 -7.31
CA ILE B 26 -15.36 -6.24 -6.32
C ILE B 26 -16.87 -6.39 -6.47
N ASP B 27 -17.33 -6.40 -7.70
CA ASP B 27 -18.76 -6.55 -7.97
C ASP B 27 -19.31 -7.76 -7.23
N ALA B 28 -18.51 -8.82 -7.18
CA ALA B 28 -18.89 -10.06 -6.51
C ALA B 28 -18.49 -10.08 -5.03
N VAL B 29 -17.28 -9.61 -4.77
CA VAL B 29 -16.73 -9.57 -3.42
C VAL B 29 -17.41 -8.50 -2.56
N LEU B 30 -18.28 -7.68 -3.18
CA LEU B 30 -19.02 -6.66 -2.44
C LEU B 30 -20.53 -6.85 -2.60
N GLN B 31 -20.98 -7.25 -3.80
CA GLN B 31 -22.42 -7.46 -4.02
C GLN B 31 -22.85 -8.85 -3.53
N ASN B 32 -21.90 -9.74 -3.29
CA ASN B 32 -22.19 -11.10 -2.82
C ASN B 32 -23.27 -11.13 -1.73
N GLN B 33 -23.36 -10.05 -0.94
CA GLN B 33 -24.35 -9.98 0.12
C GLN B 33 -24.88 -8.54 0.29
N GLN B 34 -24.34 -7.79 1.25
CA GLN B 34 -24.79 -6.42 1.47
C GLN B 34 -23.61 -5.51 1.83
N TYR B 35 -23.90 -4.23 2.04
CA TYR B 35 -22.86 -3.27 2.39
C TYR B 35 -22.67 -3.21 3.91
N SER B 36 -21.53 -3.69 4.37
CA SER B 36 -21.20 -3.70 5.80
C SER B 36 -19.78 -3.18 6.01
N GLU B 37 -19.61 -2.28 6.96
CA GLU B 37 -18.29 -1.73 7.24
C GLU B 37 -17.35 -2.82 7.74
N ALA B 38 -17.86 -3.73 8.55
CA ALA B 38 -17.06 -4.81 9.08
C ALA B 38 -16.49 -5.66 7.95
N LYS B 39 -17.23 -5.72 6.84
CA LYS B 39 -16.80 -6.47 5.68
C LYS B 39 -16.13 -5.57 4.64
N VAL B 40 -16.33 -4.25 4.77
CA VAL B 40 -15.74 -3.28 3.85
C VAL B 40 -14.23 -3.55 3.65
N SER B 41 -13.61 -4.14 4.66
CA SER B 41 -12.18 -4.47 4.60
C SER B 41 -11.98 -5.95 4.32
N GLN B 42 -12.82 -6.79 4.92
CA GLN B 42 -12.72 -8.23 4.74
C GLN B 42 -13.08 -8.62 3.31
N TRP B 43 -14.04 -7.93 2.72
CA TRP B 43 -14.44 -8.24 1.36
C TRP B 43 -13.28 -8.06 0.40
N THR B 44 -12.65 -6.90 0.43
CA THR B 44 -11.52 -6.62 -0.46
C THR B 44 -10.46 -7.71 -0.33
N SER B 45 -10.42 -8.35 0.84
CA SER B 45 -9.48 -9.43 1.07
C SER B 45 -9.94 -10.61 0.23
N SER B 46 -11.25 -10.81 0.18
CA SER B 46 -11.85 -11.85 -0.63
C SER B 46 -11.59 -11.53 -2.10
N CYS B 47 -11.62 -10.24 -2.43
CA CYS B 47 -11.34 -9.80 -3.80
C CYS B 47 -9.93 -10.21 -4.15
N LEU B 48 -9.04 -10.08 -3.17
CA LEU B 48 -7.65 -10.44 -3.35
C LEU B 48 -7.53 -11.92 -3.60
N GLU B 49 -8.35 -12.71 -2.92
CA GLU B 49 -8.31 -14.14 -3.15
C GLU B 49 -9.03 -14.46 -4.45
N HIS B 50 -10.04 -13.66 -4.77
CA HIS B 50 -10.77 -13.81 -6.02
C HIS B 50 -10.04 -13.10 -7.16
N CYS B 51 -8.89 -12.50 -6.85
CA CYS B 51 -8.07 -11.82 -7.83
C CYS B 51 -6.85 -12.69 -8.11
N ILE B 52 -6.28 -13.18 -7.02
CA ILE B 52 -5.13 -14.05 -7.07
C ILE B 52 -5.50 -15.40 -7.70
N LYS B 53 -6.69 -15.90 -7.38
CA LYS B 53 -7.15 -17.17 -7.93
C LYS B 53 -7.46 -17.06 -9.42
N ARG B 54 -7.90 -15.88 -9.84
CA ARG B 54 -8.24 -15.65 -11.25
C ARG B 54 -6.99 -15.49 -12.09
N LEU B 55 -6.06 -14.69 -11.59
CA LEU B 55 -4.81 -14.42 -12.30
C LEU B 55 -4.03 -15.71 -12.53
N THR B 56 -4.12 -16.62 -11.56
CA THR B 56 -3.44 -17.90 -11.67
C THR B 56 -4.23 -18.83 -12.58
N ALA B 57 -5.55 -18.68 -12.58
CA ALA B 57 -6.40 -19.48 -13.45
C ALA B 57 -6.04 -19.20 -14.90
N LEU B 58 -5.71 -17.94 -15.18
CA LEU B 58 -5.30 -17.51 -16.50
C LEU B 58 -3.82 -17.82 -16.70
N ASN B 59 -3.05 -17.75 -15.61
CA ASN B 59 -1.61 -18.02 -15.63
C ASN B 59 -0.90 -17.35 -16.81
N LYS B 60 -0.70 -16.04 -16.71
CA LYS B 60 -0.02 -15.29 -17.77
C LYS B 60 -0.06 -13.78 -17.49
N PRO B 61 0.91 -13.23 -16.73
CA PRO B 61 2.04 -13.99 -16.15
C PRO B 61 1.64 -14.74 -14.88
N PHE B 62 2.64 -15.22 -14.14
CA PHE B 62 2.39 -15.96 -12.91
C PHE B 62 2.48 -15.04 -11.69
N LYS B 63 3.68 -14.52 -11.44
CA LYS B 63 3.90 -13.62 -10.29
C LYS B 63 2.94 -12.43 -10.33
N TYR B 64 1.89 -12.50 -9.53
CA TYR B 64 0.90 -11.42 -9.48
C TYR B 64 0.76 -10.84 -8.07
N VAL B 65 0.69 -9.52 -8.01
CA VAL B 65 0.51 -8.82 -6.74
C VAL B 65 -0.88 -8.20 -6.68
N VAL B 66 -1.61 -8.45 -5.61
CA VAL B 66 -2.95 -7.87 -5.48
C VAL B 66 -3.17 -7.26 -4.10
N THR B 67 -3.29 -5.94 -4.05
CA THR B 67 -3.53 -5.25 -2.78
C THR B 67 -4.59 -4.17 -2.94
N CYS B 68 -5.35 -3.93 -1.89
CA CYS B 68 -6.38 -2.91 -1.92
C CYS B 68 -6.42 -2.12 -0.62
N ILE B 69 -6.90 -0.89 -0.70
CA ILE B 69 -6.99 -0.01 0.45
C ILE B 69 -8.36 0.68 0.48
N ILE B 70 -9.09 0.48 1.56
CA ILE B 70 -10.42 1.08 1.71
C ILE B 70 -10.36 2.43 2.42
N MET B 71 -11.27 3.32 2.06
CA MET B 71 -11.33 4.65 2.65
C MET B 71 -12.67 4.87 3.33
N GLN B 72 -12.65 4.99 4.65
CA GLN B 72 -13.86 5.20 5.43
C GLN B 72 -14.41 6.61 5.24
N LYS B 73 -15.50 6.71 4.49
CA LYS B 73 -16.13 7.99 4.22
C LYS B 73 -15.15 8.97 3.57
N ASN B 74 -15.54 10.24 3.51
CA ASN B 74 -14.70 11.27 2.91
C ASN B 74 -14.41 12.38 3.92
N GLY B 75 -13.38 12.17 4.74
CA GLY B 75 -13.01 13.17 5.73
C GLY B 75 -11.75 12.79 6.49
N ALA B 76 -11.61 11.51 6.80
CA ALA B 76 -10.45 11.02 7.53
C ALA B 76 -9.17 11.19 6.71
N GLY B 77 -8.12 11.65 7.37
CA GLY B 77 -6.85 11.86 6.69
C GLY B 77 -6.10 10.56 6.47
N LEU B 78 -5.94 10.17 5.21
CA LEU B 78 -5.23 8.94 4.87
C LEU B 78 -4.33 9.16 3.65
N HIS B 79 -3.10 8.67 3.74
CA HIS B 79 -2.15 8.80 2.63
C HIS B 79 -1.17 7.64 2.61
N THR B 80 -1.05 7.00 1.46
CA THR B 80 -0.15 5.86 1.29
C THR B 80 1.10 6.29 0.51
N ALA B 81 2.21 5.59 0.75
CA ALA B 81 3.46 5.89 0.07
C ALA B 81 4.09 4.63 -0.45
N ALA B 82 4.72 4.70 -1.63
CA ALA B 82 5.34 3.52 -2.20
C ALA B 82 6.41 3.87 -3.23
N SER B 83 7.44 3.02 -3.25
CA SER B 83 8.55 3.18 -4.17
C SER B 83 9.02 1.80 -4.62
N CYS B 84 8.90 1.52 -5.92
CA CYS B 84 9.30 0.23 -6.45
C CYS B 84 10.45 0.36 -7.44
N TRP B 85 11.31 -0.65 -7.47
CA TRP B 85 12.45 -0.64 -8.37
C TRP B 85 12.01 -0.98 -9.79
N TRP B 86 12.78 -0.52 -10.77
CA TRP B 86 12.46 -0.76 -12.17
C TRP B 86 13.03 -2.09 -12.65
N ASP B 87 12.23 -2.82 -13.43
CA ASP B 87 12.66 -4.11 -13.95
C ASP B 87 11.68 -4.61 -15.01
N SER B 88 12.20 -5.34 -16.00
CA SER B 88 11.37 -5.87 -17.08
C SER B 88 10.68 -7.16 -16.65
N THR B 89 11.30 -7.90 -15.74
CA THR B 89 10.73 -9.15 -15.26
C THR B 89 9.57 -8.91 -14.30
N THR B 90 9.62 -7.78 -13.59
CA THR B 90 8.59 -7.43 -12.65
C THR B 90 7.88 -6.14 -13.08
N ASP B 91 7.11 -6.23 -14.16
CA ASP B 91 6.40 -5.06 -14.68
C ASP B 91 4.89 -5.31 -14.77
N GLY B 92 4.13 -4.50 -14.06
CA GLY B 92 2.67 -4.65 -14.08
C GLY B 92 1.92 -3.74 -13.09
N SER B 93 2.65 -3.03 -12.21
CA SER B 93 2.03 -2.15 -11.21
C SER B 93 0.94 -1.25 -11.80
N ARG B 94 -0.31 -1.50 -11.41
CA ARG B 94 -1.44 -0.70 -11.87
C ARG B 94 -2.52 -0.62 -10.79
N THR B 95 -2.84 0.59 -10.34
CA THR B 95 -3.86 0.77 -9.30
C THR B 95 -5.23 1.11 -9.88
N VAL B 96 -6.28 0.74 -9.16
CA VAL B 96 -7.64 1.01 -9.61
C VAL B 96 -8.49 1.57 -8.47
N ARG B 97 -9.12 2.72 -8.70
CA ARG B 97 -9.95 3.34 -7.68
C ARG B 97 -11.43 2.99 -7.90
N TRP B 98 -11.95 2.15 -7.02
CA TRP B 98 -13.34 1.72 -7.07
C TRP B 98 -14.12 2.33 -5.90
N GLU B 99 -15.19 3.04 -6.20
CA GLU B 99 -16.00 3.67 -5.17
C GLU B 99 -17.48 3.34 -5.35
N ASN B 100 -18.25 3.50 -4.28
CA ASN B 100 -19.68 3.22 -4.31
C ASN B 100 -20.50 4.50 -4.21
N LYS B 101 -20.22 5.29 -3.18
CA LYS B 101 -20.95 6.55 -2.98
C LYS B 101 -20.34 7.33 -1.81
N SER B 102 -20.09 6.65 -0.70
CA SER B 102 -19.52 7.29 0.47
C SER B 102 -18.10 6.78 0.74
N MET B 103 -17.96 5.46 0.80
CA MET B 103 -16.66 4.85 1.04
C MET B 103 -15.90 4.61 -0.27
N TYR B 104 -14.59 4.54 -0.17
CA TYR B 104 -13.74 4.31 -1.34
C TYR B 104 -12.99 3.00 -1.23
N CYS B 105 -12.57 2.47 -2.38
CA CYS B 105 -11.84 1.21 -2.41
C CYS B 105 -10.83 1.19 -3.57
N ILE B 106 -9.57 1.41 -3.25
CA ILE B 106 -8.51 1.40 -4.24
C ILE B 106 -7.80 0.04 -4.27
N CYS B 107 -7.92 -0.66 -5.38
CA CYS B 107 -7.28 -1.96 -5.53
C CYS B 107 -6.27 -1.94 -6.66
N THR B 108 -5.02 -2.26 -6.32
CA THR B 108 -3.95 -2.26 -7.30
C THR B 108 -3.45 -3.66 -7.58
N VAL B 109 -3.06 -3.90 -8.83
CA VAL B 109 -2.54 -5.20 -9.24
C VAL B 109 -1.20 -5.04 -9.93
N PHE B 110 -0.22 -5.80 -9.50
CA PHE B 110 1.10 -5.76 -10.11
C PHE B 110 1.36 -7.09 -10.79
N GLY B 111 1.18 -7.12 -12.10
CA GLY B 111 1.38 -8.34 -12.87
C GLY B 111 2.84 -8.51 -13.25
N LEU B 112 3.60 -9.15 -12.38
CA LEU B 112 5.02 -9.35 -12.61
C LEU B 112 5.28 -10.66 -13.33
N ALA B 113 6.18 -10.62 -14.30
CA ALA B 113 6.52 -11.81 -15.08
C ALA B 113 7.63 -12.62 -14.39
N ILE B 114 7.24 -13.36 -13.36
CA ILE B 114 8.19 -14.18 -12.62
C ILE B 114 9.26 -13.32 -11.95
N MET A 1 5.22 13.34 26.58
CA MET A 1 5.89 14.43 27.33
C MET A 1 5.14 15.76 27.14
N GLU A 2 4.56 15.94 25.97
CA GLU A 2 3.82 17.15 25.67
C GLU A 2 2.93 16.96 24.44
N GLY A 3 2.37 15.78 24.30
CA GLY A 3 1.50 15.49 23.16
C GLY A 3 2.17 14.59 22.14
N VAL A 4 3.32 15.03 21.64
CA VAL A 4 4.06 14.26 20.64
C VAL A 4 4.56 12.95 21.23
N ASP A 5 4.40 11.87 20.47
CA ASP A 5 4.84 10.54 20.91
C ASP A 5 5.60 9.82 19.81
N PRO A 6 6.96 9.82 19.85
CA PRO A 6 7.78 9.16 18.83
C PRO A 6 7.52 7.66 18.75
N ALA A 7 7.05 7.22 17.58
CA ALA A 7 6.75 5.80 17.34
C ALA A 7 5.55 5.31 18.15
N VAL A 8 5.69 5.36 19.47
CA VAL A 8 4.64 4.92 20.40
C VAL A 8 4.48 3.41 20.36
N GLU A 9 4.09 2.90 19.20
CA GLU A 9 3.87 1.49 19.03
C GLU A 9 4.60 0.95 17.81
N GLU A 10 5.82 0.43 18.02
CA GLU A 10 6.62 -0.12 16.93
C GLU A 10 5.86 -1.22 16.20
N ALA A 11 6.06 -1.31 14.89
CA ALA A 11 5.39 -2.32 14.08
C ALA A 11 6.36 -3.37 13.57
N ALA A 12 5.95 -4.64 13.65
CA ALA A 12 6.76 -5.76 13.19
C ALA A 12 8.18 -5.71 13.77
N PHE A 13 9.00 -6.68 13.39
CA PHE A 13 10.37 -6.75 13.86
C PHE A 13 11.34 -6.87 12.69
N VAL A 14 11.41 -5.81 11.88
CA VAL A 14 12.29 -5.80 10.72
C VAL A 14 13.74 -6.05 11.11
N ALA A 15 14.54 -6.51 10.16
CA ALA A 15 15.95 -6.79 10.41
C ALA A 15 16.66 -5.52 10.86
N ASP A 16 17.79 -5.68 11.54
CA ASP A 16 18.56 -4.55 12.03
C ASP A 16 18.98 -3.62 10.89
N ASP A 17 19.48 -4.22 9.81
CA ASP A 17 19.94 -3.46 8.65
C ASP A 17 18.85 -2.54 8.09
N VAL A 18 17.68 -3.12 7.80
CA VAL A 18 16.57 -2.36 7.23
C VAL A 18 15.85 -1.52 8.30
N SER A 19 15.85 -2.02 9.53
CA SER A 19 15.19 -1.33 10.63
C SER A 19 15.86 0.01 10.93
N ASN A 20 17.19 0.03 10.92
CA ASN A 20 17.93 1.25 11.19
C ASN A 20 17.78 2.27 10.07
N ILE A 21 17.99 1.83 8.83
CA ILE A 21 17.89 2.71 7.67
C ILE A 21 16.54 3.42 7.62
N ILE A 22 15.46 2.65 7.68
CA ILE A 22 14.13 3.22 7.62
C ILE A 22 13.88 4.21 8.75
N LYS A 23 14.20 3.82 9.98
CA LYS A 23 13.98 4.69 11.12
C LYS A 23 14.86 5.93 11.05
N GLU A 24 16.16 5.73 10.86
CA GLU A 24 17.08 6.85 10.75
C GLU A 24 16.64 7.81 9.65
N SER A 25 16.06 7.25 8.59
CA SER A 25 15.58 8.05 7.49
C SER A 25 14.38 8.90 7.90
N ILE A 26 13.38 8.29 8.54
CA ILE A 26 12.20 9.07 8.98
C ILE A 26 12.64 10.17 9.93
N ASP A 27 13.56 9.84 10.82
CA ASP A 27 14.09 10.80 11.77
C ASP A 27 14.54 12.06 11.03
N ALA A 28 15.13 11.86 9.87
CA ALA A 28 15.61 12.96 9.03
C ALA A 28 14.54 13.46 8.05
N VAL A 29 13.81 12.52 7.47
CA VAL A 29 12.76 12.82 6.52
C VAL A 29 11.54 13.46 7.19
N LEU A 30 11.52 13.46 8.52
CA LEU A 30 10.43 14.06 9.26
C LEU A 30 10.93 15.19 10.17
N GLN A 31 12.14 15.06 10.71
CA GLN A 31 12.70 16.11 11.57
C GLN A 31 13.47 17.16 10.77
N ASN A 32 13.79 16.86 9.51
CA ASN A 32 14.55 17.81 8.65
C ASN A 32 14.02 19.23 8.77
N GLN A 33 12.71 19.37 8.94
CA GLN A 33 12.10 20.69 9.07
C GLN A 33 10.85 20.63 9.94
N GLN A 34 10.05 21.69 9.90
CA GLN A 34 8.82 21.75 10.68
C GLN A 34 7.70 20.99 9.99
N TYR A 35 6.58 20.83 10.69
CA TYR A 35 5.44 20.11 10.14
C TYR A 35 4.84 20.87 8.96
N SER A 36 4.98 20.32 7.74
CA SER A 36 4.43 20.97 6.56
C SER A 36 3.40 20.09 5.88
N GLU A 37 2.18 20.58 5.72
CA GLU A 37 1.10 19.81 5.07
C GLU A 37 1.53 19.38 3.67
N ALA A 38 2.27 20.24 2.99
CA ALA A 38 2.77 19.90 1.66
C ALA A 38 3.86 18.82 1.74
N LYS A 39 4.34 18.58 2.96
CA LYS A 39 5.37 17.60 3.21
C LYS A 39 4.83 16.39 4.00
N VAL A 40 3.66 16.53 4.61
CA VAL A 40 3.08 15.44 5.40
C VAL A 40 3.08 14.12 4.62
N SER A 41 3.05 14.21 3.30
CA SER A 41 3.06 13.02 2.46
C SER A 41 4.38 12.94 1.69
N GLN A 42 4.89 14.09 1.28
CA GLN A 42 6.16 14.14 0.55
C GLN A 42 7.28 13.65 1.46
N TRP A 43 7.13 13.90 2.76
CA TRP A 43 8.08 13.47 3.76
C TRP A 43 8.44 12.01 3.51
N THR A 44 7.44 11.16 3.67
CA THR A 44 7.61 9.73 3.49
C THR A 44 8.15 9.39 2.11
N SER A 45 7.84 10.23 1.13
CA SER A 45 8.33 10.03 -0.22
C SER A 45 9.84 10.23 -0.22
N SER A 46 10.28 11.17 0.60
CA SER A 46 11.69 11.44 0.77
C SER A 46 12.32 10.30 1.58
N CYS A 47 11.55 9.73 2.49
CA CYS A 47 12.00 8.58 3.29
C CYS A 47 12.26 7.43 2.35
N LEU A 48 11.34 7.27 1.41
CA LEU A 48 11.42 6.20 0.45
C LEU A 48 12.64 6.37 -0.43
N GLU A 49 12.97 7.61 -0.76
CA GLU A 49 14.17 7.83 -1.54
C GLU A 49 15.38 7.71 -0.64
N HIS A 50 15.25 8.20 0.58
CA HIS A 50 16.32 8.13 1.55
C HIS A 50 16.41 6.72 2.17
N CYS A 51 15.52 5.81 1.75
CA CYS A 51 15.54 4.45 2.24
C CYS A 51 16.26 3.62 1.20
N ILE A 52 15.86 3.85 -0.05
CA ILE A 52 16.47 3.19 -1.19
C ILE A 52 17.94 3.58 -1.33
N LYS A 53 18.21 4.87 -1.28
CA LYS A 53 19.57 5.39 -1.41
C LYS A 53 20.49 4.77 -0.37
N ARG A 54 19.94 4.52 0.81
CA ARG A 54 20.70 3.90 1.88
C ARG A 54 20.84 2.41 1.61
N LEU A 55 19.81 1.82 1.01
CA LEU A 55 19.79 0.41 0.68
C LEU A 55 20.79 0.10 -0.42
N THR A 56 20.98 1.06 -1.31
CA THR A 56 21.93 0.91 -2.41
C THR A 56 23.35 0.94 -1.86
N ALA A 57 23.55 1.70 -0.78
CA ALA A 57 24.85 1.79 -0.14
C ALA A 57 25.16 0.49 0.58
N LEU A 58 24.16 -0.06 1.26
CA LEU A 58 24.31 -1.31 1.97
C LEU A 58 24.33 -2.50 0.99
N ASN A 59 23.68 -2.32 -0.16
CA ASN A 59 23.62 -3.35 -1.21
C ASN A 59 23.32 -4.73 -0.64
N LYS A 60 22.06 -4.96 -0.27
CA LYS A 60 21.65 -6.25 0.27
C LYS A 60 20.14 -6.30 0.53
N PRO A 61 19.35 -7.05 -0.28
CA PRO A 61 19.84 -7.85 -1.41
C PRO A 61 19.95 -7.02 -2.70
N PHE A 62 18.84 -6.87 -3.44
CA PHE A 62 18.83 -6.11 -4.67
C PHE A 62 17.52 -5.36 -4.83
N LYS A 63 16.45 -6.09 -5.13
CA LYS A 63 15.13 -5.51 -5.32
C LYS A 63 14.56 -5.03 -3.99
N TYR A 64 14.83 -3.77 -3.65
CA TYR A 64 14.34 -3.19 -2.41
C TYR A 64 13.09 -2.37 -2.66
N VAL A 65 11.96 -2.84 -2.12
CA VAL A 65 10.70 -2.15 -2.28
C VAL A 65 10.29 -1.51 -0.96
N VAL A 66 10.65 -0.24 -0.80
CA VAL A 66 10.33 0.51 0.40
C VAL A 66 9.01 1.24 0.22
N THR A 67 8.07 1.02 1.13
CA THR A 67 6.78 1.69 1.04
C THR A 67 6.31 2.20 2.40
N CYS A 68 5.42 3.19 2.36
CA CYS A 68 4.89 3.79 3.57
C CYS A 68 3.48 4.31 3.36
N ILE A 69 2.72 4.38 4.44
CA ILE A 69 1.36 4.87 4.40
C ILE A 69 1.13 5.87 5.54
N ILE A 70 0.77 7.09 5.18
CA ILE A 70 0.54 8.14 6.17
C ILE A 70 -0.89 8.16 6.67
N MET A 71 -1.06 8.52 7.94
CA MET A 71 -2.37 8.60 8.55
C MET A 71 -2.61 10.00 9.12
N GLN A 72 -3.23 10.85 8.32
CA GLN A 72 -3.52 12.23 8.72
C GLN A 72 -4.63 12.27 9.76
N LYS A 73 -4.38 13.00 10.85
CA LYS A 73 -5.35 13.13 11.93
C LYS A 73 -5.78 11.77 12.47
N ASN A 74 -6.86 11.75 13.24
CA ASN A 74 -7.36 10.51 13.83
C ASN A 74 -8.86 10.39 13.62
N GLY A 75 -9.33 10.76 12.42
CA GLY A 75 -10.74 10.69 12.12
C GLY A 75 -11.02 10.13 10.74
N ALA A 76 -10.10 9.30 10.25
CA ALA A 76 -10.25 8.70 8.93
C ALA A 76 -9.85 7.22 8.96
N GLY A 77 -10.61 6.39 8.25
CA GLY A 77 -10.32 4.97 8.21
C GLY A 77 -9.98 4.48 6.82
N LEU A 78 -8.71 4.17 6.59
CA LEU A 78 -8.25 3.69 5.29
C LEU A 78 -7.24 2.56 5.45
N HIS A 79 -7.34 1.56 4.58
CA HIS A 79 -6.43 0.43 4.63
C HIS A 79 -6.08 -0.06 3.23
N THR A 80 -4.82 -0.42 3.02
CA THR A 80 -4.36 -0.90 1.73
C THR A 80 -4.39 -2.43 1.68
N ALA A 81 -4.63 -2.98 0.50
CA ALA A 81 -4.69 -4.43 0.34
C ALA A 81 -3.82 -4.90 -0.82
N ALA A 82 -3.19 -6.07 -0.66
CA ALA A 82 -2.35 -6.62 -1.70
C ALA A 82 -2.19 -8.12 -1.56
N SER A 83 -2.23 -8.82 -2.70
CA SER A 83 -2.08 -10.26 -2.74
C SER A 83 -0.86 -10.65 -3.55
N CYS A 84 0.10 -11.30 -2.90
CA CYS A 84 1.31 -11.74 -3.57
C CYS A 84 1.31 -13.24 -3.80
N TRP A 85 1.93 -13.67 -4.89
CA TRP A 85 2.00 -15.09 -5.21
C TRP A 85 3.04 -15.77 -4.33
N TRP A 86 3.41 -17.00 -4.67
CA TRP A 86 4.39 -17.73 -3.87
C TRP A 86 5.81 -17.40 -4.34
N ASP A 87 6.70 -17.15 -3.39
CA ASP A 87 8.10 -16.83 -3.68
C ASP A 87 8.84 -16.46 -2.40
N SER A 88 9.53 -17.43 -1.81
CA SER A 88 10.28 -17.18 -0.58
C SER A 88 11.41 -16.16 -0.79
N THR A 89 11.76 -15.91 -2.05
CA THR A 89 12.83 -14.96 -2.37
C THR A 89 12.36 -13.51 -2.29
N THR A 90 11.09 -13.28 -1.94
CA THR A 90 10.56 -11.94 -1.86
C THR A 90 10.63 -11.37 -0.44
N ASP A 91 11.66 -11.76 0.30
CA ASP A 91 11.87 -11.29 1.68
C ASP A 91 10.77 -11.73 2.63
N GLY A 92 9.58 -11.16 2.45
CA GLY A 92 8.47 -11.47 3.32
C GLY A 92 7.78 -10.22 3.85
N SER A 93 8.30 -9.04 3.45
CA SER A 93 7.74 -7.75 3.85
C SER A 93 7.64 -7.56 5.37
N ARG A 94 8.07 -6.38 5.83
CA ARG A 94 8.02 -6.03 7.25
C ARG A 94 7.58 -4.58 7.41
N THR A 95 6.58 -4.33 8.25
CA THR A 95 6.08 -2.97 8.45
C THR A 95 6.54 -2.34 9.76
N VAL A 96 6.65 -1.01 9.74
CA VAL A 96 7.06 -0.24 10.91
C VAL A 96 6.06 0.89 11.14
N ARG A 97 5.82 1.24 12.41
CA ARG A 97 4.86 2.29 12.73
C ARG A 97 5.50 3.48 13.43
N TRP A 98 5.56 4.61 12.73
CA TRP A 98 6.13 5.84 13.28
C TRP A 98 5.00 6.83 13.60
N GLU A 99 5.17 7.58 14.69
CA GLU A 99 4.19 8.57 15.09
C GLU A 99 4.89 9.74 15.78
N ASN A 100 4.46 10.97 15.45
CA ASN A 100 5.07 12.16 16.04
C ASN A 100 4.01 13.08 16.65
N LYS A 101 3.40 13.92 15.82
CA LYS A 101 2.39 14.86 16.30
C LYS A 101 0.99 14.27 16.10
N SER A 102 0.66 13.29 16.93
CA SER A 102 -0.64 12.62 16.89
C SER A 102 -0.77 11.75 15.65
N MET A 103 -0.69 12.36 14.46
CA MET A 103 -0.79 11.62 13.20
C MET A 103 0.09 10.37 13.21
N TYR A 104 -0.21 9.43 12.32
CA TYR A 104 0.55 8.18 12.24
C TYR A 104 1.23 8.04 10.89
N CYS A 105 2.30 7.25 10.86
CA CYS A 105 3.04 7.00 9.63
C CYS A 105 3.63 5.59 9.64
N ILE A 106 2.98 4.69 8.92
CA ILE A 106 3.45 3.30 8.85
C ILE A 106 4.38 3.11 7.67
N CYS A 107 5.64 2.84 7.97
CA CYS A 107 6.65 2.63 6.93
C CYS A 107 7.07 1.16 6.90
N THR A 108 6.73 0.48 5.81
CA THR A 108 7.06 -0.92 5.65
C THR A 108 8.13 -1.08 4.56
N VAL A 109 8.93 -2.13 4.67
CA VAL A 109 9.98 -2.40 3.69
C VAL A 109 10.01 -3.86 3.31
N PHE A 110 10.13 -4.11 2.02
CA PHE A 110 10.25 -5.48 1.54
C PHE A 110 11.51 -5.58 0.71
N GLY A 111 12.52 -6.21 1.29
CA GLY A 111 13.80 -6.38 0.62
C GLY A 111 13.79 -7.64 -0.21
N LEU A 112 13.20 -7.54 -1.39
CA LEU A 112 13.06 -8.71 -2.26
C LEU A 112 14.32 -9.00 -3.04
N ALA A 113 14.73 -10.28 -3.02
CA ALA A 113 15.92 -10.73 -3.71
C ALA A 113 15.64 -10.87 -5.21
N ILE A 114 15.72 -9.74 -5.91
CA ILE A 114 15.49 -9.72 -7.35
C ILE A 114 14.04 -10.06 -7.68
N MET B 1 -27.44 8.38 -9.42
CA MET B 1 -28.87 8.03 -9.56
C MET B 1 -29.61 8.16 -8.23
N GLU B 2 -28.91 7.88 -7.14
CA GLU B 2 -29.50 7.96 -5.81
C GLU B 2 -28.42 7.96 -4.73
N GLY B 3 -27.30 8.61 -5.02
CA GLY B 3 -26.21 8.66 -4.07
C GLY B 3 -25.05 7.77 -4.46
N VAL B 4 -25.33 6.49 -4.63
CA VAL B 4 -24.30 5.52 -5.00
C VAL B 4 -23.76 5.82 -6.40
N ASP B 5 -22.43 5.76 -6.54
CA ASP B 5 -21.79 6.02 -7.82
C ASP B 5 -20.73 4.96 -8.12
N PRO B 6 -21.05 3.95 -8.97
CA PRO B 6 -20.10 2.88 -9.32
C PRO B 6 -18.85 3.41 -9.99
N ALA B 7 -17.70 3.20 -9.35
CA ALA B 7 -16.40 3.63 -9.89
C ALA B 7 -16.26 5.15 -9.88
N VAL B 8 -17.12 5.81 -10.64
CA VAL B 8 -17.13 7.28 -10.76
C VAL B 8 -15.91 7.75 -11.53
N GLU B 9 -14.73 7.49 -10.98
CA GLU B 9 -13.50 7.92 -11.59
C GLU B 9 -12.50 6.77 -11.70
N GLU B 10 -12.50 6.10 -12.85
CA GLU B 10 -11.60 4.98 -13.09
C GLU B 10 -10.15 5.41 -12.90
N ALA B 11 -9.33 4.49 -12.36
CA ALA B 11 -7.93 4.79 -12.13
C ALA B 11 -7.02 4.01 -13.08
N ALA B 12 -6.00 4.69 -13.60
CA ALA B 12 -5.04 4.07 -14.52
C ALA B 12 -5.74 3.33 -15.66
N PHE B 13 -4.94 2.71 -16.52
CA PHE B 13 -5.48 1.96 -17.65
C PHE B 13 -4.87 0.55 -17.68
N VAL B 14 -5.22 -0.24 -16.67
CA VAL B 14 -4.71 -1.61 -16.58
C VAL B 14 -5.07 -2.43 -17.81
N ALA B 15 -4.30 -3.49 -18.07
CA ALA B 15 -4.56 -4.35 -19.21
C ALA B 15 -5.96 -4.95 -19.14
N ASP B 16 -6.49 -5.38 -20.27
CA ASP B 16 -7.82 -5.95 -20.33
C ASP B 16 -7.93 -7.18 -19.42
N ASP B 17 -6.93 -8.05 -19.50
CA ASP B 17 -6.91 -9.29 -18.71
C ASP B 17 -7.03 -9.01 -17.22
N VAL B 18 -6.16 -8.14 -16.70
CA VAL B 18 -6.17 -7.81 -15.27
C VAL B 18 -7.30 -6.85 -14.92
N SER B 19 -7.66 -6.00 -15.86
CA SER B 19 -8.70 -5.01 -15.63
C SER B 19 -10.07 -5.68 -15.41
N ASN B 20 -10.35 -6.71 -16.19
CA ASN B 20 -11.62 -7.42 -16.07
C ASN B 20 -11.69 -8.22 -14.78
N ILE B 21 -10.65 -9.00 -14.51
CA ILE B 21 -10.59 -9.84 -13.31
C ILE B 21 -10.81 -9.02 -12.04
N ILE B 22 -10.03 -7.96 -11.88
CA ILE B 22 -10.14 -7.12 -10.70
C ILE B 22 -11.54 -6.51 -10.57
N LYS B 23 -12.04 -5.92 -11.65
CA LYS B 23 -13.36 -5.30 -11.61
C LYS B 23 -14.45 -6.33 -11.36
N GLU B 24 -14.46 -7.39 -12.16
CA GLU B 24 -15.45 -8.44 -12.01
C GLU B 24 -15.43 -8.99 -10.59
N SER B 25 -14.23 -9.03 -10.01
CA SER B 25 -14.08 -9.53 -8.65
C SER B 25 -14.71 -8.58 -7.64
N ILE B 26 -14.42 -7.28 -7.73
CA ILE B 26 -15.03 -6.31 -6.80
C ILE B 26 -16.54 -6.37 -6.91
N ASP B 27 -17.02 -6.46 -8.14
CA ASP B 27 -18.45 -6.54 -8.40
C ASP B 27 -19.07 -7.64 -7.53
N ALA B 28 -18.33 -8.74 -7.39
CA ALA B 28 -18.78 -9.87 -6.58
C ALA B 28 -18.33 -9.76 -5.12
N VAL B 29 -17.10 -9.30 -4.93
CA VAL B 29 -16.52 -9.14 -3.60
C VAL B 29 -17.15 -7.96 -2.86
N LEU B 30 -17.96 -7.17 -3.55
CA LEU B 30 -18.64 -6.04 -2.92
C LEU B 30 -20.16 -6.17 -3.04
N GLN B 31 -20.65 -6.76 -4.14
CA GLN B 31 -22.10 -6.93 -4.31
C GLN B 31 -22.58 -8.26 -3.73
N ASN B 32 -21.66 -9.18 -3.43
CA ASN B 32 -22.02 -10.50 -2.87
C ASN B 32 -23.07 -10.39 -1.76
N GLN B 33 -23.00 -9.31 -0.99
CA GLN B 33 -23.95 -9.10 0.10
C GLN B 33 -24.16 -7.61 0.36
N GLN B 34 -24.78 -7.28 1.49
CA GLN B 34 -25.04 -5.90 1.85
C GLN B 34 -23.80 -5.26 2.44
N TYR B 35 -23.85 -3.95 2.66
CA TYR B 35 -22.72 -3.22 3.21
C TYR B 35 -22.45 -3.65 4.66
N SER B 36 -21.33 -4.34 4.89
CA SER B 36 -21.00 -4.78 6.24
C SER B 36 -19.67 -4.18 6.70
N GLU B 37 -19.69 -3.44 7.82
CA GLU B 37 -18.48 -2.82 8.35
C GLU B 37 -17.40 -3.87 8.59
N ALA B 38 -17.80 -5.06 9.01
CA ALA B 38 -16.85 -6.14 9.22
C ALA B 38 -16.31 -6.65 7.88
N LYS B 39 -16.96 -6.24 6.79
CA LYS B 39 -16.58 -6.64 5.45
C LYS B 39 -16.02 -5.46 4.64
N VAL B 40 -16.24 -4.23 5.11
CA VAL B 40 -15.76 -3.04 4.40
C VAL B 40 -14.28 -3.17 4.03
N SER B 41 -13.54 -3.94 4.81
CA SER B 41 -12.12 -4.16 4.55
C SER B 41 -11.87 -5.60 4.11
N GLN B 42 -12.62 -6.53 4.70
CA GLN B 42 -12.50 -7.93 4.35
C GLN B 42 -12.91 -8.14 2.90
N TRP B 43 -13.87 -7.32 2.45
CA TRP B 43 -14.34 -7.35 1.07
C TRP B 43 -13.14 -7.40 0.12
N THR B 44 -12.38 -6.33 0.14
CA THR B 44 -11.21 -6.20 -0.70
C THR B 44 -10.23 -7.36 -0.49
N SER B 45 -10.22 -7.90 0.71
CA SER B 45 -9.35 -9.04 1.01
C SER B 45 -9.83 -10.24 0.21
N SER B 46 -11.15 -10.32 0.06
CA SER B 46 -11.76 -11.37 -0.71
C SER B 46 -11.51 -11.10 -2.20
N CYS B 47 -11.46 -9.81 -2.56
CA CYS B 47 -11.16 -9.40 -3.93
C CYS B 47 -9.77 -9.86 -4.28
N LEU B 48 -8.88 -9.68 -3.32
CA LEU B 48 -7.49 -10.05 -3.49
C LEU B 48 -7.35 -11.53 -3.66
N GLU B 49 -8.18 -12.29 -2.95
CA GLU B 49 -8.14 -13.74 -3.12
C GLU B 49 -8.85 -14.09 -4.40
N HIS B 50 -9.93 -13.39 -4.68
CA HIS B 50 -10.69 -13.63 -5.89
C HIS B 50 -10.01 -12.98 -7.10
N CYS B 51 -8.86 -12.31 -6.88
CA CYS B 51 -8.12 -11.70 -7.97
C CYS B 51 -7.01 -12.66 -8.34
N ILE B 52 -6.35 -13.14 -7.30
CA ILE B 52 -5.28 -14.12 -7.45
C ILE B 52 -5.82 -15.43 -8.04
N LYS B 53 -6.90 -15.92 -7.46
CA LYS B 53 -7.51 -17.17 -7.91
C LYS B 53 -7.86 -17.11 -9.39
N ARG B 54 -8.27 -15.94 -9.83
CA ARG B 54 -8.60 -15.72 -11.23
C ARG B 54 -7.33 -15.61 -12.05
N LEU B 55 -6.29 -15.03 -11.44
CA LEU B 55 -5.02 -14.86 -12.11
C LEU B 55 -4.32 -16.20 -12.30
N THR B 56 -4.56 -17.12 -11.37
CA THR B 56 -3.99 -18.45 -11.46
C THR B 56 -4.65 -19.22 -12.59
N ALA B 57 -5.92 -18.93 -12.84
CA ALA B 57 -6.67 -19.56 -13.91
C ALA B 57 -6.16 -19.05 -15.26
N LEU B 58 -5.94 -17.74 -15.33
CA LEU B 58 -5.44 -17.11 -16.55
C LEU B 58 -3.96 -17.42 -16.73
N ASN B 59 -3.25 -17.66 -15.62
CA ASN B 59 -1.82 -17.97 -15.63
C ASN B 59 -1.04 -17.05 -16.58
N LYS B 60 -0.81 -15.81 -16.15
CA LYS B 60 -0.06 -14.85 -16.95
C LYS B 60 0.15 -13.53 -16.20
N PRO B 61 1.38 -13.21 -15.74
CA PRO B 61 2.57 -14.05 -15.90
C PRO B 61 2.69 -15.11 -14.80
N PHE B 62 3.27 -14.73 -13.65
CA PHE B 62 3.44 -15.66 -12.53
C PHE B 62 3.23 -14.94 -11.20
N LYS B 63 4.21 -14.11 -10.84
CA LYS B 63 4.15 -13.35 -9.59
C LYS B 63 3.10 -12.25 -9.67
N TYR B 64 1.89 -12.57 -9.27
CA TYR B 64 0.79 -11.61 -9.29
C TYR B 64 0.60 -11.00 -7.91
N VAL B 65 0.88 -9.71 -7.80
CA VAL B 65 0.71 -9.01 -6.53
C VAL B 65 -0.49 -8.07 -6.61
N VAL B 66 -1.63 -8.57 -6.16
CA VAL B 66 -2.87 -7.80 -6.16
C VAL B 66 -3.04 -7.08 -4.84
N THR B 67 -3.21 -5.77 -4.88
CA THR B 67 -3.39 -5.00 -3.66
C THR B 67 -4.50 -3.97 -3.80
N CYS B 68 -5.04 -3.55 -2.66
CA CYS B 68 -6.13 -2.58 -2.63
C CYS B 68 -6.09 -1.76 -1.34
N ILE B 69 -6.64 -0.56 -1.42
CA ILE B 69 -6.68 0.34 -0.27
C ILE B 69 -8.09 0.93 -0.16
N ILE B 70 -8.74 0.69 0.98
CA ILE B 70 -10.09 1.18 1.20
C ILE B 70 -10.10 2.58 1.82
N MET B 71 -11.11 3.37 1.46
CA MET B 71 -11.26 4.73 1.97
C MET B 71 -12.61 4.88 2.64
N GLN B 72 -12.64 4.67 3.96
CA GLN B 72 -13.88 4.78 4.73
C GLN B 72 -14.31 6.24 4.87
N LYS B 73 -15.58 6.51 4.56
CA LYS B 73 -16.12 7.86 4.67
C LYS B 73 -15.31 8.84 3.83
N ASN B 74 -15.54 10.13 4.05
CA ASN B 74 -14.83 11.18 3.31
C ASN B 74 -14.28 12.24 4.27
N GLY B 75 -13.75 11.79 5.40
CA GLY B 75 -13.20 12.71 6.38
C GLY B 75 -11.87 12.26 6.94
N ALA B 76 -11.14 11.46 6.17
CA ALA B 76 -9.84 10.95 6.61
C ALA B 76 -8.83 11.03 5.47
N GLY B 77 -7.59 11.41 5.81
CA GLY B 77 -6.55 11.51 4.81
C GLY B 77 -5.39 10.55 5.06
N LEU B 78 -5.31 9.52 4.23
CA LEU B 78 -4.24 8.53 4.37
C LEU B 78 -3.69 8.14 3.00
N HIS B 79 -2.39 7.94 2.92
CA HIS B 79 -1.74 7.56 1.68
C HIS B 79 -0.60 6.58 1.94
N THR B 80 -0.47 5.59 1.06
CA THR B 80 0.58 4.59 1.19
C THR B 80 1.78 4.96 0.32
N ALA B 81 2.98 4.59 0.78
CA ALA B 81 4.20 4.91 0.03
C ALA B 81 5.07 3.68 -0.15
N ALA B 82 5.73 3.58 -1.31
CA ALA B 82 6.61 2.46 -1.59
C ALA B 82 7.64 2.80 -2.65
N SER B 83 8.86 2.33 -2.43
CA SER B 83 9.96 2.56 -3.36
C SER B 83 10.49 1.24 -3.90
N CYS B 84 10.39 1.05 -5.20
CA CYS B 84 10.86 -0.17 -5.83
C CYS B 84 12.15 0.07 -6.61
N TRP B 85 13.01 -0.93 -6.66
CA TRP B 85 14.28 -0.82 -7.36
C TRP B 85 14.03 -0.92 -8.87
N TRP B 86 15.10 -1.09 -9.64
CA TRP B 86 14.96 -1.20 -11.09
C TRP B 86 14.70 -2.65 -11.50
N ASP B 87 13.74 -2.83 -12.41
CA ASP B 87 13.37 -4.15 -12.91
C ASP B 87 12.14 -4.06 -13.81
N SER B 88 12.38 -4.00 -15.12
CA SER B 88 11.29 -3.90 -16.09
C SER B 88 10.39 -5.14 -16.05
N THR B 89 10.89 -6.22 -15.45
CA THR B 89 10.12 -7.47 -15.36
C THR B 89 9.06 -7.43 -14.25
N THR B 90 8.94 -6.30 -13.55
CA THR B 90 7.98 -6.18 -12.47
C THR B 90 6.67 -5.55 -12.92
N ASP B 91 6.31 -5.79 -14.18
CA ASP B 91 5.07 -5.27 -14.76
C ASP B 91 5.05 -3.74 -14.86
N GLY B 92 4.99 -3.09 -13.72
CA GLY B 92 4.95 -1.64 -13.68
C GLY B 92 3.82 -1.11 -12.80
N SER B 93 3.04 -2.04 -12.22
CA SER B 93 1.93 -1.70 -11.32
C SER B 93 0.88 -0.78 -11.96
N ARG B 94 -0.39 -1.12 -11.77
CA ARG B 94 -1.50 -0.34 -12.29
C ARG B 94 -2.62 -0.27 -11.25
N THR B 95 -3.09 0.93 -10.94
CA THR B 95 -4.16 1.10 -9.93
C THR B 95 -5.53 1.35 -10.54
N VAL B 96 -6.56 0.92 -9.81
CA VAL B 96 -7.95 1.12 -10.22
C VAL B 96 -8.74 1.73 -9.08
N ARG B 97 -9.72 2.58 -9.40
CA ARG B 97 -10.51 3.24 -8.36
C ARG B 97 -11.99 2.86 -8.42
N TRP B 98 -12.45 2.12 -7.42
CA TRP B 98 -13.84 1.69 -7.32
C TRP B 98 -14.55 2.50 -6.22
N GLU B 99 -15.81 2.82 -6.45
CA GLU B 99 -16.62 3.57 -5.49
C GLU B 99 -18.07 3.15 -5.59
N ASN B 100 -18.71 2.97 -4.43
CA ASN B 100 -20.12 2.55 -4.41
C ASN B 100 -20.97 3.50 -3.55
N LYS B 101 -20.99 3.26 -2.24
CA LYS B 101 -21.76 4.09 -1.32
C LYS B 101 -20.89 5.18 -0.73
N SER B 102 -20.58 6.17 -1.55
CA SER B 102 -19.75 7.31 -1.13
C SER B 102 -18.30 6.90 -0.90
N MET B 103 -18.07 5.97 0.03
CA MET B 103 -16.72 5.49 0.33
C MET B 103 -15.96 5.14 -0.95
N TYR B 104 -14.64 5.09 -0.85
CA TYR B 104 -13.80 4.76 -2.01
C TYR B 104 -13.01 3.48 -1.78
N CYS B 105 -12.61 2.85 -2.88
CA CYS B 105 -11.85 1.61 -2.82
C CYS B 105 -10.91 1.52 -4.02
N ILE B 106 -9.64 1.82 -3.78
CA ILE B 106 -8.63 1.78 -4.84
C ILE B 106 -7.97 0.40 -4.89
N CYS B 107 -8.22 -0.32 -5.97
CA CYS B 107 -7.64 -1.65 -6.16
C CYS B 107 -6.60 -1.62 -7.26
N THR B 108 -5.35 -1.83 -6.88
CA THR B 108 -4.25 -1.84 -7.83
C THR B 108 -3.70 -3.25 -7.99
N VAL B 109 -3.13 -3.53 -9.16
CA VAL B 109 -2.57 -4.85 -9.42
C VAL B 109 -1.22 -4.73 -10.10
N PHE B 110 -0.27 -5.53 -9.64
CA PHE B 110 1.04 -5.56 -10.26
C PHE B 110 1.35 -7.00 -10.66
N GLY B 111 1.26 -7.26 -11.95
CA GLY B 111 1.52 -8.60 -12.46
C GLY B 111 2.99 -8.77 -12.76
N LEU B 112 3.76 -9.03 -11.72
CA LEU B 112 5.20 -9.15 -11.85
C LEU B 112 5.65 -10.52 -12.38
N ALA B 113 6.50 -10.48 -13.40
CA ALA B 113 7.02 -11.69 -14.01
C ALA B 113 8.09 -12.33 -13.13
N ILE B 114 7.64 -13.09 -12.14
CA ILE B 114 8.54 -13.77 -11.22
C ILE B 114 9.32 -12.76 -10.37
N MET A 1 2.34 9.68 27.18
CA MET A 1 1.41 10.60 27.90
C MET A 1 2.11 11.90 28.29
N GLU A 2 2.03 12.90 27.41
CA GLU A 2 2.64 14.19 27.66
C GLU A 2 2.32 15.17 26.54
N GLY A 3 2.43 14.70 25.30
CA GLY A 3 2.15 15.55 24.16
C GLY A 3 2.68 14.98 22.86
N VAL A 4 3.94 14.59 22.86
CA VAL A 4 4.56 14.01 21.67
C VAL A 4 5.13 12.63 21.97
N ASP A 5 4.68 11.64 21.20
CA ASP A 5 5.13 10.26 21.38
C ASP A 5 5.82 9.76 20.11
N PRO A 6 7.18 9.77 20.07
CA PRO A 6 7.93 9.32 18.90
C PRO A 6 7.75 7.83 18.62
N ALA A 7 7.22 7.51 17.44
CA ALA A 7 6.99 6.12 17.03
C ALA A 7 5.89 5.47 17.85
N VAL A 8 6.15 5.30 19.15
CA VAL A 8 5.20 4.68 20.08
C VAL A 8 4.98 3.22 19.75
N GLU A 9 4.32 2.99 18.62
CA GLU A 9 3.99 1.65 18.18
C GLU A 9 4.94 1.20 17.08
N GLU A 10 6.24 1.24 17.37
CA GLU A 10 7.26 0.83 16.41
C GLU A 10 7.04 -0.60 15.96
N ALA A 11 6.84 -0.79 14.66
CA ALA A 11 6.61 -2.12 14.10
C ALA A 11 7.87 -2.64 13.43
N ALA A 12 8.08 -3.96 13.53
CA ALA A 12 9.24 -4.61 12.94
C ALA A 12 9.27 -6.09 13.28
N PHE A 13 9.73 -6.91 12.33
CA PHE A 13 9.80 -8.36 12.55
C PHE A 13 11.18 -8.90 12.18
N VAL A 14 11.47 -8.95 10.89
CA VAL A 14 12.76 -9.44 10.41
C VAL A 14 13.45 -8.43 9.51
N ALA A 15 14.17 -7.48 10.12
CA ALA A 15 14.89 -6.45 9.36
C ALA A 15 15.49 -5.42 10.30
N ASP A 16 16.58 -5.77 10.95
CA ASP A 16 17.26 -4.86 11.88
C ASP A 16 18.01 -3.78 11.10
N ASP A 17 18.89 -4.23 10.21
CA ASP A 17 19.67 -3.31 9.39
C ASP A 17 18.77 -2.35 8.62
N VAL A 18 17.63 -2.87 8.19
CA VAL A 18 16.65 -2.07 7.46
C VAL A 18 15.81 -1.25 8.43
N SER A 19 15.58 -1.81 9.62
CA SER A 19 14.78 -1.14 10.65
C SER A 19 15.39 0.22 11.00
N ASN A 20 16.70 0.25 11.20
CA ASN A 20 17.38 1.48 11.55
C ASN A 20 17.32 2.49 10.39
N ILE A 21 17.52 1.99 9.17
CA ILE A 21 17.49 2.85 7.98
C ILE A 21 16.17 3.60 7.90
N ILE A 22 15.07 2.92 8.19
CA ILE A 22 13.76 3.56 8.15
C ILE A 22 13.64 4.63 9.22
N LYS A 23 13.94 4.25 10.46
CA LYS A 23 13.84 5.18 11.58
C LYS A 23 14.77 6.35 11.41
N GLU A 24 16.04 6.06 11.22
CA GLU A 24 17.04 7.10 11.02
C GLU A 24 16.64 8.01 9.86
N SER A 25 16.02 7.41 8.85
CA SER A 25 15.57 8.17 7.70
C SER A 25 14.36 9.03 8.03
N ILE A 26 13.34 8.45 8.68
CA ILE A 26 12.14 9.23 9.05
C ILE A 26 12.57 10.37 9.96
N ASP A 27 13.50 10.08 10.85
CA ASP A 27 14.02 11.07 11.76
C ASP A 27 14.44 12.32 10.98
N ALA A 28 15.05 12.08 9.82
CA ALA A 28 15.50 13.15 8.95
C ALA A 28 14.44 13.58 7.94
N VAL A 29 13.71 12.60 7.42
CA VAL A 29 12.67 12.81 6.43
C VAL A 29 11.43 13.46 7.06
N LEU A 30 11.40 13.53 8.39
CA LEU A 30 10.29 14.14 9.09
C LEU A 30 10.75 15.32 9.95
N GLN A 31 11.98 15.25 10.50
CA GLN A 31 12.51 16.33 11.32
C GLN A 31 13.30 17.35 10.49
N ASN A 32 13.66 17.01 9.25
CA ASN A 32 14.43 17.91 8.37
C ASN A 32 13.93 19.34 8.43
N GLN A 33 12.64 19.52 8.68
CA GLN A 33 12.05 20.85 8.77
C GLN A 33 10.80 20.85 9.64
N GLN A 34 10.00 21.91 9.55
CA GLN A 34 8.78 22.02 10.33
C GLN A 34 7.65 21.22 9.68
N TYR A 35 6.58 21.01 10.42
CA TYR A 35 5.44 20.25 9.92
C TYR A 35 4.81 20.95 8.72
N SER A 36 4.96 20.35 7.52
CA SER A 36 4.37 20.94 6.32
C SER A 36 3.34 20.00 5.71
N GLU A 37 2.20 20.54 5.28
CA GLU A 37 1.16 19.71 4.69
C GLU A 37 1.60 19.20 3.34
N ALA A 38 2.25 20.05 2.56
CA ALA A 38 2.76 19.65 1.25
C ALA A 38 3.79 18.52 1.42
N LYS A 39 4.45 18.53 2.58
CA LYS A 39 5.45 17.54 2.92
C LYS A 39 4.85 16.39 3.74
N VAL A 40 3.65 16.59 4.28
CA VAL A 40 2.98 15.58 5.10
C VAL A 40 2.97 14.21 4.39
N SER A 41 2.91 14.23 3.06
CA SER A 41 2.91 13.00 2.26
C SER A 41 4.22 12.84 1.52
N GLN A 42 4.84 13.95 1.15
CA GLN A 42 6.11 13.94 0.46
C GLN A 42 7.20 13.46 1.41
N TRP A 43 7.02 13.77 2.69
CA TRP A 43 7.94 13.36 3.74
C TRP A 43 8.29 11.89 3.57
N THR A 44 7.28 11.05 3.78
CA THR A 44 7.44 9.61 3.67
C THR A 44 7.98 9.21 2.29
N SER A 45 7.73 10.04 1.30
CA SER A 45 8.22 9.78 -0.05
C SER A 45 9.73 10.00 -0.08
N SER A 46 10.16 11.05 0.63
CA SER A 46 11.56 11.37 0.73
C SER A 46 12.28 10.26 1.47
N CYS A 47 11.58 9.65 2.43
CA CYS A 47 12.14 8.54 3.17
C CYS A 47 12.30 7.37 2.22
N LEU A 48 11.33 7.20 1.34
CA LEU A 48 11.37 6.15 0.35
C LEU A 48 12.61 6.31 -0.51
N GLU A 49 13.00 7.55 -0.77
CA GLU A 49 14.20 7.78 -1.52
C GLU A 49 15.41 7.59 -0.63
N HIS A 50 15.24 7.94 0.65
CA HIS A 50 16.31 7.79 1.63
C HIS A 50 16.36 6.35 2.18
N CYS A 51 15.47 5.49 1.68
CA CYS A 51 15.43 4.10 2.11
C CYS A 51 15.97 3.24 0.97
N ILE A 52 15.52 3.57 -0.24
CA ILE A 52 15.95 2.88 -1.43
C ILE A 52 17.43 3.16 -1.69
N LYS A 53 17.86 4.37 -1.35
CA LYS A 53 19.24 4.77 -1.56
C LYS A 53 20.14 4.16 -0.48
N ARG A 54 19.59 4.03 0.72
CA ARG A 54 20.33 3.46 1.84
C ARG A 54 20.45 1.95 1.73
N LEU A 55 19.33 1.31 1.39
CA LEU A 55 19.28 -0.14 1.26
C LEU A 55 20.29 -0.63 0.22
N THR A 56 20.36 0.07 -0.90
CA THR A 56 21.28 -0.28 -1.95
C THR A 56 22.71 -0.03 -1.46
N ALA A 57 22.88 0.95 -0.59
CA ALA A 57 24.19 1.25 -0.02
C ALA A 57 24.65 0.07 0.82
N LEU A 58 23.70 -0.53 1.54
CA LEU A 58 23.97 -1.68 2.37
C LEU A 58 23.99 -2.97 1.53
N ASN A 59 23.38 -2.92 0.35
CA ASN A 59 23.31 -4.06 -0.57
C ASN A 59 22.90 -5.35 0.14
N LYS A 60 21.58 -5.53 0.29
CA LYS A 60 21.03 -6.72 0.95
C LYS A 60 19.51 -6.62 1.06
N PRO A 61 18.74 -7.45 0.30
CA PRO A 61 19.25 -8.44 -0.65
C PRO A 61 19.57 -7.82 -2.01
N PHE A 62 18.52 -7.55 -2.81
CA PHE A 62 18.71 -6.97 -4.13
C PHE A 62 17.59 -5.97 -4.45
N LYS A 63 16.41 -6.48 -4.78
CA LYS A 63 15.28 -5.62 -5.10
C LYS A 63 14.66 -5.05 -3.83
N TYR A 64 14.89 -3.77 -3.61
CA TYR A 64 14.37 -3.11 -2.42
C TYR A 64 13.18 -2.22 -2.77
N VAL A 65 11.99 -2.65 -2.34
CA VAL A 65 10.78 -1.88 -2.58
C VAL A 65 10.28 -1.28 -1.27
N VAL A 66 10.68 -0.05 -1.01
CA VAL A 66 10.28 0.61 0.23
C VAL A 66 8.96 1.35 0.04
N THR A 67 8.00 1.12 0.93
CA THR A 67 6.70 1.78 0.81
C THR A 67 6.24 2.31 2.15
N CYS A 68 5.73 3.53 2.16
CA CYS A 68 5.26 4.16 3.37
C CYS A 68 3.94 4.88 3.15
N ILE A 69 2.99 4.63 4.03
CA ILE A 69 1.67 5.25 3.95
C ILE A 69 1.48 6.25 5.10
N ILE A 70 0.83 7.38 4.80
CA ILE A 70 0.60 8.40 5.81
C ILE A 70 -0.83 8.35 6.34
N MET A 71 -0.97 8.64 7.63
CA MET A 71 -2.29 8.64 8.28
C MET A 71 -2.59 10.00 8.91
N GLN A 72 -3.53 10.72 8.30
CA GLN A 72 -3.91 12.03 8.79
C GLN A 72 -4.65 11.95 10.11
N LYS A 73 -4.11 12.61 11.13
CA LYS A 73 -4.72 12.62 12.46
C LYS A 73 -4.87 11.19 12.99
N ASN A 74 -5.59 11.07 14.11
CA ASN A 74 -5.82 9.76 14.72
C ASN A 74 -7.31 9.48 14.86
N GLY A 75 -7.91 8.96 13.80
CA GLY A 75 -9.34 8.66 13.82
C GLY A 75 -9.82 8.03 12.54
N ALA A 76 -9.28 8.49 11.41
CA ALA A 76 -9.67 7.97 10.10
C ALA A 76 -9.29 6.50 9.97
N GLY A 77 -10.16 5.71 9.36
CA GLY A 77 -9.89 4.29 9.17
C GLY A 77 -9.35 3.98 7.79
N LEU A 78 -8.22 3.28 7.75
CA LEU A 78 -7.59 2.92 6.48
C LEU A 78 -7.07 1.48 6.53
N HIS A 79 -7.28 0.76 5.43
CA HIS A 79 -6.84 -0.64 5.35
C HIS A 79 -6.28 -0.95 3.97
N THR A 80 -5.01 -1.34 3.92
CA THR A 80 -4.36 -1.67 2.67
C THR A 80 -4.41 -3.18 2.42
N ALA A 81 -4.37 -3.57 1.14
CA ALA A 81 -4.41 -4.98 0.78
C ALA A 81 -3.51 -5.26 -0.41
N ALA A 82 -2.83 -6.39 -0.38
CA ALA A 82 -1.94 -6.77 -1.48
C ALA A 82 -1.66 -8.26 -1.52
N SER A 83 -1.94 -8.86 -2.68
CA SER A 83 -1.72 -10.28 -2.88
C SER A 83 -0.35 -10.50 -3.52
N CYS A 84 0.52 -11.22 -2.81
CA CYS A 84 1.85 -11.50 -3.31
C CYS A 84 1.98 -12.96 -3.70
N TRP A 85 2.56 -13.21 -4.87
CA TRP A 85 2.73 -14.58 -5.35
C TRP A 85 3.89 -15.24 -4.61
N TRP A 86 4.91 -14.44 -4.28
CA TRP A 86 6.07 -14.94 -3.55
C TRP A 86 6.21 -14.20 -2.23
N ASP A 87 7.16 -14.62 -1.40
CA ASP A 87 7.37 -13.98 -0.10
C ASP A 87 8.65 -14.48 0.57
N SER A 88 8.86 -15.80 0.52
CA SER A 88 10.03 -16.42 1.13
C SER A 88 11.33 -15.87 0.54
N THR A 89 11.28 -15.49 -0.74
CA THR A 89 12.46 -14.98 -1.42
C THR A 89 12.36 -13.48 -1.66
N THR A 90 11.20 -13.02 -2.10
CA THR A 90 11.00 -11.61 -2.36
C THR A 90 10.26 -10.92 -1.22
N ASP A 91 8.94 -10.85 -1.31
CA ASP A 91 8.15 -10.16 -0.31
C ASP A 91 8.52 -10.50 1.13
N GLY A 92 9.18 -9.54 1.78
CA GLY A 92 9.57 -9.70 3.17
C GLY A 92 8.67 -8.88 4.07
N SER A 93 8.31 -7.69 3.56
CA SER A 93 7.41 -6.77 4.26
C SER A 93 7.80 -6.53 5.72
N ARG A 94 8.25 -5.30 6.00
CA ARG A 94 8.60 -4.90 7.36
C ARG A 94 8.07 -3.49 7.61
N THR A 95 6.93 -3.40 8.30
CA THR A 95 6.29 -2.11 8.58
C THR A 95 6.73 -1.49 9.89
N VAL A 96 6.70 -0.16 9.93
CA VAL A 96 7.10 0.59 11.12
C VAL A 96 6.18 1.81 11.28
N ARG A 97 5.45 1.86 12.40
CA ARG A 97 4.54 2.96 12.66
C ARG A 97 5.24 4.15 13.31
N TRP A 98 5.24 5.29 12.63
CA TRP A 98 5.86 6.50 13.14
C TRP A 98 4.80 7.53 13.55
N GLU A 99 4.88 8.00 14.79
CA GLU A 99 3.95 9.00 15.30
C GLU A 99 4.71 10.05 16.10
N ASN A 100 4.25 11.30 16.02
CA ASN A 100 4.90 12.40 16.74
C ASN A 100 3.93 13.20 17.61
N LYS A 101 3.27 14.19 17.02
CA LYS A 101 2.33 15.02 17.76
C LYS A 101 0.97 14.35 17.87
N SER A 102 0.37 14.05 16.73
CA SER A 102 -0.93 13.40 16.70
C SER A 102 -1.10 12.56 15.43
N MET A 103 -0.73 13.15 14.29
CA MET A 103 -0.83 12.46 13.02
C MET A 103 0.05 11.21 13.03
N TYR A 104 -0.37 10.18 12.32
CA TYR A 104 0.40 8.93 12.25
C TYR A 104 0.97 8.72 10.86
N CYS A 105 2.09 8.02 10.79
CA CYS A 105 2.74 7.75 9.51
C CYS A 105 3.38 6.36 9.52
N ILE A 106 2.83 5.45 8.73
CA ILE A 106 3.34 4.10 8.64
C ILE A 106 4.39 4.01 7.53
N CYS A 107 5.48 3.34 7.84
CA CYS A 107 6.57 3.18 6.89
C CYS A 107 7.05 1.73 6.87
N THR A 108 6.81 1.05 5.75
CA THR A 108 7.21 -0.35 5.62
C THR A 108 8.27 -0.53 4.54
N VAL A 109 9.08 -1.55 4.69
CA VAL A 109 10.12 -1.87 3.73
C VAL A 109 9.92 -3.28 3.22
N PHE A 110 9.81 -3.43 1.91
CA PHE A 110 9.64 -4.73 1.32
C PHE A 110 10.96 -5.16 0.69
N GLY A 111 11.68 -6.01 1.41
CA GLY A 111 12.97 -6.48 0.94
C GLY A 111 12.82 -7.67 0.02
N LEU A 112 12.66 -7.40 -1.27
CA LEU A 112 12.47 -8.48 -2.22
C LEU A 112 13.79 -8.94 -2.85
N ALA A 113 14.21 -10.13 -2.43
CA ALA A 113 15.46 -10.71 -2.92
C ALA A 113 15.33 -11.19 -4.35
N ILE A 114 15.53 -10.27 -5.29
CA ILE A 114 15.44 -10.59 -6.71
C ILE A 114 16.65 -10.06 -7.46
N MET B 1 -24.38 11.86 -10.15
CA MET B 1 -25.32 12.77 -9.43
C MET B 1 -26.70 12.14 -9.29
N GLU B 2 -26.90 11.43 -8.18
CA GLU B 2 -28.18 10.78 -7.93
C GLU B 2 -28.19 10.11 -6.55
N GLY B 3 -27.11 9.42 -6.23
CA GLY B 3 -27.01 8.74 -4.95
C GLY B 3 -25.89 7.71 -4.92
N VAL B 4 -25.87 6.84 -5.92
CA VAL B 4 -24.84 5.81 -6.00
C VAL B 4 -24.08 5.89 -7.32
N ASP B 5 -22.76 6.04 -7.22
CA ASP B 5 -21.92 6.14 -8.41
C ASP B 5 -20.91 4.99 -8.45
N PRO B 6 -21.19 3.92 -9.24
CA PRO B 6 -20.30 2.76 -9.34
C PRO B 6 -18.95 3.11 -9.97
N ALA B 7 -17.88 2.90 -9.20
CA ALA B 7 -16.52 3.18 -9.66
C ALA B 7 -16.27 4.68 -9.83
N VAL B 8 -16.99 5.29 -10.78
CA VAL B 8 -16.88 6.73 -11.06
C VAL B 8 -15.50 7.06 -11.62
N GLU B 9 -14.51 6.96 -10.75
CA GLU B 9 -13.14 7.29 -11.10
C GLU B 9 -12.33 6.02 -11.37
N GLU B 10 -12.82 5.19 -12.29
CA GLU B 10 -12.14 3.95 -12.64
C GLU B 10 -10.72 4.20 -13.11
N ALA B 11 -9.75 3.64 -12.40
CA ALA B 11 -8.35 3.81 -12.76
C ALA B 11 -7.81 2.58 -13.48
N ALA B 12 -6.92 2.81 -14.44
CA ALA B 12 -6.31 1.73 -15.21
C ALA B 12 -5.39 2.29 -16.29
N PHE B 13 -4.28 1.58 -16.56
CA PHE B 13 -3.33 2.02 -17.56
C PHE B 13 -2.99 0.88 -18.51
N VAL B 14 -2.22 -0.10 -18.03
CA VAL B 14 -1.83 -1.24 -18.86
C VAL B 14 -2.21 -2.55 -18.18
N ALA B 15 -3.46 -2.99 -18.39
CA ALA B 15 -3.95 -4.23 -17.81
C ALA B 15 -5.45 -4.40 -18.06
N ASP B 16 -5.80 -4.76 -19.29
CA ASP B 16 -7.20 -4.96 -19.65
C ASP B 16 -7.73 -6.26 -19.06
N ASP B 17 -7.03 -7.36 -19.37
CA ASP B 17 -7.41 -8.68 -18.87
C ASP B 17 -7.48 -8.68 -17.34
N VAL B 18 -6.58 -7.93 -16.73
CA VAL B 18 -6.54 -7.81 -15.27
C VAL B 18 -7.57 -6.79 -14.80
N SER B 19 -7.81 -5.79 -15.62
CA SER B 19 -8.78 -4.74 -15.29
C SER B 19 -10.16 -5.33 -15.04
N ASN B 20 -10.59 -6.22 -15.92
CA ASN B 20 -11.89 -6.85 -15.79
C ASN B 20 -11.94 -7.74 -14.54
N ILE B 21 -10.87 -8.50 -14.30
CA ILE B 21 -10.79 -9.39 -13.15
C ILE B 21 -11.05 -8.61 -11.85
N ILE B 22 -10.47 -7.43 -11.75
CA ILE B 22 -10.64 -6.61 -10.56
C ILE B 22 -12.09 -6.16 -10.42
N LYS B 23 -12.61 -5.55 -11.48
CA LYS B 23 -13.98 -5.05 -11.47
C LYS B 23 -14.97 -6.15 -11.25
N GLU B 24 -14.90 -7.16 -12.10
CA GLU B 24 -15.80 -8.31 -11.99
C GLU B 24 -15.71 -8.92 -10.59
N SER B 25 -14.51 -8.89 -10.03
CA SER B 25 -14.29 -9.42 -8.69
C SER B 25 -14.89 -8.52 -7.62
N ILE B 26 -14.61 -7.20 -7.69
CA ILE B 26 -15.18 -6.26 -6.71
C ILE B 26 -16.70 -6.34 -6.77
N ASP B 27 -17.20 -6.45 -7.98
CA ASP B 27 -18.63 -6.56 -8.19
C ASP B 27 -19.21 -7.67 -7.29
N ALA B 28 -18.46 -8.75 -7.19
CA ALA B 28 -18.85 -9.88 -6.36
C ALA B 28 -18.34 -9.78 -4.93
N VAL B 29 -17.11 -9.28 -4.79
CA VAL B 29 -16.45 -9.12 -3.52
C VAL B 29 -17.06 -7.97 -2.70
N LEU B 30 -17.90 -7.16 -3.36
CA LEU B 30 -18.56 -6.05 -2.69
C LEU B 30 -20.09 -6.20 -2.73
N GLN B 31 -20.62 -6.80 -3.81
CA GLN B 31 -22.07 -6.99 -3.93
C GLN B 31 -22.53 -8.34 -3.36
N ASN B 32 -21.57 -9.26 -3.12
CA ASN B 32 -21.91 -10.59 -2.59
C ASN B 32 -22.94 -10.55 -1.47
N GLN B 33 -22.95 -9.45 -0.72
CA GLN B 33 -23.89 -9.28 0.38
C GLN B 33 -24.14 -7.81 0.67
N GLN B 34 -24.73 -7.52 1.83
CA GLN B 34 -25.02 -6.15 2.22
C GLN B 34 -23.77 -5.47 2.78
N TYR B 35 -23.83 -4.15 2.91
CA TYR B 35 -22.69 -3.39 3.42
C TYR B 35 -22.36 -3.80 4.85
N SER B 36 -21.22 -4.46 5.04
CA SER B 36 -20.81 -4.87 6.38
C SER B 36 -19.50 -4.20 6.77
N GLU B 37 -19.41 -3.73 8.01
CA GLU B 37 -18.19 -3.07 8.47
C GLU B 37 -17.06 -4.08 8.61
N ALA B 38 -17.39 -5.25 9.14
CA ALA B 38 -16.41 -6.31 9.29
C ALA B 38 -15.87 -6.71 7.91
N LYS B 39 -16.73 -6.53 6.90
CA LYS B 39 -16.38 -6.85 5.53
C LYS B 39 -15.87 -5.62 4.78
N VAL B 40 -16.10 -4.43 5.33
CA VAL B 40 -15.66 -3.17 4.70
C VAL B 40 -14.18 -3.25 4.28
N SER B 41 -13.39 -4.00 5.03
CA SER B 41 -11.96 -4.15 4.72
C SER B 41 -11.66 -5.56 4.23
N GLN B 42 -12.44 -6.52 4.72
CA GLN B 42 -12.27 -7.91 4.30
C GLN B 42 -12.72 -8.06 2.86
N TRP B 43 -13.70 -7.25 2.47
CA TRP B 43 -14.22 -7.22 1.11
C TRP B 43 -13.06 -7.22 0.12
N THR B 44 -12.32 -6.12 0.12
CA THR B 44 -11.18 -5.94 -0.76
C THR B 44 -10.17 -7.07 -0.60
N SER B 45 -10.15 -7.68 0.58
CA SER B 45 -9.24 -8.79 0.84
C SER B 45 -9.72 -10.01 0.08
N SER B 46 -11.03 -10.19 0.06
CA SER B 46 -11.65 -11.28 -0.66
C SER B 46 -11.40 -11.11 -2.14
N CYS B 47 -11.37 -9.86 -2.59
CA CYS B 47 -11.09 -9.56 -3.99
C CYS B 47 -9.66 -9.96 -4.27
N LEU B 48 -8.79 -9.70 -3.30
CA LEU B 48 -7.39 -10.05 -3.43
C LEU B 48 -7.25 -11.54 -3.63
N GLU B 49 -8.13 -12.30 -2.99
CA GLU B 49 -8.11 -13.74 -3.18
C GLU B 49 -8.77 -14.08 -4.50
N HIS B 50 -9.77 -13.29 -4.87
CA HIS B 50 -10.49 -13.49 -6.13
C HIS B 50 -9.73 -12.84 -7.30
N CYS B 51 -8.57 -12.24 -7.01
CA CYS B 51 -7.75 -11.60 -8.03
C CYS B 51 -6.52 -12.47 -8.26
N ILE B 52 -5.95 -12.92 -7.16
CA ILE B 52 -4.79 -13.79 -7.19
C ILE B 52 -5.17 -15.14 -7.78
N LYS B 53 -6.39 -15.58 -7.50
CA LYS B 53 -6.88 -16.86 -8.00
C LYS B 53 -7.26 -16.76 -9.47
N ARG B 54 -7.76 -15.59 -9.87
CA ARG B 54 -8.16 -15.36 -11.24
C ARG B 54 -6.96 -15.13 -12.15
N LEU B 55 -6.03 -14.32 -11.67
CA LEU B 55 -4.83 -13.99 -12.43
C LEU B 55 -4.04 -15.25 -12.77
N THR B 56 -3.92 -16.14 -11.80
CA THR B 56 -3.22 -17.38 -12.01
C THR B 56 -4.00 -18.26 -13.00
N ALA B 57 -5.32 -18.11 -12.97
CA ALA B 57 -6.18 -18.84 -13.89
C ALA B 57 -5.89 -18.41 -15.32
N LEU B 58 -5.66 -17.11 -15.47
CA LEU B 58 -5.34 -16.53 -16.77
C LEU B 58 -3.85 -16.72 -17.10
N ASN B 59 -3.03 -16.96 -16.06
CA ASN B 59 -1.59 -17.17 -16.21
C ASN B 59 -0.95 -16.11 -17.10
N LYS B 60 -0.62 -14.97 -16.50
CA LYS B 60 0.02 -13.86 -17.22
C LYS B 60 0.21 -12.65 -16.29
N PRO B 61 1.46 -12.30 -15.91
CA PRO B 61 2.68 -13.00 -16.31
C PRO B 61 2.98 -14.22 -15.40
N PHE B 62 3.47 -13.96 -14.20
CA PHE B 62 3.78 -15.02 -13.26
C PHE B 62 3.46 -14.61 -11.82
N LYS B 63 4.31 -13.77 -11.23
CA LYS B 63 4.10 -13.31 -9.85
C LYS B 63 3.02 -12.22 -9.82
N TYR B 64 1.84 -12.59 -9.32
CA TYR B 64 0.72 -11.66 -9.25
C TYR B 64 0.52 -11.17 -7.82
N VAL B 65 0.84 -9.91 -7.58
CA VAL B 65 0.67 -9.31 -6.27
C VAL B 65 -0.48 -8.30 -6.31
N VAL B 66 -1.66 -8.76 -5.96
CA VAL B 66 -2.84 -7.90 -5.98
C VAL B 66 -2.99 -7.19 -4.64
N THR B 67 -3.15 -5.86 -4.67
CA THR B 67 -3.31 -5.10 -3.44
C THR B 67 -4.42 -4.08 -3.56
N CYS B 68 -5.25 -4.01 -2.53
CA CYS B 68 -6.37 -3.08 -2.52
C CYS B 68 -6.50 -2.39 -1.17
N ILE B 69 -6.64 -1.06 -1.21
CA ILE B 69 -6.77 -0.26 0.00
C ILE B 69 -8.19 0.32 0.09
N ILE B 70 -8.73 0.35 1.30
CA ILE B 70 -10.08 0.86 1.52
C ILE B 70 -10.06 2.29 2.06
N MET B 71 -11.03 3.09 1.65
CA MET B 71 -11.13 4.49 2.10
C MET B 71 -12.48 4.74 2.74
N GLN B 72 -12.47 4.92 4.06
CA GLN B 72 -13.69 5.17 4.82
C GLN B 72 -14.26 6.54 4.49
N LYS B 73 -15.51 6.57 4.04
CA LYS B 73 -16.19 7.81 3.69
C LYS B 73 -15.39 8.61 2.66
N ASN B 74 -15.80 9.85 2.42
CA ASN B 74 -15.12 10.72 1.46
C ASN B 74 -14.68 12.01 2.13
N GLY B 75 -13.51 11.97 2.75
CA GLY B 75 -12.98 13.15 3.42
C GLY B 75 -11.61 12.92 4.03
N ALA B 76 -11.40 11.73 4.57
CA ALA B 76 -10.12 11.39 5.19
C ALA B 76 -9.00 11.37 4.15
N GLY B 77 -7.84 11.88 4.55
CA GLY B 77 -6.70 11.92 3.65
C GLY B 77 -5.75 10.76 3.87
N LEU B 78 -5.43 10.06 2.79
CA LEU B 78 -4.52 8.92 2.87
C LEU B 78 -3.55 8.91 1.68
N HIS B 79 -2.29 8.61 1.96
CA HIS B 79 -1.28 8.57 0.91
C HIS B 79 -0.32 7.40 1.13
N THR B 80 -0.27 6.50 0.15
CA THR B 80 0.61 5.33 0.23
C THR B 80 1.93 5.60 -0.50
N ALA B 81 2.98 4.92 -0.08
CA ALA B 81 4.29 5.09 -0.69
C ALA B 81 5.04 3.77 -0.77
N ALA B 82 5.74 3.55 -1.87
CA ALA B 82 6.50 2.31 -2.03
C ALA B 82 7.61 2.45 -3.08
N SER B 83 8.82 2.13 -2.64
CA SER B 83 9.99 2.19 -3.50
C SER B 83 10.24 0.83 -4.13
N CYS B 84 10.18 0.76 -5.45
CA CYS B 84 10.41 -0.48 -6.17
C CYS B 84 11.75 -0.45 -6.90
N TRP B 85 12.52 -1.52 -6.78
CA TRP B 85 13.81 -1.60 -7.43
C TRP B 85 13.63 -1.88 -8.92
N TRP B 86 12.59 -2.66 -9.24
CA TRP B 86 12.27 -3.00 -10.62
C TRP B 86 10.87 -2.50 -10.97
N ASP B 87 10.49 -2.63 -12.24
CA ASP B 87 9.18 -2.19 -12.68
C ASP B 87 8.88 -2.64 -14.11
N SER B 88 9.87 -2.50 -14.99
CA SER B 88 9.71 -2.88 -16.38
C SER B 88 9.38 -4.36 -16.53
N THR B 89 9.87 -5.17 -15.61
CA THR B 89 9.63 -6.62 -15.66
C THR B 89 8.64 -7.06 -14.58
N THR B 90 8.81 -6.55 -13.36
CA THR B 90 7.95 -6.91 -12.27
C THR B 90 6.88 -5.83 -12.03
N ASP B 91 7.17 -4.89 -11.13
CA ASP B 91 6.20 -3.86 -10.77
C ASP B 91 5.52 -3.23 -11.98
N GLY B 92 4.24 -3.58 -12.16
CA GLY B 92 3.45 -3.02 -13.22
C GLY B 92 2.46 -2.01 -12.67
N SER B 93 1.94 -2.32 -11.48
CA SER B 93 1.00 -1.45 -10.76
C SER B 93 -0.15 -0.95 -11.63
N ARG B 94 -1.35 -1.43 -11.32
CA ARG B 94 -2.57 -1.00 -12.02
C ARG B 94 -3.69 -0.79 -11.00
N THR B 95 -3.92 0.47 -10.62
CA THR B 95 -4.93 0.79 -9.62
C THR B 95 -6.31 1.07 -10.22
N VAL B 96 -7.34 0.78 -9.44
CA VAL B 96 -8.72 0.99 -9.85
C VAL B 96 -9.56 1.49 -8.68
N ARG B 97 -10.11 2.70 -8.80
CA ARG B 97 -10.92 3.28 -7.73
C ARG B 97 -12.38 2.83 -7.81
N TRP B 98 -12.83 2.14 -6.76
CA TRP B 98 -14.21 1.65 -6.69
C TRP B 98 -15.01 2.45 -5.66
N GLU B 99 -16.14 3.00 -6.09
CA GLU B 99 -17.01 3.77 -5.21
C GLU B 99 -18.47 3.40 -5.46
N ASN B 100 -19.28 3.39 -4.41
CA ASN B 100 -20.69 3.03 -4.55
C ASN B 100 -21.62 4.11 -3.94
N LYS B 101 -21.88 4.01 -2.64
CA LYS B 101 -22.77 4.95 -1.97
C LYS B 101 -22.02 6.23 -1.61
N SER B 102 -20.96 6.08 -0.82
CA SER B 102 -20.17 7.23 -0.39
C SER B 102 -18.73 6.81 -0.12
N MET B 103 -18.56 5.72 0.62
CA MET B 103 -17.25 5.21 0.94
C MET B 103 -16.48 4.85 -0.34
N TYR B 104 -15.17 5.01 -0.30
CA TYR B 104 -14.34 4.71 -1.46
C TYR B 104 -13.46 3.50 -1.20
N CYS B 105 -13.13 2.76 -2.26
CA CYS B 105 -12.28 1.59 -2.14
C CYS B 105 -11.37 1.45 -3.34
N ILE B 106 -10.07 1.64 -3.12
CA ILE B 106 -9.09 1.52 -4.19
C ILE B 106 -8.58 0.10 -4.29
N CYS B 107 -8.49 -0.40 -5.52
CA CYS B 107 -8.03 -1.76 -5.77
C CYS B 107 -7.01 -1.77 -6.89
N THR B 108 -5.77 -2.08 -6.56
CA THR B 108 -4.70 -2.11 -7.56
C THR B 108 -4.13 -3.52 -7.73
N VAL B 109 -3.62 -3.78 -8.92
CA VAL B 109 -3.02 -5.08 -9.22
C VAL B 109 -1.59 -4.86 -9.65
N PHE B 110 -0.65 -5.52 -8.97
CA PHE B 110 0.73 -5.41 -9.34
C PHE B 110 1.17 -6.69 -10.06
N GLY B 111 1.23 -6.60 -11.37
CA GLY B 111 1.59 -7.75 -12.19
C GLY B 111 3.08 -7.88 -12.32
N LEU B 112 3.70 -8.59 -11.37
CA LEU B 112 5.14 -8.74 -11.39
C LEU B 112 5.59 -10.00 -12.12
N ALA B 113 6.15 -9.78 -13.31
CA ALA B 113 6.62 -10.88 -14.15
C ALA B 113 7.89 -11.50 -13.58
N ILE B 114 7.71 -12.44 -12.66
CA ILE B 114 8.83 -13.13 -12.05
C ILE B 114 8.62 -14.64 -12.06
N MET A 1 10.60 16.11 26.90
CA MET A 1 9.34 16.75 26.44
C MET A 1 8.19 15.74 26.43
N GLU A 2 7.25 15.90 27.36
CA GLU A 2 6.11 15.01 27.46
C GLU A 2 5.04 15.38 26.44
N GLY A 3 4.09 14.48 26.23
CA GLY A 3 3.03 14.74 25.28
C GLY A 3 3.29 14.09 23.93
N VAL A 4 4.52 14.25 23.43
CA VAL A 4 4.90 13.68 22.14
C VAL A 4 5.50 12.29 22.31
N ASP A 5 4.90 11.32 21.64
CA ASP A 5 5.37 9.93 21.72
C ASP A 5 5.98 9.50 20.38
N PRO A 6 7.32 9.46 20.26
CA PRO A 6 7.99 9.05 19.02
C PRO A 6 7.72 7.60 18.67
N ALA A 7 7.09 7.37 17.52
CA ALA A 7 6.77 6.02 17.05
C ALA A 7 5.69 5.38 17.92
N VAL A 8 6.03 5.13 19.19
CA VAL A 8 5.10 4.51 20.15
C VAL A 8 4.87 3.06 19.79
N GLU A 9 4.21 2.88 18.65
CA GLU A 9 3.85 1.55 18.17
C GLU A 9 4.91 1.02 17.22
N GLU A 10 5.99 0.49 17.79
CA GLU A 10 7.08 -0.06 16.99
C GLU A 10 6.64 -1.30 16.23
N ALA A 11 6.71 -1.24 14.91
CA ALA A 11 6.32 -2.35 14.06
C ALA A 11 7.54 -2.94 13.35
N ALA A 12 7.39 -4.16 12.82
CA ALA A 12 8.47 -4.85 12.11
C ALA A 12 9.49 -5.43 13.09
N PHE A 13 9.67 -6.74 13.03
CA PHE A 13 10.60 -7.43 13.92
C PHE A 13 11.75 -8.07 13.13
N VAL A 14 11.52 -8.35 11.84
CA VAL A 14 12.54 -8.96 11.01
C VAL A 14 13.26 -7.92 10.16
N ALA A 15 14.46 -8.26 9.70
CA ALA A 15 15.25 -7.35 8.88
C ALA A 15 15.48 -6.02 9.59
N ASP A 16 15.96 -6.10 10.84
CA ASP A 16 16.22 -4.91 11.64
C ASP A 16 17.16 -3.95 10.92
N ASP A 17 18.10 -4.51 10.16
CA ASP A 17 19.07 -3.71 9.42
C ASP A 17 18.37 -2.70 8.51
N VAL A 18 17.35 -3.16 7.81
CA VAL A 18 16.58 -2.30 6.92
C VAL A 18 15.56 -1.48 7.71
N SER A 19 15.07 -2.05 8.80
CA SER A 19 14.08 -1.37 9.64
C SER A 19 14.62 -0.07 10.20
N ASN A 20 15.89 -0.05 10.58
CA ASN A 20 16.50 1.15 11.12
C ASN A 20 16.67 2.21 10.04
N ILE A 21 16.94 1.76 8.81
CA ILE A 21 17.13 2.65 7.67
C ILE A 21 15.89 3.51 7.40
N ILE A 22 14.75 2.85 7.22
CA ILE A 22 13.52 3.57 6.93
C ILE A 22 13.17 4.58 8.03
N LYS A 23 13.21 4.14 9.28
CA LYS A 23 12.88 5.02 10.39
C LYS A 23 13.89 6.16 10.47
N GLU A 24 15.18 5.80 10.48
CA GLU A 24 16.24 6.80 10.53
C GLU A 24 16.04 7.84 9.44
N SER A 25 15.54 7.38 8.30
CA SER A 25 15.28 8.25 7.18
C SER A 25 14.15 9.22 7.51
N ILE A 26 13.06 8.72 8.11
CA ILE A 26 11.94 9.60 8.48
C ILE A 26 12.44 10.68 9.42
N ASP A 27 13.23 10.27 10.40
CA ASP A 27 13.78 11.20 11.38
C ASP A 27 14.46 12.39 10.68
N ALA A 28 15.10 12.10 9.56
CA ALA A 28 15.78 13.13 8.78
C ALA A 28 14.84 13.78 7.77
N VAL A 29 14.08 12.92 7.09
CA VAL A 29 13.12 13.34 6.08
C VAL A 29 11.95 14.11 6.70
N LEU A 30 11.88 14.17 8.04
CA LEU A 30 10.80 14.90 8.71
C LEU A 30 11.37 15.96 9.66
N GLN A 31 12.47 15.66 10.34
CA GLN A 31 13.06 16.62 11.28
C GLN A 31 13.82 17.72 10.53
N ASN A 32 14.28 17.45 9.31
CA ASN A 32 15.02 18.45 8.55
C ASN A 32 14.25 19.79 8.47
N GLN A 33 12.93 19.73 8.62
CA GLN A 33 12.11 20.93 8.57
C GLN A 33 10.98 20.87 9.61
N GLN A 34 10.03 21.79 9.51
CA GLN A 34 8.90 21.85 10.43
C GLN A 34 7.76 20.95 9.96
N TYR A 35 6.67 20.94 10.73
CA TYR A 35 5.50 20.13 10.39
C TYR A 35 4.61 20.84 9.39
N SER A 36 4.57 20.32 8.16
CA SER A 36 3.75 20.89 7.10
C SER A 36 2.98 19.78 6.38
N GLU A 37 1.67 19.96 6.21
CA GLU A 37 0.87 18.96 5.54
C GLU A 37 1.34 18.76 4.10
N ALA A 38 1.67 19.86 3.44
CA ALA A 38 2.17 19.80 2.06
C ALA A 38 3.39 18.90 1.96
N LYS A 39 4.12 18.81 3.06
CA LYS A 39 5.33 17.99 3.14
C LYS A 39 5.02 16.63 3.78
N VAL A 40 3.92 16.55 4.53
CA VAL A 40 3.52 15.31 5.21
C VAL A 40 3.53 14.11 4.25
N SER A 41 3.37 14.37 2.95
CA SER A 41 3.37 13.30 1.96
C SER A 41 4.62 13.35 1.09
N GLN A 42 5.16 14.55 0.91
CA GLN A 42 6.36 14.72 0.10
C GLN A 42 7.60 14.28 0.83
N TRP A 43 7.62 14.45 2.15
CA TRP A 43 8.77 14.04 2.94
C TRP A 43 9.00 12.56 2.78
N THR A 44 7.98 11.78 3.09
CA THR A 44 8.06 10.32 3.00
C THR A 44 8.53 9.90 1.60
N SER A 45 8.28 10.77 0.62
CA SER A 45 8.73 10.52 -0.73
C SER A 45 10.25 10.60 -0.74
N SER A 46 10.77 11.58 0.01
CA SER A 46 12.21 11.77 0.16
C SER A 46 12.80 10.61 0.95
N CYS A 47 12.06 10.16 1.98
CA CYS A 47 12.51 9.02 2.78
C CYS A 47 12.66 7.81 1.89
N LEU A 48 11.72 7.69 0.98
CA LEU A 48 11.72 6.59 0.04
C LEU A 48 12.92 6.65 -0.85
N GLU A 49 13.36 7.86 -1.18
CA GLU A 49 14.56 8.00 -1.98
C GLU A 49 15.77 7.76 -1.11
N HIS A 50 15.70 8.21 0.13
CA HIS A 50 16.80 8.02 1.06
C HIS A 50 16.75 6.62 1.70
N CYS A 51 15.72 5.83 1.37
CA CYS A 51 15.59 4.48 1.89
C CYS A 51 16.18 3.55 0.84
N ILE A 52 15.72 3.75 -0.39
CA ILE A 52 16.20 2.99 -1.53
C ILE A 52 17.71 3.16 -1.68
N LYS A 53 18.14 4.42 -1.62
CA LYS A 53 19.54 4.78 -1.78
C LYS A 53 20.42 4.26 -0.64
N ARG A 54 19.86 4.18 0.56
CA ARG A 54 20.62 3.69 1.71
C ARG A 54 20.85 2.19 1.57
N LEU A 55 19.80 1.48 1.21
CA LEU A 55 19.86 0.03 1.04
C LEU A 55 20.94 -0.36 0.05
N THR A 56 21.19 0.52 -0.91
CA THR A 56 22.21 0.28 -1.93
C THR A 56 23.60 0.43 -1.32
N ALA A 57 23.73 1.41 -0.43
CA ALA A 57 24.99 1.66 0.25
C ALA A 57 25.34 0.49 1.15
N LEU A 58 24.30 -0.10 1.75
CA LEU A 58 24.47 -1.24 2.64
C LEU A 58 24.59 -2.54 1.83
N ASN A 59 24.00 -2.56 0.63
CA ASN A 59 24.02 -3.72 -0.25
C ASN A 59 23.73 -5.03 0.50
N LYS A 60 22.45 -5.23 0.84
CA LYS A 60 22.04 -6.43 1.56
C LYS A 60 20.52 -6.44 1.79
N PRO A 61 19.75 -7.29 1.06
CA PRO A 61 20.27 -8.22 0.06
C PRO A 61 20.55 -7.56 -1.28
N PHE A 62 19.51 -7.34 -2.09
CA PHE A 62 19.66 -6.72 -3.39
C PHE A 62 18.48 -5.80 -3.71
N LYS A 63 17.36 -6.39 -4.13
CA LYS A 63 16.18 -5.62 -4.48
C LYS A 63 15.38 -5.25 -3.22
N TYR A 64 15.30 -3.96 -2.95
CA TYR A 64 14.58 -3.46 -1.78
C TYR A 64 13.38 -2.62 -2.18
N VAL A 65 12.27 -2.79 -1.47
CA VAL A 65 11.06 -2.02 -1.75
C VAL A 65 10.81 -1.04 -0.62
N VAL A 66 10.43 0.19 -0.96
CA VAL A 66 10.13 1.17 0.06
C VAL A 66 8.85 1.91 -0.26
N THR A 67 7.82 1.71 0.55
CA THR A 67 6.55 2.39 0.35
C THR A 67 6.00 2.94 1.65
N CYS A 68 5.40 4.12 1.57
CA CYS A 68 4.86 4.78 2.74
C CYS A 68 3.44 5.26 2.52
N ILE A 69 2.70 5.38 3.61
CA ILE A 69 1.32 5.84 3.57
C ILE A 69 1.08 6.83 4.70
N ILE A 70 0.68 8.05 4.34
CA ILE A 70 0.42 9.09 5.33
C ILE A 70 -0.93 8.90 6.01
N MET A 71 -0.96 9.15 7.31
CA MET A 71 -2.19 9.03 8.09
C MET A 71 -2.50 10.34 8.79
N GLN A 72 -3.29 11.18 8.12
CA GLN A 72 -3.67 12.47 8.67
C GLN A 72 -4.64 12.31 9.83
N LYS A 73 -4.23 12.77 11.01
CA LYS A 73 -5.06 12.65 12.20
C LYS A 73 -5.35 11.18 12.51
N ASN A 74 -6.43 10.91 13.24
CA ASN A 74 -6.80 9.54 13.58
C ASN A 74 -8.26 9.30 13.21
N GLY A 75 -9.18 9.74 14.09
CA GLY A 75 -10.62 9.59 13.86
C GLY A 75 -11.02 8.31 13.15
N ALA A 76 -11.04 8.36 11.83
CA ALA A 76 -11.41 7.21 11.01
C ALA A 76 -10.32 6.14 11.02
N GLY A 77 -10.73 4.88 11.08
CA GLY A 77 -9.78 3.79 11.08
C GLY A 77 -9.27 3.44 9.70
N LEU A 78 -8.13 2.77 9.63
CA LEU A 78 -7.54 2.39 8.36
C LEU A 78 -7.06 0.94 8.40
N HIS A 79 -7.39 0.18 7.36
CA HIS A 79 -6.99 -1.22 7.26
C HIS A 79 -6.52 -1.56 5.85
N THR A 80 -5.56 -2.46 5.75
CA THR A 80 -5.02 -2.86 4.45
C THR A 80 -5.19 -4.37 4.23
N ALA A 81 -5.27 -4.77 2.97
CA ALA A 81 -5.42 -6.18 2.61
C ALA A 81 -4.51 -6.53 1.44
N ALA A 82 -4.01 -7.77 1.43
CA ALA A 82 -3.11 -8.17 0.35
C ALA A 82 -3.05 -9.68 0.19
N SER A 83 -2.96 -10.11 -1.07
CA SER A 83 -2.87 -11.52 -1.41
C SER A 83 -1.94 -11.69 -2.61
N CYS A 84 -0.84 -12.41 -2.42
CA CYS A 84 0.13 -12.62 -3.50
C CYS A 84 0.17 -14.07 -3.95
N TRP A 85 0.60 -14.28 -5.18
CA TRP A 85 0.70 -15.60 -5.76
C TRP A 85 1.92 -16.36 -5.20
N TRP A 86 3.10 -15.92 -5.58
CA TRP A 86 4.34 -16.55 -5.12
C TRP A 86 5.31 -15.51 -4.57
N ASP A 87 6.28 -15.97 -3.79
CA ASP A 87 7.28 -15.08 -3.21
C ASP A 87 8.31 -15.87 -2.40
N SER A 88 9.03 -16.75 -3.07
CA SER A 88 10.04 -17.58 -2.41
C SER A 88 11.37 -16.85 -2.25
N THR A 89 11.70 -15.98 -3.22
CA THR A 89 12.96 -15.24 -3.18
C THR A 89 12.75 -13.76 -2.84
N THR A 90 11.82 -13.12 -3.54
CA THR A 90 11.54 -11.71 -3.33
C THR A 90 10.46 -11.55 -2.26
N ASP A 91 10.76 -11.98 -1.04
CA ASP A 91 9.81 -11.87 0.06
C ASP A 91 10.46 -11.36 1.34
N GLY A 92 9.75 -10.46 2.02
CA GLY A 92 10.24 -9.89 3.26
C GLY A 92 9.16 -9.08 3.94
N SER A 93 8.91 -7.89 3.40
CA SER A 93 7.87 -7.00 3.91
C SER A 93 8.04 -6.68 5.39
N ARG A 94 8.25 -5.40 5.70
CA ARG A 94 8.40 -4.95 7.08
C ARG A 94 7.90 -3.52 7.22
N THR A 95 6.69 -3.36 7.75
CA THR A 95 6.08 -2.03 7.93
C THR A 95 6.39 -1.45 9.30
N VAL A 96 6.46 -0.12 9.35
CA VAL A 96 6.74 0.60 10.60
C VAL A 96 5.77 1.75 10.76
N ARG A 97 5.40 2.05 12.01
CA ARG A 97 4.46 3.14 12.28
C ARG A 97 5.11 4.25 13.11
N TRP A 98 5.27 5.42 12.50
CA TRP A 98 5.85 6.58 13.16
C TRP A 98 4.74 7.50 13.66
N GLU A 99 4.92 8.05 14.85
CA GLU A 99 3.93 8.96 15.42
C GLU A 99 4.60 10.03 16.28
N ASN A 100 3.94 11.17 16.43
CA ASN A 100 4.47 12.27 17.22
C ASN A 100 3.48 12.71 18.29
N LYS A 101 2.28 13.09 17.86
CA LYS A 101 1.24 13.52 18.79
C LYS A 101 -0.15 13.30 18.20
N SER A 102 -0.32 13.67 16.93
CA SER A 102 -1.61 13.51 16.26
C SER A 102 -1.42 12.88 14.88
N MET A 103 -0.47 13.42 14.12
CA MET A 103 -0.19 12.91 12.79
C MET A 103 0.54 11.58 12.85
N TYR A 104 0.11 10.62 12.03
CA TYR A 104 0.72 9.31 12.01
C TYR A 104 1.14 8.92 10.59
N CYS A 105 2.37 8.42 10.44
CA CYS A 105 2.88 8.03 9.13
C CYS A 105 3.44 6.61 9.18
N ILE A 106 3.10 5.81 8.17
CA ILE A 106 3.57 4.43 8.10
C ILE A 106 4.58 4.27 6.97
N CYS A 107 5.62 3.48 7.23
CA CYS A 107 6.67 3.22 6.24
C CYS A 107 7.06 1.75 6.24
N THR A 108 6.92 1.09 5.09
CA THR A 108 7.24 -0.33 4.99
C THR A 108 8.39 -0.58 4.03
N VAL A 109 9.19 -1.59 4.34
CA VAL A 109 10.31 -1.96 3.50
C VAL A 109 10.23 -3.45 3.17
N PHE A 110 10.33 -3.79 1.90
CA PHE A 110 10.29 -5.19 1.49
C PHE A 110 11.65 -5.59 0.96
N GLY A 111 12.39 -6.31 1.80
CA GLY A 111 13.72 -6.77 1.42
C GLY A 111 13.65 -8.03 0.57
N LEU A 112 13.61 -7.85 -0.74
CA LEU A 112 13.52 -8.97 -1.66
C LEU A 112 14.90 -9.46 -2.07
N ALA A 113 15.08 -10.78 -2.08
CA ALA A 113 16.36 -11.37 -2.47
C ALA A 113 16.46 -11.57 -3.98
N ILE A 114 16.69 -10.47 -4.69
CA ILE A 114 16.80 -10.52 -6.14
C ILE A 114 15.49 -10.97 -6.78
N MET B 1 -30.92 3.75 -11.19
CA MET B 1 -30.85 4.29 -9.81
C MET B 1 -29.83 5.42 -9.71
N GLU B 2 -30.32 6.64 -9.55
CA GLU B 2 -29.45 7.81 -9.42
C GLU B 2 -28.88 7.92 -8.01
N GLY B 3 -27.86 8.75 -7.86
CA GLY B 3 -27.24 8.94 -6.57
C GLY B 3 -25.99 8.10 -6.39
N VAL B 4 -26.08 6.83 -6.78
CA VAL B 4 -24.95 5.91 -6.65
C VAL B 4 -24.11 5.91 -7.93
N ASP B 5 -22.83 6.21 -7.78
CA ASP B 5 -21.92 6.24 -8.93
C ASP B 5 -20.91 5.09 -8.84
N PRO B 6 -21.10 4.00 -9.61
CA PRO B 6 -20.18 2.86 -9.60
C PRO B 6 -18.79 3.24 -10.12
N ALA B 7 -17.79 3.08 -9.26
CA ALA B 7 -16.40 3.39 -9.61
C ALA B 7 -16.20 4.90 -9.80
N VAL B 8 -16.85 5.45 -10.83
CA VAL B 8 -16.76 6.88 -11.14
C VAL B 8 -15.37 7.22 -11.66
N GLU B 9 -14.40 7.09 -10.77
CA GLU B 9 -13.03 7.42 -11.08
C GLU B 9 -12.27 6.17 -11.54
N GLU B 10 -12.44 5.82 -12.81
CA GLU B 10 -11.78 4.65 -13.37
C GLU B 10 -10.27 4.85 -13.43
N ALA B 11 -9.53 3.99 -12.72
CA ALA B 11 -8.08 4.07 -12.70
C ALA B 11 -7.46 2.86 -13.41
N ALA B 12 -6.18 2.97 -13.76
CA ALA B 12 -5.46 1.90 -14.44
C ALA B 12 -5.82 1.84 -15.92
N PHE B 13 -4.82 2.01 -16.77
CA PHE B 13 -5.03 1.98 -18.23
C PHE B 13 -4.31 0.80 -18.88
N VAL B 14 -3.27 0.28 -18.21
CA VAL B 14 -2.51 -0.84 -18.76
C VAL B 14 -2.96 -2.15 -18.12
N ALA B 15 -2.68 -3.26 -18.81
CA ALA B 15 -3.06 -4.58 -18.32
C ALA B 15 -4.56 -4.66 -18.04
N ASP B 16 -5.35 -4.27 -19.04
CA ASP B 16 -6.80 -4.30 -18.92
C ASP B 16 -7.30 -5.68 -18.54
N ASP B 17 -6.62 -6.72 -19.03
CA ASP B 17 -7.00 -8.10 -18.76
C ASP B 17 -7.06 -8.35 -17.25
N VAL B 18 -6.06 -7.86 -16.53
CA VAL B 18 -6.02 -8.03 -15.07
C VAL B 18 -6.90 -6.99 -14.40
N SER B 19 -7.03 -5.82 -15.02
CA SER B 19 -7.84 -4.74 -14.47
C SER B 19 -9.29 -5.15 -14.32
N ASN B 20 -9.80 -5.90 -15.28
CA ASN B 20 -11.18 -6.34 -15.23
C ASN B 20 -11.37 -7.39 -14.13
N ILE B 21 -10.35 -8.20 -13.90
CA ILE B 21 -10.38 -9.25 -12.88
C ILE B 21 -10.61 -8.67 -11.48
N ILE B 22 -9.75 -7.74 -11.09
CA ILE B 22 -9.85 -7.14 -9.76
C ILE B 22 -11.21 -6.49 -9.53
N LYS B 23 -11.64 -5.66 -10.48
CA LYS B 23 -12.92 -4.98 -10.36
C LYS B 23 -14.05 -5.98 -10.34
N GLU B 24 -14.08 -6.88 -11.33
CA GLU B 24 -15.10 -7.92 -11.42
C GLU B 24 -15.20 -8.67 -10.10
N SER B 25 -14.05 -8.84 -9.46
CA SER B 25 -13.97 -9.53 -8.18
C SER B 25 -14.67 -8.71 -7.11
N ILE B 26 -14.41 -7.40 -7.05
CA ILE B 26 -15.06 -6.53 -6.06
C ILE B 26 -16.58 -6.63 -6.23
N ASP B 27 -17.03 -6.56 -7.47
CA ASP B 27 -18.45 -6.64 -7.77
C ASP B 27 -19.08 -7.86 -7.11
N ALA B 28 -18.32 -8.95 -7.07
CA ALA B 28 -18.79 -10.19 -6.46
C ALA B 28 -18.47 -10.22 -4.97
N VAL B 29 -17.24 -9.83 -4.66
CA VAL B 29 -16.73 -9.81 -3.29
C VAL B 29 -17.45 -8.72 -2.45
N LEU B 30 -18.29 -7.90 -3.09
CA LEU B 30 -19.03 -6.87 -2.36
C LEU B 30 -20.53 -7.01 -2.57
N GLN B 31 -20.96 -7.37 -3.79
CA GLN B 31 -22.38 -7.51 -4.07
C GLN B 31 -22.95 -8.80 -3.48
N ASN B 32 -22.09 -9.80 -3.27
CA ASN B 32 -22.55 -11.08 -2.71
C ASN B 32 -23.37 -10.88 -1.43
N GLN B 33 -23.13 -9.76 -0.74
CA GLN B 33 -23.84 -9.46 0.50
C GLN B 33 -24.18 -7.96 0.58
N GLN B 34 -24.61 -7.54 1.77
CA GLN B 34 -24.98 -6.14 1.99
C GLN B 34 -23.75 -5.31 2.40
N TYR B 35 -23.97 -4.02 2.65
CA TYR B 35 -22.89 -3.12 3.05
C TYR B 35 -22.64 -3.22 4.55
N SER B 36 -21.50 -3.78 4.91
CA SER B 36 -21.11 -3.92 6.32
C SER B 36 -19.67 -3.48 6.51
N GLU B 37 -19.41 -2.61 7.49
CA GLU B 37 -18.06 -2.15 7.75
C GLU B 37 -17.13 -3.31 8.11
N ALA B 38 -17.65 -4.24 8.92
CA ALA B 38 -16.88 -5.41 9.32
C ALA B 38 -16.39 -6.19 8.09
N LYS B 39 -17.15 -6.07 7.00
CA LYS B 39 -16.83 -6.74 5.75
C LYS B 39 -16.12 -5.79 4.78
N VAL B 40 -16.26 -4.47 5.01
CA VAL B 40 -15.64 -3.46 4.16
C VAL B 40 -14.14 -3.73 3.95
N SER B 41 -13.52 -4.45 4.89
CA SER B 41 -12.10 -4.77 4.78
C SER B 41 -11.88 -6.25 4.53
N GLN B 42 -12.80 -7.07 5.01
CA GLN B 42 -12.71 -8.51 4.82
C GLN B 42 -13.09 -8.92 3.40
N TRP B 43 -14.02 -8.20 2.80
CA TRP B 43 -14.43 -8.51 1.44
C TRP B 43 -13.26 -8.40 0.50
N THR B 44 -12.62 -7.24 0.50
CA THR B 44 -11.47 -7.00 -0.36
C THR B 44 -10.40 -8.07 -0.15
N SER B 45 -10.42 -8.68 1.03
CA SER B 45 -9.50 -9.76 1.34
C SER B 45 -9.89 -10.96 0.47
N SER B 46 -11.21 -11.15 0.33
CA SER B 46 -11.75 -12.21 -0.51
C SER B 46 -11.47 -11.90 -1.97
N CYS B 47 -11.59 -10.63 -2.35
CA CYS B 47 -11.31 -10.21 -3.72
C CYS B 47 -9.87 -10.54 -4.05
N LEU B 48 -9.01 -10.34 -3.06
CA LEU B 48 -7.60 -10.60 -3.21
C LEU B 48 -7.38 -12.08 -3.43
N GLU B 49 -8.20 -12.90 -2.81
CA GLU B 49 -8.08 -14.33 -3.02
C GLU B 49 -8.69 -14.69 -4.36
N HIS B 50 -9.76 -14.01 -4.72
CA HIS B 50 -10.42 -14.24 -5.99
C HIS B 50 -9.72 -13.48 -7.13
N CYS B 51 -8.70 -12.69 -6.80
CA CYS B 51 -7.95 -11.95 -7.79
C CYS B 51 -6.74 -12.79 -8.14
N ILE B 52 -6.04 -13.21 -7.09
CA ILE B 52 -4.87 -14.07 -7.23
C ILE B 52 -5.24 -15.35 -7.95
N LYS B 53 -6.34 -15.97 -7.50
CA LYS B 53 -6.81 -17.23 -8.06
C LYS B 53 -7.29 -17.09 -9.50
N ARG B 54 -7.85 -15.93 -9.85
CA ARG B 54 -8.32 -15.72 -11.22
C ARG B 54 -7.14 -15.59 -12.17
N LEU B 55 -6.15 -14.81 -11.75
CA LEU B 55 -4.96 -14.60 -12.56
C LEU B 55 -4.28 -15.92 -12.91
N THR B 56 -4.44 -16.91 -12.03
CA THR B 56 -3.85 -18.22 -12.26
C THR B 56 -4.64 -18.96 -13.33
N ALA B 57 -5.96 -18.79 -13.30
CA ALA B 57 -6.83 -19.41 -14.28
C ALA B 57 -6.55 -18.84 -15.66
N LEU B 58 -6.25 -17.56 -15.71
CA LEU B 58 -5.94 -16.86 -16.95
C LEU B 58 -4.49 -17.11 -17.36
N ASN B 59 -3.63 -17.36 -16.37
CA ASN B 59 -2.20 -17.61 -16.61
C ASN B 59 -1.59 -16.61 -17.60
N LYS B 60 -1.37 -15.38 -17.14
CA LYS B 60 -0.79 -14.34 -17.98
C LYS B 60 -0.59 -13.05 -17.18
N PRO B 61 0.66 -12.66 -16.83
CA PRO B 61 1.87 -13.41 -17.17
C PRO B 61 2.12 -14.59 -16.23
N PHE B 62 2.66 -14.33 -15.04
CA PHE B 62 2.95 -15.38 -14.07
C PHE B 62 2.68 -14.90 -12.65
N LYS B 63 3.64 -14.15 -12.09
CA LYS B 63 3.51 -13.62 -10.74
C LYS B 63 2.64 -12.38 -10.70
N TYR B 64 1.50 -12.47 -10.04
CA TYR B 64 0.57 -11.34 -9.94
C TYR B 64 0.42 -10.88 -8.49
N VAL B 65 0.37 -9.57 -8.30
CA VAL B 65 0.21 -9.00 -6.96
C VAL B 65 -1.17 -8.38 -6.83
N VAL B 66 -1.82 -8.60 -5.70
CA VAL B 66 -3.14 -8.02 -5.47
C VAL B 66 -3.22 -7.40 -4.08
N THR B 67 -3.34 -6.09 -4.01
CA THR B 67 -3.46 -5.42 -2.73
C THR B 67 -4.55 -4.36 -2.77
N CYS B 68 -5.27 -4.24 -1.67
CA CYS B 68 -6.37 -3.30 -1.58
C CYS B 68 -6.30 -2.46 -0.31
N ILE B 69 -6.89 -1.28 -0.38
CA ILE B 69 -6.92 -0.38 0.76
C ILE B 69 -8.31 0.24 0.89
N ILE B 70 -8.94 0.03 2.04
CA ILE B 70 -10.28 0.55 2.30
C ILE B 70 -10.26 2.03 2.63
N MET B 71 -11.23 2.77 2.11
CA MET B 71 -11.34 4.19 2.36
C MET B 71 -12.70 4.52 2.96
N GLN B 72 -12.77 4.51 4.29
CA GLN B 72 -14.00 4.80 5.00
C GLN B 72 -14.37 6.28 4.86
N LYS B 73 -15.52 6.54 4.25
CA LYS B 73 -15.98 7.92 4.06
C LYS B 73 -14.98 8.69 3.20
N ASN B 74 -14.98 10.02 3.31
CA ASN B 74 -14.06 10.85 2.54
C ASN B 74 -13.33 11.81 3.48
N GLY B 75 -13.99 12.92 3.82
CA GLY B 75 -13.44 13.93 4.73
C GLY B 75 -11.94 14.14 4.59
N ALA B 76 -11.17 13.35 5.35
CA ALA B 76 -9.72 13.45 5.32
C ALA B 76 -9.14 12.88 4.02
N GLY B 77 -8.12 13.55 3.50
CA GLY B 77 -7.50 13.10 2.27
C GLY B 77 -6.50 11.97 2.49
N LEU B 78 -6.20 11.23 1.43
CA LEU B 78 -5.25 10.13 1.53
C LEU B 78 -4.27 10.14 0.36
N HIS B 79 -2.99 9.97 0.67
CA HIS B 79 -1.95 9.96 -0.35
C HIS B 79 -0.93 8.86 -0.08
N THR B 80 -0.39 8.28 -1.15
CA THR B 80 0.59 7.21 -1.03
C THR B 80 1.91 7.58 -1.70
N ALA B 81 3.00 7.00 -1.21
CA ALA B 81 4.32 7.26 -1.76
C ALA B 81 5.10 5.95 -1.90
N ALA B 82 5.95 5.87 -2.92
CA ALA B 82 6.72 4.65 -3.14
C ALA B 82 7.97 4.88 -3.98
N SER B 83 9.02 4.17 -3.63
CA SER B 83 10.30 4.26 -4.32
C SER B 83 10.95 2.87 -4.35
N CYS B 84 11.16 2.33 -5.55
CA CYS B 84 11.75 1.01 -5.68
C CYS B 84 13.13 1.08 -6.33
N TRP B 85 13.94 0.06 -6.06
CA TRP B 85 15.29 -0.02 -6.59
C TRP B 85 15.27 -0.43 -8.07
N TRP B 86 14.90 -1.68 -8.32
CA TRP B 86 14.84 -2.19 -9.69
C TRP B 86 13.50 -2.87 -9.96
N ASP B 87 13.16 -3.04 -11.24
CA ASP B 87 11.92 -3.69 -11.62
C ASP B 87 11.80 -3.79 -13.14
N SER B 88 12.74 -4.53 -13.76
CA SER B 88 12.75 -4.70 -15.21
C SER B 88 11.80 -5.81 -15.66
N THR B 89 11.65 -6.84 -14.82
CA THR B 89 10.78 -7.97 -15.17
C THR B 89 9.49 -7.99 -14.35
N THR B 90 9.63 -7.84 -13.03
CA THR B 90 8.48 -7.87 -12.14
C THR B 90 7.94 -6.44 -11.97
N ASP B 91 7.48 -5.84 -13.05
CA ASP B 91 6.93 -4.50 -13.00
C ASP B 91 5.62 -4.36 -13.77
N GLY B 92 4.68 -3.65 -13.17
CA GLY B 92 3.39 -3.42 -13.79
C GLY B 92 2.59 -2.40 -13.01
N SER B 93 2.06 -2.83 -11.87
CA SER B 93 1.28 -1.96 -10.98
C SER B 93 0.11 -1.28 -11.69
N ARG B 94 -1.10 -1.59 -11.23
CA ARG B 94 -2.31 -1.00 -11.78
C ARG B 94 -3.39 -0.89 -10.70
N THR B 95 -3.57 0.32 -10.17
CA THR B 95 -4.56 0.55 -9.11
C THR B 95 -5.91 0.98 -9.68
N VAL B 96 -6.97 0.62 -8.96
CA VAL B 96 -8.34 0.96 -9.36
C VAL B 96 -9.12 1.52 -8.18
N ARG B 97 -10.02 2.46 -8.44
CA ARG B 97 -10.81 3.06 -7.38
C ARG B 97 -12.30 2.78 -7.55
N TRP B 98 -12.86 2.00 -6.63
CA TRP B 98 -14.28 1.66 -6.66
C TRP B 98 -15.05 2.57 -5.70
N GLU B 99 -16.22 3.00 -6.11
CA GLU B 99 -17.06 3.87 -5.28
C GLU B 99 -18.54 3.58 -5.52
N ASN B 100 -19.35 3.90 -4.52
CA ASN B 100 -20.79 3.68 -4.61
C ASN B 100 -21.55 4.97 -4.32
N LYS B 101 -21.32 5.54 -3.14
CA LYS B 101 -22.00 6.78 -2.75
C LYS B 101 -21.17 7.55 -1.72
N SER B 102 -20.66 6.84 -0.73
CA SER B 102 -19.84 7.45 0.31
C SER B 102 -18.58 6.66 0.57
N MET B 103 -18.72 5.35 0.71
CA MET B 103 -17.59 4.47 0.96
C MET B 103 -16.76 4.29 -0.31
N TYR B 104 -15.44 4.37 -0.17
CA TYR B 104 -14.55 4.21 -1.33
C TYR B 104 -13.49 3.15 -1.04
N CYS B 105 -13.29 2.26 -2.00
CA CYS B 105 -12.30 1.19 -1.85
C CYS B 105 -11.36 1.14 -3.05
N ILE B 106 -10.08 1.00 -2.79
CA ILE B 106 -9.07 0.94 -3.85
C ILE B 106 -8.48 -0.46 -3.96
N CYS B 107 -8.25 -0.90 -5.19
CA CYS B 107 -7.69 -2.22 -5.45
C CYS B 107 -6.65 -2.15 -6.56
N THR B 108 -5.41 -2.55 -6.25
CA THR B 108 -4.35 -2.51 -7.23
C THR B 108 -3.80 -3.90 -7.56
N VAL B 109 -3.41 -4.07 -8.81
CA VAL B 109 -2.85 -5.33 -9.27
C VAL B 109 -1.49 -5.09 -9.93
N PHE B 110 -0.48 -5.83 -9.51
CA PHE B 110 0.84 -5.70 -10.10
C PHE B 110 1.18 -6.95 -10.89
N GLY B 111 1.05 -6.85 -12.20
CA GLY B 111 1.35 -7.96 -13.06
C GLY B 111 2.84 -8.10 -13.32
N LEU B 112 3.51 -8.89 -12.50
CA LEU B 112 4.95 -9.08 -12.62
C LEU B 112 5.28 -10.27 -13.52
N ALA B 113 6.25 -10.08 -14.41
CA ALA B 113 6.66 -11.13 -15.32
C ALA B 113 7.69 -12.05 -14.69
N ILE B 114 7.24 -12.92 -13.80
CA ILE B 114 8.14 -13.85 -13.13
C ILE B 114 9.15 -13.12 -12.25
N MET A 1 2.49 10.67 27.11
CA MET A 1 2.97 11.41 28.30
C MET A 1 2.39 12.81 28.36
N GLU A 2 2.43 13.52 27.23
CA GLU A 2 1.90 14.87 27.16
C GLU A 2 1.14 15.09 25.84
N GLY A 3 1.87 15.02 24.74
CA GLY A 3 1.25 15.21 23.43
C GLY A 3 2.01 14.50 22.32
N VAL A 4 3.30 14.79 22.21
CA VAL A 4 4.12 14.17 21.18
C VAL A 4 4.89 12.98 21.74
N ASP A 5 4.61 11.79 21.21
CA ASP A 5 5.27 10.58 21.65
C ASP A 5 6.02 9.92 20.49
N PRO A 6 7.36 10.14 20.38
CA PRO A 6 8.16 9.56 19.30
C PRO A 6 8.18 8.03 19.38
N ALA A 7 7.55 7.39 18.39
CA ALA A 7 7.48 5.93 18.35
C ALA A 7 6.69 5.39 19.53
N VAL A 8 5.43 5.08 19.30
CA VAL A 8 4.57 4.55 20.35
C VAL A 8 4.29 3.08 20.09
N GLU A 9 4.03 2.78 18.83
CA GLU A 9 3.68 1.43 18.44
C GLU A 9 4.58 0.95 17.31
N GLU A 10 5.77 0.48 17.67
CA GLU A 10 6.73 -0.02 16.69
C GLU A 10 6.23 -1.30 16.03
N ALA A 11 6.23 -1.31 14.71
CA ALA A 11 5.77 -2.47 13.95
C ALA A 11 6.93 -3.17 13.24
N ALA A 12 6.69 -4.41 12.84
CA ALA A 12 7.71 -5.20 12.14
C ALA A 12 8.92 -5.46 13.03
N PHE A 13 9.32 -6.72 13.14
CA PHE A 13 10.46 -7.11 13.95
C PHE A 13 11.55 -7.80 13.13
N VAL A 14 11.24 -8.12 11.87
CA VAL A 14 12.21 -8.79 11.01
C VAL A 14 12.97 -7.79 10.15
N ALA A 15 14.13 -8.19 9.65
CA ALA A 15 14.95 -7.33 8.80
C ALA A 15 15.38 -6.08 9.57
N ASP A 16 16.17 -6.27 10.62
CA ASP A 16 16.66 -5.16 11.43
C ASP A 16 17.56 -4.25 10.61
N ASP A 17 18.33 -4.84 9.70
CA ASP A 17 19.24 -4.08 8.84
C ASP A 17 18.50 -2.99 8.08
N VAL A 18 17.41 -3.36 7.42
CA VAL A 18 16.61 -2.42 6.66
C VAL A 18 15.66 -1.65 7.58
N SER A 19 15.23 -2.31 8.65
CA SER A 19 14.32 -1.70 9.62
C SER A 19 14.90 -0.41 10.19
N ASN A 20 16.19 -0.42 10.50
CA ASN A 20 16.84 0.76 11.06
C ASN A 20 16.97 1.87 10.02
N ILE A 21 17.32 1.51 8.79
CA ILE A 21 17.48 2.48 7.71
C ILE A 21 16.21 3.30 7.51
N ILE A 22 15.09 2.62 7.32
CA ILE A 22 13.82 3.30 7.10
C ILE A 22 13.45 4.19 8.28
N LYS A 23 13.52 3.64 9.49
CA LYS A 23 13.18 4.40 10.68
C LYS A 23 14.08 5.62 10.83
N GLU A 24 15.38 5.41 10.69
CA GLU A 24 16.35 6.48 10.80
C GLU A 24 16.06 7.56 9.75
N SER A 25 15.59 7.12 8.59
CA SER A 25 15.28 8.04 7.50
C SER A 25 14.11 8.93 7.87
N ILE A 26 13.02 8.36 8.39
CA ILE A 26 11.85 9.17 8.79
C ILE A 26 12.27 10.20 9.83
N ASP A 27 13.10 9.77 10.77
CA ASP A 27 13.58 10.67 11.80
C ASP A 27 14.16 11.95 11.17
N ALA A 28 14.82 11.76 10.04
CA ALA A 28 15.42 12.87 9.31
C ALA A 28 14.46 13.47 8.30
N VAL A 29 13.72 12.61 7.62
CA VAL A 29 12.75 13.01 6.60
C VAL A 29 11.51 13.66 7.23
N LEU A 30 11.40 13.59 8.56
CA LEU A 30 10.29 14.22 9.25
C LEU A 30 10.77 15.27 10.26
N GLN A 31 11.95 15.07 10.85
CA GLN A 31 12.49 16.04 11.80
C GLN A 31 13.38 17.10 11.12
N ASN A 32 13.78 16.84 9.87
CA ASN A 32 14.65 17.77 9.12
C ASN A 32 14.20 19.23 9.29
N GLN A 33 12.89 19.45 9.28
CA GLN A 33 12.34 20.79 9.42
C GLN A 33 11.05 20.77 10.24
N GLN A 34 10.28 21.84 10.18
CA GLN A 34 9.02 21.94 10.90
C GLN A 34 7.92 21.20 10.16
N TYR A 35 6.73 21.15 10.75
CA TYR A 35 5.60 20.48 10.13
C TYR A 35 5.05 21.28 8.96
N SER A 36 5.24 20.78 7.74
CA SER A 36 4.72 21.47 6.56
C SER A 36 3.73 20.60 5.82
N GLU A 37 2.50 21.08 5.64
CA GLU A 37 1.48 20.31 4.94
C GLU A 37 1.94 19.92 3.54
N ALA A 38 2.60 20.86 2.87
CA ALA A 38 3.13 20.59 1.54
C ALA A 38 4.15 19.45 1.61
N LYS A 39 4.74 19.29 2.79
CA LYS A 39 5.73 18.25 3.03
C LYS A 39 5.11 17.02 3.71
N VAL A 40 3.90 17.18 4.25
CA VAL A 40 3.22 16.10 4.95
C VAL A 40 3.20 14.81 4.12
N SER A 41 3.27 14.95 2.80
CA SER A 41 3.28 13.79 1.90
C SER A 41 4.63 13.67 1.19
N GLN A 42 5.23 14.81 0.89
CA GLN A 42 6.54 14.81 0.25
C GLN A 42 7.57 14.25 1.21
N TRP A 43 7.34 14.47 2.51
CA TRP A 43 8.20 13.95 3.57
C TRP A 43 8.53 12.49 3.30
N THR A 44 7.48 11.67 3.36
CA THR A 44 7.61 10.24 3.14
C THR A 44 8.22 9.94 1.78
N SER A 45 8.03 10.84 0.82
CA SER A 45 8.61 10.65 -0.50
C SER A 45 10.12 10.81 -0.39
N SER A 46 10.52 11.76 0.45
CA SER A 46 11.92 11.99 0.72
C SER A 46 12.48 10.80 1.48
N CYS A 47 11.65 10.22 2.35
CA CYS A 47 12.02 9.04 3.12
C CYS A 47 12.33 7.92 2.16
N LEU A 48 11.44 7.74 1.20
CA LEU A 48 11.58 6.70 0.21
C LEU A 48 12.84 6.90 -0.60
N GLU A 49 13.19 8.14 -0.88
CA GLU A 49 14.41 8.40 -1.60
C GLU A 49 15.59 8.25 -0.65
N HIS A 50 15.38 8.62 0.61
CA HIS A 50 16.41 8.51 1.64
C HIS A 50 16.45 7.09 2.22
N CYS A 51 15.59 6.20 1.71
CA CYS A 51 15.55 4.82 2.16
C CYS A 51 16.14 3.97 1.06
N ILE A 52 15.73 4.29 -0.17
CA ILE A 52 16.21 3.62 -1.35
C ILE A 52 17.70 3.94 -1.56
N LYS A 53 18.06 5.22 -1.45
CA LYS A 53 19.45 5.64 -1.62
C LYS A 53 20.35 4.97 -0.59
N ARG A 54 19.81 4.75 0.60
CA ARG A 54 20.56 4.11 1.67
C ARG A 54 20.81 2.64 1.35
N LEU A 55 19.75 1.97 0.92
CA LEU A 55 19.83 0.56 0.56
C LEU A 55 20.82 0.34 -0.57
N THR A 56 20.97 1.35 -1.42
CA THR A 56 21.89 1.26 -2.55
C THR A 56 23.33 1.42 -2.07
N ALA A 57 23.53 2.34 -1.12
CA ALA A 57 24.85 2.58 -0.56
C ALA A 57 25.31 1.36 0.25
N LEU A 58 24.34 0.68 0.86
CA LEU A 58 24.62 -0.50 1.66
C LEU A 58 24.65 -1.76 0.79
N ASN A 59 23.90 -1.73 -0.33
CA ASN A 59 23.83 -2.87 -1.25
C ASN A 59 23.65 -4.19 -0.52
N LYS A 60 22.42 -4.47 -0.09
CA LYS A 60 22.11 -5.69 0.63
C LYS A 60 20.62 -5.78 0.94
N PRO A 61 19.91 -6.84 0.47
CA PRO A 61 20.49 -7.93 -0.33
C PRO A 61 20.67 -7.51 -1.79
N PHE A 62 19.57 -7.39 -2.52
CA PHE A 62 19.62 -7.01 -3.92
C PHE A 62 18.44 -6.10 -4.29
N LYS A 63 17.27 -6.71 -4.48
CA LYS A 63 16.08 -5.96 -4.83
C LYS A 63 15.27 -5.59 -3.58
N TYR A 64 15.01 -4.32 -3.41
CA TYR A 64 14.25 -3.86 -2.26
C TYR A 64 13.25 -2.77 -2.64
N VAL A 65 12.05 -2.86 -2.08
CA VAL A 65 11.02 -1.86 -2.36
C VAL A 65 10.80 -1.01 -1.12
N VAL A 66 10.40 0.23 -1.31
CA VAL A 66 10.16 1.12 -0.18
C VAL A 66 8.84 1.85 -0.31
N THR A 67 7.85 1.45 0.47
CA THR A 67 6.54 2.12 0.42
C THR A 67 6.09 2.57 1.80
N CYS A 68 5.42 3.73 1.84
CA CYS A 68 4.92 4.29 3.08
C CYS A 68 3.51 4.84 2.89
N ILE A 69 2.74 4.89 3.97
CA ILE A 69 1.38 5.39 3.92
C ILE A 69 1.13 6.33 5.11
N ILE A 70 0.73 7.57 4.82
CA ILE A 70 0.48 8.55 5.87
C ILE A 70 -0.96 8.46 6.37
N MET A 71 -1.14 8.73 7.66
CA MET A 71 -2.46 8.69 8.28
C MET A 71 -2.79 10.02 8.93
N GLN A 72 -3.79 10.72 8.39
CA GLN A 72 -4.20 12.02 8.91
C GLN A 72 -4.59 11.93 10.37
N LYS A 73 -3.66 12.28 11.25
CA LYS A 73 -3.89 12.26 12.69
C LYS A 73 -4.32 10.86 13.16
N ASN A 74 -5.63 10.56 13.10
CA ASN A 74 -6.15 9.26 13.52
C ASN A 74 -7.67 9.24 13.45
N GLY A 75 -8.23 9.85 12.40
CA GLY A 75 -9.66 9.88 12.24
C GLY A 75 -10.10 9.60 10.82
N ALA A 76 -9.45 8.62 10.19
CA ALA A 76 -9.78 8.25 8.82
C ALA A 76 -9.81 6.74 8.66
N GLY A 77 -10.95 6.20 8.22
CA GLY A 77 -11.08 4.78 8.02
C GLY A 77 -10.29 4.29 6.83
N LEU A 78 -9.20 3.57 7.10
CA LEU A 78 -8.35 3.04 6.03
C LEU A 78 -8.05 1.56 6.26
N HIS A 79 -8.38 0.75 5.26
CA HIS A 79 -8.13 -0.69 5.34
C HIS A 79 -7.51 -1.21 4.05
N THR A 80 -6.26 -1.65 4.13
CA THR A 80 -5.55 -2.16 2.96
C THR A 80 -5.62 -3.68 2.90
N ALA A 81 -5.52 -4.22 1.68
CA ALA A 81 -5.56 -5.67 1.48
C ALA A 81 -4.49 -6.09 0.49
N ALA A 82 -3.88 -7.23 0.73
CA ALA A 82 -2.83 -7.70 -0.16
C ALA A 82 -2.60 -9.20 -0.06
N SER A 83 -2.58 -9.87 -1.21
CA SER A 83 -2.34 -11.30 -1.27
C SER A 83 -1.14 -11.56 -2.18
N CYS A 84 -0.09 -12.13 -1.61
CA CYS A 84 1.12 -12.41 -2.37
C CYS A 84 1.17 -13.86 -2.84
N TRP A 85 1.78 -14.07 -3.99
CA TRP A 85 1.92 -15.41 -4.56
C TRP A 85 3.00 -16.20 -3.83
N TRP A 86 3.50 -17.27 -4.47
CA TRP A 86 4.53 -18.11 -3.86
C TRP A 86 5.92 -17.56 -4.13
N ASP A 87 6.93 -18.22 -3.55
CA ASP A 87 8.34 -17.82 -3.68
C ASP A 87 8.70 -16.74 -2.67
N SER A 88 9.28 -17.17 -1.56
CA SER A 88 9.68 -16.25 -0.50
C SER A 88 11.03 -15.59 -0.79
N THR A 89 11.61 -15.87 -1.96
CA THR A 89 12.90 -15.30 -2.32
C THR A 89 12.83 -13.77 -2.31
N THR A 90 11.65 -13.24 -2.62
CA THR A 90 11.42 -11.81 -2.63
C THR A 90 10.34 -11.46 -1.62
N ASP A 91 10.61 -11.78 -0.35
CA ASP A 91 9.64 -11.52 0.71
C ASP A 91 10.30 -10.90 1.94
N GLY A 92 10.31 -9.58 1.97
CA GLY A 92 10.89 -8.87 3.11
C GLY A 92 10.00 -7.74 3.61
N SER A 93 8.78 -7.65 3.07
CA SER A 93 7.84 -6.60 3.47
C SER A 93 7.72 -6.46 4.99
N ARG A 94 8.28 -5.37 5.51
CA ARG A 94 8.24 -5.10 6.94
C ARG A 94 7.79 -3.67 7.18
N THR A 95 6.58 -3.51 7.72
CA THR A 95 6.01 -2.19 7.96
C THR A 95 6.33 -1.66 9.36
N VAL A 96 6.46 -0.34 9.46
CA VAL A 96 6.74 0.32 10.73
C VAL A 96 5.85 1.54 10.92
N ARG A 97 5.17 1.61 12.06
CA ARG A 97 4.26 2.72 12.34
C ARG A 97 4.97 3.84 13.09
N TRP A 98 5.13 4.98 12.42
CA TRP A 98 5.79 6.15 13.04
C TRP A 98 4.76 7.13 13.59
N GLU A 99 4.89 7.46 14.86
CA GLU A 99 4.00 8.41 15.52
C GLU A 99 4.81 9.50 16.20
N ASN A 100 4.41 10.76 15.99
CA ASN A 100 5.13 11.88 16.59
C ASN A 100 4.20 12.75 17.44
N LYS A 101 3.48 13.68 16.83
CA LYS A 101 2.58 14.56 17.56
C LYS A 101 1.14 14.06 17.47
N SER A 102 0.69 13.80 16.25
CA SER A 102 -0.67 13.33 16.02
C SER A 102 -0.77 12.53 14.73
N MET A 103 -0.15 13.05 13.67
CA MET A 103 -0.17 12.38 12.38
C MET A 103 0.63 11.09 12.42
N TYR A 104 0.08 10.03 11.83
CA TYR A 104 0.74 8.73 11.79
C TYR A 104 1.45 8.54 10.46
N CYS A 105 2.46 7.69 10.45
CA CYS A 105 3.23 7.42 9.23
C CYS A 105 3.73 5.98 9.20
N ILE A 106 3.05 5.13 8.46
CA ILE A 106 3.44 3.73 8.35
C ILE A 106 4.38 3.53 7.16
N CYS A 107 5.64 3.22 7.46
CA CYS A 107 6.64 3.00 6.44
C CYS A 107 7.08 1.54 6.38
N THR A 108 6.85 0.90 5.24
CA THR A 108 7.22 -0.50 5.07
C THR A 108 8.37 -0.64 4.08
N VAL A 109 9.31 -1.53 4.41
CA VAL A 109 10.44 -1.80 3.53
C VAL A 109 10.37 -3.22 3.04
N PHE A 110 10.37 -3.38 1.73
CA PHE A 110 10.29 -4.71 1.14
C PHE A 110 11.68 -5.23 0.80
N GLY A 111 12.21 -6.08 1.66
CA GLY A 111 13.52 -6.66 1.43
C GLY A 111 13.40 -7.91 0.58
N LEU A 112 13.56 -7.77 -0.72
CA LEU A 112 13.41 -8.91 -1.63
C LEU A 112 14.76 -9.48 -2.06
N ALA A 113 14.96 -10.76 -1.75
CA ALA A 113 16.20 -11.44 -2.09
C ALA A 113 16.16 -11.94 -3.53
N ILE A 114 16.44 -11.04 -4.47
CA ILE A 114 16.44 -11.39 -5.89
C ILE A 114 15.05 -11.77 -6.36
N MET B 1 -25.13 11.46 -9.61
CA MET B 1 -26.52 11.60 -10.11
C MET B 1 -27.50 11.74 -8.95
N GLU B 2 -27.36 10.86 -7.96
CA GLU B 2 -28.24 10.88 -6.80
C GLU B 2 -27.45 10.63 -5.51
N GLY B 3 -26.88 9.43 -5.40
CA GLY B 3 -26.11 9.09 -4.23
C GLY B 3 -25.06 8.03 -4.51
N VAL B 4 -25.48 6.91 -5.06
CA VAL B 4 -24.57 5.81 -5.39
C VAL B 4 -24.16 5.85 -6.85
N ASP B 5 -22.87 6.06 -7.09
CA ASP B 5 -22.35 6.11 -8.46
C ASP B 5 -21.31 5.03 -8.69
N PRO B 6 -21.70 3.87 -9.30
CA PRO B 6 -20.77 2.77 -9.56
C PRO B 6 -19.65 3.19 -10.51
N ALA B 7 -18.44 3.25 -9.99
CA ALA B 7 -17.27 3.64 -10.79
C ALA B 7 -17.40 5.08 -11.26
N VAL B 8 -16.75 5.99 -10.54
CA VAL B 8 -16.79 7.40 -10.90
C VAL B 8 -15.46 7.83 -11.46
N GLU B 9 -14.40 7.37 -10.81
CA GLU B 9 -13.06 7.73 -11.19
C GLU B 9 -12.19 6.49 -11.42
N GLU B 10 -12.31 5.92 -12.61
CA GLU B 10 -11.54 4.73 -12.97
C GLU B 10 -10.06 5.05 -13.07
N ALA B 11 -9.24 4.26 -12.38
CA ALA B 11 -7.80 4.46 -12.38
C ALA B 11 -7.09 3.32 -13.12
N ALA B 12 -5.84 3.57 -13.49
CA ALA B 12 -5.03 2.58 -14.21
C ALA B 12 -5.64 2.24 -15.57
N PHE B 13 -4.82 2.33 -16.61
CA PHE B 13 -5.27 2.04 -17.97
C PHE B 13 -4.48 0.88 -18.60
N VAL B 14 -3.40 0.46 -17.93
CA VAL B 14 -2.58 -0.63 -18.46
C VAL B 14 -2.99 -1.97 -17.85
N ALA B 15 -2.63 -3.05 -18.54
CA ALA B 15 -2.96 -4.39 -18.07
C ALA B 15 -4.47 -4.59 -18.00
N ASP B 16 -5.13 -4.52 -19.15
CA ASP B 16 -6.57 -4.70 -19.23
C ASP B 16 -6.98 -6.10 -18.80
N ASP B 17 -6.13 -7.08 -19.12
CA ASP B 17 -6.39 -8.48 -18.77
C ASP B 17 -6.61 -8.63 -17.27
N VAL B 18 -5.69 -8.09 -16.49
CA VAL B 18 -5.77 -8.17 -15.04
C VAL B 18 -6.71 -7.09 -14.49
N SER B 19 -6.77 -5.96 -15.20
CA SER B 19 -7.63 -4.85 -14.79
C SER B 19 -9.09 -5.27 -14.68
N ASN B 20 -9.54 -6.09 -15.64
CA ASN B 20 -10.93 -6.54 -15.63
C ASN B 20 -11.18 -7.53 -14.49
N ILE B 21 -10.23 -8.44 -14.28
CA ILE B 21 -10.35 -9.45 -13.22
C ILE B 21 -10.58 -8.80 -11.86
N ILE B 22 -9.70 -7.88 -11.48
CA ILE B 22 -9.82 -7.21 -10.19
C ILE B 22 -11.13 -6.45 -10.07
N LYS B 23 -11.46 -5.65 -11.08
CA LYS B 23 -12.69 -4.88 -11.05
C LYS B 23 -13.91 -5.79 -10.97
N GLU B 24 -13.94 -6.80 -11.81
CA GLU B 24 -15.04 -7.76 -11.80
C GLU B 24 -15.17 -8.43 -10.44
N SER B 25 -14.03 -8.65 -9.80
CA SER B 25 -14.01 -9.28 -8.49
C SER B 25 -14.66 -8.39 -7.44
N ILE B 26 -14.30 -7.10 -7.40
CA ILE B 26 -14.91 -6.19 -6.42
C ILE B 26 -16.42 -6.14 -6.62
N ASP B 27 -16.84 -6.12 -7.88
CA ASP B 27 -18.26 -6.10 -8.19
C ASP B 27 -18.98 -7.23 -7.45
N ALA B 28 -18.30 -8.37 -7.36
CA ALA B 28 -18.83 -9.54 -6.67
C ALA B 28 -18.47 -9.55 -5.19
N VAL B 29 -17.25 -9.17 -4.89
CA VAL B 29 -16.72 -9.13 -3.54
C VAL B 29 -17.34 -7.97 -2.74
N LEU B 30 -18.06 -7.09 -3.41
CA LEU B 30 -18.72 -5.98 -2.74
C LEU B 30 -20.24 -6.02 -2.94
N GLN B 31 -20.69 -6.52 -4.09
CA GLN B 31 -22.13 -6.62 -4.35
C GLN B 31 -22.72 -7.96 -3.90
N ASN B 32 -21.85 -8.94 -3.63
CA ASN B 32 -22.31 -10.29 -3.20
C ASN B 32 -23.43 -10.21 -2.16
N GLN B 33 -23.31 -9.26 -1.24
CA GLN B 33 -24.31 -9.10 -0.18
C GLN B 33 -24.49 -7.61 0.15
N GLN B 34 -25.12 -7.34 1.30
CA GLN B 34 -25.36 -5.97 1.72
C GLN B 34 -24.10 -5.39 2.35
N TYR B 35 -24.17 -4.12 2.73
CA TYR B 35 -23.03 -3.45 3.34
C TYR B 35 -22.82 -3.92 4.77
N SER B 36 -21.73 -4.66 5.01
CA SER B 36 -21.44 -5.14 6.36
C SER B 36 -20.10 -4.59 6.83
N GLU B 37 -20.10 -3.88 7.96
CA GLU B 37 -18.86 -3.31 8.50
C GLU B 37 -17.82 -4.40 8.73
N ALA B 38 -18.28 -5.53 9.25
CA ALA B 38 -17.38 -6.66 9.47
C ALA B 38 -16.76 -7.11 8.15
N LYS B 39 -17.48 -6.83 7.05
CA LYS B 39 -17.05 -7.19 5.72
C LYS B 39 -16.40 -5.99 5.00
N VAL B 40 -16.58 -4.78 5.54
CA VAL B 40 -16.03 -3.58 4.94
C VAL B 40 -14.53 -3.73 4.63
N SER B 41 -13.84 -4.61 5.38
CA SER B 41 -12.43 -4.85 5.16
C SER B 41 -12.19 -6.26 4.66
N GLN B 42 -13.02 -7.20 5.12
CA GLN B 42 -12.92 -8.58 4.67
C GLN B 42 -13.28 -8.66 3.20
N TRP B 43 -14.19 -7.77 2.78
CA TRP B 43 -14.62 -7.67 1.39
C TRP B 43 -13.41 -7.70 0.47
N THR B 44 -12.59 -6.67 0.59
CA THR B 44 -11.39 -6.54 -0.22
C THR B 44 -10.46 -7.74 -0.05
N SER B 45 -10.55 -8.39 1.11
CA SER B 45 -9.73 -9.57 1.36
C SER B 45 -10.24 -10.69 0.48
N SER B 46 -11.56 -10.74 0.34
CA SER B 46 -12.20 -11.72 -0.51
C SER B 46 -11.87 -11.40 -1.95
N CYS B 47 -11.78 -10.09 -2.25
CA CYS B 47 -11.42 -9.62 -3.59
C CYS B 47 -10.04 -10.17 -3.93
N LEU B 48 -9.14 -9.99 -2.98
CA LEU B 48 -7.76 -10.43 -3.15
C LEU B 48 -7.70 -11.92 -3.38
N GLU B 49 -8.56 -12.66 -2.69
CA GLU B 49 -8.59 -14.09 -2.91
C GLU B 49 -9.30 -14.40 -4.21
N HIS B 50 -10.30 -13.58 -4.53
CA HIS B 50 -11.06 -13.74 -5.76
C HIS B 50 -10.34 -13.07 -6.95
N CYS B 51 -9.17 -12.48 -6.67
CA CYS B 51 -8.36 -11.84 -7.70
C CYS B 51 -7.17 -12.73 -7.98
N ILE B 52 -6.59 -13.22 -6.90
CA ILE B 52 -5.47 -14.12 -6.95
C ILE B 52 -5.90 -15.47 -7.55
N LYS B 53 -7.03 -16.00 -7.08
CA LYS B 53 -7.55 -17.28 -7.57
C LYS B 53 -7.86 -17.19 -9.07
N ARG B 54 -8.29 -16.01 -9.51
CA ARG B 54 -8.61 -15.79 -10.90
C ARG B 54 -7.35 -15.80 -11.75
N LEU B 55 -6.34 -15.08 -11.28
CA LEU B 55 -5.06 -15.00 -11.97
C LEU B 55 -4.42 -16.37 -12.10
N THR B 56 -4.71 -17.24 -11.14
CA THR B 56 -4.16 -18.59 -11.15
C THR B 56 -4.88 -19.45 -12.19
N ALA B 57 -6.19 -19.27 -12.27
CA ALA B 57 -7.01 -20.00 -13.22
C ALA B 57 -6.67 -19.57 -14.65
N LEU B 58 -6.31 -18.30 -14.79
CA LEU B 58 -5.95 -17.75 -16.09
C LEU B 58 -4.47 -17.96 -16.38
N ASN B 59 -3.65 -18.07 -15.33
CA ASN B 59 -2.20 -18.27 -15.45
C ASN B 59 -1.59 -17.37 -16.52
N LYS B 60 -1.39 -16.10 -16.17
CA LYS B 60 -0.81 -15.14 -17.09
C LYS B 60 -0.61 -13.78 -16.41
N PRO B 61 0.64 -13.24 -16.36
CA PRO B 61 1.83 -13.89 -16.92
C PRO B 61 2.36 -15.01 -16.01
N PHE B 62 2.95 -14.63 -14.88
CA PHE B 62 3.49 -15.59 -13.93
C PHE B 62 3.28 -15.13 -12.50
N LYS B 63 4.11 -14.19 -12.05
CA LYS B 63 4.01 -13.67 -10.69
C LYS B 63 3.16 -12.41 -10.65
N TYR B 64 2.12 -12.43 -9.82
CA TYR B 64 1.23 -11.28 -9.71
C TYR B 64 0.85 -11.01 -8.26
N VAL B 65 0.84 -9.75 -7.88
CA VAL B 65 0.46 -9.37 -6.52
C VAL B 65 -0.89 -8.68 -6.55
N VAL B 66 -1.63 -8.79 -5.46
CA VAL B 66 -2.95 -8.17 -5.39
C VAL B 66 -3.14 -7.42 -4.09
N THR B 67 -3.10 -6.10 -4.14
CA THR B 67 -3.30 -5.29 -2.92
C THR B 67 -4.37 -4.23 -3.12
N CYS B 68 -5.15 -4.00 -2.06
CA CYS B 68 -6.23 -3.02 -2.09
C CYS B 68 -6.22 -2.20 -0.80
N ILE B 69 -6.74 -0.98 -0.88
CA ILE B 69 -6.81 -0.09 0.27
C ILE B 69 -8.19 0.57 0.34
N ILE B 70 -8.87 0.39 1.47
CA ILE B 70 -10.20 0.96 1.65
C ILE B 70 -10.13 2.38 2.20
N MET B 71 -11.08 3.22 1.78
CA MET B 71 -11.12 4.60 2.23
C MET B 71 -12.48 4.90 2.87
N GLN B 72 -12.46 5.17 4.18
CA GLN B 72 -13.68 5.47 4.92
C GLN B 72 -14.42 6.66 4.32
N LYS B 73 -15.43 6.38 3.50
CA LYS B 73 -16.22 7.42 2.86
C LYS B 73 -15.35 8.37 2.04
N ASN B 74 -14.81 9.41 2.69
CA ASN B 74 -13.95 10.39 2.01
C ASN B 74 -13.56 11.52 2.96
N GLY B 75 -13.27 11.16 4.21
CA GLY B 75 -12.89 12.16 5.19
C GLY B 75 -11.71 11.73 6.03
N ALA B 76 -10.72 11.10 5.40
CA ALA B 76 -9.54 10.64 6.11
C ALA B 76 -8.27 10.95 5.32
N GLY B 77 -7.36 11.69 5.93
CA GLY B 77 -6.11 12.03 5.27
C GLY B 77 -5.19 10.84 5.13
N LEU B 78 -5.04 10.35 3.91
CA LEU B 78 -4.18 9.21 3.65
C LEU B 78 -3.24 9.48 2.48
N HIS B 79 -1.94 9.34 2.71
CA HIS B 79 -0.94 9.56 1.67
C HIS B 79 0.10 8.45 1.68
N THR B 80 0.12 7.65 0.62
CA THR B 80 1.07 6.54 0.51
C THR B 80 2.28 6.95 -0.32
N ALA B 81 3.40 6.29 -0.05
CA ALA B 81 4.64 6.56 -0.77
C ALA B 81 5.34 5.27 -1.14
N ALA B 82 5.94 5.22 -2.32
CA ALA B 82 6.61 4.00 -2.76
C ALA B 82 7.65 4.27 -3.84
N SER B 83 8.84 3.74 -3.63
CA SER B 83 9.93 3.88 -4.58
C SER B 83 10.42 2.49 -4.99
N CYS B 84 10.29 2.16 -6.27
CA CYS B 84 10.70 0.86 -6.76
C CYS B 84 12.08 0.91 -7.41
N TRP B 85 12.81 -0.19 -7.28
CA TRP B 85 14.15 -0.30 -7.85
C TRP B 85 14.08 -0.49 -9.37
N TRP B 86 15.17 -0.98 -9.96
CA TRP B 86 15.23 -1.20 -11.40
C TRP B 86 14.67 -2.56 -11.77
N ASP B 87 14.60 -2.82 -13.08
CA ASP B 87 14.08 -4.08 -13.63
C ASP B 87 12.56 -4.04 -13.74
N SER B 88 12.08 -3.72 -14.95
CA SER B 88 10.65 -3.62 -15.21
C SER B 88 10.03 -4.99 -15.49
N THR B 89 10.83 -6.06 -15.39
CA THR B 89 10.32 -7.41 -15.63
C THR B 89 9.16 -7.72 -14.69
N THR B 90 9.20 -7.14 -13.50
CA THR B 90 8.17 -7.34 -12.50
C THR B 90 7.52 -5.99 -12.19
N ASP B 91 6.95 -5.37 -13.21
CA ASP B 91 6.31 -4.07 -13.04
C ASP B 91 4.95 -4.00 -13.72
N GLY B 92 3.91 -4.32 -12.96
CA GLY B 92 2.55 -4.28 -13.49
C GLY B 92 1.58 -3.58 -12.56
N SER B 93 2.10 -2.98 -11.48
CA SER B 93 1.26 -2.29 -10.50
C SER B 93 0.26 -1.34 -11.15
N ARG B 94 -1.01 -1.73 -11.13
CA ARG B 94 -2.08 -0.92 -11.71
C ARG B 94 -3.22 -0.79 -10.70
N THR B 95 -3.41 0.41 -10.17
CA THR B 95 -4.44 0.66 -9.17
C THR B 95 -5.76 1.11 -9.79
N VAL B 96 -6.86 0.74 -9.14
CA VAL B 96 -8.20 1.11 -9.60
C VAL B 96 -9.05 1.60 -8.44
N ARG B 97 -9.65 2.78 -8.59
CA ARG B 97 -10.47 3.36 -7.54
C ARG B 97 -11.94 2.97 -7.70
N TRP B 98 -12.46 2.17 -6.77
CA TRP B 98 -13.85 1.74 -6.81
C TRP B 98 -14.72 2.60 -5.89
N GLU B 99 -15.77 3.17 -6.46
CA GLU B 99 -16.70 4.01 -5.70
C GLU B 99 -18.13 3.51 -5.91
N ASN B 100 -18.87 3.38 -4.81
CA ASN B 100 -20.25 2.90 -4.89
C ASN B 100 -21.24 3.91 -4.29
N LYS B 101 -21.43 3.85 -2.98
CA LYS B 101 -22.34 4.75 -2.29
C LYS B 101 -21.60 5.93 -1.66
N SER B 102 -20.56 5.62 -0.89
CA SER B 102 -19.77 6.65 -0.24
C SER B 102 -18.36 6.15 0.04
N MET B 103 -18.24 4.92 0.54
CA MET B 103 -16.94 4.34 0.84
C MET B 103 -16.14 4.08 -0.43
N TYR B 104 -14.86 4.42 -0.40
CA TYR B 104 -13.99 4.22 -1.56
C TYR B 104 -13.19 2.93 -1.39
N CYS B 105 -12.75 2.36 -2.51
CA CYS B 105 -11.97 1.13 -2.47
C CYS B 105 -10.96 1.09 -3.61
N ILE B 106 -9.71 1.38 -3.30
CA ILE B 106 -8.65 1.38 -4.31
C ILE B 106 -7.99 -0.01 -4.38
N CYS B 107 -8.21 -0.71 -5.48
CA CYS B 107 -7.64 -2.04 -5.67
C CYS B 107 -6.58 -2.04 -6.77
N THR B 108 -5.34 -2.37 -6.40
CA THR B 108 -4.25 -2.41 -7.37
C THR B 108 -3.79 -3.85 -7.62
N VAL B 109 -3.51 -4.14 -8.88
CA VAL B 109 -3.03 -5.46 -9.26
C VAL B 109 -1.62 -5.34 -9.80
N PHE B 110 -0.69 -6.06 -9.20
CA PHE B 110 0.68 -6.03 -9.62
C PHE B 110 0.98 -7.16 -10.58
N GLY B 111 1.00 -6.85 -11.88
CA GLY B 111 1.31 -7.84 -12.89
C GLY B 111 2.81 -7.93 -13.11
N LEU B 112 3.46 -8.86 -12.43
CA LEU B 112 4.90 -9.00 -12.52
C LEU B 112 5.31 -10.13 -13.45
N ALA B 113 6.06 -9.78 -14.49
CA ALA B 113 6.52 -10.77 -15.46
C ALA B 113 7.78 -11.46 -14.97
N ILE B 114 7.61 -12.46 -14.11
CA ILE B 114 8.73 -13.21 -13.57
C ILE B 114 9.61 -12.33 -12.69
N MET A 1 5.59 18.26 26.93
CA MET A 1 5.13 19.65 27.15
C MET A 1 4.06 20.04 26.13
N GLU A 2 4.19 19.54 24.91
CA GLU A 2 3.23 19.84 23.86
C GLU A 2 2.37 18.62 23.54
N GLY A 3 3.01 17.47 23.36
CA GLY A 3 2.28 16.25 23.06
C GLY A 3 2.88 15.49 21.90
N VAL A 4 4.21 15.38 21.88
CA VAL A 4 4.91 14.68 20.82
C VAL A 4 5.32 13.28 21.26
N ASP A 5 4.95 12.28 20.47
CA ASP A 5 5.27 10.89 20.78
C ASP A 5 5.89 10.20 19.58
N PRO A 6 7.24 10.13 19.50
CA PRO A 6 7.93 9.49 18.38
C PRO A 6 7.74 7.98 18.38
N ALA A 7 7.30 7.43 17.25
CA ALA A 7 7.07 5.99 17.12
C ALA A 7 5.89 5.53 17.95
N VAL A 8 6.03 5.64 19.27
CA VAL A 8 4.99 5.25 20.23
C VAL A 8 4.77 3.74 20.20
N GLU A 9 4.19 3.27 19.10
CA GLU A 9 3.90 1.86 18.92
C GLU A 9 4.61 1.30 17.70
N GLU A 10 5.82 0.78 17.91
CA GLU A 10 6.62 0.22 16.83
C GLU A 10 5.99 -1.08 16.31
N ALA A 11 6.04 -1.27 14.99
CA ALA A 11 5.49 -2.46 14.37
C ALA A 11 6.59 -3.35 13.81
N ALA A 12 6.26 -4.62 13.61
CA ALA A 12 7.22 -5.59 13.08
C ALA A 12 8.43 -5.73 13.99
N PHE A 13 9.08 -6.89 13.93
CA PHE A 13 10.25 -7.16 14.74
C PHE A 13 11.29 -7.98 13.97
N VAL A 14 11.28 -7.84 12.65
CA VAL A 14 12.21 -8.56 11.78
C VAL A 14 13.02 -7.60 10.92
N ALA A 15 14.20 -8.04 10.50
CA ALA A 15 15.06 -7.22 9.66
C ALA A 15 15.40 -5.90 10.33
N ASP A 16 16.16 -5.97 11.42
CA ASP A 16 16.55 -4.77 12.16
C ASP A 16 17.41 -3.85 11.30
N ASP A 17 18.16 -4.44 10.37
CA ASP A 17 19.03 -3.67 9.48
C ASP A 17 18.24 -2.62 8.71
N VAL A 18 17.16 -3.05 8.06
CA VAL A 18 16.32 -2.16 7.28
C VAL A 18 15.42 -1.33 8.20
N SER A 19 14.98 -1.94 9.29
CA SER A 19 14.10 -1.28 10.24
C SER A 19 14.72 0.01 10.78
N ASN A 20 15.99 -0.05 11.15
CA ASN A 20 16.67 1.12 11.69
C ASN A 20 16.86 2.21 10.63
N ILE A 21 17.17 1.79 9.40
CA ILE A 21 17.38 2.72 8.30
C ILE A 21 16.17 3.63 8.09
N ILE A 22 14.98 3.04 8.03
CA ILE A 22 13.77 3.83 7.81
C ILE A 22 13.52 4.79 8.98
N LYS A 23 13.48 4.25 10.19
CA LYS A 23 13.26 5.06 11.39
C LYS A 23 14.21 6.24 11.45
N GLU A 24 15.49 5.93 11.35
CA GLU A 24 16.53 6.96 11.35
C GLU A 24 16.26 7.98 10.25
N SER A 25 15.70 7.50 9.15
CA SER A 25 15.38 8.35 8.01
C SER A 25 14.24 9.30 8.33
N ILE A 26 13.15 8.78 8.93
CA ILE A 26 12.01 9.65 9.27
C ILE A 26 12.48 10.79 10.19
N ASP A 27 13.32 10.46 11.15
CA ASP A 27 13.83 11.48 12.07
C ASP A 27 14.40 12.66 11.29
N ALA A 28 15.03 12.33 10.17
CA ALA A 28 15.63 13.35 9.31
C ALA A 28 14.66 13.85 8.25
N VAL A 29 13.92 12.93 7.66
CA VAL A 29 12.96 13.23 6.61
C VAL A 29 11.71 13.92 7.17
N LEU A 30 11.60 13.98 8.50
CA LEU A 30 10.47 14.65 9.13
C LEU A 30 10.94 15.81 10.01
N GLN A 31 12.12 15.70 10.63
CA GLN A 31 12.64 16.78 11.46
C GLN A 31 13.40 17.82 10.63
N ASN A 32 13.84 17.44 9.43
CA ASN A 32 14.58 18.34 8.55
C ASN A 32 13.91 19.71 8.44
N GLN A 33 12.60 19.70 8.18
CA GLN A 33 11.84 20.95 8.06
C GLN A 33 10.69 20.99 9.05
N GLN A 34 9.88 22.05 8.96
CA GLN A 34 8.74 22.21 9.86
C GLN A 34 7.56 21.38 9.38
N TYR A 35 6.45 21.46 10.11
CA TYR A 35 5.25 20.73 9.76
C TYR A 35 4.55 21.35 8.56
N SER A 36 4.59 20.68 7.41
CA SER A 36 3.95 21.20 6.20
C SER A 36 3.05 20.15 5.56
N GLU A 37 1.78 20.50 5.35
CA GLU A 37 0.83 19.57 4.73
C GLU A 37 1.32 19.16 3.35
N ALA A 38 1.85 20.12 2.61
CA ALA A 38 2.40 19.84 1.28
C ALA A 38 3.53 18.81 1.40
N LYS A 39 4.16 18.79 2.57
CA LYS A 39 5.25 17.88 2.85
C LYS A 39 4.76 16.63 3.59
N VAL A 40 3.55 16.69 4.15
CA VAL A 40 2.98 15.56 4.90
C VAL A 40 3.11 14.25 4.11
N SER A 41 3.14 14.36 2.78
CA SER A 41 3.27 13.18 1.92
C SER A 41 4.64 13.16 1.25
N GLN A 42 5.17 14.35 0.97
CA GLN A 42 6.48 14.45 0.35
C GLN A 42 7.55 13.99 1.33
N TRP A 43 7.29 14.23 2.62
CA TRP A 43 8.17 13.81 3.69
C TRP A 43 8.57 12.35 3.49
N THR A 44 7.58 11.48 3.61
CA THR A 44 7.78 10.05 3.47
C THR A 44 8.36 9.67 2.10
N SER A 45 8.19 10.55 1.12
CA SER A 45 8.72 10.29 -0.22
C SER A 45 10.23 10.43 -0.17
N SER A 46 10.69 11.42 0.59
CA SER A 46 12.10 11.66 0.77
C SER A 46 12.70 10.51 1.56
N CYS A 47 11.90 9.96 2.48
CA CYS A 47 12.33 8.84 3.30
C CYS A 47 12.59 7.65 2.41
N LEU A 48 11.69 7.48 1.45
CA LEU A 48 11.79 6.40 0.50
C LEU A 48 13.04 6.56 -0.34
N GLU A 49 13.42 7.80 -0.62
CA GLU A 49 14.65 8.03 -1.34
C GLU A 49 15.83 7.87 -0.40
N HIS A 50 15.61 8.23 0.87
CA HIS A 50 16.65 8.10 1.89
C HIS A 50 16.67 6.67 2.45
N CYS A 51 15.81 5.80 1.91
CA CYS A 51 15.75 4.41 2.33
C CYS A 51 16.30 3.59 1.19
N ILE A 52 15.77 3.84 0.01
CA ILE A 52 16.21 3.18 -1.20
C ILE A 52 17.71 3.40 -1.42
N LYS A 53 18.18 4.62 -1.13
CA LYS A 53 19.59 4.95 -1.30
C LYS A 53 20.44 4.18 -0.28
N ARG A 54 19.89 3.97 0.90
CA ARG A 54 20.59 3.25 1.97
C ARG A 54 20.56 1.75 1.71
N LEU A 55 19.41 1.26 1.28
CA LEU A 55 19.22 -0.15 0.98
C LEU A 55 20.26 -0.64 -0.01
N THR A 56 20.49 0.16 -1.02
CA THR A 56 21.45 -0.17 -2.06
C THR A 56 22.87 0.04 -1.56
N ALA A 57 23.03 0.99 -0.62
CA ALA A 57 24.33 1.26 -0.04
C ALA A 57 24.81 0.02 0.73
N LEU A 58 23.84 -0.67 1.35
CA LEU A 58 24.13 -1.88 2.10
C LEU A 58 24.03 -3.10 1.18
N ASN A 59 23.28 -2.96 0.08
CA ASN A 59 23.09 -4.03 -0.90
C ASN A 59 22.72 -5.36 -0.23
N LYS A 60 21.43 -5.60 -0.07
CA LYS A 60 20.94 -6.83 0.54
C LYS A 60 19.41 -6.86 0.60
N PRO A 61 18.73 -7.54 -0.36
CA PRO A 61 19.36 -8.26 -1.47
C PRO A 61 19.64 -7.37 -2.68
N PHE A 62 18.60 -7.08 -3.47
CA PHE A 62 18.73 -6.24 -4.65
C PHE A 62 17.49 -5.37 -4.84
N LYS A 63 16.41 -6.00 -5.31
CA LYS A 63 15.15 -5.28 -5.52
C LYS A 63 14.58 -4.81 -4.19
N TYR A 64 14.89 -3.57 -3.83
CA TYR A 64 14.41 -3.00 -2.58
C TYR A 64 13.19 -2.12 -2.83
N VAL A 65 12.04 -2.56 -2.33
CA VAL A 65 10.81 -1.80 -2.49
C VAL A 65 10.40 -1.20 -1.15
N VAL A 66 10.81 0.04 -0.93
CA VAL A 66 10.47 0.75 0.29
C VAL A 66 9.19 1.53 0.09
N THR A 67 8.20 1.30 0.94
CA THR A 67 6.93 1.99 0.81
C THR A 67 6.41 2.50 2.15
N CYS A 68 5.79 3.66 2.11
CA CYS A 68 5.25 4.30 3.29
C CYS A 68 3.82 4.77 3.05
N ILE A 69 3.05 4.87 4.12
CA ILE A 69 1.67 5.32 4.03
C ILE A 69 1.34 6.27 5.19
N ILE A 70 0.94 7.48 4.85
CA ILE A 70 0.61 8.49 5.86
C ILE A 70 -0.83 8.36 6.35
N MET A 71 -1.01 8.57 7.64
CA MET A 71 -2.33 8.49 8.26
C MET A 71 -2.67 9.80 8.98
N GLN A 72 -3.64 10.53 8.43
CA GLN A 72 -4.06 11.81 9.00
C GLN A 72 -4.48 11.66 10.47
N LYS A 73 -4.06 12.61 11.30
CA LYS A 73 -4.38 12.61 12.73
C LYS A 73 -4.22 11.22 13.35
N ASN A 74 -4.75 11.05 14.56
CA ASN A 74 -4.66 9.77 15.26
C ASN A 74 -6.04 9.17 15.48
N GLY A 75 -6.86 9.18 14.44
CA GLY A 75 -8.21 8.64 14.54
C GLY A 75 -8.79 8.26 13.19
N ALA A 76 -7.92 7.95 12.24
CA ALA A 76 -8.36 7.58 10.90
C ALA A 76 -8.23 6.07 10.68
N GLY A 77 -9.22 5.49 10.01
CA GLY A 77 -9.19 4.06 9.75
C GLY A 77 -8.80 3.74 8.31
N LEU A 78 -7.71 2.99 8.16
CA LEU A 78 -7.23 2.62 6.83
C LEU A 78 -6.76 1.17 6.81
N HIS A 79 -7.14 0.44 5.76
CA HIS A 79 -6.76 -0.96 5.62
C HIS A 79 -6.27 -1.25 4.20
N THR A 80 -5.06 -1.78 4.10
CA THR A 80 -4.47 -2.10 2.80
C THR A 80 -4.47 -3.62 2.57
N ALA A 81 -4.61 -4.01 1.31
CA ALA A 81 -4.63 -5.43 0.95
C ALA A 81 -3.79 -5.68 -0.29
N ALA A 82 -3.11 -6.82 -0.33
CA ALA A 82 -2.29 -7.17 -1.48
C ALA A 82 -2.02 -8.67 -1.57
N SER A 83 -2.29 -9.22 -2.74
CA SER A 83 -2.08 -10.63 -3.00
C SER A 83 -0.72 -10.82 -3.65
N CYS A 84 0.17 -11.55 -2.97
CA CYS A 84 1.50 -11.79 -3.48
C CYS A 84 1.65 -13.22 -4.00
N TRP A 85 2.19 -13.35 -5.21
CA TRP A 85 2.37 -14.67 -5.80
C TRP A 85 3.59 -15.37 -5.21
N TRP A 86 4.58 -14.58 -4.80
CA TRP A 86 5.80 -15.12 -4.21
C TRP A 86 5.99 -14.61 -2.79
N ASP A 87 6.99 -15.15 -2.09
CA ASP A 87 7.27 -14.75 -0.71
C ASP A 87 8.67 -15.17 -0.29
N SER A 88 9.05 -16.40 -0.62
CA SER A 88 10.36 -16.92 -0.27
C SER A 88 11.48 -16.12 -0.93
N THR A 89 11.20 -15.56 -2.10
CA THR A 89 12.18 -14.77 -2.83
C THR A 89 11.88 -13.27 -2.75
N THR A 90 10.64 -12.93 -2.43
CA THR A 90 10.23 -11.54 -2.33
C THR A 90 10.32 -11.01 -0.91
N ASP A 91 11.29 -11.52 -0.15
CA ASP A 91 11.50 -11.09 1.24
C ASP A 91 10.33 -11.46 2.14
N GLY A 92 9.22 -10.77 1.96
CA GLY A 92 8.05 -11.01 2.78
C GLY A 92 7.42 -9.72 3.29
N SER A 93 8.10 -8.59 3.06
CA SER A 93 7.59 -7.29 3.47
C SER A 93 7.52 -7.14 4.99
N ARG A 94 7.98 -6.00 5.49
CA ARG A 94 7.96 -5.71 6.92
C ARG A 94 7.54 -4.25 7.14
N THR A 95 6.51 -4.03 7.95
CA THR A 95 6.02 -2.67 8.21
C THR A 95 6.49 -2.12 9.56
N VAL A 96 6.61 -0.80 9.63
CA VAL A 96 7.05 -0.12 10.84
C VAL A 96 6.16 1.08 11.14
N ARG A 97 5.41 1.02 12.23
CA ARG A 97 4.53 2.13 12.59
C ARG A 97 5.30 3.25 13.28
N TRP A 98 5.48 4.36 12.57
CA TRP A 98 6.20 5.52 13.09
C TRP A 98 5.24 6.70 13.25
N GLU A 99 5.40 7.47 14.32
CA GLU A 99 4.56 8.64 14.58
C GLU A 99 5.39 9.81 15.10
N ASN A 100 4.79 11.00 15.13
CA ASN A 100 5.49 12.19 15.61
C ASN A 100 4.69 12.89 16.70
N LYS A 101 3.50 13.37 16.35
CA LYS A 101 2.66 14.07 17.30
C LYS A 101 1.18 13.75 17.05
N SER A 102 0.78 13.82 15.80
CA SER A 102 -0.61 13.54 15.41
C SER A 102 -0.65 12.69 14.16
N MET A 103 0.13 13.08 13.16
CA MET A 103 0.19 12.34 11.90
C MET A 103 0.91 11.01 12.07
N TYR A 104 0.19 9.91 11.86
CA TYR A 104 0.78 8.59 11.98
C TYR A 104 1.33 8.14 10.64
N CYS A 105 2.62 7.84 10.60
CA CYS A 105 3.25 7.41 9.35
C CYS A 105 3.75 5.98 9.44
N ILE A 106 3.13 5.09 8.66
CA ILE A 106 3.53 3.69 8.63
C ILE A 106 4.57 3.50 7.52
N CYS A 107 5.77 3.12 7.93
CA CYS A 107 6.85 2.91 6.99
C CYS A 107 7.22 1.44 6.90
N THR A 108 6.92 0.83 5.76
CA THR A 108 7.20 -0.57 5.53
C THR A 108 8.27 -0.73 4.46
N VAL A 109 9.02 -1.82 4.53
CA VAL A 109 10.06 -2.10 3.55
C VAL A 109 10.04 -3.54 3.12
N PHE A 110 10.11 -3.75 1.81
CA PHE A 110 10.17 -5.10 1.28
C PHE A 110 11.44 -5.24 0.46
N GLY A 111 12.43 -5.87 1.05
CA GLY A 111 13.70 -6.08 0.38
C GLY A 111 13.66 -7.36 -0.44
N LEU A 112 13.08 -7.25 -1.62
CA LEU A 112 12.90 -8.41 -2.49
C LEU A 112 14.18 -8.77 -3.24
N ALA A 113 14.46 -10.06 -3.31
CA ALA A 113 15.63 -10.57 -3.99
C ALA A 113 15.40 -10.70 -5.49
N ILE A 114 15.45 -9.57 -6.19
CA ILE A 114 15.25 -9.56 -7.63
C ILE A 114 16.19 -8.57 -8.30
N MET B 1 -31.49 7.07 -6.90
CA MET B 1 -32.60 7.20 -5.92
C MET B 1 -32.05 7.33 -4.50
N GLU B 2 -30.96 6.62 -4.23
CA GLU B 2 -30.33 6.65 -2.91
C GLU B 2 -29.03 7.45 -2.94
N GLY B 3 -28.18 7.13 -3.92
CA GLY B 3 -26.90 7.82 -4.04
C GLY B 3 -25.75 6.86 -4.23
N VAL B 4 -25.95 5.86 -5.09
CA VAL B 4 -24.91 4.87 -5.36
C VAL B 4 -24.19 5.18 -6.68
N ASP B 5 -22.87 5.24 -6.62
CA ASP B 5 -22.07 5.52 -7.81
C ASP B 5 -20.93 4.51 -7.95
N PRO B 6 -21.13 3.44 -8.76
CA PRO B 6 -20.11 2.41 -8.96
C PRO B 6 -18.92 2.95 -9.75
N ALA B 7 -17.71 2.75 -9.21
CA ALA B 7 -16.48 3.21 -9.85
C ALA B 7 -16.38 4.73 -9.85
N VAL B 8 -17.30 5.37 -10.56
CA VAL B 8 -17.35 6.84 -10.68
C VAL B 8 -16.13 7.35 -11.43
N GLU B 9 -14.98 7.28 -10.76
CA GLU B 9 -13.73 7.75 -11.33
C GLU B 9 -12.72 6.61 -11.43
N GLU B 10 -12.70 5.95 -12.58
CA GLU B 10 -11.78 4.84 -12.83
C GLU B 10 -10.35 5.34 -12.94
N ALA B 11 -9.42 4.56 -12.38
CA ALA B 11 -8.01 4.92 -12.43
C ALA B 11 -7.22 3.97 -13.32
N ALA B 12 -6.05 4.42 -13.77
CA ALA B 12 -5.20 3.61 -14.63
C ALA B 12 -5.91 3.26 -15.94
N PHE B 13 -5.12 3.02 -16.99
CA PHE B 13 -5.66 2.67 -18.30
C PHE B 13 -4.79 1.62 -18.99
N VAL B 14 -4.10 0.82 -18.19
CA VAL B 14 -3.23 -0.23 -18.74
C VAL B 14 -3.61 -1.60 -18.19
N ALA B 15 -3.28 -2.64 -18.94
CA ALA B 15 -3.57 -4.01 -18.53
C ALA B 15 -5.07 -4.20 -18.31
N ASP B 16 -5.84 -4.11 -19.39
CA ASP B 16 -7.29 -4.27 -19.32
C ASP B 16 -7.66 -5.68 -18.83
N ASP B 17 -6.81 -6.66 -19.15
CA ASP B 17 -7.05 -8.05 -18.74
C ASP B 17 -7.21 -8.15 -17.22
N VAL B 18 -6.26 -7.61 -16.49
CA VAL B 18 -6.29 -7.64 -15.04
C VAL B 18 -7.28 -6.62 -14.49
N SER B 19 -7.38 -5.49 -15.16
CA SER B 19 -8.27 -4.42 -14.75
C SER B 19 -9.72 -4.89 -14.64
N ASN B 20 -10.18 -5.64 -15.64
CA ASN B 20 -11.55 -6.14 -15.65
C ASN B 20 -11.78 -7.18 -14.55
N ILE B 21 -10.79 -8.03 -14.33
CA ILE B 21 -10.88 -9.09 -13.33
C ILE B 21 -11.18 -8.50 -11.94
N ILE B 22 -10.44 -7.48 -11.55
CA ILE B 22 -10.65 -6.89 -10.23
C ILE B 22 -12.03 -6.25 -10.13
N LYS B 23 -12.34 -5.36 -11.07
CA LYS B 23 -13.64 -4.68 -11.10
C LYS B 23 -14.78 -5.68 -11.00
N GLU B 24 -14.77 -6.64 -11.91
CA GLU B 24 -15.78 -7.69 -11.93
C GLU B 24 -15.84 -8.39 -10.57
N SER B 25 -14.68 -8.50 -9.93
CA SER B 25 -14.58 -9.15 -8.64
C SER B 25 -15.25 -8.31 -7.55
N ILE B 26 -14.99 -6.99 -7.52
CA ILE B 26 -15.61 -6.14 -6.50
C ILE B 26 -17.13 -6.24 -6.59
N ASP B 27 -17.65 -6.23 -7.81
CA ASP B 27 -19.09 -6.33 -8.00
C ASP B 27 -19.64 -7.53 -7.24
N ALA B 28 -18.87 -8.60 -7.22
CA ALA B 28 -19.25 -9.82 -6.52
C ALA B 28 -18.78 -9.83 -5.06
N VAL B 29 -17.55 -9.37 -4.85
CA VAL B 29 -16.95 -9.35 -3.54
C VAL B 29 -17.55 -8.23 -2.67
N LEU B 30 -18.37 -7.37 -3.27
CA LEU B 30 -19.01 -6.29 -2.53
C LEU B 30 -20.54 -6.43 -2.59
N GLN B 31 -21.08 -6.94 -3.70
CA GLN B 31 -22.53 -7.11 -3.82
C GLN B 31 -22.99 -8.44 -3.22
N ASN B 32 -22.05 -9.40 -3.07
CA ASN B 32 -22.38 -10.72 -2.52
C ASN B 32 -23.22 -10.61 -1.24
N GLN B 33 -22.78 -9.76 -0.32
CA GLN B 33 -23.48 -9.57 0.94
C GLN B 33 -23.86 -8.11 1.14
N GLN B 34 -24.45 -7.80 2.30
CA GLN B 34 -24.87 -6.45 2.61
C GLN B 34 -23.69 -5.61 3.10
N TYR B 35 -23.95 -4.36 3.41
CA TYR B 35 -22.92 -3.45 3.89
C TYR B 35 -22.52 -3.79 5.32
N SER B 36 -21.31 -4.33 5.52
CA SER B 36 -20.84 -4.68 6.85
C SER B 36 -19.45 -4.11 7.12
N GLU B 37 -19.32 -3.35 8.21
CA GLU B 37 -18.03 -2.76 8.57
C GLU B 37 -16.99 -3.85 8.77
N ALA B 38 -17.39 -4.93 9.41
CA ALA B 38 -16.49 -6.06 9.60
C ALA B 38 -16.02 -6.61 8.26
N LYS B 39 -16.85 -6.39 7.24
CA LYS B 39 -16.56 -6.83 5.88
C LYS B 39 -15.95 -5.69 5.04
N VAL B 40 -16.06 -4.46 5.52
CA VAL B 40 -15.54 -3.30 4.80
C VAL B 40 -14.07 -3.53 4.36
N SER B 41 -13.36 -4.36 5.12
CA SER B 41 -11.97 -4.68 4.80
C SER B 41 -11.84 -6.12 4.31
N GLN B 42 -12.69 -7.00 4.85
CA GLN B 42 -12.69 -8.39 4.44
C GLN B 42 -13.15 -8.51 3.00
N TRP B 43 -14.06 -7.61 2.62
CA TRP B 43 -14.58 -7.54 1.27
C TRP B 43 -13.44 -7.61 0.27
N THR B 44 -12.63 -6.56 0.28
CA THR B 44 -11.49 -6.43 -0.61
C THR B 44 -10.49 -7.59 -0.46
N SER B 45 -10.53 -8.27 0.69
CA SER B 45 -9.65 -9.39 0.92
C SER B 45 -10.10 -10.56 0.07
N SER B 46 -11.42 -10.71 -0.02
CA SER B 46 -12.01 -11.74 -0.84
C SER B 46 -11.75 -11.44 -2.30
N CYS B 47 -11.71 -10.15 -2.63
CA CYS B 47 -11.44 -9.71 -3.99
C CYS B 47 -10.04 -10.15 -4.36
N LEU B 48 -9.14 -9.98 -3.42
CA LEU B 48 -7.76 -10.35 -3.61
C LEU B 48 -7.65 -11.84 -3.84
N GLU B 49 -8.51 -12.60 -3.18
CA GLU B 49 -8.50 -14.04 -3.40
C GLU B 49 -9.22 -14.34 -4.72
N HIS B 50 -10.21 -13.52 -5.05
CA HIS B 50 -10.95 -13.66 -6.29
C HIS B 50 -10.21 -12.99 -7.45
N CYS B 51 -9.03 -12.43 -7.16
CA CYS B 51 -8.19 -11.79 -8.17
C CYS B 51 -6.99 -12.68 -8.38
N ILE B 52 -6.37 -13.04 -7.27
CA ILE B 52 -5.22 -13.93 -7.29
C ILE B 52 -5.58 -15.25 -7.96
N LYS B 53 -6.78 -15.75 -7.67
CA LYS B 53 -7.25 -17.01 -8.25
C LYS B 53 -7.46 -16.88 -9.74
N ARG B 54 -7.90 -15.70 -10.17
CA ARG B 54 -8.14 -15.43 -11.59
C ARG B 54 -6.83 -15.18 -12.32
N LEU B 55 -5.95 -14.43 -11.68
CA LEU B 55 -4.64 -14.10 -12.25
C LEU B 55 -3.89 -15.36 -12.65
N THR B 56 -3.94 -16.34 -11.77
CA THR B 56 -3.27 -17.60 -11.99
C THR B 56 -4.05 -18.44 -13.00
N ALA B 57 -5.36 -18.26 -13.02
CA ALA B 57 -6.21 -18.98 -13.98
C ALA B 57 -5.83 -18.58 -15.39
N LEU B 58 -5.47 -17.30 -15.55
CA LEU B 58 -5.06 -16.77 -16.83
C LEU B 58 -3.54 -16.92 -17.02
N ASN B 59 -2.82 -17.04 -15.89
CA ASN B 59 -1.37 -17.20 -15.89
C ASN B 59 -0.68 -16.20 -16.81
N LYS B 60 -0.32 -15.04 -16.25
CA LYS B 60 0.36 -14.00 -17.02
C LYS B 60 0.69 -12.80 -16.12
N PRO B 61 1.93 -12.67 -15.60
CA PRO B 61 3.02 -13.62 -15.83
C PRO B 61 3.02 -14.78 -14.81
N PHE B 62 3.50 -14.52 -13.60
CA PHE B 62 3.54 -15.53 -12.56
C PHE B 62 3.26 -14.91 -11.20
N LYS B 63 4.25 -14.20 -10.66
CA LYS B 63 4.11 -13.54 -9.36
C LYS B 63 3.07 -12.44 -9.44
N TYR B 64 1.83 -12.77 -9.09
CA TYR B 64 0.74 -11.80 -9.13
C TYR B 64 0.48 -11.25 -7.74
N VAL B 65 0.77 -9.96 -7.56
CA VAL B 65 0.55 -9.31 -6.29
C VAL B 65 -0.64 -8.34 -6.39
N VAL B 66 -1.81 -8.84 -6.03
CA VAL B 66 -3.01 -8.04 -6.06
C VAL B 66 -3.22 -7.37 -4.72
N THR B 67 -3.34 -6.05 -4.70
CA THR B 67 -3.52 -5.33 -3.45
C THR B 67 -4.60 -4.27 -3.55
N CYS B 68 -5.34 -4.11 -2.46
CA CYS B 68 -6.42 -3.15 -2.39
C CYS B 68 -6.33 -2.32 -1.12
N ILE B 69 -6.88 -1.12 -1.15
CA ILE B 69 -6.87 -0.23 0.00
C ILE B 69 -8.23 0.47 0.13
N ILE B 70 -8.87 0.27 1.28
CA ILE B 70 -10.18 0.87 1.53
C ILE B 70 -10.06 2.29 2.07
N MET B 71 -10.98 3.15 1.63
CA MET B 71 -11.00 4.54 2.04
C MET B 71 -12.37 4.89 2.64
N GLN B 72 -12.38 5.13 3.95
CA GLN B 72 -13.62 5.47 4.66
C GLN B 72 -14.29 6.69 4.04
N LYS B 73 -15.62 6.62 3.91
CA LYS B 73 -16.41 7.71 3.34
C LYS B 73 -15.76 8.32 2.09
N ASN B 74 -16.24 9.48 1.67
CA ASN B 74 -15.71 10.14 0.48
C ASN B 74 -15.09 11.50 0.85
N GLY B 75 -14.29 11.50 1.90
CA GLY B 75 -13.65 12.73 2.34
C GLY B 75 -12.42 12.46 3.19
N ALA B 76 -11.79 11.31 2.98
CA ALA B 76 -10.59 10.95 3.74
C ALA B 76 -9.34 11.09 2.89
N GLY B 77 -8.27 11.61 3.50
CA GLY B 77 -7.02 11.78 2.78
C GLY B 77 -6.00 10.71 3.11
N LEU B 78 -5.57 9.98 2.09
CA LEU B 78 -4.57 8.92 2.29
C LEU B 78 -3.56 8.92 1.16
N HIS B 79 -2.28 8.77 1.52
CA HIS B 79 -1.20 8.74 0.54
C HIS B 79 -0.23 7.60 0.82
N THR B 80 -0.02 6.75 -0.17
CA THR B 80 0.88 5.62 -0.03
C THR B 80 2.18 5.85 -0.80
N ALA B 81 3.28 5.32 -0.28
CA ALA B 81 4.59 5.47 -0.91
C ALA B 81 5.35 4.17 -0.91
N ALA B 82 6.10 3.91 -1.98
CA ALA B 82 6.88 2.68 -2.07
C ALA B 82 8.02 2.81 -3.07
N SER B 83 9.22 2.45 -2.61
CA SER B 83 10.40 2.49 -3.44
C SER B 83 10.66 1.11 -4.03
N CYS B 84 10.61 1.01 -5.35
CA CYS B 84 10.81 -0.25 -6.04
C CYS B 84 12.19 -0.31 -6.69
N TRP B 85 12.91 -1.40 -6.45
CA TRP B 85 14.23 -1.57 -7.03
C TRP B 85 14.15 -1.98 -8.49
N TRP B 86 13.08 -2.68 -8.85
CA TRP B 86 12.88 -3.13 -10.22
C TRP B 86 11.58 -2.56 -10.79
N ASP B 87 11.36 -2.78 -12.09
CA ASP B 87 10.15 -2.29 -12.75
C ASP B 87 9.92 -3.00 -14.08
N SER B 88 10.98 -3.17 -14.85
CA SER B 88 10.88 -3.85 -16.15
C SER B 88 10.42 -5.29 -16.00
N THR B 89 10.77 -5.91 -14.87
CA THR B 89 10.39 -7.30 -14.62
C THR B 89 9.26 -7.39 -13.59
N THR B 90 9.07 -6.33 -12.80
CA THR B 90 8.03 -6.32 -11.78
C THR B 90 6.74 -5.68 -12.28
N ASP B 91 6.46 -5.83 -13.57
CA ASP B 91 5.25 -5.29 -14.19
C ASP B 91 5.24 -3.77 -14.18
N GLY B 92 5.06 -3.19 -12.99
CA GLY B 92 5.00 -1.75 -12.88
C GLY B 92 3.85 -1.29 -12.00
N SER B 93 2.98 -2.23 -11.61
CA SER B 93 1.84 -1.93 -10.76
C SER B 93 0.82 -1.01 -11.43
N ARG B 94 -0.46 -1.36 -11.30
CA ARG B 94 -1.54 -0.56 -11.88
C ARG B 94 -2.70 -0.48 -10.89
N THR B 95 -3.13 0.74 -10.55
CA THR B 95 -4.22 0.93 -9.59
C THR B 95 -5.56 1.23 -10.27
N VAL B 96 -6.65 0.83 -9.60
CA VAL B 96 -7.99 1.05 -10.11
C VAL B 96 -8.90 1.60 -9.01
N ARG B 97 -9.37 2.84 -9.18
CA ARG B 97 -10.24 3.44 -8.18
C ARG B 97 -11.68 2.98 -8.36
N TRP B 98 -12.14 2.14 -7.42
CA TRP B 98 -13.50 1.62 -7.45
C TRP B 98 -14.29 2.13 -6.25
N GLU B 99 -15.56 2.46 -6.47
CA GLU B 99 -16.43 2.96 -5.41
C GLU B 99 -17.82 2.34 -5.50
N ASN B 100 -18.62 2.51 -4.45
CA ASN B 100 -19.97 1.97 -4.42
C ASN B 100 -21.00 3.06 -4.10
N LYS B 101 -20.90 3.63 -2.91
CA LYS B 101 -21.82 4.68 -2.49
C LYS B 101 -21.11 5.74 -1.66
N SER B 102 -20.32 5.28 -0.70
CA SER B 102 -19.58 6.18 0.18
C SER B 102 -18.14 5.68 0.37
N MET B 103 -18.01 4.39 0.66
CA MET B 103 -16.70 3.79 0.86
C MET B 103 -15.95 3.68 -0.47
N TYR B 104 -14.81 4.38 -0.56
CA TYR B 104 -14.00 4.34 -1.77
C TYR B 104 -12.96 3.24 -1.65
N CYS B 105 -12.99 2.30 -2.59
CA CYS B 105 -12.04 1.18 -2.56
C CYS B 105 -11.10 1.21 -3.76
N ILE B 106 -9.83 1.45 -3.49
CA ILE B 106 -8.82 1.47 -4.54
C ILE B 106 -8.23 0.08 -4.70
N CYS B 107 -8.44 -0.51 -5.87
CA CYS B 107 -7.95 -1.84 -6.15
C CYS B 107 -6.84 -1.80 -7.20
N THR B 108 -5.62 -2.10 -6.75
CA THR B 108 -4.47 -2.10 -7.64
C THR B 108 -3.92 -3.52 -7.81
N VAL B 109 -3.29 -3.77 -8.95
CA VAL B 109 -2.72 -5.07 -9.22
C VAL B 109 -1.34 -4.95 -9.83
N PHE B 110 -0.41 -5.72 -9.31
CA PHE B 110 0.93 -5.75 -9.85
C PHE B 110 1.26 -7.18 -10.26
N GLY B 111 1.17 -7.42 -11.56
CA GLY B 111 1.47 -8.74 -12.10
C GLY B 111 2.94 -8.87 -12.39
N LEU B 112 3.71 -9.15 -11.35
CA LEU B 112 5.15 -9.24 -11.46
C LEU B 112 5.61 -10.57 -12.04
N ALA B 113 6.58 -10.50 -12.94
CA ALA B 113 7.13 -11.68 -13.60
C ALA B 113 8.19 -12.35 -12.74
N ILE B 114 7.74 -13.09 -11.73
CA ILE B 114 8.64 -13.79 -10.83
C ILE B 114 8.08 -15.16 -10.44
N MET A 1 10.71 15.20 27.71
CA MET A 1 9.55 16.12 27.89
C MET A 1 8.25 15.42 27.51
N GLU A 2 7.13 16.04 27.88
CA GLU A 2 5.81 15.49 27.57
C GLU A 2 5.13 16.28 26.47
N GLY A 3 4.74 15.58 25.40
CA GLY A 3 4.08 16.24 24.28
C GLY A 3 4.04 15.38 23.04
N VAL A 4 5.11 15.44 22.25
CA VAL A 4 5.20 14.65 21.03
C VAL A 4 5.72 13.25 21.32
N ASP A 5 5.04 12.24 20.75
CA ASP A 5 5.44 10.85 20.94
C ASP A 5 5.82 10.20 19.61
N PRO A 6 7.11 10.18 19.25
CA PRO A 6 7.57 9.58 18.01
C PRO A 6 7.39 8.06 18.00
N ALA A 7 7.03 7.52 16.84
CA ALA A 7 6.83 6.08 16.69
C ALA A 7 5.65 5.60 17.54
N VAL A 8 5.90 5.46 18.84
CA VAL A 8 4.87 5.01 19.80
C VAL A 8 4.50 3.56 19.53
N GLU A 9 3.80 3.37 18.42
CA GLU A 9 3.32 2.06 18.02
C GLU A 9 4.28 1.42 17.01
N GLU A 10 5.26 0.69 17.51
CA GLU A 10 6.23 0.02 16.65
C GLU A 10 5.65 -1.27 16.08
N ALA A 11 5.69 -1.40 14.75
CA ALA A 11 5.17 -2.58 14.08
C ALA A 11 6.29 -3.41 13.45
N ALA A 12 5.98 -4.66 13.14
CA ALA A 12 6.96 -5.57 12.53
C ALA A 12 8.20 -5.71 13.40
N PHE A 13 9.05 -6.66 13.03
CA PHE A 13 10.28 -6.92 13.77
C PHE A 13 11.46 -7.11 12.80
N VAL A 14 11.52 -6.24 11.80
CA VAL A 14 12.59 -6.30 10.81
C VAL A 14 13.96 -6.19 11.46
N ALA A 15 14.99 -6.63 10.74
CA ALA A 15 16.36 -6.58 11.25
C ALA A 15 16.74 -5.18 11.72
N ASP A 16 17.75 -5.09 12.57
CA ASP A 16 18.20 -3.80 13.10
C ASP A 16 18.69 -2.89 11.98
N ASP A 17 19.44 -3.45 11.05
CA ASP A 17 19.99 -2.69 9.92
C ASP A 17 18.89 -2.01 9.11
N VAL A 18 17.92 -2.80 8.67
CA VAL A 18 16.81 -2.28 7.87
C VAL A 18 15.81 -1.50 8.70
N SER A 19 15.61 -1.94 9.94
CA SER A 19 14.67 -1.28 10.84
C SER A 19 15.17 0.09 11.27
N ASN A 20 16.46 0.18 11.59
CA ASN A 20 17.03 1.45 12.03
C ASN A 20 17.09 2.46 10.89
N ILE A 21 17.51 2.01 9.72
CA ILE A 21 17.63 2.88 8.54
C ILE A 21 16.29 3.56 8.24
N ILE A 22 15.23 2.78 8.10
CA ILE A 22 13.92 3.33 7.79
C ILE A 22 13.46 4.32 8.87
N LYS A 23 13.49 3.88 10.13
CA LYS A 23 13.09 4.74 11.24
C LYS A 23 13.98 5.96 11.31
N GLU A 24 15.28 5.70 11.37
CA GLU A 24 16.28 6.77 11.39
C GLU A 24 16.05 7.73 10.23
N SER A 25 15.60 7.18 9.11
CA SER A 25 15.32 7.95 7.92
C SER A 25 14.20 8.94 8.19
N ILE A 26 13.11 8.49 8.81
CA ILE A 26 11.99 9.39 9.11
C ILE A 26 12.50 10.54 9.98
N ASP A 27 13.28 10.21 10.99
CA ASP A 27 13.83 11.21 11.89
C ASP A 27 14.50 12.33 11.10
N ALA A 28 15.12 11.97 9.99
CA ALA A 28 15.80 12.93 9.14
C ALA A 28 14.87 13.49 8.07
N VAL A 29 14.10 12.60 7.46
CA VAL A 29 13.16 12.93 6.40
C VAL A 29 11.95 13.72 6.95
N LEU A 30 11.86 13.85 8.28
CA LEU A 30 10.78 14.62 8.90
C LEU A 30 11.32 15.74 9.79
N GLN A 31 12.42 15.49 10.51
CA GLN A 31 12.99 16.52 11.36
C GLN A 31 13.75 17.56 10.54
N ASN A 32 14.21 17.16 9.34
CA ASN A 32 14.94 18.06 8.45
C ASN A 32 14.29 19.44 8.36
N GLN A 33 12.97 19.49 8.52
CA GLN A 33 12.25 20.75 8.46
C GLN A 33 11.10 20.76 9.48
N GLN A 34 10.19 21.71 9.34
CA GLN A 34 9.05 21.84 10.25
C GLN A 34 7.96 20.85 9.88
N TYR A 35 6.88 20.85 10.65
CA TYR A 35 5.76 19.94 10.39
C TYR A 35 4.75 20.56 9.43
N SER A 36 4.69 20.00 8.22
CA SER A 36 3.77 20.49 7.20
C SER A 36 3.03 19.31 6.56
N GLU A 37 1.71 19.39 6.50
CA GLU A 37 0.93 18.32 5.89
C GLU A 37 1.32 18.11 4.43
N ALA A 38 1.57 19.20 3.72
CA ALA A 38 1.95 19.13 2.32
C ALA A 38 3.20 18.27 2.15
N LYS A 39 4.04 18.26 3.18
CA LYS A 39 5.27 17.48 3.16
C LYS A 39 5.09 16.15 3.91
N VAL A 40 4.05 16.07 4.74
CA VAL A 40 3.77 14.86 5.51
C VAL A 40 3.78 13.62 4.59
N SER A 41 3.48 13.81 3.32
CA SER A 41 3.47 12.71 2.36
C SER A 41 4.72 12.74 1.49
N GLN A 42 5.17 13.95 1.14
CA GLN A 42 6.35 14.11 0.31
C GLN A 42 7.61 13.69 1.05
N TRP A 43 7.62 13.92 2.36
CA TRP A 43 8.78 13.55 3.16
C TRP A 43 9.00 12.05 3.13
N THR A 44 7.96 11.30 3.44
CA THR A 44 8.07 9.83 3.43
C THR A 44 8.61 9.33 2.10
N SER A 45 8.38 10.11 1.05
CA SER A 45 8.88 9.76 -0.27
C SER A 45 10.39 9.94 -0.24
N SER A 46 10.82 11.01 0.45
CA SER A 46 12.25 11.28 0.63
C SER A 46 12.84 10.16 1.48
N CYS A 47 12.05 9.68 2.45
CA CYS A 47 12.47 8.57 3.31
C CYS A 47 12.69 7.36 2.42
N LEU A 48 11.78 7.20 1.48
CA LEU A 48 11.84 6.10 0.55
C LEU A 48 13.08 6.19 -0.29
N GLU A 49 13.47 7.41 -0.64
CA GLU A 49 14.70 7.58 -1.40
C GLU A 49 15.89 7.41 -0.46
N HIS A 50 15.71 7.82 0.79
CA HIS A 50 16.76 7.69 1.80
C HIS A 50 16.76 6.28 2.42
N CYS A 51 15.84 5.42 1.96
CA CYS A 51 15.77 4.04 2.45
C CYS A 51 16.37 3.14 1.38
N ILE A 52 15.96 3.42 0.15
CA ILE A 52 16.43 2.70 -1.02
C ILE A 52 17.90 3.01 -1.29
N LYS A 53 18.31 4.24 -1.02
CA LYS A 53 19.69 4.66 -1.25
C LYS A 53 20.63 4.14 -0.16
N ARG A 54 20.08 3.90 1.03
CA ARG A 54 20.89 3.41 2.14
C ARG A 54 21.16 1.92 1.97
N LEU A 55 20.10 1.20 1.67
CA LEU A 55 20.19 -0.23 1.49
C LEU A 55 21.07 -0.57 0.30
N THR A 56 20.72 0.01 -0.84
CA THR A 56 21.50 -0.20 -2.05
C THR A 56 22.91 0.33 -1.87
N ALA A 57 23.08 1.29 -0.94
CA ALA A 57 24.39 1.81 -0.63
C ALA A 57 25.19 0.69 0.03
N LEU A 58 24.52 -0.06 0.88
CA LEU A 58 25.10 -1.20 1.58
C LEU A 58 25.06 -2.46 0.70
N ASN A 59 24.31 -2.40 -0.41
CA ASN A 59 24.15 -3.51 -1.36
C ASN A 59 23.79 -4.82 -0.65
N LYS A 60 22.48 -5.07 -0.56
CA LYS A 60 21.95 -6.28 0.07
C LYS A 60 20.45 -6.13 0.35
N PRO A 61 19.56 -6.85 -0.40
CA PRO A 61 19.93 -7.79 -1.46
C PRO A 61 20.06 -7.09 -2.82
N PHE A 62 18.94 -6.91 -3.53
CA PHE A 62 18.95 -6.26 -4.84
C PHE A 62 17.69 -5.43 -5.05
N LYS A 63 16.57 -6.11 -5.33
CA LYS A 63 15.29 -5.44 -5.56
C LYS A 63 14.68 -4.97 -4.24
N TYR A 64 15.10 -3.81 -3.78
CA TYR A 64 14.58 -3.27 -2.55
C TYR A 64 13.49 -2.25 -2.81
N VAL A 65 12.26 -2.59 -2.43
CA VAL A 65 11.14 -1.68 -2.60
C VAL A 65 10.69 -1.14 -1.25
N VAL A 66 10.57 0.17 -1.17
CA VAL A 66 10.18 0.83 0.06
C VAL A 66 8.87 1.60 -0.13
N THR A 67 7.89 1.37 0.73
CA THR A 67 6.62 2.07 0.61
C THR A 67 6.09 2.53 1.97
N CYS A 68 5.41 3.66 1.98
CA CYS A 68 4.84 4.20 3.20
C CYS A 68 3.51 4.91 2.93
N ILE A 69 2.52 4.61 3.75
CA ILE A 69 1.20 5.19 3.62
C ILE A 69 0.93 6.15 4.79
N ILE A 70 0.67 7.41 4.46
CA ILE A 70 0.41 8.42 5.49
C ILE A 70 -1.06 8.46 5.90
N MET A 71 -1.31 8.48 7.20
CA MET A 71 -2.66 8.52 7.73
C MET A 71 -2.89 9.80 8.54
N GLN A 72 -3.61 10.74 7.94
CA GLN A 72 -3.89 12.02 8.61
C GLN A 72 -4.69 11.80 9.88
N LYS A 73 -4.20 12.37 10.98
CA LYS A 73 -4.86 12.23 12.28
C LYS A 73 -4.98 10.78 12.69
N ASN A 74 -5.60 10.54 13.84
CA ASN A 74 -5.78 9.19 14.34
C ASN A 74 -7.27 8.84 14.45
N GLY A 75 -8.07 9.43 13.58
CA GLY A 75 -9.50 9.17 13.59
C GLY A 75 -9.98 8.52 12.30
N ALA A 76 -9.35 8.88 11.18
CA ALA A 76 -9.73 8.31 9.89
C ALA A 76 -9.46 6.82 9.84
N GLY A 77 -10.45 6.07 9.38
CA GLY A 77 -10.31 4.62 9.29
C GLY A 77 -9.97 4.17 7.89
N LEU A 78 -8.74 3.69 7.70
CA LEU A 78 -8.30 3.22 6.39
C LEU A 78 -7.50 1.92 6.53
N HIS A 79 -7.77 0.98 5.64
CA HIS A 79 -7.08 -0.31 5.66
C HIS A 79 -6.69 -0.74 4.25
N THR A 80 -5.44 -1.16 4.08
CA THR A 80 -4.94 -1.59 2.79
C THR A 80 -5.01 -3.11 2.67
N ALA A 81 -5.14 -3.60 1.44
CA ALA A 81 -5.21 -5.04 1.20
C ALA A 81 -4.27 -5.45 0.08
N ALA A 82 -3.74 -6.67 0.17
CA ALA A 82 -2.83 -7.17 -0.86
C ALA A 82 -2.84 -8.69 -0.94
N SER A 83 -2.43 -9.20 -2.10
CA SER A 83 -2.38 -10.63 -2.35
C SER A 83 -1.00 -11.00 -2.89
N CYS A 84 -0.28 -11.83 -2.17
CA CYS A 84 1.06 -12.23 -2.59
C CYS A 84 1.13 -13.71 -2.97
N TRP A 85 1.64 -13.96 -4.18
CA TRP A 85 1.79 -15.32 -4.67
C TRP A 85 3.02 -15.98 -4.02
N TRP A 86 3.55 -17.02 -4.65
CA TRP A 86 4.71 -17.71 -4.09
C TRP A 86 6.00 -17.04 -4.56
N ASP A 87 6.94 -16.87 -3.64
CA ASP A 87 8.22 -16.23 -3.95
C ASP A 87 9.08 -16.11 -2.68
N SER A 88 10.02 -17.03 -2.52
CA SER A 88 10.90 -17.03 -1.36
C SER A 88 12.07 -16.06 -1.52
N THR A 89 12.11 -15.31 -2.63
CA THR A 89 13.19 -14.36 -2.86
C THR A 89 12.70 -12.92 -2.70
N THR A 90 11.63 -12.58 -3.40
CA THR A 90 11.07 -11.23 -3.32
C THR A 90 10.08 -11.16 -2.16
N ASP A 91 10.54 -11.51 -0.97
CA ASP A 91 9.70 -11.49 0.22
C ASP A 91 10.36 -10.76 1.38
N GLY A 92 10.22 -9.44 1.38
CA GLY A 92 10.79 -8.63 2.44
C GLY A 92 9.77 -7.66 3.04
N SER A 93 8.51 -7.77 2.62
CA SER A 93 7.46 -6.89 3.10
C SER A 93 7.36 -6.87 4.62
N ARG A 94 7.61 -5.70 5.20
CA ARG A 94 7.54 -5.51 6.65
C ARG A 94 7.09 -4.08 6.94
N THR A 95 5.93 -3.93 7.58
CA THR A 95 5.40 -2.60 7.87
C THR A 95 5.84 -2.08 9.23
N VAL A 96 5.95 -0.75 9.33
CA VAL A 96 6.33 -0.08 10.56
C VAL A 96 5.49 1.16 10.78
N ARG A 97 4.66 1.14 11.83
CA ARG A 97 3.80 2.28 12.11
C ARG A 97 4.57 3.38 12.86
N TRP A 98 4.84 4.47 12.15
CA TRP A 98 5.56 5.60 12.72
C TRP A 98 4.62 6.79 12.91
N GLU A 99 4.58 7.34 14.12
CA GLU A 99 3.71 8.48 14.41
C GLU A 99 4.48 9.59 15.11
N ASN A 100 3.87 10.77 15.20
CA ASN A 100 4.50 11.92 15.85
C ASN A 100 3.68 12.37 17.06
N LYS A 101 2.40 12.66 16.85
CA LYS A 101 1.52 13.11 17.92
C LYS A 101 0.10 13.33 17.42
N SER A 102 -0.03 14.03 16.29
CA SER A 102 -1.34 14.31 15.72
C SER A 102 -1.39 13.88 14.25
N MET A 103 -0.66 12.82 13.95
CA MET A 103 -0.61 12.29 12.59
C MET A 103 0.07 10.91 12.57
N TYR A 104 -0.55 9.96 11.89
CA TYR A 104 -0.01 8.62 11.80
C TYR A 104 0.61 8.38 10.43
N CYS A 105 1.69 7.60 10.40
CA CYS A 105 2.38 7.30 9.15
C CYS A 105 2.94 5.88 9.17
N ILE A 106 2.35 5.01 8.35
CA ILE A 106 2.79 3.63 8.27
C ILE A 106 3.85 3.47 7.18
N CYS A 107 5.07 3.19 7.61
CA CYS A 107 6.18 3.00 6.68
C CYS A 107 6.59 1.54 6.61
N THR A 108 6.34 0.92 5.46
CA THR A 108 6.67 -0.48 5.29
C THR A 108 7.84 -0.66 4.31
N VAL A 109 8.76 -1.52 4.69
CA VAL A 109 9.93 -1.81 3.88
C VAL A 109 9.75 -3.16 3.20
N PHE A 110 9.84 -3.16 1.87
CA PHE A 110 9.72 -4.39 1.12
C PHE A 110 11.09 -4.73 0.53
N GLY A 111 11.77 -5.67 1.16
CA GLY A 111 13.08 -6.06 0.70
C GLY A 111 13.04 -7.30 -0.15
N LEU A 112 12.85 -7.13 -1.45
CA LEU A 112 12.78 -8.28 -2.34
C LEU A 112 14.16 -8.67 -2.85
N ALA A 113 14.61 -9.84 -2.45
CA ALA A 113 15.93 -10.33 -2.81
C ALA A 113 16.20 -10.25 -4.32
N ILE A 114 15.77 -11.26 -5.05
CA ILE A 114 15.97 -11.30 -6.50
C ILE A 114 17.47 -11.26 -6.84
N MET B 1 -30.74 4.37 -12.24
CA MET B 1 -31.30 5.14 -11.08
C MET B 1 -30.26 6.09 -10.50
N GLU B 2 -30.71 7.00 -9.66
CA GLU B 2 -29.81 7.97 -9.03
C GLU B 2 -29.60 7.64 -7.55
N GLY B 3 -28.34 7.48 -7.16
CA GLY B 3 -28.03 7.16 -5.78
C GLY B 3 -26.60 6.68 -5.61
N VAL B 4 -26.40 5.37 -5.80
CA VAL B 4 -25.08 4.78 -5.67
C VAL B 4 -24.28 4.91 -6.96
N ASP B 5 -23.04 5.34 -6.85
CA ASP B 5 -22.17 5.50 -8.01
C ASP B 5 -20.94 4.59 -7.92
N PRO B 6 -21.00 3.39 -8.53
CA PRO B 6 -19.87 2.45 -8.50
C PRO B 6 -18.68 2.96 -9.29
N ALA B 7 -17.48 2.69 -8.77
CA ALA B 7 -16.24 3.11 -9.42
C ALA B 7 -16.13 4.64 -9.44
N VAL B 8 -16.87 5.26 -10.36
CA VAL B 8 -16.88 6.73 -10.53
C VAL B 8 -15.52 7.22 -11.01
N GLU B 9 -14.56 7.15 -10.11
CA GLU B 9 -13.20 7.60 -10.38
C GLU B 9 -12.31 6.44 -10.79
N GLU B 10 -12.27 6.16 -12.10
CA GLU B 10 -11.44 5.08 -12.63
C GLU B 10 -9.98 5.51 -12.74
N ALA B 11 -9.09 4.73 -12.12
CA ALA B 11 -7.67 5.03 -12.16
C ALA B 11 -6.90 4.01 -12.98
N ALA B 12 -5.68 4.37 -13.38
CA ALA B 12 -4.83 3.49 -14.17
C ALA B 12 -5.51 3.09 -15.47
N PHE B 13 -4.74 2.45 -16.36
CA PHE B 13 -5.26 2.02 -17.65
C PHE B 13 -4.79 0.59 -17.96
N VAL B 14 -4.86 -0.28 -16.95
CA VAL B 14 -4.45 -1.66 -17.10
C VAL B 14 -5.22 -2.36 -18.23
N ALA B 15 -4.68 -3.46 -18.72
CA ALA B 15 -5.31 -4.21 -19.80
C ALA B 15 -6.75 -4.59 -19.44
N ASP B 16 -7.55 -4.87 -20.45
CA ASP B 16 -8.96 -5.23 -20.24
C ASP B 16 -9.09 -6.50 -19.40
N ASP B 17 -8.25 -7.49 -19.69
CA ASP B 17 -8.28 -8.75 -18.97
C ASP B 17 -8.06 -8.56 -17.47
N VAL B 18 -6.99 -7.89 -17.12
CA VAL B 18 -6.65 -7.65 -15.71
C VAL B 18 -7.55 -6.58 -15.09
N SER B 19 -7.91 -5.58 -15.89
CA SER B 19 -8.75 -4.50 -15.41
C SER B 19 -10.17 -4.98 -15.13
N ASN B 20 -10.73 -5.78 -16.03
CA ASN B 20 -12.09 -6.28 -15.86
C ASN B 20 -12.19 -7.26 -14.69
N ILE B 21 -11.22 -8.17 -14.59
CA ILE B 21 -11.20 -9.16 -13.52
C ILE B 21 -11.24 -8.50 -12.13
N ILE B 22 -10.33 -7.57 -11.89
CA ILE B 22 -10.28 -6.89 -10.60
C ILE B 22 -11.60 -6.14 -10.32
N LYS B 23 -12.02 -5.30 -11.26
CA LYS B 23 -13.27 -4.56 -11.11
C LYS B 23 -14.43 -5.51 -10.95
N GLU B 24 -14.55 -6.41 -11.92
CA GLU B 24 -15.60 -7.43 -11.91
C GLU B 24 -15.59 -8.17 -10.58
N SER B 25 -14.38 -8.36 -10.05
CA SER B 25 -14.20 -9.05 -8.78
C SER B 25 -14.88 -8.28 -7.67
N ILE B 26 -14.67 -6.95 -7.60
CA ILE B 26 -15.31 -6.15 -6.55
C ILE B 26 -16.82 -6.31 -6.64
N ASP B 27 -17.34 -6.23 -7.86
CA ASP B 27 -18.78 -6.37 -8.06
C ASP B 27 -19.30 -7.63 -7.39
N ALA B 28 -18.48 -8.68 -7.39
CA ALA B 28 -18.85 -9.95 -6.78
C ALA B 28 -18.44 -10.00 -5.31
N VAL B 29 -17.21 -9.54 -5.05
CA VAL B 29 -16.63 -9.54 -3.71
C VAL B 29 -17.30 -8.49 -2.82
N LEU B 30 -18.19 -7.66 -3.39
CA LEU B 30 -18.92 -6.67 -2.61
C LEU B 30 -20.43 -6.84 -2.74
N GLN B 31 -20.92 -7.18 -3.94
CA GLN B 31 -22.35 -7.37 -4.14
C GLN B 31 -22.81 -8.71 -3.53
N ASN B 32 -21.87 -9.66 -3.42
CA ASN B 32 -22.18 -10.99 -2.85
C ASN B 32 -23.05 -10.88 -1.60
N GLN B 33 -22.90 -9.80 -0.86
CA GLN B 33 -23.67 -9.58 0.37
C GLN B 33 -24.05 -8.11 0.52
N GLN B 34 -24.49 -7.73 1.71
CA GLN B 34 -24.89 -6.36 1.98
C GLN B 34 -23.67 -5.48 2.26
N TYR B 35 -23.90 -4.19 2.51
CA TYR B 35 -22.81 -3.27 2.77
C TYR B 35 -22.49 -3.23 4.27
N SER B 36 -21.32 -3.76 4.63
CA SER B 36 -20.87 -3.77 6.01
C SER B 36 -19.42 -3.30 6.10
N GLU B 37 -19.15 -2.34 6.98
CA GLU B 37 -17.79 -1.82 7.14
C GLU B 37 -16.84 -2.93 7.56
N ALA B 38 -17.30 -3.82 8.43
CA ALA B 38 -16.48 -4.93 8.90
C ALA B 38 -15.99 -5.77 7.73
N LYS B 39 -16.79 -5.81 6.67
CA LYS B 39 -16.45 -6.56 5.48
C LYS B 39 -15.83 -5.65 4.41
N VAL B 40 -16.06 -4.34 4.54
CA VAL B 40 -15.52 -3.36 3.58
C VAL B 40 -14.03 -3.59 3.32
N SER B 41 -13.34 -4.17 4.30
CA SER B 41 -11.91 -4.46 4.17
C SER B 41 -11.68 -5.94 3.89
N GLN B 42 -12.48 -6.78 4.52
CA GLN B 42 -12.36 -8.23 4.34
C GLN B 42 -12.77 -8.64 2.93
N TRP B 43 -13.74 -7.94 2.37
CA TRP B 43 -14.20 -8.25 1.02
C TRP B 43 -13.08 -8.07 0.02
N THR B 44 -12.44 -6.90 0.03
CA THR B 44 -11.36 -6.63 -0.89
C THR B 44 -10.27 -7.70 -0.80
N SER B 45 -10.19 -8.34 0.37
CA SER B 45 -9.24 -9.41 0.55
C SER B 45 -9.72 -10.60 -0.28
N SER B 46 -11.05 -10.79 -0.27
CA SER B 46 -11.67 -11.84 -1.07
C SER B 46 -11.46 -11.51 -2.55
N CYS B 47 -11.51 -10.21 -2.87
CA CYS B 47 -11.27 -9.75 -4.24
C CYS B 47 -9.85 -10.14 -4.61
N LEU B 48 -8.96 -9.96 -3.66
CA LEU B 48 -7.56 -10.27 -3.84
C LEU B 48 -7.40 -11.75 -4.10
N GLU B 49 -8.20 -12.57 -3.42
CA GLU B 49 -8.14 -13.98 -3.67
C GLU B 49 -8.83 -14.31 -4.99
N HIS B 50 -9.87 -13.53 -5.31
CA HIS B 50 -10.60 -13.70 -6.55
C HIS B 50 -9.90 -12.99 -7.72
N CYS B 51 -8.77 -12.33 -7.43
CA CYS B 51 -7.99 -11.64 -8.46
C CYS B 51 -6.78 -12.51 -8.78
N ILE B 52 -6.16 -12.99 -7.73
CA ILE B 52 -5.00 -13.86 -7.81
C ILE B 52 -5.40 -15.23 -8.38
N LYS B 53 -6.60 -15.69 -8.03
CA LYS B 53 -7.07 -16.99 -8.50
C LYS B 53 -7.54 -16.94 -9.95
N ARG B 54 -7.96 -15.75 -10.40
CA ARG B 54 -8.42 -15.60 -11.76
C ARG B 54 -7.24 -15.52 -12.71
N LEU B 55 -6.28 -14.71 -12.34
CA LEU B 55 -5.09 -14.52 -13.15
C LEU B 55 -4.31 -15.82 -13.24
N THR B 56 -3.99 -16.37 -12.10
CA THR B 56 -3.26 -17.63 -12.04
C THR B 56 -4.08 -18.73 -12.69
N ALA B 57 -5.41 -18.56 -12.71
CA ALA B 57 -6.29 -19.51 -13.36
C ALA B 57 -6.00 -19.46 -14.86
N LEU B 58 -5.80 -18.24 -15.35
CA LEU B 58 -5.47 -17.99 -16.74
C LEU B 58 -3.97 -18.15 -17.00
N ASN B 59 -3.18 -18.25 -15.92
CA ASN B 59 -1.72 -18.42 -15.98
C ASN B 59 -1.06 -17.39 -16.90
N LYS B 60 -0.65 -16.27 -16.32
CA LYS B 60 0.01 -15.18 -17.04
C LYS B 60 0.07 -13.91 -16.19
N PRO B 61 1.25 -13.50 -15.69
CA PRO B 61 2.53 -14.16 -15.90
C PRO B 61 2.80 -15.25 -14.84
N PHE B 62 3.33 -14.85 -13.67
CA PHE B 62 3.62 -15.81 -12.61
C PHE B 62 3.38 -15.17 -11.23
N LYS B 63 4.32 -14.32 -10.82
CA LYS B 63 4.22 -13.64 -9.52
C LYS B 63 3.21 -12.50 -9.58
N TYR B 64 1.94 -12.85 -9.39
CA TYR B 64 0.89 -11.85 -9.42
C TYR B 64 0.51 -11.43 -8.00
N VAL B 65 0.80 -10.18 -7.67
CA VAL B 65 0.45 -9.64 -6.35
C VAL B 65 -0.67 -8.64 -6.47
N VAL B 66 -1.71 -8.84 -5.67
CA VAL B 66 -2.89 -7.97 -5.70
C VAL B 66 -3.06 -7.28 -4.35
N THR B 67 -3.21 -5.96 -4.36
CA THR B 67 -3.38 -5.23 -3.10
C THR B 67 -4.45 -4.14 -3.24
N CYS B 68 -5.16 -3.89 -2.15
CA CYS B 68 -6.20 -2.87 -2.15
C CYS B 68 -6.29 -2.19 -0.78
N ILE B 69 -6.35 -0.87 -0.80
CA ILE B 69 -6.43 -0.08 0.42
C ILE B 69 -7.82 0.57 0.53
N ILE B 70 -8.53 0.27 1.61
CA ILE B 70 -9.86 0.82 1.81
C ILE B 70 -9.82 2.18 2.50
N MET B 71 -10.58 3.13 1.98
CA MET B 71 -10.63 4.48 2.53
C MET B 71 -12.05 4.81 2.99
N GLN B 72 -12.26 4.77 4.31
CA GLN B 72 -13.56 5.05 4.89
C GLN B 72 -14.00 6.48 4.55
N LYS B 73 -15.22 6.61 4.02
CA LYS B 73 -15.76 7.91 3.65
C LYS B 73 -14.85 8.62 2.64
N ASN B 74 -15.24 9.83 2.26
CA ASN B 74 -14.47 10.61 1.30
C ASN B 74 -13.94 11.89 1.93
N GLY B 75 -13.69 11.84 3.24
CA GLY B 75 -13.19 13.01 3.95
C GLY B 75 -11.81 12.78 4.54
N ALA B 76 -11.55 11.56 4.96
CA ALA B 76 -10.25 11.22 5.55
C ALA B 76 -9.13 11.35 4.53
N GLY B 77 -8.06 12.04 4.92
CA GLY B 77 -6.94 12.23 4.03
C GLY B 77 -5.80 11.25 4.30
N LEU B 78 -5.60 10.32 3.38
CA LEU B 78 -4.54 9.33 3.52
C LEU B 78 -3.80 9.13 2.21
N HIS B 79 -2.48 9.04 2.28
CA HIS B 79 -1.65 8.85 1.09
C HIS B 79 -0.56 7.83 1.35
N THR B 80 -0.42 6.87 0.44
CA THR B 80 0.59 5.83 0.57
C THR B 80 1.85 6.20 -0.22
N ALA B 81 2.99 5.69 0.22
CA ALA B 81 4.26 5.96 -0.47
C ALA B 81 5.05 4.68 -0.69
N ALA B 82 5.81 4.64 -1.77
CA ALA B 82 6.62 3.47 -2.07
C ALA B 82 7.84 3.81 -2.93
N SER B 83 8.84 2.94 -2.85
CA SER B 83 10.08 3.11 -3.60
C SER B 83 10.39 1.82 -4.36
N CYS B 84 10.44 1.91 -5.68
CA CYS B 84 10.71 0.73 -6.50
C CYS B 84 12.05 0.82 -7.21
N TRP B 85 12.87 -0.22 -7.03
CA TRP B 85 14.17 -0.29 -7.67
C TRP B 85 14.01 -0.66 -9.14
N TRP B 86 15.08 -1.18 -9.75
CA TRP B 86 15.02 -1.58 -11.15
C TRP B 86 14.51 -3.01 -11.29
N ASP B 87 13.62 -3.22 -12.25
CA ASP B 87 13.04 -4.55 -12.49
C ASP B 87 12.00 -4.49 -13.61
N SER B 88 12.40 -4.88 -14.81
CA SER B 88 11.51 -4.87 -15.96
C SER B 88 10.60 -6.11 -16.00
N THR B 89 10.70 -6.98 -15.00
CA THR B 89 9.88 -8.18 -14.96
C THR B 89 8.78 -8.08 -13.90
N THR B 90 9.17 -7.75 -12.67
CA THR B 90 8.22 -7.61 -11.59
C THR B 90 7.68 -6.19 -11.55
N ASP B 91 7.11 -5.75 -12.68
CA ASP B 91 6.58 -4.41 -12.79
C ASP B 91 5.16 -4.42 -13.37
N GLY B 92 4.18 -4.64 -12.51
CA GLY B 92 2.79 -4.65 -12.94
C GLY B 92 1.91 -3.76 -12.07
N SER B 93 2.52 -3.02 -11.15
CA SER B 93 1.79 -2.14 -10.24
C SER B 93 0.87 -1.17 -10.98
N ARG B 94 -0.43 -1.32 -10.75
CA ARG B 94 -1.43 -0.45 -11.36
C ARG B 94 -2.61 -0.30 -10.40
N THR B 95 -2.85 0.93 -9.96
CA THR B 95 -3.94 1.18 -9.00
C THR B 95 -5.26 1.52 -9.68
N VAL B 96 -6.36 1.16 -9.00
CA VAL B 96 -7.70 1.42 -9.50
C VAL B 96 -8.59 1.89 -8.37
N ARG B 97 -9.05 3.14 -8.44
CA ARG B 97 -9.91 3.68 -7.39
C ARG B 97 -11.36 3.26 -7.60
N TRP B 98 -11.83 2.35 -6.75
CA TRP B 98 -13.20 1.86 -6.83
C TRP B 98 -14.01 2.39 -5.65
N GLU B 99 -15.17 3.00 -5.94
CA GLU B 99 -16.02 3.55 -4.90
C GLU B 99 -17.47 3.10 -5.08
N ASN B 100 -18.29 3.33 -4.05
CA ASN B 100 -19.70 2.95 -4.11
C ASN B 100 -20.61 4.16 -3.98
N LYS B 101 -20.41 4.95 -2.92
CA LYS B 101 -21.22 6.15 -2.70
C LYS B 101 -20.77 6.88 -1.44
N SER B 102 -20.61 6.15 -0.35
CA SER B 102 -20.19 6.73 0.92
C SER B 102 -18.96 6.01 1.46
N MET B 103 -18.11 5.53 0.56
CA MET B 103 -16.90 4.83 0.94
C MET B 103 -15.99 4.65 -0.27
N TYR B 104 -14.71 4.95 -0.09
CA TYR B 104 -13.74 4.82 -1.17
C TYR B 104 -12.86 3.60 -0.97
N CYS B 105 -12.49 2.95 -2.06
CA CYS B 105 -11.64 1.76 -1.99
C CYS B 105 -10.69 1.70 -3.18
N ILE B 106 -9.40 1.89 -2.90
CA ILE B 106 -8.38 1.84 -3.94
C ILE B 106 -7.84 0.42 -4.11
N CYS B 107 -8.15 -0.20 -5.23
CA CYS B 107 -7.69 -1.54 -5.53
C CYS B 107 -6.61 -1.51 -6.60
N THR B 108 -5.39 -1.85 -6.20
CA THR B 108 -4.27 -1.86 -7.14
C THR B 108 -3.80 -3.28 -7.44
N VAL B 109 -3.58 -3.55 -8.71
CA VAL B 109 -3.12 -4.85 -9.14
C VAL B 109 -1.63 -4.78 -9.47
N PHE B 110 -0.84 -5.64 -8.83
CA PHE B 110 0.58 -5.68 -9.08
C PHE B 110 0.90 -6.98 -9.80
N GLY B 111 1.09 -6.90 -11.10
CA GLY B 111 1.38 -8.09 -11.89
C GLY B 111 2.86 -8.24 -12.14
N LEU B 112 3.56 -8.91 -11.23
CA LEU B 112 4.99 -9.09 -11.39
C LEU B 112 5.29 -10.36 -12.18
N ALA B 113 5.87 -10.16 -13.37
CA ALA B 113 6.17 -11.27 -14.27
C ALA B 113 6.96 -12.39 -13.58
N ILE B 114 8.27 -12.23 -13.52
CA ILE B 114 9.13 -13.24 -12.90
C ILE B 114 8.99 -14.59 -13.59
#